data_6Y5Y
#
_entry.id   6Y5Y
#
_cell.length_a   86.381
_cell.length_b   151.082
_cell.length_c   130.617
_cell.angle_alpha   90.000
_cell.angle_beta   106.561
_cell.angle_gamma   90.000
#
_symmetry.space_group_name_H-M   'P 1 21 1'
#
loop_
_entity.id
_entity.type
_entity.pdbx_description
1 polymer VP1
2 branched 'N-acetyl-alpha-neuraminic acid-(2-3)-beta-D-galactopyranose-(1-4)-alpha-D-glucopyranose'
3 branched 'N-acetyl-alpha-neuraminic acid-(2-3)-beta-D-galactopyranose-(1-4)-beta-D-glucopyranose'
4 non-polymer GLYCEROL
5 non-polymer 'MAGNESIUM ION'
6 water water
#
_entity_poly.entity_id   1
_entity_poly.type   'polypeptide(L)'
_entity_poly.pdbx_seq_one_letter_code
;MGSSHHHHHHSSGLVPRGSHMLDGGVEVLNIITGPDATTEIELWLEPRMGVNAPTGDRKEWYGYSEVIHHADGYDNNLLS
VQMPQYSCARVQLPMLNTDMTCETLMMWEAVSCKTEVVGIGSLISVHLLEAKMEAGPNSDGPSRPIEGMNYHMFAVGGEP
LDLQGIESNGQTKYATAIPAKSIHPNDIAKLPEEDKAQLQGLVPKAKAKLDKDGFYPVEEWSPDPSRNENSRYYGSFVGG
LQTPPNLQFTNAVSTVLLDENGVGPLCKGDGLFVSCADICGVLVKADNEAIRYRGLPRYFKVTLRKRAVKN
;
_entity_poly.pdbx_strand_id   A,B,C,D,E,F,G,H,I,J
#
# COMPACT_ATOMS: atom_id res chain seq x y z
N VAL A 28 18.66 -24.93 -2.10
CA VAL A 28 17.42 -24.44 -2.68
C VAL A 28 17.68 -23.22 -3.55
N LEU A 29 17.50 -23.38 -4.87
CA LEU A 29 17.67 -22.26 -5.79
C LEU A 29 16.32 -21.60 -6.05
N ASN A 30 16.07 -21.21 -7.30
CA ASN A 30 14.83 -20.53 -7.65
C ASN A 30 13.88 -21.49 -8.35
N ILE A 31 12.60 -21.09 -8.42
CA ILE A 31 11.60 -21.89 -9.08
C ILE A 31 11.78 -21.79 -10.59
N ILE A 32 11.38 -22.83 -11.30
CA ILE A 32 11.49 -22.87 -12.75
C ILE A 32 10.16 -22.48 -13.41
N ALA A 37 5.18 -27.08 -15.62
CA ALA A 37 5.65 -26.17 -14.56
C ALA A 37 5.01 -26.48 -13.20
N THR A 38 3.72 -26.83 -13.23
CA THR A 38 2.98 -27.19 -12.02
C THR A 38 2.24 -28.50 -12.25
N THR A 39 1.60 -29.00 -11.19
CA THR A 39 0.83 -30.23 -11.29
C THR A 39 0.00 -30.35 -10.01
N GLU A 40 -1.12 -31.08 -10.12
CA GLU A 40 -2.02 -31.33 -9.00
C GLU A 40 -2.08 -32.83 -8.72
N ILE A 41 -2.01 -33.19 -7.43
CA ILE A 41 -2.10 -34.57 -6.96
C ILE A 41 -3.34 -34.67 -6.08
N GLU A 42 -4.16 -35.70 -6.30
CA GLU A 42 -5.30 -36.03 -5.46
C GLU A 42 -5.16 -37.42 -4.86
N LEU A 43 -5.62 -37.59 -3.61
CA LEU A 43 -5.75 -38.94 -3.08
C LEU A 43 -6.62 -38.92 -1.82
N TRP A 44 -7.15 -40.09 -1.49
CA TRP A 44 -7.86 -40.35 -0.25
C TRP A 44 -6.98 -41.17 0.67
N LEU A 45 -7.02 -40.86 1.96
CA LEU A 45 -6.47 -41.72 2.99
C LEU A 45 -7.64 -42.27 3.80
N GLU A 46 -7.81 -43.58 3.78
CA GLU A 46 -8.84 -44.22 4.59
CA GLU A 46 -8.82 -44.26 4.58
C GLU A 46 -8.39 -44.32 6.04
N PRO A 47 -9.34 -44.28 6.98
CA PRO A 47 -8.96 -44.25 8.41
C PRO A 47 -8.35 -45.57 8.88
N ARG A 48 -7.42 -45.46 9.82
CA ARG A 48 -6.76 -46.62 10.43
C ARG A 48 -6.99 -46.58 11.93
N MET A 49 -8.23 -46.83 12.32
CA MET A 49 -8.60 -46.73 13.74
C MET A 49 -8.25 -47.98 14.52
N GLY A 50 -7.80 -49.05 13.85
CA GLY A 50 -7.54 -50.32 14.49
C GLY A 50 -8.05 -51.48 13.66
N VAL A 51 -9.36 -51.49 13.38
CA VAL A 51 -9.92 -52.42 12.40
C VAL A 51 -9.68 -51.78 11.03
N ASN A 52 -8.59 -52.17 10.36
CA ASN A 52 -8.05 -51.40 9.25
C ASN A 52 -8.41 -51.99 7.88
N ALA A 53 -9.20 -53.05 7.83
CA ALA A 53 -9.66 -53.56 6.55
C ALA A 53 -11.05 -54.14 6.74
N PRO A 54 -11.93 -53.98 5.76
CA PRO A 54 -13.25 -54.63 5.78
C PRO A 54 -13.18 -56.11 5.41
N THR A 55 -12.25 -56.83 6.05
CA THR A 55 -12.07 -58.27 5.86
C THR A 55 -11.83 -58.91 7.22
N GLY A 56 -11.83 -60.24 7.26
CA GLY A 56 -11.56 -60.94 8.49
C GLY A 56 -12.73 -60.94 9.47
N ASP A 57 -12.42 -61.36 10.70
CA ASP A 57 -13.47 -61.56 11.70
C ASP A 57 -14.05 -60.24 12.21
N ARG A 58 -13.27 -59.16 12.18
CA ARG A 58 -13.70 -57.87 12.68
C ARG A 58 -14.24 -56.96 11.58
N LYS A 59 -14.56 -57.52 10.42
CA LYS A 59 -14.77 -56.71 9.22
C LYS A 59 -15.92 -55.72 9.38
N GLU A 60 -16.95 -56.05 10.16
CA GLU A 60 -18.09 -55.15 10.29
C GLU A 60 -17.77 -53.87 11.04
N TRP A 61 -16.65 -53.80 11.74
CA TRP A 61 -16.26 -52.58 12.46
C TRP A 61 -15.12 -51.86 11.77
N TYR A 62 -14.95 -52.07 10.47
CA TYR A 62 -13.98 -51.33 9.68
C TYR A 62 -14.24 -49.83 9.83
N GLY A 63 -13.17 -49.07 10.08
CA GLY A 63 -13.30 -47.65 10.29
C GLY A 63 -13.52 -47.27 11.74
N TYR A 64 -13.55 -48.27 12.62
CA TYR A 64 -13.61 -48.09 14.06
C TYR A 64 -12.42 -48.80 14.69
N SER A 65 -12.17 -48.49 15.95
CA SER A 65 -11.29 -49.30 16.77
C SER A 65 -12.02 -50.52 17.32
N GLU A 66 -11.22 -51.47 17.80
CA GLU A 66 -11.75 -52.53 18.64
C GLU A 66 -12.13 -51.92 19.99
N VAL A 67 -12.87 -52.69 20.79
CA VAL A 67 -13.43 -52.19 22.04
C VAL A 67 -12.33 -51.99 23.07
N ILE A 68 -12.39 -50.87 23.80
CA ILE A 68 -11.43 -50.55 24.85
C ILE A 68 -12.14 -50.43 26.20
N HIS A 69 -11.61 -51.13 27.20
CA HIS A 69 -12.09 -51.09 28.58
C HIS A 69 -11.01 -50.52 29.50
N HIS A 70 -11.44 -50.05 30.68
CA HIS A 70 -10.56 -49.27 31.55
C HIS A 70 -9.26 -50.02 31.90
N ALA A 71 -9.34 -51.32 32.16
CA ALA A 71 -8.18 -52.09 32.60
C ALA A 71 -7.43 -52.79 31.45
N ASP A 72 -7.77 -52.51 30.20
CA ASP A 72 -7.00 -53.07 29.10
C ASP A 72 -5.59 -52.52 29.12
N GLY A 73 -4.60 -53.38 28.85
CA GLY A 73 -3.21 -53.04 29.04
C GLY A 73 -2.70 -53.22 30.45
N TYR A 74 -3.58 -53.51 31.41
CA TYR A 74 -3.19 -53.82 32.78
C TYR A 74 -3.53 -55.26 33.14
N ASP A 75 -4.79 -55.68 33.04
CA ASP A 75 -5.08 -57.08 33.26
C ASP A 75 -5.14 -57.87 31.96
N ASN A 76 -4.70 -57.27 30.84
CA ASN A 76 -4.51 -58.00 29.60
C ASN A 76 -3.55 -57.20 28.73
N ASN A 77 -3.31 -57.69 27.52
CA ASN A 77 -2.45 -57.00 26.57
C ASN A 77 -3.29 -56.10 25.66
N LEU A 78 -2.85 -54.85 25.50
CA LEU A 78 -3.52 -53.94 24.58
C LEU A 78 -3.15 -54.29 23.14
N LEU A 79 -4.15 -54.51 22.31
CA LEU A 79 -3.96 -54.95 20.95
C LEU A 79 -3.80 -53.76 20.01
N SER A 80 -3.16 -54.01 18.87
CA SER A 80 -3.06 -52.97 17.85
C SER A 80 -4.45 -52.52 17.38
N VAL A 81 -5.39 -53.46 17.27
CA VAL A 81 -6.74 -53.11 16.81
C VAL A 81 -7.45 -52.19 17.78
N GLN A 82 -6.96 -52.07 19.02
CA GLN A 82 -7.51 -51.15 20.00
C GLN A 82 -6.82 -49.79 20.03
N MET A 83 -5.89 -49.51 19.11
CA MET A 83 -5.08 -48.30 19.17
C MET A 83 -5.13 -47.58 17.83
N PRO A 84 -5.90 -46.49 17.71
CA PRO A 84 -5.93 -45.74 16.45
C PRO A 84 -4.53 -45.31 16.01
N GLN A 85 -4.31 -45.34 14.69
CA GLN A 85 -2.99 -45.15 14.12
C GLN A 85 -3.05 -44.09 13.03
N TYR A 86 -1.88 -43.53 12.70
CA TYR A 86 -1.80 -42.58 11.60
C TYR A 86 -1.98 -43.27 10.25
N SER A 87 -2.67 -42.59 9.35
CA SER A 87 -2.70 -42.98 7.95
C SER A 87 -1.57 -42.27 7.22
N CYS A 88 -1.00 -42.93 6.22
CA CYS A 88 0.05 -42.28 5.45
C CYS A 88 0.20 -42.97 4.10
N ALA A 89 0.71 -42.21 3.13
CA ALA A 89 0.92 -42.72 1.79
C ALA A 89 2.04 -41.92 1.16
N ARG A 90 2.72 -42.53 0.20
CA ARG A 90 3.69 -41.86 -0.66
C ARG A 90 3.16 -41.91 -2.09
N VAL A 91 3.04 -40.75 -2.71
CA VAL A 91 2.54 -40.64 -4.08
C VAL A 91 3.75 -40.45 -4.98
N GLN A 92 3.91 -41.34 -5.96
CA GLN A 92 4.98 -41.24 -6.94
C GLN A 92 4.67 -40.10 -7.91
N LEU A 93 5.59 -39.15 -8.03
CA LEU A 93 5.44 -37.97 -8.87
C LEU A 93 6.21 -38.15 -10.16
N PRO A 94 5.89 -37.35 -11.19
CA PRO A 94 6.62 -37.48 -12.46
C PRO A 94 8.12 -37.24 -12.27
N MET A 95 8.92 -38.13 -12.85
CA MET A 95 10.38 -38.02 -12.73
C MET A 95 10.86 -36.76 -13.44
N LEU A 96 11.75 -36.02 -12.77
CA LEU A 96 12.12 -34.69 -13.23
C LEU A 96 13.49 -34.62 -13.90
N ASN A 97 14.45 -35.42 -13.47
CA ASN A 97 15.83 -35.29 -13.90
C ASN A 97 16.28 -36.54 -14.66
N THR A 98 16.79 -36.34 -15.87
CA THR A 98 17.33 -37.46 -16.65
C THR A 98 18.53 -38.07 -15.95
N ASP A 99 19.44 -37.25 -15.44
CA ASP A 99 20.63 -37.72 -14.74
C ASP A 99 20.59 -37.20 -13.31
N MET A 100 20.48 -38.11 -12.35
CA MET A 100 20.58 -37.74 -10.94
C MET A 100 22.00 -37.37 -10.54
N THR A 101 22.95 -37.45 -11.46
CA THR A 101 24.34 -37.09 -11.17
C THR A 101 24.56 -35.58 -11.19
N CYS A 102 23.71 -34.85 -11.92
CA CYS A 102 23.89 -33.41 -12.11
C CYS A 102 23.95 -32.70 -10.76
N GLU A 103 24.70 -31.60 -10.72
CA GLU A 103 24.84 -30.82 -9.49
C GLU A 103 23.64 -29.92 -9.25
N THR A 104 22.89 -29.56 -10.29
CA THR A 104 21.67 -28.78 -10.18
C THR A 104 20.52 -29.66 -10.65
N LEU A 105 19.58 -29.93 -9.76
CA LEU A 105 18.46 -30.82 -10.04
C LEU A 105 17.14 -30.08 -9.88
N MET A 106 16.09 -30.65 -10.45
CA MET A 106 14.72 -30.19 -10.26
C MET A 106 14.05 -31.04 -9.19
N MET A 107 13.22 -30.39 -8.36
CA MET A 107 12.42 -31.11 -7.38
C MET A 107 11.01 -30.55 -7.38
N TRP A 108 10.02 -31.42 -7.17
CA TRP A 108 8.67 -30.95 -7.00
C TRP A 108 8.54 -30.26 -5.64
N GLU A 109 7.94 -29.07 -5.63
CA GLU A 109 7.75 -28.28 -4.42
C GLU A 109 6.26 -28.19 -4.13
N ALA A 110 5.84 -28.68 -2.97
CA ALA A 110 4.43 -28.59 -2.59
C ALA A 110 4.12 -27.18 -2.14
N VAL A 111 3.18 -26.52 -2.82
CA VAL A 111 2.89 -25.12 -2.62
C VAL A 111 1.66 -24.91 -1.74
N SER A 112 0.60 -25.67 -1.98
CA SER A 112 -0.61 -25.53 -1.19
C SER A 112 -1.36 -26.85 -1.21
N CYS A 113 -2.40 -26.93 -0.39
CA CYS A 113 -3.23 -28.12 -0.39
CA CYS A 113 -3.19 -28.15 -0.28
C CYS A 113 -4.61 -27.81 0.15
N LYS A 114 -5.59 -28.47 -0.45
CA LYS A 114 -6.95 -28.53 0.05
C LYS A 114 -7.14 -29.90 0.67
N THR A 115 -7.76 -29.95 1.84
CA THR A 115 -7.94 -31.22 2.52
C THR A 115 -9.28 -31.20 3.24
N GLU A 116 -9.96 -32.34 3.28
CA GLU A 116 -11.34 -32.38 3.75
C GLU A 116 -11.62 -33.75 4.36
N VAL A 117 -12.33 -33.74 5.48
CA VAL A 117 -12.83 -34.97 6.10
C VAL A 117 -14.24 -35.20 5.57
N VAL A 118 -14.45 -36.34 4.90
CA VAL A 118 -15.72 -36.65 4.25
C VAL A 118 -16.53 -37.53 5.19
N GLY A 119 -17.85 -37.48 5.03
CA GLY A 119 -18.76 -38.30 5.83
C GLY A 119 -19.16 -37.69 7.16
N ILE A 120 -18.93 -36.39 7.35
CA ILE A 120 -19.25 -35.75 8.62
C ILE A 120 -20.75 -35.83 8.93
N GLY A 121 -21.59 -35.72 7.90
CA GLY A 121 -23.03 -35.87 8.10
C GLY A 121 -23.43 -37.19 8.74
N SER A 122 -22.66 -38.26 8.51
CA SER A 122 -22.99 -39.54 9.11
C SER A 122 -22.90 -39.51 10.64
N LEU A 123 -22.22 -38.52 11.20
CA LEU A 123 -22.10 -38.42 12.65
C LEU A 123 -23.39 -37.94 13.32
N ILE A 124 -24.45 -37.64 12.56
CA ILE A 124 -25.72 -37.32 13.21
C ILE A 124 -26.45 -38.54 13.74
N SER A 125 -26.00 -39.75 13.40
CA SER A 125 -26.81 -40.94 13.63
C SER A 125 -27.04 -41.15 15.13
N VAL A 126 -28.29 -41.45 15.48
CA VAL A 126 -28.64 -41.85 16.84
C VAL A 126 -29.34 -43.19 16.81
N HIS A 127 -29.00 -44.01 15.80
CA HIS A 127 -29.41 -45.41 15.73
C HIS A 127 -28.20 -46.29 15.48
N LEU A 128 -27.14 -46.04 16.24
CA LEU A 128 -25.89 -46.74 16.04
C LEU A 128 -25.98 -48.17 16.57
N LEU A 129 -25.58 -49.11 15.72
CA LEU A 129 -25.58 -50.52 16.07
C LEU A 129 -24.79 -50.78 17.36
N GLU A 130 -25.44 -51.49 18.29
CA GLU A 130 -24.88 -51.94 19.55
C GLU A 130 -24.65 -50.81 20.55
N ALA A 131 -25.08 -49.60 20.23
CA ALA A 131 -24.73 -48.45 21.05
C ALA A 131 -25.68 -48.27 22.23
N LYS A 132 -25.12 -47.74 23.33
CA LYS A 132 -25.88 -47.38 24.52
C LYS A 132 -27.03 -46.42 24.17
N MET A 133 -28.17 -46.62 24.84
CA MET A 133 -29.31 -45.74 24.68
C MET A 133 -29.14 -44.48 25.55
N GLU A 134 -29.38 -43.32 24.95
CA GLU A 134 -29.29 -42.07 25.69
C GLU A 134 -30.70 -41.71 26.17
N ALA A 135 -31.11 -42.38 27.25
CA ALA A 135 -32.42 -42.19 27.86
C ALA A 135 -32.46 -43.01 29.14
N GLY A 136 -33.51 -42.80 29.93
CA GLY A 136 -33.69 -43.56 31.15
C GLY A 136 -33.93 -45.04 30.89
N PRO A 137 -33.83 -45.85 31.96
CA PRO A 137 -33.92 -47.31 31.79
C PRO A 137 -35.30 -47.80 31.38
N ASN A 138 -36.34 -46.99 31.54
CA ASN A 138 -37.69 -47.38 31.16
C ASN A 138 -38.12 -46.77 29.84
N SER A 139 -37.18 -46.28 29.05
CA SER A 139 -37.48 -45.51 27.85
C SER A 139 -37.05 -46.27 26.60
N ASP A 140 -37.38 -45.69 25.46
CA ASP A 140 -36.98 -46.18 24.15
C ASP A 140 -36.44 -45.01 23.33
N GLY A 141 -35.33 -44.44 23.79
CA GLY A 141 -34.79 -43.20 23.25
C GLY A 141 -33.78 -43.45 22.16
N PRO A 142 -33.04 -42.40 21.79
CA PRO A 142 -32.01 -42.55 20.76
C PRO A 142 -30.79 -43.23 21.35
N SER A 143 -29.92 -43.70 20.46
CA SER A 143 -28.58 -44.06 20.89
C SER A 143 -27.78 -42.81 21.20
N ARG A 144 -26.78 -42.97 22.07
CA ARG A 144 -25.70 -42.00 22.13
C ARG A 144 -25.10 -41.87 20.73
N PRO A 145 -24.88 -40.66 20.23
CA PRO A 145 -24.20 -40.49 18.96
C PRO A 145 -22.69 -40.48 19.17
N ILE A 146 -21.97 -40.52 18.05
CA ILE A 146 -20.52 -40.34 18.12
C ILE A 146 -20.22 -39.01 18.79
N GLU A 147 -19.35 -39.04 19.79
CA GLU A 147 -18.97 -37.84 20.53
C GLU A 147 -17.73 -38.18 21.34
N GLY A 148 -17.20 -37.17 22.02
CA GLY A 148 -16.00 -37.37 22.79
C GLY A 148 -14.78 -36.94 22.00
N MET A 149 -13.64 -37.52 22.37
CA MET A 149 -12.35 -36.96 21.99
C MET A 149 -12.19 -36.94 20.47
N ASN A 150 -11.77 -35.79 19.95
CA ASN A 150 -11.46 -35.59 18.55
C ASN A 150 -9.98 -35.30 18.43
N TYR A 151 -9.32 -35.98 17.51
CA TYR A 151 -7.90 -35.78 17.23
C TYR A 151 -7.77 -35.71 15.72
N HIS A 152 -7.35 -34.55 15.21
CA HIS A 152 -7.35 -34.31 13.77
C HIS A 152 -6.00 -33.72 13.39
N MET A 153 -5.30 -34.39 12.49
CA MET A 153 -4.02 -33.92 12.01
C MET A 153 -3.90 -34.28 10.54
N PHE A 154 -3.28 -33.39 9.78
CA PHE A 154 -2.86 -33.73 8.42
C PHE A 154 -1.46 -33.16 8.21
N ALA A 155 -0.71 -33.80 7.32
CA ALA A 155 0.64 -33.33 7.03
C ALA A 155 0.96 -33.62 5.57
N VAL A 156 1.78 -32.75 5.00
CA VAL A 156 2.26 -32.86 3.63
C VAL A 156 3.75 -32.60 3.66
N GLY A 157 4.55 -33.50 3.08
CA GLY A 157 5.98 -33.33 3.12
C GLY A 157 6.67 -33.99 1.96
N GLY A 158 7.97 -33.72 1.84
CA GLY A 158 8.82 -34.28 0.81
C GLY A 158 9.55 -35.55 1.23
N GLU A 159 9.24 -36.04 2.43
CA GLU A 159 9.84 -37.24 3.01
C GLU A 159 8.93 -37.67 4.15
N PRO A 160 9.11 -38.88 4.70
CA PRO A 160 8.22 -39.33 5.78
C PRO A 160 8.21 -38.36 6.96
N LEU A 161 7.05 -38.29 7.62
CA LEU A 161 6.92 -37.44 8.81
C LEU A 161 7.75 -38.01 9.95
N ASP A 162 8.49 -37.14 10.63
CA ASP A 162 9.25 -37.54 11.81
C ASP A 162 8.33 -37.61 13.03
N LEU A 163 8.45 -38.68 13.81
CA LEU A 163 7.60 -38.89 14.98
C LEU A 163 8.45 -38.98 16.24
N GLN A 164 7.93 -38.41 17.32
CA GLN A 164 8.50 -38.54 18.65
C GLN A 164 7.54 -39.38 19.50
N GLY A 165 8.09 -40.35 20.24
CA GLY A 165 7.26 -41.26 20.99
C GLY A 165 7.04 -40.84 22.43
N ILE A 166 5.97 -41.37 23.02
CA ILE A 166 5.64 -41.10 24.42
C ILE A 166 4.71 -42.20 24.89
N GLU A 167 4.58 -42.33 26.22
CA GLU A 167 3.59 -43.22 26.83
C GLU A 167 2.85 -42.46 27.92
N SER A 168 1.52 -42.58 27.92
CA SER A 168 0.75 -42.08 29.06
C SER A 168 1.02 -42.92 30.30
N ASN A 169 1.12 -44.23 30.14
CA ASN A 169 1.49 -45.15 31.22
C ASN A 169 2.72 -45.94 30.76
N GLY A 170 3.85 -45.72 31.43
CA GLY A 170 5.10 -46.34 31.00
C GLY A 170 5.01 -47.86 30.91
N GLN A 171 4.21 -48.48 31.77
CA GLN A 171 4.21 -49.94 31.91
C GLN A 171 3.02 -50.60 31.22
N THR A 172 2.34 -49.89 30.31
CA THR A 172 1.23 -50.49 29.57
C THR A 172 1.68 -51.78 28.89
N LYS A 173 0.84 -52.80 28.95
CA LYS A 173 1.14 -54.11 28.38
C LYS A 173 0.64 -54.16 26.94
N TYR A 174 1.54 -54.42 26.00
CA TYR A 174 1.22 -54.51 24.59
C TYR A 174 1.40 -55.94 24.10
N ALA A 175 0.47 -56.39 23.27
CA ALA A 175 0.59 -57.71 22.66
C ALA A 175 1.88 -57.80 21.84
N THR A 176 2.32 -59.03 21.62
CA THR A 176 3.57 -59.32 20.89
C THR A 176 3.24 -60.25 19.74
N ALA A 177 2.75 -59.67 18.64
CA ALA A 177 2.42 -60.46 17.46
C ALA A 177 3.62 -60.58 16.54
N ILE A 178 3.66 -61.70 15.81
CA ILE A 178 4.70 -61.93 14.80
C ILE A 178 4.00 -62.25 13.48
N PRO A 179 4.15 -61.42 12.44
CA PRO A 179 4.90 -60.15 12.47
C PRO A 179 4.12 -59.08 13.23
N ALA A 180 4.81 -58.03 13.66
CA ALA A 180 4.19 -56.98 14.45
C ALA A 180 3.06 -56.31 13.65
N LYS A 181 1.98 -55.95 14.35
CA LYS A 181 0.92 -55.18 13.75
C LYS A 181 1.00 -53.70 14.11
N SER A 182 1.85 -53.32 15.06
CA SER A 182 2.09 -51.93 15.39
C SER A 182 3.49 -51.86 15.97
N ILE A 183 3.99 -50.65 16.15
CA ILE A 183 5.30 -50.43 16.73
C ILE A 183 5.16 -49.37 17.83
N HIS A 184 5.82 -49.62 18.96
CA HIS A 184 5.71 -48.78 20.13
C HIS A 184 7.05 -48.09 20.40
N PRO A 185 7.03 -46.96 21.11
CA PRO A 185 8.27 -46.22 21.37
C PRO A 185 9.41 -47.03 21.98
N ASN A 186 9.12 -47.89 22.97
CA ASN A 186 10.22 -48.65 23.57
C ASN A 186 10.74 -49.75 22.66
N ASP A 187 10.00 -50.10 21.59
CA ASP A 187 10.57 -50.97 20.57
C ASP A 187 11.81 -50.34 19.94
N ILE A 188 11.88 -49.01 19.91
CA ILE A 188 13.04 -48.31 19.39
C ILE A 188 13.99 -47.91 20.51
N ALA A 189 13.46 -47.37 21.61
CA ALA A 189 14.33 -46.89 22.67
C ALA A 189 14.97 -48.03 23.44
N LYS A 190 14.27 -49.16 23.57
CA LYS A 190 14.78 -50.36 24.21
C LYS A 190 15.27 -50.06 25.63
N LEU A 191 14.44 -49.37 26.40
CA LEU A 191 14.75 -49.15 27.80
C LEU A 191 14.47 -50.41 28.61
N PRO A 192 15.28 -50.66 29.64
CA PRO A 192 14.93 -51.73 30.58
C PRO A 192 13.53 -51.51 31.14
N GLU A 193 12.84 -52.63 31.38
CA GLU A 193 11.45 -52.55 31.86
C GLU A 193 11.32 -51.67 33.10
N GLU A 194 12.34 -51.65 33.95
CA GLU A 194 12.30 -50.84 35.16
C GLU A 194 12.53 -49.36 34.89
N ASP A 195 12.93 -48.99 33.67
CA ASP A 195 13.16 -47.59 33.33
C ASP A 195 12.08 -47.00 32.43
N LYS A 196 11.01 -47.75 32.14
CA LYS A 196 10.05 -47.27 31.14
C LYS A 196 9.24 -46.06 31.60
N ALA A 197 9.23 -45.75 32.91
CA ALA A 197 8.66 -44.48 33.36
C ALA A 197 9.26 -43.28 32.63
N GLN A 198 10.48 -43.40 32.13
CA GLN A 198 11.07 -42.31 31.35
C GLN A 198 10.20 -41.94 30.14
N LEU A 199 9.49 -42.91 29.57
CA LEU A 199 8.66 -42.67 28.41
C LEU A 199 7.47 -41.78 28.70
N GLN A 200 7.19 -41.47 29.97
CA GLN A 200 6.14 -40.53 30.32
C GLN A 200 6.59 -39.08 30.17
N GLY A 201 7.89 -38.86 30.01
CA GLY A 201 8.45 -37.56 29.64
C GLY A 201 8.95 -37.55 28.21
N LEU A 202 10.16 -37.03 28.00
CA LEU A 202 10.75 -36.90 26.65
C LEU A 202 11.99 -37.78 26.56
N VAL A 203 11.89 -38.89 25.80
CA VAL A 203 12.99 -39.82 25.59
C VAL A 203 13.54 -39.57 24.19
N PRO A 204 14.70 -38.93 24.04
CA PRO A 204 15.22 -38.62 22.69
C PRO A 204 15.41 -39.84 21.79
N LYS A 205 15.70 -41.02 22.36
CA LYS A 205 15.86 -42.22 21.56
C LYS A 205 14.55 -42.68 20.92
N ALA A 206 13.40 -42.25 21.44
CA ALA A 206 12.12 -42.78 20.98
C ALA A 206 11.63 -41.97 19.79
N LYS A 207 12.32 -42.16 18.66
CA LYS A 207 12.01 -41.45 17.43
C LYS A 207 11.80 -42.45 16.30
N ALA A 208 10.95 -42.08 15.36
CA ALA A 208 10.66 -42.94 14.24
C ALA A 208 10.26 -42.07 13.06
N LYS A 209 10.16 -42.70 11.90
CA LYS A 209 9.60 -42.08 10.72
C LYS A 209 8.28 -42.75 10.39
N LEU A 210 7.26 -41.94 10.06
CA LEU A 210 5.95 -42.46 9.71
C LEU A 210 6.06 -43.09 8.32
N ASP A 211 6.54 -44.33 8.28
CA ASP A 211 6.89 -45.00 7.05
C ASP A 211 5.97 -46.19 6.75
N LYS A 212 4.93 -46.36 7.54
CA LYS A 212 4.04 -47.50 7.39
C LYS A 212 2.64 -47.06 7.79
N ASP A 213 1.70 -47.26 6.89
CA ASP A 213 0.30 -46.93 7.12
C ASP A 213 -0.29 -47.90 8.13
N GLY A 214 -1.17 -47.39 9.00
CA GLY A 214 -1.81 -48.21 10.01
C GLY A 214 -0.84 -49.01 10.85
N PHE A 215 0.08 -48.31 11.52
CA PHE A 215 1.18 -49.00 12.19
C PHE A 215 1.66 -48.21 13.41
N TYR A 216 1.53 -46.88 13.37
CA TYR A 216 2.05 -46.03 14.45
C TYR A 216 0.88 -45.49 15.27
N PRO A 217 0.68 -45.94 16.52
CA PRO A 217 -0.49 -45.49 17.28
C PRO A 217 -0.42 -44.02 17.65
N VAL A 218 -1.56 -43.36 17.48
CA VAL A 218 -1.72 -41.95 17.83
C VAL A 218 -1.40 -41.71 19.30
N GLU A 219 -1.79 -42.65 20.17
CA GLU A 219 -1.58 -42.43 21.60
C GLU A 219 -0.13 -42.56 22.03
N GLU A 220 0.78 -43.04 21.16
CA GLU A 220 2.19 -43.15 21.51
C GLU A 220 3.11 -42.28 20.66
N TRP A 221 2.63 -41.73 19.54
CA TRP A 221 3.50 -41.05 18.58
C TRP A 221 2.89 -39.70 18.22
N SER A 222 3.72 -38.67 18.21
CA SER A 222 3.36 -37.33 17.80
C SER A 222 4.32 -36.86 16.73
N PRO A 223 3.90 -35.94 15.85
CA PRO A 223 4.87 -35.30 14.97
C PRO A 223 5.97 -34.66 15.81
N ASP A 224 7.21 -34.87 15.38
CA ASP A 224 8.40 -34.40 16.10
C ASP A 224 8.71 -32.95 15.73
N PRO A 225 8.50 -31.99 16.63
CA PRO A 225 8.80 -30.59 16.28
C PRO A 225 10.28 -30.29 16.18
N SER A 226 11.15 -31.16 16.68
CA SER A 226 12.59 -30.94 16.58
C SER A 226 13.14 -31.36 15.22
N ARG A 227 12.33 -31.98 14.39
CA ARG A 227 12.72 -32.33 13.03
C ARG A 227 11.70 -31.77 12.04
N ASN A 228 11.29 -32.56 11.06
CA ASN A 228 10.23 -32.18 10.11
C ASN A 228 10.50 -30.84 9.44
N GLU A 229 11.77 -30.55 9.14
CA GLU A 229 12.10 -29.33 8.42
C GLU A 229 11.46 -29.33 7.03
N ASN A 230 11.23 -30.51 6.45
CA ASN A 230 10.75 -30.67 5.08
C ASN A 230 9.32 -31.19 5.02
N SER A 231 8.56 -31.05 6.11
CA SER A 231 7.14 -31.33 6.14
C SER A 231 6.41 -30.17 6.81
N ARG A 232 5.11 -30.07 6.52
CA ARG A 232 4.21 -29.18 7.24
C ARG A 232 3.12 -30.04 7.87
N TYR A 233 2.86 -29.83 9.16
CA TYR A 233 1.78 -30.56 9.83
C TYR A 233 0.94 -29.63 10.68
N TYR A 234 -0.32 -30.02 10.87
CA TYR A 234 -1.38 -29.19 11.42
C TYR A 234 -2.29 -30.11 12.22
N GLY A 235 -2.43 -29.86 13.52
CA GLY A 235 -3.13 -30.80 14.38
C GLY A 235 -3.95 -30.08 15.43
N SER A 236 -5.05 -30.71 15.83
CA SER A 236 -5.87 -30.21 16.91
C SER A 236 -6.43 -31.37 17.72
N PHE A 237 -6.67 -31.12 19.00
CA PHE A 237 -7.20 -32.16 19.88
C PHE A 237 -8.17 -31.53 20.85
N VAL A 238 -9.33 -32.15 21.01
CA VAL A 238 -10.27 -31.80 22.07
C VAL A 238 -10.64 -33.09 22.78
N GLY A 239 -10.35 -33.19 24.07
CA GLY A 239 -10.50 -34.42 24.81
C GLY A 239 -11.88 -34.59 25.43
N GLY A 240 -11.95 -35.54 26.36
CA GLY A 240 -13.19 -35.86 27.03
C GLY A 240 -13.97 -36.93 26.29
N LEU A 241 -14.89 -37.58 27.01
CA LEU A 241 -15.68 -38.67 26.44
C LEU A 241 -17.04 -38.22 25.91
N GLN A 242 -17.57 -37.08 26.36
CA GLN A 242 -18.91 -36.67 25.95
C GLN A 242 -18.93 -35.36 25.19
N THR A 243 -17.76 -34.83 24.85
CA THR A 243 -17.62 -33.56 24.17
C THR A 243 -18.31 -33.57 22.80
N PRO A 244 -19.09 -32.56 22.46
CA PRO A 244 -19.66 -32.45 21.09
C PRO A 244 -18.56 -32.36 20.05
N PRO A 245 -18.56 -33.22 19.06
CA PRO A 245 -17.59 -33.08 17.97
C PRO A 245 -17.91 -31.84 17.16
N ASN A 246 -16.86 -31.15 16.72
CA ASN A 246 -16.97 -29.85 16.06
C ASN A 246 -16.10 -29.93 14.81
N LEU A 247 -16.73 -30.05 13.65
N LEU A 247 -16.72 -30.05 13.64
CA LEU A 247 -16.03 -30.26 12.40
CA LEU A 247 -15.99 -30.30 12.40
C LEU A 247 -16.55 -29.29 11.36
C LEU A 247 -16.57 -29.47 11.27
N GLN A 248 -15.68 -28.97 10.40
CA GLN A 248 -16.06 -28.14 9.27
C GLN A 248 -15.72 -28.86 7.98
N PHE A 249 -16.35 -28.43 6.89
CA PHE A 249 -16.06 -28.98 5.56
C PHE A 249 -16.43 -27.93 4.51
N THR A 250 -15.52 -27.73 3.55
CA THR A 250 -15.70 -26.70 2.55
C THR A 250 -14.63 -26.93 1.50
N ASN A 251 -14.95 -26.59 0.26
CA ASN A 251 -13.96 -26.68 -0.81
C ASN A 251 -13.41 -25.32 -1.20
N ALA A 252 -13.61 -24.29 -0.37
CA ALA A 252 -13.21 -22.93 -0.71
C ALA A 252 -11.98 -22.46 0.06
N VAL A 253 -11.32 -23.34 0.81
CA VAL A 253 -10.21 -22.95 1.67
C VAL A 253 -9.00 -23.82 1.35
N SER A 254 -7.82 -23.21 1.26
CA SER A 254 -6.57 -23.94 1.07
C SER A 254 -5.57 -23.56 2.15
N THR A 255 -4.61 -24.45 2.36
CA THR A 255 -3.50 -24.23 3.29
C THR A 255 -2.24 -24.00 2.45
N VAL A 256 -1.58 -22.86 2.69
CA VAL A 256 -0.32 -22.57 2.02
C VAL A 256 0.80 -23.30 2.75
N LEU A 257 1.60 -24.07 2.01
CA LEU A 257 2.65 -24.88 2.59
C LEU A 257 4.02 -24.21 2.55
N LEU A 258 4.13 -23.02 1.97
CA LEU A 258 5.41 -22.33 1.90
C LEU A 258 5.85 -21.88 3.29
N ASP A 259 7.15 -21.93 3.55
CA ASP A 259 7.67 -21.48 4.83
C ASP A 259 7.92 -19.97 4.78
N GLU A 260 8.58 -19.44 5.81
CA GLU A 260 8.82 -18.01 5.91
C GLU A 260 9.75 -17.50 4.82
N ASN A 261 10.50 -18.39 4.17
CA ASN A 261 11.34 -18.00 3.04
C ASN A 261 10.65 -18.23 1.70
N GLY A 262 9.36 -18.56 1.72
CA GLY A 262 8.65 -18.86 0.49
C GLY A 262 8.90 -20.22 -0.07
N VAL A 263 9.34 -21.17 0.75
CA VAL A 263 9.77 -22.49 0.28
C VAL A 263 8.84 -23.54 0.86
N GLY A 264 8.30 -24.38 0.00
CA GLY A 264 7.45 -25.47 0.42
C GLY A 264 8.23 -26.77 0.54
N PRO A 265 7.58 -27.82 1.04
CA PRO A 265 8.26 -29.14 1.09
C PRO A 265 8.76 -29.55 -0.29
N LEU A 266 9.99 -30.09 -0.32
CA LEU A 266 10.66 -30.51 -1.54
C LEU A 266 10.70 -32.03 -1.59
N CYS A 267 10.19 -32.60 -2.68
CA CYS A 267 9.85 -34.03 -2.74
C CYS A 267 11.09 -34.82 -3.12
N LYS A 268 11.70 -35.47 -2.12
CA LYS A 268 12.90 -36.26 -2.34
C LYS A 268 12.55 -37.55 -3.07
N GLY A 269 13.34 -37.88 -4.11
CA GLY A 269 13.04 -39.06 -4.88
C GLY A 269 11.74 -38.95 -5.64
N ASP A 270 11.29 -37.72 -5.92
CA ASP A 270 10.03 -37.47 -6.62
C ASP A 270 8.86 -38.15 -5.92
N GLY A 271 8.87 -38.12 -4.60
CA GLY A 271 7.79 -38.69 -3.83
C GLY A 271 7.12 -37.67 -2.92
N LEU A 272 5.79 -37.60 -2.98
CA LEU A 272 5.01 -36.74 -2.11
C LEU A 272 4.49 -37.57 -0.94
N PHE A 273 4.64 -37.06 0.28
CA PHE A 273 4.28 -37.81 1.49
C PHE A 273 3.12 -37.10 2.20
N VAL A 274 1.99 -37.80 2.32
CA VAL A 274 0.81 -37.27 2.98
C VAL A 274 0.44 -38.19 4.14
N SER A 275 0.02 -37.59 5.25
N SER A 275 -0.01 -37.60 5.23
CA SER A 275 -0.30 -38.32 6.46
CA SER A 275 -0.34 -38.37 6.42
C SER A 275 -1.49 -37.65 7.13
C SER A 275 -1.44 -37.65 7.18
N CYS A 276 -2.19 -38.42 7.97
CA CYS A 276 -3.31 -37.85 8.72
C CYS A 276 -3.76 -38.79 9.82
N ALA A 277 -4.60 -38.24 10.69
CA ALA A 277 -5.36 -39.03 11.66
C ALA A 277 -6.59 -38.20 11.97
N ASP A 278 -7.77 -38.84 11.98
CA ASP A 278 -9.03 -38.13 12.22
C ASP A 278 -9.94 -38.99 13.11
N ILE A 279 -9.62 -39.04 14.41
CA ILE A 279 -10.55 -39.59 15.39
C ILE A 279 -11.69 -38.59 15.59
N CYS A 280 -12.90 -39.01 15.26
CA CYS A 280 -14.07 -38.13 15.32
C CYS A 280 -14.89 -38.32 16.60
N GLY A 281 -14.50 -39.23 17.46
CA GLY A 281 -15.18 -39.45 18.72
C GLY A 281 -15.24 -40.93 19.02
N VAL A 282 -16.17 -41.31 19.90
CA VAL A 282 -16.30 -42.70 20.30
C VAL A 282 -17.75 -43.14 20.23
N LEU A 283 -17.94 -44.44 20.01
CA LEU A 283 -19.19 -45.15 20.22
C LEU A 283 -19.14 -45.81 21.59
N VAL A 284 -20.26 -45.79 22.31
CA VAL A 284 -20.37 -46.45 23.62
C VAL A 284 -21.26 -47.67 23.47
N LYS A 285 -20.77 -48.85 23.86
CA LYS A 285 -21.54 -50.08 23.71
C LYS A 285 -22.60 -50.20 24.79
N ALA A 286 -23.76 -50.71 24.41
CA ALA A 286 -24.85 -50.87 25.38
C ALA A 286 -24.52 -51.90 26.46
N ASP A 287 -23.85 -52.99 26.10
CA ASP A 287 -23.79 -54.11 27.05
C ASP A 287 -22.75 -53.91 28.14
N ASN A 288 -21.61 -53.28 27.85
CA ASN A 288 -20.61 -53.02 28.87
C ASN A 288 -20.22 -51.56 29.02
N GLU A 289 -20.80 -50.67 28.23
CA GLU A 289 -20.45 -49.25 28.26
C GLU A 289 -19.00 -48.98 27.86
N ALA A 290 -18.32 -49.96 27.25
CA ALA A 290 -16.98 -49.72 26.75
C ALA A 290 -17.05 -48.96 25.42
N ILE A 291 -15.90 -48.53 24.89
CA ILE A 291 -15.94 -47.63 23.75
C ILE A 291 -15.18 -48.18 22.55
N ARG A 292 -15.57 -47.70 21.38
CA ARG A 292 -14.81 -47.79 20.14
C ARG A 292 -14.58 -46.39 19.58
N TYR A 293 -13.35 -46.11 19.13
CA TYR A 293 -13.11 -44.89 18.37
C TYR A 293 -13.71 -45.01 16.98
N ARG A 294 -14.11 -43.87 16.42
CA ARG A 294 -14.62 -43.79 15.06
C ARG A 294 -13.75 -42.82 14.28
N GLY A 295 -13.35 -43.21 13.06
CA GLY A 295 -12.58 -42.35 12.19
C GLY A 295 -13.30 -42.14 10.87
N LEU A 296 -12.85 -41.13 10.11
CA LEU A 296 -13.45 -40.84 8.82
C LEU A 296 -12.34 -40.62 7.79
N PRO A 297 -12.63 -40.90 6.51
CA PRO A 297 -11.60 -40.72 5.47
C PRO A 297 -11.30 -39.26 5.24
N ARG A 298 -10.07 -39.00 4.79
CA ARG A 298 -9.62 -37.64 4.49
C ARG A 298 -9.19 -37.55 3.04
N TYR A 299 -9.56 -36.45 2.40
CA TYR A 299 -9.18 -36.17 1.02
C TYR A 299 -8.05 -35.15 0.99
N PHE A 300 -7.17 -35.30 -0.01
CA PHE A 300 -6.04 -34.38 -0.22
C PHE A 300 -5.99 -33.97 -1.69
N LYS A 301 -5.83 -32.67 -1.94
CA LYS A 301 -5.43 -32.17 -3.26
C LYS A 301 -4.23 -31.25 -3.05
N VAL A 302 -3.06 -31.67 -3.54
CA VAL A 302 -1.82 -30.93 -3.35
C VAL A 302 -1.40 -30.32 -4.67
N THR A 303 -1.08 -29.03 -4.66
CA THR A 303 -0.59 -28.32 -5.83
C THR A 303 0.92 -28.18 -5.72
N LEU A 304 1.64 -28.51 -6.80
CA LEU A 304 3.09 -28.53 -6.77
C LEU A 304 3.66 -27.73 -7.93
N ARG A 305 4.89 -27.25 -7.74
CA ARG A 305 5.61 -26.55 -8.81
C ARG A 305 7.05 -27.06 -8.82
N LYS A 306 7.78 -26.74 -9.89
CA LYS A 306 9.13 -27.21 -10.04
C LYS A 306 10.10 -26.18 -9.45
N ARG A 307 11.04 -26.66 -8.66
CA ARG A 307 12.04 -25.80 -8.02
C ARG A 307 13.40 -26.42 -8.28
N ALA A 308 14.36 -25.60 -8.71
CA ALA A 308 15.73 -26.06 -8.89
C ALA A 308 16.46 -26.03 -7.56
N VAL A 309 17.27 -27.07 -7.31
CA VAL A 309 17.98 -27.23 -6.05
C VAL A 309 19.43 -27.59 -6.33
N LYS A 310 20.28 -27.32 -5.35
CA LYS A 310 21.71 -27.62 -5.43
C LYS A 310 21.96 -29.13 -5.53
N VAL B 26 6.10 -0.15 41.67
CA VAL B 26 4.69 -0.17 41.32
C VAL B 26 3.84 -0.42 42.56
N GLU B 27 2.95 0.52 42.87
CA GLU B 27 2.19 0.51 44.11
C GLU B 27 0.75 0.03 43.87
N VAL B 28 0.14 -0.48 44.95
CA VAL B 28 -1.28 -0.84 44.96
C VAL B 28 -2.06 0.41 45.36
N LEU B 29 -2.78 0.99 44.41
CA LEU B 29 -3.26 2.36 44.55
C LEU B 29 -4.64 2.48 45.19
N ASN B 30 -5.31 1.37 45.50
CA ASN B 30 -6.57 1.41 46.23
C ASN B 30 -6.46 0.79 47.62
N ILE B 31 -5.25 0.74 48.18
CA ILE B 31 -5.05 0.13 49.49
C ILE B 31 -5.86 0.89 50.54
N ILE B 32 -6.61 0.14 51.35
CA ILE B 32 -7.43 0.69 52.42
C ILE B 32 -6.65 0.70 53.74
N ASP B 36 -28.45 -5.52 -18.70
CA ASP B 36 -28.61 -6.89 -18.21
C ASP B 36 -27.30 -7.66 -18.28
N ALA B 37 -26.19 -6.99 -17.98
CA ALA B 37 -24.91 -7.67 -17.85
C ALA B 37 -24.78 -8.43 -16.53
N THR B 38 -25.59 -8.07 -15.53
CA THR B 38 -25.58 -8.72 -14.23
C THR B 38 -27.02 -9.00 -13.81
N THR B 39 -27.17 -9.91 -12.85
CA THR B 39 -28.50 -10.17 -12.32
C THR B 39 -28.38 -10.71 -10.90
N GLU B 40 -29.48 -10.61 -10.15
CA GLU B 40 -29.60 -11.16 -8.81
C GLU B 40 -30.74 -12.17 -8.80
N ILE B 41 -30.49 -13.36 -8.26
CA ILE B 41 -31.48 -14.42 -8.13
C ILE B 41 -31.77 -14.62 -6.64
N GLU B 42 -33.06 -14.72 -6.27
CA GLU B 42 -33.47 -14.98 -4.89
C GLU B 42 -34.34 -16.22 -4.82
N LEU B 43 -34.18 -17.01 -3.76
CA LEU B 43 -35.13 -18.10 -3.55
C LEU B 43 -34.97 -18.65 -2.13
N TRP B 44 -35.99 -19.39 -1.70
CA TRP B 44 -36.03 -20.08 -0.42
C TRP B 44 -35.93 -21.58 -0.66
N LEU B 45 -35.21 -22.28 0.21
CA LEU B 45 -35.21 -23.74 0.24
C LEU B 45 -35.85 -24.17 1.56
N GLU B 46 -37.02 -24.81 1.48
CA GLU B 46 -37.67 -25.30 2.68
C GLU B 46 -36.97 -26.56 3.18
N PRO B 47 -36.99 -26.83 4.49
CA PRO B 47 -36.20 -27.95 5.02
C PRO B 47 -36.82 -29.29 4.64
N ARG B 48 -35.95 -30.28 4.46
CA ARG B 48 -36.35 -31.66 4.16
C ARG B 48 -35.79 -32.58 5.25
N MET B 49 -36.37 -32.51 6.44
CA MET B 49 -35.92 -33.30 7.58
C MET B 49 -36.48 -34.72 7.58
N GLY B 50 -37.34 -35.06 6.62
CA GLY B 50 -37.95 -36.38 6.58
C GLY B 50 -39.44 -36.31 6.31
N VAL B 51 -40.15 -35.58 7.17
CA VAL B 51 -41.54 -35.20 6.87
C VAL B 51 -41.43 -33.98 5.96
N ASN B 52 -41.54 -34.21 4.66
CA ASN B 52 -41.08 -33.24 3.68
C ASN B 52 -42.21 -32.43 3.07
N ALA B 53 -43.43 -32.57 3.58
CA ALA B 53 -44.54 -31.76 3.11
C ALA B 53 -45.61 -31.75 4.20
N PRO B 54 -46.35 -30.66 4.36
CA PRO B 54 -47.45 -30.62 5.34
C PRO B 54 -48.70 -31.31 4.80
N THR B 55 -48.55 -32.59 4.47
CA THR B 55 -49.60 -33.39 3.85
C THR B 55 -49.70 -34.73 4.55
N GLY B 56 -50.84 -35.40 4.34
CA GLY B 56 -51.00 -36.77 4.80
C GLY B 56 -51.08 -36.93 6.31
N ASP B 57 -50.80 -38.16 6.73
CA ASP B 57 -50.89 -38.53 8.15
C ASP B 57 -49.89 -37.75 9.00
N ARG B 58 -48.70 -37.48 8.47
CA ARG B 58 -47.64 -36.87 9.27
C ARG B 58 -47.61 -35.36 9.17
N LYS B 59 -48.67 -34.75 8.60
CA LYS B 59 -48.68 -33.34 8.25
C LYS B 59 -48.21 -32.43 9.40
N GLU B 60 -48.64 -32.71 10.64
CA GLU B 60 -48.33 -31.77 11.71
C GLU B 60 -46.85 -31.71 12.06
N TRP B 61 -46.03 -32.65 11.57
CA TRP B 61 -44.61 -32.67 11.88
C TRP B 61 -43.75 -32.23 10.70
N TYR B 62 -44.35 -31.52 9.74
CA TYR B 62 -43.60 -30.96 8.63
C TYR B 62 -42.46 -30.06 9.13
N GLY B 63 -41.26 -30.24 8.55
CA GLY B 63 -40.08 -29.53 9.02
C GLY B 63 -39.34 -30.21 10.14
N TYR B 64 -39.85 -31.35 10.62
CA TYR B 64 -39.20 -32.26 11.53
C TYR B 64 -38.98 -33.60 10.84
N SER B 65 -38.12 -34.43 11.43
CA SER B 65 -38.06 -35.83 11.03
C SER B 65 -39.14 -36.64 11.76
N GLU B 66 -39.32 -37.88 11.31
CA GLU B 66 -40.05 -38.87 12.08
C GLU B 66 -39.23 -39.27 13.33
N VAL B 67 -39.91 -39.88 14.30
CA VAL B 67 -39.27 -40.30 15.53
C VAL B 67 -38.19 -41.35 15.25
N ILE B 68 -37.07 -41.25 15.97
CA ILE B 68 -35.95 -42.17 15.83
C ILE B 68 -35.60 -42.78 17.18
N HIS B 69 -35.42 -44.10 17.21
CA HIS B 69 -35.06 -44.86 18.40
C HIS B 69 -33.76 -45.60 18.15
N HIS B 70 -33.11 -46.03 19.24
CA HIS B 70 -31.76 -46.57 19.16
C HIS B 70 -31.68 -47.77 18.23
N ALA B 71 -32.65 -48.69 18.30
CA ALA B 71 -32.59 -49.92 17.52
C ALA B 71 -33.23 -49.80 16.14
N ASP B 72 -33.74 -48.61 15.77
CA ASP B 72 -34.29 -48.44 14.43
C ASP B 72 -33.22 -48.73 13.38
N GLY B 73 -33.61 -49.40 12.30
CA GLY B 73 -32.66 -49.86 11.32
C GLY B 73 -31.99 -51.16 11.67
N TYR B 74 -32.16 -51.65 12.91
CA TYR B 74 -31.69 -52.97 13.31
C TYR B 74 -32.85 -53.93 13.55
N ASP B 75 -33.76 -53.60 14.47
CA ASP B 75 -34.93 -54.42 14.66
C ASP B 75 -36.13 -53.93 13.85
N ASN B 76 -35.92 -53.01 12.91
CA ASN B 76 -36.90 -52.63 11.91
C ASN B 76 -36.18 -51.96 10.76
N ASN B 77 -36.94 -51.53 9.76
CA ASN B 77 -36.40 -50.77 8.63
C ASN B 77 -36.40 -49.28 8.95
N LEU B 78 -35.26 -48.62 8.74
CA LEU B 78 -35.23 -47.17 8.87
C LEU B 78 -35.92 -46.55 7.67
N LEU B 79 -36.86 -45.65 7.93
CA LEU B 79 -37.65 -45.03 6.86
C LEU B 79 -37.02 -43.73 6.39
N SER B 80 -37.32 -43.37 5.13
CA SER B 80 -36.85 -42.09 4.61
CA SER B 80 -36.83 -42.09 4.62
C SER B 80 -37.31 -40.93 5.48
N VAL B 81 -38.52 -41.02 6.06
CA VAL B 81 -39.01 -39.94 6.91
C VAL B 81 -38.18 -39.80 8.18
N GLN B 82 -37.36 -40.80 8.52
CA GLN B 82 -36.49 -40.74 9.69
C GLN B 82 -35.09 -40.21 9.36
N MET B 83 -34.84 -39.77 8.15
CA MET B 83 -33.50 -39.43 7.71
C MET B 83 -33.48 -38.04 7.06
N PRO B 84 -32.97 -37.01 7.75
CA PRO B 84 -32.93 -35.67 7.14
C PRO B 84 -32.14 -35.70 5.84
N GLN B 85 -32.57 -34.89 4.89
CA GLN B 85 -32.04 -34.91 3.53
C GLN B 85 -31.60 -33.52 3.11
N TYR B 86 -30.78 -33.47 2.05
CA TYR B 86 -30.41 -32.20 1.43
C TYR B 86 -31.57 -31.59 0.67
N SER B 87 -31.69 -30.26 0.75
CA SER B 87 -32.57 -29.50 -0.11
C SER B 87 -31.78 -29.03 -1.32
N CYS B 88 -32.45 -28.91 -2.45
CA CYS B 88 -31.75 -28.37 -3.61
C CYS B 88 -32.75 -27.87 -4.64
N ALA B 89 -32.27 -27.00 -5.54
CA ALA B 89 -33.11 -26.44 -6.59
C ALA B 89 -32.20 -26.00 -7.72
N ARG B 90 -32.75 -26.02 -8.92
CA ARG B 90 -32.11 -25.44 -10.08
C ARG B 90 -32.96 -24.25 -10.55
N VAL B 91 -32.32 -23.10 -10.71
CA VAL B 91 -33.01 -21.91 -11.19
C VAL B 91 -32.65 -21.68 -12.65
N GLN B 92 -33.65 -21.55 -13.50
CA GLN B 92 -33.39 -21.27 -14.91
C GLN B 92 -33.06 -19.80 -15.08
N LEU B 93 -31.90 -19.51 -15.64
CA LEU B 93 -31.45 -18.15 -15.90
C LEU B 93 -31.76 -17.76 -17.34
N PRO B 94 -31.71 -16.47 -17.67
CA PRO B 94 -31.96 -16.07 -19.06
C PRO B 94 -30.97 -16.73 -20.01
N MET B 95 -31.50 -17.19 -21.15
CA MET B 95 -30.69 -17.89 -22.14
C MET B 95 -29.74 -16.92 -22.83
N LEU B 96 -28.49 -17.34 -23.02
CA LEU B 96 -27.44 -16.42 -23.43
C LEU B 96 -26.99 -16.60 -24.87
N ASN B 97 -26.99 -17.81 -25.40
CA ASN B 97 -26.44 -18.08 -26.73
C ASN B 97 -27.53 -18.72 -27.60
N THR B 98 -27.77 -18.11 -28.76
CA THR B 98 -28.68 -18.71 -29.74
C THR B 98 -28.09 -19.99 -30.31
N ASP B 99 -26.83 -19.94 -30.73
CA ASP B 99 -26.12 -21.08 -31.32
C ASP B 99 -25.11 -21.60 -30.30
N MET B 100 -25.37 -22.79 -29.76
CA MET B 100 -24.50 -23.40 -28.76
C MET B 100 -23.30 -24.13 -29.36
N THR B 101 -23.04 -23.96 -30.66
CA THR B 101 -21.88 -24.54 -31.30
C THR B 101 -20.77 -23.53 -31.55
N CYS B 102 -21.01 -22.24 -31.28
CA CYS B 102 -19.98 -21.23 -31.44
C CYS B 102 -18.81 -21.52 -30.52
N GLU B 103 -17.59 -21.21 -30.99
CA GLU B 103 -16.41 -21.54 -30.21
C GLU B 103 -16.24 -20.62 -29.00
N THR B 104 -16.96 -19.51 -28.94
CA THR B 104 -16.95 -18.59 -27.81
C THR B 104 -18.38 -18.38 -27.35
N LEU B 105 -18.67 -18.72 -26.09
CA LEU B 105 -20.02 -18.66 -25.55
C LEU B 105 -20.06 -17.72 -24.35
N MET B 106 -21.25 -17.18 -24.09
CA MET B 106 -21.52 -16.43 -22.87
C MET B 106 -22.07 -17.39 -21.82
N MET B 107 -21.64 -17.22 -20.57
CA MET B 107 -22.17 -17.98 -19.46
C MET B 107 -22.40 -17.06 -18.27
N TRP B 108 -23.42 -17.38 -17.47
CA TRP B 108 -23.60 -16.70 -16.21
C TRP B 108 -22.56 -17.18 -15.20
N GLU B 109 -21.99 -16.24 -14.45
CA GLU B 109 -20.95 -16.53 -13.46
C GLU B 109 -21.43 -16.05 -12.11
N ALA B 110 -21.49 -16.97 -11.14
CA ALA B 110 -21.95 -16.60 -9.79
C ALA B 110 -20.81 -15.95 -9.04
N VAL B 111 -21.01 -14.72 -8.58
CA VAL B 111 -19.94 -13.91 -8.02
C VAL B 111 -19.98 -13.90 -6.50
N SER B 112 -21.17 -13.81 -5.92
CA SER B 112 -21.29 -13.75 -4.48
C SER B 112 -22.69 -14.22 -4.10
N CYS B 113 -22.89 -14.43 -2.81
CA CYS B 113 -24.20 -14.81 -2.36
CA CYS B 113 -24.16 -14.94 -2.32
C CYS B 113 -24.38 -14.39 -0.91
N LYS B 114 -25.62 -14.01 -0.60
CA LYS B 114 -26.06 -13.82 0.77
C LYS B 114 -27.00 -14.98 1.06
N THR B 115 -26.84 -15.59 2.23
CA THR B 115 -27.70 -16.69 2.62
C THR B 115 -28.00 -16.58 4.11
N GLU B 116 -29.17 -17.07 4.49
CA GLU B 116 -29.64 -16.86 5.86
C GLU B 116 -30.63 -17.95 6.23
N VAL B 117 -30.50 -18.46 7.46
CA VAL B 117 -31.46 -19.40 8.03
C VAL B 117 -32.49 -18.59 8.80
N VAL B 118 -33.76 -18.75 8.45
CA VAL B 118 -34.83 -17.94 9.00
C VAL B 118 -35.56 -18.73 10.09
N GLY B 119 -36.15 -18.01 11.03
CA GLY B 119 -36.91 -18.64 12.09
C GLY B 119 -36.11 -19.01 13.31
N ILE B 120 -34.91 -18.45 13.46
CA ILE B 120 -34.04 -18.87 14.56
C ILE B 120 -34.67 -18.56 15.91
N GLY B 121 -35.37 -17.42 16.02
CA GLY B 121 -36.02 -17.07 17.27
C GLY B 121 -37.00 -18.12 17.76
N SER B 122 -37.63 -18.83 16.84
CA SER B 122 -38.53 -19.93 17.18
C SER B 122 -37.87 -20.99 18.05
N LEU B 123 -36.54 -21.08 18.02
CA LEU B 123 -35.81 -22.08 18.81
C LEU B 123 -35.78 -21.77 20.30
N ILE B 124 -36.28 -20.61 20.74
CA ILE B 124 -36.36 -20.35 22.18
C ILE B 124 -37.47 -21.14 22.86
N SER B 125 -38.37 -21.77 22.10
CA SER B 125 -39.60 -22.29 22.70
C SER B 125 -39.31 -23.37 23.74
N VAL B 126 -39.94 -23.24 24.91
CA VAL B 126 -39.92 -24.30 25.92
C VAL B 126 -41.34 -24.79 26.17
N HIS B 127 -42.21 -24.69 25.17
CA HIS B 127 -43.54 -25.28 25.23
C HIS B 127 -43.77 -26.14 23.98
N LEU B 128 -42.80 -27.01 23.68
CA LEU B 128 -42.85 -27.81 22.47
C LEU B 128 -43.84 -28.96 22.61
N LEU B 129 -44.70 -29.11 21.61
CA LEU B 129 -45.72 -30.15 21.65
C LEU B 129 -45.09 -31.52 21.78
N GLU B 130 -45.60 -32.33 22.72
CA GLU B 130 -45.21 -33.70 23.01
C GLU B 130 -43.80 -33.83 23.58
N ALA B 131 -43.12 -32.72 23.89
CA ALA B 131 -41.71 -32.78 24.29
C ALA B 131 -41.55 -33.07 25.78
N LYS B 132 -40.42 -33.72 26.10
CA LYS B 132 -40.03 -34.03 27.46
C LYS B 132 -39.91 -32.79 28.33
N MET B 133 -40.34 -32.92 29.59
CA MET B 133 -40.22 -31.83 30.54
C MET B 133 -38.82 -31.81 31.16
N GLU B 134 -38.21 -30.63 31.18
CA GLU B 134 -36.88 -30.45 31.77
C GLU B 134 -37.05 -29.98 33.21
N ALA B 135 -37.31 -30.95 34.10
CA ALA B 135 -37.59 -30.71 35.51
C ALA B 135 -37.82 -32.05 36.18
N GLY B 136 -37.86 -32.03 37.51
CA GLY B 136 -38.15 -33.20 38.30
C GLY B 136 -39.53 -33.77 38.02
N PRO B 137 -39.72 -35.05 38.35
CA PRO B 137 -40.97 -35.74 37.94
C PRO B 137 -42.23 -35.18 38.57
N ASN B 138 -42.16 -34.53 39.72
CA ASN B 138 -43.35 -33.95 40.35
C ASN B 138 -43.55 -32.49 40.01
N SER B 139 -42.78 -31.96 39.06
CA SER B 139 -42.79 -30.53 38.76
C SER B 139 -43.66 -30.23 37.54
N ASP B 140 -43.70 -28.96 37.19
CA ASP B 140 -44.42 -28.45 36.02
C ASP B 140 -43.52 -27.45 35.31
N GLY B 141 -42.39 -27.94 34.80
CA GLY B 141 -41.36 -27.07 34.29
C GLY B 141 -41.46 -26.85 32.80
N PRO B 142 -40.43 -26.27 32.19
CA PRO B 142 -40.42 -26.09 30.73
C PRO B 142 -40.21 -27.42 30.03
N SER B 143 -40.54 -27.45 28.75
CA SER B 143 -40.06 -28.56 27.95
C SER B 143 -38.58 -28.39 27.66
N ARG B 144 -37.92 -29.48 27.29
CA ARG B 144 -36.62 -29.36 26.67
C ARG B 144 -36.77 -28.52 25.41
N PRO B 145 -35.88 -27.55 25.17
CA PRO B 145 -35.90 -26.85 23.88
C PRO B 145 -35.17 -27.66 22.82
N ILE B 146 -35.32 -27.21 21.56
CA ILE B 146 -34.49 -27.76 20.49
C ILE B 146 -33.01 -27.57 20.85
N GLU B 147 -32.24 -28.65 20.79
CA GLU B 147 -30.81 -28.61 21.08
C GLU B 147 -30.18 -29.86 20.52
N GLY B 148 -28.86 -29.96 20.64
CA GLY B 148 -28.18 -31.13 20.12
C GLY B 148 -27.60 -30.87 18.75
N MET B 149 -27.41 -31.93 17.95
CA MET B 149 -26.65 -31.88 16.71
CA MET B 149 -26.61 -31.83 16.75
C MET B 149 -27.12 -30.76 15.79
N ASN B 150 -26.17 -29.97 15.29
CA ASN B 150 -26.44 -28.95 14.29
C ASN B 150 -25.58 -29.28 13.08
N TYR B 151 -26.21 -29.38 11.92
CA TYR B 151 -25.52 -29.66 10.67
C TYR B 151 -25.98 -28.61 9.69
N HIS B 152 -25.06 -27.78 9.21
CA HIS B 152 -25.41 -26.62 8.39
C HIS B 152 -24.47 -26.56 7.20
N MET B 153 -25.05 -26.55 6.00
CA MET B 153 -24.27 -26.48 4.78
C MET B 153 -25.06 -25.71 3.75
N PHE B 154 -24.39 -24.90 2.96
CA PHE B 154 -25.03 -24.36 1.77
C PHE B 154 -24.03 -24.46 0.64
N ALA B 155 -24.56 -24.48 -0.58
CA ALA B 155 -23.72 -24.62 -1.77
C ALA B 155 -24.36 -23.87 -2.92
N VAL B 156 -23.50 -23.29 -3.76
CA VAL B 156 -23.91 -22.61 -4.98
C VAL B 156 -23.00 -23.11 -6.09
N GLY B 157 -23.59 -23.53 -7.22
CA GLY B 157 -22.79 -24.06 -8.30
C GLY B 157 -23.47 -23.88 -9.63
N GLY B 158 -22.69 -24.14 -10.69
CA GLY B 158 -23.16 -24.12 -12.06
C GLY B 158 -23.56 -25.48 -12.59
N GLU B 159 -23.64 -26.48 -11.72
CA GLU B 159 -24.12 -27.82 -12.03
C GLU B 159 -24.48 -28.47 -10.70
N PRO B 160 -25.14 -29.63 -10.71
CA PRO B 160 -25.51 -30.28 -9.44
C PRO B 160 -24.30 -30.52 -8.55
N LEU B 161 -24.52 -30.45 -7.25
CA LEU B 161 -23.48 -30.73 -6.27
C LEU B 161 -23.09 -32.20 -6.35
N ASP B 162 -21.78 -32.47 -6.39
CA ASP B 162 -21.29 -33.84 -6.37
C ASP B 162 -21.28 -34.38 -4.95
N LEU B 163 -21.77 -35.61 -4.78
CA LEU B 163 -21.92 -36.23 -3.47
C LEU B 163 -21.12 -37.53 -3.38
N GLN B 164 -20.49 -37.76 -2.23
CA GLN B 164 -19.82 -39.01 -1.94
C GLN B 164 -20.58 -39.73 -0.81
N GLY B 165 -20.79 -41.04 -0.96
CA GLY B 165 -21.55 -41.80 0.01
C GLY B 165 -20.72 -42.48 1.08
N ILE B 166 -21.39 -42.77 2.20
CA ILE B 166 -20.76 -43.43 3.35
C ILE B 166 -21.88 -44.05 4.19
N GLU B 167 -21.52 -44.98 5.08
CA GLU B 167 -22.45 -45.50 6.08
C GLU B 167 -21.77 -45.52 7.44
N SER B 168 -22.48 -45.06 8.48
CA SER B 168 -21.96 -45.24 9.83
C SER B 168 -22.02 -46.71 10.24
N ASN B 169 -23.07 -47.42 9.82
CA ASN B 169 -23.17 -48.87 10.00
C ASN B 169 -23.47 -49.47 8.63
N GLY B 170 -22.55 -50.27 8.09
CA GLY B 170 -22.73 -50.80 6.75
C GLY B 170 -24.01 -51.60 6.57
N GLN B 171 -24.48 -52.26 7.64
CA GLN B 171 -25.60 -53.19 7.55
C GLN B 171 -26.92 -52.60 8.02
N THR B 172 -27.04 -51.28 8.09
CA THR B 172 -28.30 -50.65 8.45
C THR B 172 -29.42 -51.07 7.48
N LYS B 173 -30.57 -51.44 8.03
CA LYS B 173 -31.71 -51.86 7.22
C LYS B 173 -32.54 -50.65 6.82
N TYR B 174 -32.77 -50.49 5.52
CA TYR B 174 -33.54 -49.38 4.96
C TYR B 174 -34.81 -49.91 4.30
N ALA B 175 -35.91 -49.17 4.47
CA ALA B 175 -37.17 -49.58 3.88
C ALA B 175 -37.06 -49.63 2.36
N THR B 176 -37.79 -50.58 1.76
CA THR B 176 -37.89 -50.68 0.31
C THR B 176 -39.22 -50.09 -0.11
N ALA B 177 -39.17 -48.95 -0.78
CA ALA B 177 -40.38 -48.23 -1.14
C ALA B 177 -40.52 -48.18 -2.66
N ILE B 178 -41.75 -48.32 -3.13
CA ILE B 178 -42.09 -48.06 -4.52
C ILE B 178 -43.28 -47.11 -4.51
N PRO B 179 -43.10 -45.84 -4.90
CA PRO B 179 -41.83 -45.28 -5.37
C PRO B 179 -40.83 -45.01 -4.23
N ALA B 180 -39.54 -45.16 -4.51
CA ALA B 180 -38.52 -44.90 -3.49
C ALA B 180 -38.52 -43.42 -3.11
N LYS B 181 -38.37 -43.16 -1.81
CA LYS B 181 -38.39 -41.80 -1.29
C LYS B 181 -37.01 -41.30 -0.87
N SER B 182 -35.99 -42.16 -0.96
CA SER B 182 -34.61 -41.77 -0.73
C SER B 182 -33.72 -42.74 -1.49
N ILE B 183 -32.45 -42.39 -1.61
CA ILE B 183 -31.47 -43.25 -2.27
C ILE B 183 -30.25 -43.36 -1.37
N HIS B 184 -29.65 -44.54 -1.36
CA HIS B 184 -28.57 -44.85 -0.44
C HIS B 184 -27.31 -45.21 -1.21
N PRO B 185 -26.13 -44.99 -0.61
CA PRO B 185 -24.87 -45.29 -1.32
C PRO B 185 -24.82 -46.65 -1.99
N ASN B 186 -25.37 -47.70 -1.38
CA ASN B 186 -25.28 -49.00 -2.01
C ASN B 186 -26.28 -49.22 -3.13
N ASP B 187 -27.31 -48.38 -3.24
CA ASP B 187 -28.13 -48.42 -4.44
C ASP B 187 -27.31 -48.09 -5.68
N ILE B 188 -26.17 -47.44 -5.50
CA ILE B 188 -25.28 -47.08 -6.59
C ILE B 188 -24.07 -48.01 -6.65
N ALA B 189 -23.38 -48.19 -5.52
CA ALA B 189 -22.21 -49.07 -5.51
C ALA B 189 -22.59 -50.52 -5.78
N LYS B 190 -23.76 -50.94 -5.32
CA LYS B 190 -24.26 -52.30 -5.55
C LYS B 190 -23.28 -53.35 -5.05
N LEU B 191 -22.72 -53.10 -3.86
CA LEU B 191 -21.88 -54.09 -3.22
C LEU B 191 -22.73 -55.29 -2.77
N PRO B 192 -22.15 -56.48 -2.75
CA PRO B 192 -22.84 -57.60 -2.10
C PRO B 192 -23.10 -57.26 -0.64
N GLU B 193 -24.22 -57.73 -0.13
CA GLU B 193 -24.61 -57.43 1.25
C GLU B 193 -23.51 -57.77 2.25
N GLU B 194 -22.72 -58.80 1.96
CA GLU B 194 -21.65 -59.23 2.85
C GLU B 194 -20.42 -58.33 2.79
N ASP B 195 -20.32 -57.44 1.80
CA ASP B 195 -19.20 -56.53 1.70
C ASP B 195 -19.53 -55.11 2.13
N LYS B 196 -20.74 -54.87 2.63
CA LYS B 196 -21.18 -53.50 2.86
C LYS B 196 -20.38 -52.78 3.94
N ALA B 197 -19.59 -53.49 4.74
CA ALA B 197 -18.71 -52.83 5.69
C ALA B 197 -17.74 -51.88 4.99
N GLN B 198 -17.43 -52.13 3.71
CA GLN B 198 -16.60 -51.20 2.93
C GLN B 198 -17.16 -49.79 2.95
N LEU B 199 -18.48 -49.65 2.95
CA LEU B 199 -19.11 -48.33 2.95
C LEU B 199 -18.83 -47.54 4.23
N GLN B 200 -18.26 -48.17 5.26
CA GLN B 200 -17.85 -47.44 6.46
C GLN B 200 -16.55 -46.66 6.24
N GLY B 201 -15.84 -46.92 5.14
CA GLY B 201 -14.72 -46.11 4.73
C GLY B 201 -15.05 -45.32 3.46
N LEU B 202 -14.19 -45.36 2.46
CA LEU B 202 -14.38 -44.62 1.22
C LEU B 202 -14.58 -45.61 0.08
N VAL B 203 -15.77 -45.65 -0.49
CA VAL B 203 -16.09 -46.49 -1.64
C VAL B 203 -16.21 -45.60 -2.88
N PRO B 204 -15.23 -45.62 -3.79
CA PRO B 204 -15.29 -44.68 -4.94
C PRO B 204 -16.54 -44.82 -5.79
N LYS B 205 -17.08 -46.04 -5.94
CA LYS B 205 -18.31 -46.21 -6.72
C LYS B 205 -19.53 -45.53 -6.08
N ALA B 206 -19.48 -45.25 -4.77
CA ALA B 206 -20.64 -44.65 -4.08
C ALA B 206 -20.62 -43.13 -4.25
N LYS B 207 -20.96 -42.71 -5.48
CA LYS B 207 -21.02 -41.29 -5.82
C LYS B 207 -22.32 -40.99 -6.52
N ALA B 208 -22.80 -39.75 -6.36
CA ALA B 208 -24.07 -39.33 -6.93
C ALA B 208 -24.03 -37.83 -7.15
N LYS B 209 -25.01 -37.34 -7.91
CA LYS B 209 -25.25 -35.92 -8.07
C LYS B 209 -26.46 -35.54 -7.23
N LEU B 210 -26.39 -34.38 -6.58
CA LEU B 210 -27.52 -33.88 -5.81
C LEU B 210 -28.55 -33.35 -6.80
N ASP B 211 -29.28 -34.28 -7.41
CA ASP B 211 -30.18 -34.00 -8.51
C ASP B 211 -31.65 -34.14 -8.13
N LYS B 212 -31.95 -34.35 -6.85
CA LYS B 212 -33.35 -34.47 -6.43
C LYS B 212 -33.49 -33.90 -5.02
N ASP B 213 -34.46 -33.00 -4.86
CA ASP B 213 -34.74 -32.40 -3.55
C ASP B 213 -35.36 -33.42 -2.61
N GLY B 214 -34.96 -33.37 -1.33
CA GLY B 214 -35.50 -34.29 -0.34
C GLY B 214 -35.38 -35.75 -0.73
N PHE B 215 -34.15 -36.20 -0.97
CA PHE B 215 -33.93 -37.53 -1.52
C PHE B 215 -32.61 -38.12 -1.08
N TYR B 216 -31.62 -37.28 -0.81
CA TYR B 216 -30.29 -37.76 -0.42
C TYR B 216 -30.09 -37.52 1.07
N PRO B 217 -30.07 -38.58 1.90
CA PRO B 217 -29.91 -38.39 3.34
C PRO B 217 -28.55 -37.83 3.73
N VAL B 218 -28.60 -36.86 4.65
CA VAL B 218 -27.41 -36.23 5.20
C VAL B 218 -26.49 -37.27 5.84
N GLU B 219 -27.07 -38.27 6.51
CA GLU B 219 -26.23 -39.22 7.23
C GLU B 219 -25.55 -40.23 6.32
N GLU B 220 -25.84 -40.21 5.02
CA GLU B 220 -25.20 -41.09 4.07
C GLU B 220 -24.41 -40.39 2.96
N TRP B 221 -24.59 -39.09 2.77
CA TRP B 221 -24.00 -38.39 1.63
C TRP B 221 -23.36 -37.09 2.09
N SER B 222 -22.14 -36.82 1.63
CA SER B 222 -21.40 -35.59 1.88
C SER B 222 -21.03 -34.94 0.55
N PRO B 223 -20.79 -33.63 0.53
CA PRO B 223 -20.17 -33.03 -0.66
C PRO B 223 -18.87 -33.76 -0.98
N ASP B 224 -18.68 -34.08 -2.26
CA ASP B 224 -17.51 -34.81 -2.70
C ASP B 224 -16.37 -33.84 -2.97
N PRO B 225 -15.35 -33.76 -2.12
CA PRO B 225 -14.26 -32.79 -2.38
C PRO B 225 -13.39 -33.18 -3.55
N SER B 226 -13.48 -34.42 -4.03
CA SER B 226 -12.73 -34.82 -5.21
C SER B 226 -13.38 -34.35 -6.51
N ARG B 227 -14.59 -33.79 -6.45
CA ARG B 227 -15.19 -33.21 -7.64
C ARG B 227 -15.57 -31.77 -7.30
N ASN B 228 -16.79 -31.34 -7.66
CA ASN B 228 -17.28 -30.00 -7.30
C ASN B 228 -16.32 -28.89 -7.70
N GLU B 229 -15.66 -29.04 -8.85
CA GLU B 229 -14.79 -27.96 -9.32
C GLU B 229 -15.59 -26.72 -9.68
N ASN B 230 -16.86 -26.89 -10.08
CA ASN B 230 -17.72 -25.81 -10.53
C ASN B 230 -18.80 -25.48 -9.51
N SER B 231 -18.57 -25.82 -8.24
CA SER B 231 -19.45 -25.47 -7.14
C SER B 231 -18.60 -24.97 -5.96
N ARG B 232 -19.21 -24.18 -5.09
CA ARG B 232 -18.65 -23.83 -3.80
C ARG B 232 -19.61 -24.30 -2.71
N TYR B 233 -19.06 -24.95 -1.68
CA TYR B 233 -19.90 -25.37 -0.56
C TYR B 233 -19.19 -25.06 0.76
N TYR B 234 -20.00 -24.88 1.80
CA TYR B 234 -19.55 -24.42 3.10
C TYR B 234 -20.39 -25.15 4.15
N GLY B 235 -19.75 -25.93 5.03
CA GLY B 235 -20.47 -26.72 6.00
C GLY B 235 -19.84 -26.67 7.38
N SER B 236 -20.68 -26.94 8.39
CA SER B 236 -20.20 -27.06 9.76
C SER B 236 -21.07 -28.06 10.49
N PHE B 237 -20.48 -28.75 11.45
CA PHE B 237 -21.22 -29.73 12.24
C PHE B 237 -20.76 -29.64 13.68
N VAL B 238 -21.73 -29.60 14.60
CA VAL B 238 -21.49 -29.74 16.03
C VAL B 238 -22.41 -30.84 16.52
N GLY B 239 -21.84 -31.95 17.01
CA GLY B 239 -22.61 -33.13 17.36
C GLY B 239 -23.15 -33.12 18.78
N GLY B 240 -23.49 -34.31 19.26
CA GLY B 240 -24.07 -34.47 20.59
C GLY B 240 -25.56 -34.20 20.62
N LEU B 241 -26.21 -34.68 21.69
CA LEU B 241 -27.66 -34.58 21.83
C LEU B 241 -28.13 -33.40 22.68
N GLN B 242 -27.27 -32.83 23.53
CA GLN B 242 -27.68 -31.72 24.40
C GLN B 242 -26.90 -30.44 24.13
N THR B 243 -26.13 -30.39 23.06
CA THR B 243 -25.31 -29.23 22.75
C THR B 243 -26.19 -28.02 22.48
N PRO B 244 -25.86 -26.85 23.04
CA PRO B 244 -26.63 -25.64 22.74
C PRO B 244 -26.48 -25.26 21.28
N PRO B 245 -27.58 -25.07 20.56
CA PRO B 245 -27.47 -24.59 19.18
C PRO B 245 -26.90 -23.20 19.16
N ASN B 246 -26.01 -22.95 18.21
CA ASN B 246 -25.33 -21.67 18.06
C ASN B 246 -25.52 -21.22 16.62
N LEU B 247 -26.34 -20.18 16.40
CA LEU B 247 -26.71 -19.74 15.05
C LEU B 247 -26.69 -18.22 14.98
N GLN B 248 -26.29 -17.70 13.83
CA GLN B 248 -26.25 -16.27 13.59
C GLN B 248 -27.16 -15.92 12.41
N PHE B 249 -27.56 -14.66 12.36
CA PHE B 249 -28.39 -14.17 11.27
C PHE B 249 -28.15 -12.68 11.08
N THR B 250 -27.91 -12.27 9.84
CA THR B 250 -27.59 -10.88 9.53
C THR B 250 -27.72 -10.69 8.03
N ASN B 251 -28.09 -9.48 7.62
CA ASN B 251 -28.13 -9.17 6.19
C ASN B 251 -26.94 -8.34 5.74
N ALA B 252 -25.87 -8.28 6.54
CA ALA B 252 -24.74 -7.40 6.24
C ALA B 252 -23.49 -8.17 5.83
N VAL B 253 -23.60 -9.45 5.54
N VAL B 253 -23.61 -9.45 5.48
CA VAL B 253 -22.45 -10.25 5.15
CA VAL B 253 -22.48 -10.32 5.20
C VAL B 253 -22.77 -10.96 3.83
C VAL B 253 -22.75 -11.08 3.91
N SER B 254 -21.75 -11.14 3.03
CA SER B 254 -21.82 -11.89 1.78
C SER B 254 -20.67 -12.89 1.71
N THR B 255 -20.87 -13.93 0.93
CA THR B 255 -19.83 -14.91 0.63
C THR B 255 -19.38 -14.71 -0.82
N VAL B 256 -18.08 -14.49 -1.01
CA VAL B 256 -17.54 -14.36 -2.36
C VAL B 256 -17.31 -15.75 -2.94
N LEU B 257 -17.85 -16.00 -4.13
CA LEU B 257 -17.79 -17.32 -4.76
C LEU B 257 -16.65 -17.47 -5.76
N LEU B 258 -15.88 -16.41 -6.01
CA LEU B 258 -14.76 -16.49 -6.93
C LEU B 258 -13.66 -17.39 -6.37
N ASP B 259 -13.02 -18.15 -7.24
CA ASP B 259 -11.91 -19.01 -6.81
C ASP B 259 -10.62 -18.20 -6.78
N GLU B 260 -9.50 -18.90 -6.65
CA GLU B 260 -8.21 -18.22 -6.55
C GLU B 260 -7.82 -17.51 -7.84
N ASN B 261 -8.42 -17.90 -8.97
CA ASN B 261 -8.18 -17.23 -10.24
C ASN B 261 -9.21 -16.14 -10.54
N GLY B 262 -10.08 -15.83 -9.59
CA GLY B 262 -11.11 -14.84 -9.84
C GLY B 262 -12.31 -15.34 -10.60
N VAL B 263 -12.50 -16.65 -10.72
CA VAL B 263 -13.60 -17.24 -11.47
C VAL B 263 -14.61 -17.88 -10.52
N GLY B 264 -15.88 -17.52 -10.69
CA GLY B 264 -16.96 -18.12 -9.92
C GLY B 264 -17.56 -19.29 -10.66
N PRO B 265 -18.50 -19.99 -10.03
CA PRO B 265 -19.22 -21.06 -10.73
C PRO B 265 -19.82 -20.57 -12.03
N LEU B 266 -19.70 -21.39 -13.07
CA LEU B 266 -20.18 -21.06 -14.41
C LEU B 266 -21.39 -21.94 -14.73
N CYS B 267 -22.52 -21.30 -15.04
CA CYS B 267 -23.82 -21.96 -15.04
C CYS B 267 -24.04 -22.72 -16.34
N LYS B 268 -23.87 -24.04 -16.29
CA LYS B 268 -24.06 -24.85 -17.47
C LYS B 268 -25.54 -24.97 -17.81
N GLY B 269 -25.84 -24.87 -19.10
CA GLY B 269 -27.23 -24.83 -19.54
C GLY B 269 -28.01 -23.66 -19.00
N ASP B 270 -27.31 -22.60 -18.58
CA ASP B 270 -27.93 -21.41 -17.98
C ASP B 270 -28.73 -21.77 -16.73
N GLY B 271 -28.27 -22.78 -15.99
CA GLY B 271 -28.90 -23.20 -14.74
C GLY B 271 -28.01 -22.89 -13.55
N LEU B 272 -28.61 -22.29 -12.52
CA LEU B 272 -27.96 -22.03 -11.24
C LEU B 272 -28.48 -23.02 -10.20
N PHE B 273 -27.57 -23.69 -9.49
CA PHE B 273 -27.88 -24.81 -8.61
C PHE B 273 -27.56 -24.41 -7.18
N VAL B 274 -28.56 -24.45 -6.31
CA VAL B 274 -28.36 -24.13 -4.90
C VAL B 274 -28.80 -25.31 -4.05
N SER B 275 -28.08 -25.54 -2.95
N SER B 275 -28.09 -25.54 -2.94
CA SER B 275 -28.30 -26.69 -2.09
CA SER B 275 -28.39 -26.67 -2.07
C SER B 275 -28.00 -26.32 -0.64
C SER B 275 -28.02 -26.32 -0.64
N CYS B 276 -28.64 -27.03 0.29
CA CYS B 276 -28.39 -26.77 1.71
C CYS B 276 -28.93 -27.91 2.56
N ALA B 277 -28.56 -27.86 3.83
CA ALA B 277 -29.13 -28.71 4.87
C ALA B 277 -28.92 -27.96 6.16
N ASP B 278 -29.97 -27.87 7.00
CA ASP B 278 -29.89 -27.08 8.22
C ASP B 278 -30.63 -27.83 9.32
N ILE B 279 -29.98 -28.88 9.83
CA ILE B 279 -30.46 -29.49 11.06
C ILE B 279 -30.09 -28.57 12.21
N CYS B 280 -31.09 -28.12 12.96
CA CYS B 280 -30.90 -27.16 14.03
C CYS B 280 -30.92 -27.78 15.42
N GLY B 281 -31.17 -29.09 15.51
CA GLY B 281 -31.20 -29.76 16.79
C GLY B 281 -32.27 -30.85 16.77
N VAL B 282 -32.58 -31.34 17.96
CA VAL B 282 -33.58 -32.39 18.10
C VAL B 282 -34.61 -31.99 19.15
N LEU B 283 -35.80 -32.55 19.00
CA LEU B 283 -36.84 -32.54 20.02
C LEU B 283 -36.83 -33.90 20.70
N VAL B 284 -37.01 -33.92 22.02
CA VAL B 284 -37.07 -35.16 22.78
C VAL B 284 -38.53 -35.41 23.18
N LYS B 285 -39.05 -36.59 22.84
CA LYS B 285 -40.44 -36.94 23.13
C LYS B 285 -40.62 -37.31 24.60
N ALA B 286 -41.72 -36.82 25.20
CA ALA B 286 -41.96 -37.09 26.60
C ALA B 286 -42.26 -38.57 26.85
N ASP B 287 -42.97 -39.24 25.94
CA ASP B 287 -43.50 -40.56 26.31
C ASP B 287 -42.50 -41.69 26.13
N ASN B 288 -41.45 -41.50 25.32
CA ASN B 288 -40.42 -42.53 25.22
C ASN B 288 -39.00 -41.98 25.15
N GLU B 289 -38.80 -40.66 25.22
CA GLU B 289 -37.50 -39.99 25.14
C GLU B 289 -36.81 -40.17 23.80
N ALA B 290 -37.51 -40.62 22.77
CA ALA B 290 -36.94 -40.70 21.44
C ALA B 290 -36.93 -39.31 20.81
N ILE B 291 -36.28 -39.17 19.64
CA ILE B 291 -36.02 -37.83 19.13
C ILE B 291 -36.58 -37.63 17.72
N ARG B 292 -36.86 -36.36 17.40
CA ARG B 292 -37.09 -35.89 16.04
C ARG B 292 -36.11 -34.76 15.75
N TYR B 293 -35.53 -34.75 14.56
CA TYR B 293 -34.74 -33.61 14.10
C TYR B 293 -35.65 -32.45 13.73
N ARG B 294 -35.15 -31.23 13.92
CA ARG B 294 -35.84 -30.01 13.51
C ARG B 294 -34.94 -29.23 12.54
N GLY B 295 -35.50 -28.79 11.41
CA GLY B 295 -34.79 -27.98 10.46
C GLY B 295 -35.50 -26.65 10.22
N LEU B 296 -34.79 -25.71 9.61
CA LEU B 296 -35.34 -24.39 9.33
C LEU B 296 -35.08 -24.01 7.87
N PRO B 297 -35.92 -23.15 7.30
CA PRO B 297 -35.74 -22.77 5.89
C PRO B 297 -34.56 -21.83 5.71
N ARG B 298 -33.97 -21.88 4.51
CA ARG B 298 -32.81 -21.07 4.17
C ARG B 298 -33.10 -20.23 2.93
N TYR B 299 -32.73 -18.95 2.99
CA TYR B 299 -32.84 -17.99 1.92
C TYR B 299 -31.51 -17.85 1.19
N PHE B 300 -31.57 -17.65 -0.13
CA PHE B 300 -30.40 -17.39 -0.97
C PHE B 300 -30.65 -16.14 -1.80
N LYS B 301 -29.62 -15.30 -1.92
CA LYS B 301 -29.59 -14.23 -2.92
C LYS B 301 -28.24 -14.32 -3.61
N VAL B 302 -28.25 -14.66 -4.89
CA VAL B 302 -27.01 -14.89 -5.64
C VAL B 302 -26.88 -13.80 -6.70
N THR B 303 -25.72 -13.15 -6.74
CA THR B 303 -25.41 -12.12 -7.70
C THR B 303 -24.56 -12.73 -8.80
N LEU B 304 -24.91 -12.45 -10.07
CA LEU B 304 -24.24 -13.08 -11.19
C LEU B 304 -23.84 -12.03 -12.21
N ARG B 305 -22.78 -12.33 -12.95
CA ARG B 305 -22.35 -11.54 -14.09
C ARG B 305 -22.18 -12.49 -15.28
N LYS B 306 -21.82 -11.94 -16.44
CA LYS B 306 -21.61 -12.72 -17.65
C LYS B 306 -20.12 -12.85 -17.95
N ARG B 307 -19.72 -14.03 -18.40
CA ARG B 307 -18.33 -14.26 -18.79
C ARG B 307 -18.29 -15.01 -20.12
N ALA B 308 -17.46 -14.53 -21.04
CA ALA B 308 -17.22 -15.27 -22.28
C ALA B 308 -16.19 -16.36 -22.04
N VAL B 309 -16.46 -17.56 -22.58
CA VAL B 309 -15.60 -18.72 -22.37
C VAL B 309 -15.39 -19.46 -23.69
N LYS B 310 -14.25 -20.14 -23.78
CA LYS B 310 -13.96 -21.02 -24.91
C LYS B 310 -14.85 -22.26 -24.88
N ASN B 311 -15.31 -22.68 -26.05
CA ASN B 311 -16.24 -23.80 -26.16
C ASN B 311 -15.61 -24.98 -26.86
N GLU C 27 -33.31 6.57 -6.31
CA GLU C 27 -32.04 6.76 -7.00
C GLU C 27 -31.08 7.62 -6.17
N VAL C 28 -30.04 6.98 -5.64
CA VAL C 28 -29.14 7.61 -4.69
C VAL C 28 -28.07 8.41 -5.43
N LEU C 29 -27.93 9.69 -5.06
CA LEU C 29 -26.90 10.55 -5.64
C LEU C 29 -25.74 10.70 -4.66
N ASN C 30 -25.05 11.85 -4.70
CA ASN C 30 -23.82 12.03 -3.94
C ASN C 30 -24.11 12.62 -2.56
N ILE C 31 -23.17 12.36 -1.63
CA ILE C 31 -23.21 12.98 -0.32
C ILE C 31 -23.10 14.50 -0.45
N ILE C 32 -23.80 15.21 0.43
CA ILE C 32 -23.69 16.67 0.54
C ILE C 32 -22.81 16.99 1.75
N THR C 33 -21.66 17.60 1.50
CA THR C 33 -20.71 17.95 2.54
C THR C 33 -21.10 19.24 3.25
N ALA C 37 -23.97 19.16 8.34
CA ALA C 37 -24.19 18.10 7.37
C ALA C 37 -24.28 16.70 8.02
N THR C 38 -23.96 16.62 9.31
CA THR C 38 -24.10 15.38 10.07
C THR C 38 -24.90 15.64 11.34
N THR C 39 -25.27 14.55 12.00
CA THR C 39 -26.02 14.60 13.24
C THR C 39 -25.89 13.24 13.91
N GLU C 40 -26.05 13.22 15.23
CA GLU C 40 -26.05 11.98 16.00
C GLU C 40 -27.30 11.93 16.85
N ILE C 41 -27.89 10.76 16.97
CA ILE C 41 -29.01 10.58 17.88
C ILE C 41 -28.67 9.41 18.80
N GLU C 42 -29.24 9.43 20.00
CA GLU C 42 -29.07 8.32 20.90
C GLU C 42 -30.41 7.98 21.53
N LEU C 43 -30.55 6.72 21.94
CA LEU C 43 -31.77 6.33 22.64
C LEU C 43 -31.58 4.97 23.29
N TRP C 44 -32.47 4.68 24.24
CA TRP C 44 -32.55 3.40 24.93
C TRP C 44 -33.83 2.68 24.51
N LEU C 45 -33.75 1.36 24.34
CA LEU C 45 -34.94 0.53 24.16
C LEU C 45 -35.04 -0.38 25.39
N GLU C 46 -36.11 -0.23 26.14
CA GLU C 46 -36.30 -1.12 27.27
C GLU C 46 -36.79 -2.49 26.80
N PRO C 47 -36.44 -3.57 27.49
CA PRO C 47 -36.85 -4.90 27.03
C PRO C 47 -38.35 -5.12 27.09
N ARG C 48 -38.84 -5.94 26.17
CA ARG C 48 -40.24 -6.32 26.07
C ARG C 48 -40.35 -7.84 26.16
N MET C 49 -40.03 -8.38 27.34
CA MET C 49 -40.03 -9.82 27.54
C MET C 49 -41.43 -10.39 27.77
N GLY C 50 -42.45 -9.55 27.86
CA GLY C 50 -43.81 -10.03 28.08
C GLY C 50 -44.50 -9.18 29.13
N VAL C 51 -43.89 -9.07 30.31
CA VAL C 51 -44.32 -8.10 31.30
C VAL C 51 -43.68 -6.78 30.90
N ASN C 52 -44.45 -5.93 30.23
CA ASN C 52 -43.87 -4.82 29.47
C ASN C 52 -44.06 -3.47 30.15
N ALA C 53 -44.60 -3.43 31.37
CA ALA C 53 -44.73 -2.19 32.09
C ALA C 53 -44.66 -2.51 33.57
N PRO C 54 -44.02 -1.66 34.35
CA PRO C 54 -43.97 -1.89 35.81
C PRO C 54 -45.24 -1.40 36.51
N THR C 55 -46.37 -2.03 36.16
CA THR C 55 -47.69 -1.62 36.64
C THR C 55 -48.54 -2.86 36.86
N GLY C 56 -49.61 -2.69 37.64
CA GLY C 56 -50.55 -3.79 37.83
C GLY C 56 -49.96 -4.86 38.74
N ASP C 57 -50.67 -5.99 38.78
CA ASP C 57 -50.27 -7.06 39.71
C ASP C 57 -48.99 -7.76 39.28
N ARG C 58 -48.59 -7.64 38.01
CA ARG C 58 -47.35 -8.25 37.52
C ARG C 58 -46.16 -7.31 37.57
N LYS C 59 -46.33 -6.13 38.17
CA LYS C 59 -45.32 -5.07 38.15
C LYS C 59 -43.94 -5.57 38.55
N GLU C 60 -43.84 -6.41 39.59
CA GLU C 60 -42.54 -6.86 40.07
C GLU C 60 -41.76 -7.66 39.04
N TRP C 61 -42.39 -8.12 37.96
CA TRP C 61 -41.73 -8.95 36.96
C TRP C 61 -41.47 -8.20 35.65
N TYR C 62 -41.48 -6.87 35.72
CA TYR C 62 -41.15 -6.04 34.56
C TYR C 62 -39.74 -6.35 34.08
N GLY C 63 -39.59 -6.50 32.77
CA GLY C 63 -38.31 -6.92 32.23
C GLY C 63 -38.12 -8.41 32.21
N TYR C 64 -39.10 -9.17 32.68
CA TYR C 64 -39.16 -10.61 32.58
C TYR C 64 -40.41 -11.01 31.80
N SER C 65 -40.47 -12.27 31.38
CA SER C 65 -41.71 -12.82 30.86
C SER C 65 -42.54 -13.37 32.01
N GLU C 66 -43.81 -13.64 31.72
CA GLU C 66 -44.63 -14.48 32.57
C GLU C 66 -44.12 -15.92 32.54
N VAL C 67 -44.57 -16.71 33.50
CA VAL C 67 -44.11 -18.10 33.65
C VAL C 67 -44.55 -18.94 32.47
N ILE C 68 -43.66 -19.83 32.02
CA ILE C 68 -43.93 -20.73 30.91
C ILE C 68 -43.71 -22.16 31.37
N HIS C 69 -44.68 -23.03 31.08
CA HIS C 69 -44.66 -24.45 31.39
C HIS C 69 -44.74 -25.26 30.11
N HIS C 70 -44.28 -26.53 30.20
CA HIS C 70 -44.15 -27.36 29.00
C HIS C 70 -45.45 -27.45 28.19
N ALA C 71 -46.60 -27.60 28.86
CA ALA C 71 -47.83 -27.82 28.10
C ALA C 71 -48.59 -26.53 27.80
N ASP C 72 -48.03 -25.35 28.12
CA ASP C 72 -48.70 -24.10 27.79
C ASP C 72 -48.86 -23.98 26.27
N GLY C 73 -50.00 -23.44 25.85
CA GLY C 73 -50.35 -23.45 24.45
C GLY C 73 -50.94 -24.75 23.95
N TYR C 74 -50.92 -25.81 24.76
CA TYR C 74 -51.62 -27.05 24.44
C TYR C 74 -52.80 -27.28 25.38
N ASP C 75 -52.58 -27.29 26.69
N ASP C 75 -52.55 -27.29 26.69
CA ASP C 75 -53.69 -27.42 27.62
CA ASP C 75 -53.61 -27.40 27.68
C ASP C 75 -54.16 -26.07 28.16
C ASP C 75 -54.32 -26.09 27.94
N ASN C 76 -53.72 -24.97 27.54
CA ASN C 76 -54.27 -23.65 27.79
C ASN C 76 -53.85 -22.75 26.62
N ASN C 77 -54.23 -21.48 26.69
CA ASN C 77 -53.81 -20.49 25.70
C ASN C 77 -52.49 -19.85 26.12
N LEU C 78 -51.55 -19.76 25.18
CA LEU C 78 -50.31 -19.05 25.43
C LEU C 78 -50.56 -17.56 25.31
N LEU C 79 -50.26 -16.81 26.38
CA LEU C 79 -50.53 -15.39 26.45
C LEU C 79 -49.36 -14.57 25.90
N SER C 80 -49.67 -13.33 25.50
CA SER C 80 -48.61 -12.43 25.03
CA SER C 80 -48.61 -12.43 25.03
C SER C 80 -47.55 -12.20 26.11
N VAL C 81 -47.98 -12.11 27.38
CA VAL C 81 -47.03 -11.90 28.46
C VAL C 81 -46.05 -13.05 28.59
N GLN C 82 -46.36 -14.20 28.01
CA GLN C 82 -45.46 -15.36 28.04
C GLN C 82 -44.51 -15.43 26.85
N MET C 83 -44.51 -14.41 25.99
CA MET C 83 -43.81 -14.49 24.70
C MET C 83 -42.96 -13.24 24.49
N PRO C 84 -41.64 -13.34 24.71
CA PRO C 84 -40.77 -12.18 24.48
C PRO C 84 -40.92 -11.60 23.09
N GLN C 85 -40.85 -10.27 23.00
CA GLN C 85 -41.14 -9.54 21.78
C GLN C 85 -39.98 -8.61 21.41
N TYR C 86 -39.99 -8.17 20.14
CA TYR C 86 -39.04 -7.18 19.70
C TYR C 86 -39.38 -5.82 20.28
N SER C 87 -38.35 -5.06 20.63
CA SER C 87 -38.45 -3.64 20.93
C SER C 87 -38.22 -2.84 19.65
N CYS C 88 -38.86 -1.68 19.55
CA CYS C 88 -38.61 -0.83 18.39
C CYS C 88 -39.04 0.60 18.68
N ALA C 89 -38.46 1.53 17.94
CA ALA C 89 -38.83 2.94 18.03
C ALA C 89 -38.50 3.62 16.71
N ARG C 90 -39.19 4.74 16.47
CA ARG C 90 -38.88 5.62 15.34
C ARG C 90 -38.44 6.94 15.92
N VAL C 91 -37.25 7.39 15.54
CA VAL C 91 -36.73 8.67 15.98
C VAL C 91 -36.97 9.68 14.86
N GLN C 92 -37.61 10.78 15.19
CA GLN C 92 -37.84 11.84 14.21
C GLN C 92 -36.57 12.65 14.03
N LEU C 93 -36.13 12.80 12.77
CA LEU C 93 -34.91 13.54 12.49
C LEU C 93 -35.24 14.94 12.03
N PRO C 94 -34.26 15.86 12.03
CA PRO C 94 -34.53 17.22 11.54
C PRO C 94 -35.04 17.20 10.11
N MET C 95 -36.06 18.02 9.85
CA MET C 95 -36.66 18.09 8.51
C MET C 95 -35.66 18.63 7.50
N LEU C 96 -35.65 18.03 6.32
CA LEU C 96 -34.56 18.25 5.36
C LEU C 96 -34.97 19.09 4.14
N ASN C 97 -36.18 18.92 3.63
CA ASN C 97 -36.59 19.53 2.37
C ASN C 97 -37.83 20.39 2.60
N THR C 98 -37.70 21.69 2.33
CA THR C 98 -38.80 22.64 2.49
C THR C 98 -39.80 22.57 1.34
N ASP C 99 -39.70 21.57 0.48
CA ASP C 99 -40.59 21.43 -0.68
C ASP C 99 -40.41 20.01 -1.19
N MET C 100 -41.40 19.15 -0.92
CA MET C 100 -41.30 17.74 -1.28
C MET C 100 -41.58 17.48 -2.76
N THR C 101 -41.90 18.52 -3.53
CA THR C 101 -42.12 18.33 -4.97
C THR C 101 -40.84 18.34 -5.77
N CYS C 102 -39.74 18.85 -5.20
CA CYS C 102 -38.50 19.06 -5.96
C CYS C 102 -37.93 17.74 -6.44
N GLU C 103 -37.32 17.77 -7.64
CA GLU C 103 -36.84 16.55 -8.29
C GLU C 103 -35.61 15.97 -7.60
N THR C 104 -34.83 16.81 -6.91
CA THR C 104 -33.70 16.35 -6.12
C THR C 104 -33.92 16.74 -4.67
N LEU C 105 -33.80 15.77 -3.78
CA LEU C 105 -34.06 15.97 -2.36
C LEU C 105 -32.89 15.44 -1.55
N MET C 106 -32.88 15.78 -0.27
CA MET C 106 -31.89 15.27 0.65
C MET C 106 -32.56 14.30 1.62
N MET C 107 -31.82 13.27 2.00
CA MET C 107 -32.28 12.30 2.98
C MET C 107 -31.17 12.10 3.99
N TRP C 108 -31.57 11.74 5.22
CA TRP C 108 -30.58 11.36 6.22
C TRP C 108 -30.13 9.93 5.94
N GLU C 109 -28.81 9.72 6.01
CA GLU C 109 -28.20 8.42 5.75
C GLU C 109 -27.51 7.97 7.03
N ALA C 110 -27.89 6.80 7.54
CA ALA C 110 -27.25 6.26 8.74
C ALA C 110 -25.91 5.63 8.35
N VAL C 111 -24.83 6.10 8.96
CA VAL C 111 -23.49 5.71 8.57
C VAL C 111 -22.89 4.67 9.51
N SER C 112 -23.09 4.84 10.81
CA SER C 112 -22.49 3.94 11.79
C SER C 112 -23.35 3.98 13.04
N CYS C 113 -23.10 3.02 13.93
CA CYS C 113 -23.82 3.01 15.19
CA CYS C 113 -23.88 2.89 15.15
C CYS C 113 -22.99 2.31 16.25
N LYS C 114 -23.18 2.77 17.47
CA LYS C 114 -22.66 2.11 18.65
C LYS C 114 -23.87 1.59 19.41
N THR C 115 -23.77 0.36 19.90
CA THR C 115 -24.90 -0.20 20.63
C THR C 115 -24.37 -1.09 21.73
N GLU C 116 -25.15 -1.20 22.82
CA GLU C 116 -24.65 -1.80 24.04
C GLU C 116 -25.83 -2.31 24.85
N VAL C 117 -25.67 -3.50 25.45
CA VAL C 117 -26.64 -4.04 26.41
C VAL C 117 -26.15 -3.66 27.81
N VAL C 118 -26.98 -2.94 28.56
CA VAL C 118 -26.58 -2.41 29.85
C VAL C 118 -27.08 -3.35 30.94
N GLY C 119 -26.42 -3.32 32.09
CA GLY C 119 -26.87 -4.13 33.21
C GLY C 119 -26.35 -5.55 33.23
N ILE C 120 -25.33 -5.85 32.44
CA ILE C 120 -24.83 -7.23 32.34
C ILE C 120 -24.33 -7.74 33.68
N GLY C 121 -23.72 -6.86 34.48
CA GLY C 121 -23.23 -7.28 35.79
C GLY C 121 -24.33 -7.82 36.69
N SER C 122 -25.57 -7.35 36.49
CA SER C 122 -26.71 -7.85 37.27
C SER C 122 -26.93 -9.35 37.08
N LEU C 123 -26.39 -9.95 36.01
CA LEU C 123 -26.59 -11.36 35.75
C LEU C 123 -25.76 -12.27 36.64
N ILE C 124 -24.88 -11.72 37.49
CA ILE C 124 -24.15 -12.55 38.44
C ILE C 124 -25.00 -12.98 39.63
N SER C 125 -26.19 -12.41 39.80
CA SER C 125 -26.94 -12.61 41.03
C SER C 125 -27.29 -14.08 41.24
N VAL C 126 -27.03 -14.59 42.45
CA VAL C 126 -27.47 -15.93 42.81
C VAL C 126 -28.40 -15.86 44.02
N HIS C 127 -29.13 -14.75 44.14
CA HIS C 127 -30.18 -14.55 45.14
C HIS C 127 -31.44 -14.03 44.47
N LEU C 128 -31.81 -14.67 43.36
CA LEU C 128 -32.96 -14.24 42.58
C LEU C 128 -34.25 -14.64 43.27
N LEU C 129 -35.15 -13.66 43.44
CA LEU C 129 -36.44 -13.93 44.09
C LEU C 129 -37.16 -15.07 43.41
N GLU C 130 -37.66 -15.99 44.22
CA GLU C 130 -38.49 -17.14 43.84
C GLU C 130 -37.73 -18.20 43.06
N ALA C 131 -36.42 -18.05 42.86
CA ALA C 131 -35.68 -18.93 41.98
C ALA C 131 -35.24 -20.22 42.68
N LYS C 132 -35.20 -21.30 41.90
CA LYS C 132 -34.73 -22.61 42.35
C LYS C 132 -33.34 -22.52 42.97
N MET C 133 -33.13 -23.30 44.03
CA MET C 133 -31.81 -23.36 44.66
C MET C 133 -30.92 -24.35 43.93
N GLU C 134 -29.69 -23.95 43.65
CA GLU C 134 -28.71 -24.79 42.96
C GLU C 134 -27.84 -25.48 44.03
N ALA C 135 -28.42 -26.50 44.66
CA ALA C 135 -27.75 -27.28 45.70
C ALA C 135 -28.65 -28.47 46.04
N GLY C 136 -28.14 -29.35 46.90
CA GLY C 136 -28.89 -30.51 47.34
C GLY C 136 -30.09 -30.14 48.20
N PRO C 137 -31.04 -31.07 48.33
CA PRO C 137 -32.34 -30.72 48.94
C PRO C 137 -32.27 -30.28 50.40
N ASN C 138 -31.20 -30.58 51.13
CA ASN C 138 -31.08 -30.16 52.52
C ASN C 138 -30.04 -29.06 52.71
N SER C 139 -29.58 -28.45 51.62
CA SER C 139 -28.57 -27.41 51.69
C SER C 139 -29.20 -26.03 51.73
N ASP C 140 -28.34 -25.01 51.76
CA ASP C 140 -28.72 -23.60 51.74
C ASP C 140 -27.73 -22.90 50.81
N GLY C 141 -27.79 -23.25 49.52
CA GLY C 141 -26.86 -22.74 48.54
C GLY C 141 -27.38 -21.56 47.75
N PRO C 142 -26.70 -21.23 46.66
CA PRO C 142 -27.12 -20.09 45.84
C PRO C 142 -28.35 -20.45 45.03
N SER C 143 -29.04 -19.41 44.54
CA SER C 143 -30.05 -19.68 43.54
C SER C 143 -29.38 -20.01 42.20
N ARG C 144 -30.10 -20.70 41.34
CA ARG C 144 -29.70 -20.72 39.94
C ARG C 144 -29.60 -19.28 39.46
N PRO C 145 -28.53 -18.90 38.77
CA PRO C 145 -28.48 -17.57 38.14
C PRO C 145 -29.14 -17.61 36.78
N ILE C 146 -29.34 -16.41 36.22
CA ILE C 146 -29.88 -16.32 34.87
C ILE C 146 -28.96 -17.08 33.93
N GLU C 147 -29.52 -18.04 33.19
CA GLU C 147 -28.71 -18.78 32.22
C GLU C 147 -29.66 -19.35 31.18
N GLY C 148 -29.08 -20.05 30.21
CA GLY C 148 -29.88 -20.60 29.14
C GLY C 148 -29.92 -19.72 27.92
N MET C 149 -30.99 -19.88 27.13
CA MET C 149 -31.06 -19.32 25.78
CA MET C 149 -31.00 -19.34 25.78
C MET C 149 -30.81 -17.83 25.77
N ASN C 150 -29.90 -17.39 24.90
CA ASN C 150 -29.62 -16.00 24.65
C ASN C 150 -29.98 -15.72 23.20
N TYR C 151 -30.80 -14.69 22.98
CA TYR C 151 -31.17 -14.26 21.64
C TYR C 151 -30.94 -12.76 21.59
N HIS C 152 -30.00 -12.33 20.75
CA HIS C 152 -29.62 -10.94 20.70
C HIS C 152 -29.64 -10.47 19.26
N MET C 153 -30.38 -9.39 19.00
CA MET C 153 -30.44 -8.79 17.68
C MET C 153 -30.59 -7.29 17.83
N PHE C 154 -29.93 -6.53 16.96
CA PHE C 154 -30.22 -5.11 16.85
C PHE C 154 -30.28 -4.77 15.36
N ALA C 155 -31.07 -3.74 15.05
CA ALA C 155 -31.26 -3.32 13.68
C ALA C 155 -31.36 -1.80 13.61
N VAL C 156 -30.88 -1.25 12.50
CA VAL C 156 -31.01 0.17 12.23
C VAL C 156 -31.42 0.29 10.76
N GLY C 157 -32.45 1.10 10.49
CA GLY C 157 -32.92 1.22 9.12
C GLY C 157 -33.65 2.51 8.85
N GLY C 158 -33.94 2.74 7.57
CA GLY C 158 -34.65 3.93 7.15
C GLY C 158 -36.15 3.75 7.07
N GLU C 159 -36.65 2.60 7.51
CA GLU C 159 -38.06 2.27 7.53
C GLU C 159 -38.23 1.09 8.48
N PRO C 160 -39.47 0.68 8.80
CA PRO C 160 -39.64 -0.44 9.74
C PRO C 160 -38.94 -1.70 9.26
N LEU C 161 -38.44 -2.48 10.22
CA LEU C 161 -37.82 -3.76 9.89
C LEU C 161 -38.85 -4.72 9.29
N ASP C 162 -38.47 -5.41 8.22
CA ASP C 162 -39.34 -6.42 7.62
C ASP C 162 -39.20 -7.73 8.38
N LEU C 163 -40.34 -8.37 8.71
CA LEU C 163 -40.39 -9.61 9.46
C LEU C 163 -40.99 -10.73 8.63
N GLN C 164 -40.46 -11.93 8.82
CA GLN C 164 -41.00 -13.17 8.24
C GLN C 164 -41.47 -14.04 9.40
N GLY C 165 -42.64 -14.66 9.22
CA GLY C 165 -43.28 -15.42 10.29
C GLY C 165 -43.01 -16.91 10.20
N ILE C 166 -43.11 -17.57 11.36
CA ILE C 166 -42.91 -19.02 11.45
C ILE C 166 -43.59 -19.49 12.73
N GLU C 167 -43.82 -20.79 12.84
CA GLU C 167 -44.29 -21.41 14.07
C GLU C 167 -43.46 -22.66 14.33
N SER C 168 -42.95 -22.80 15.57
CA SER C 168 -42.34 -24.08 15.93
C SER C 168 -43.39 -25.18 16.01
N ASN C 169 -44.60 -24.87 16.50
CA ASN C 169 -45.74 -25.79 16.49
C ASN C 169 -46.90 -25.08 15.80
N GLY C 170 -47.28 -25.55 14.61
CA GLY C 170 -48.32 -24.86 13.86
C GLY C 170 -49.62 -24.69 14.61
N GLN C 171 -49.96 -25.64 15.48
CA GLN C 171 -51.25 -25.63 16.16
C GLN C 171 -51.19 -25.08 17.59
N THR C 172 -50.12 -24.38 17.95
CA THR C 172 -50.06 -23.71 19.25
C THR C 172 -51.28 -22.82 19.46
N LYS C 173 -51.90 -22.92 20.65
CA LYS C 173 -53.09 -22.14 20.98
C LYS C 173 -52.69 -20.79 21.55
N TYR C 174 -53.18 -19.72 20.93
CA TYR C 174 -52.90 -18.37 21.41
C TYR C 174 -54.17 -17.71 21.95
N ALA C 175 -53.98 -16.88 22.97
CA ALA C 175 -55.08 -16.13 23.53
C ALA C 175 -55.61 -15.11 22.53
N THR C 176 -56.88 -14.78 22.65
CA THR C 176 -57.51 -13.76 21.84
C THR C 176 -57.99 -12.65 22.77
N ALA C 177 -57.13 -11.63 22.95
CA ALA C 177 -57.53 -10.42 23.63
C ALA C 177 -58.03 -9.40 22.60
N ILE C 178 -59.00 -8.61 23.01
CA ILE C 178 -59.47 -7.48 22.20
C ILE C 178 -59.36 -6.22 23.06
N PRO C 179 -58.49 -5.26 22.69
CA PRO C 179 -57.65 -5.37 21.50
C PRO C 179 -56.54 -6.41 21.68
N ALA C 180 -55.95 -6.86 20.57
CA ALA C 180 -54.89 -7.85 20.64
C ALA C 180 -53.67 -7.27 21.35
N LYS C 181 -52.96 -8.12 22.09
CA LYS C 181 -51.73 -7.72 22.76
C LYS C 181 -50.47 -8.19 22.04
N SER C 182 -50.63 -8.91 20.93
CA SER C 182 -49.54 -9.39 20.10
C SER C 182 -50.15 -9.85 18.79
N ILE C 183 -49.32 -10.01 17.77
CA ILE C 183 -49.80 -10.50 16.48
C ILE C 183 -48.98 -11.71 16.06
N HIS C 184 -49.66 -12.69 15.47
CA HIS C 184 -49.07 -13.97 15.12
C HIS C 184 -49.09 -14.15 13.60
N PRO C 185 -48.12 -14.92 13.05
CA PRO C 185 -48.07 -15.11 11.59
C PRO C 185 -49.40 -15.44 10.92
N ASN C 186 -50.22 -16.30 11.52
CA ASN C 186 -51.46 -16.65 10.84
C ASN C 186 -52.54 -15.58 10.97
N ASP C 187 -52.38 -14.60 11.85
CA ASP C 187 -53.26 -13.43 11.79
C ASP C 187 -53.12 -12.72 10.45
N ILE C 188 -51.97 -12.85 9.80
CA ILE C 188 -51.75 -12.27 8.48
C ILE C 188 -51.92 -13.29 7.37
N ALA C 189 -51.38 -14.50 7.55
CA ALA C 189 -51.49 -15.51 6.50
C ALA C 189 -52.92 -16.04 6.40
N LYS C 190 -53.60 -16.17 7.53
CA LYS C 190 -54.99 -16.61 7.58
C LYS C 190 -55.18 -17.96 6.90
N LEU C 191 -54.26 -18.88 7.16
CA LEU C 191 -54.45 -20.25 6.70
C LEU C 191 -55.62 -20.89 7.46
N PRO C 192 -56.35 -21.80 6.81
CA PRO C 192 -57.29 -22.64 7.55
C PRO C 192 -56.57 -23.41 8.64
N GLU C 193 -57.29 -23.68 9.73
CA GLU C 193 -56.66 -24.29 10.89
C GLU C 193 -56.01 -25.62 10.53
N GLU C 194 -56.62 -26.38 9.62
CA GLU C 194 -56.03 -27.66 9.23
C GLU C 194 -54.80 -27.49 8.33
N ASP C 195 -54.44 -26.26 7.94
CA ASP C 195 -53.27 -26.04 7.11
C ASP C 195 -52.14 -25.33 7.86
N LYS C 196 -52.30 -25.11 9.17
CA LYS C 196 -51.31 -24.32 9.91
C LYS C 196 -49.96 -25.03 10.05
N ALA C 197 -49.86 -26.32 9.75
CA ALA C 197 -48.56 -26.97 9.73
C ALA C 197 -47.64 -26.36 8.68
N GLN C 198 -48.20 -25.66 7.71
CA GLN C 198 -47.37 -24.98 6.71
C GLN C 198 -46.46 -23.95 7.36
N LEU C 199 -46.89 -23.37 8.49
CA LEU C 199 -46.11 -22.34 9.17
C LEU C 199 -44.87 -22.89 9.85
N GLN C 200 -44.70 -24.22 9.91
CA GLN C 200 -43.45 -24.79 10.38
C GLN C 200 -42.37 -24.73 9.33
N GLY C 201 -42.73 -24.35 8.10
CA GLY C 201 -41.77 -24.07 7.06
C GLY C 201 -41.77 -22.61 6.71
N LEU C 202 -41.76 -22.28 5.41
CA LEU C 202 -41.75 -20.91 4.93
C LEU C 202 -43.09 -20.63 4.25
N VAL C 203 -43.89 -19.75 4.85
CA VAL C 203 -45.15 -19.31 4.26
C VAL C 203 -44.94 -17.87 3.80
N PRO C 204 -44.88 -17.61 2.49
CA PRO C 204 -44.57 -16.24 2.02
C PRO C 204 -45.61 -15.20 2.43
N LYS C 205 -46.87 -15.59 2.63
CA LYS C 205 -47.88 -14.62 3.03
C LYS C 205 -47.70 -14.16 4.49
N ALA C 206 -46.94 -14.89 5.31
CA ALA C 206 -46.72 -14.51 6.71
C ALA C 206 -45.55 -13.53 6.82
N LYS C 207 -45.84 -12.29 6.40
CA LYS C 207 -44.87 -11.21 6.51
C LYS C 207 -45.53 -10.01 7.17
N ALA C 208 -44.72 -9.20 7.84
CA ALA C 208 -45.20 -8.00 8.52
C ALA C 208 -44.04 -7.03 8.67
N LYS C 209 -44.38 -5.79 9.01
CA LYS C 209 -43.40 -4.78 9.39
C LYS C 209 -43.37 -4.66 10.89
N LEU C 210 -42.17 -4.49 11.44
CA LEU C 210 -41.97 -4.23 12.86
C LEU C 210 -42.39 -2.79 13.14
N ASP C 211 -43.70 -2.59 13.26
CA ASP C 211 -44.29 -1.26 13.37
C ASP C 211 -44.89 -0.98 14.74
N LYS C 212 -44.67 -1.86 15.71
CA LYS C 212 -45.24 -1.66 17.03
C LYS C 212 -44.34 -2.32 18.06
N ASP C 213 -43.90 -1.52 19.04
CA ASP C 213 -43.08 -2.01 20.13
C ASP C 213 -43.84 -2.99 21.02
N GLY C 214 -43.16 -4.05 21.44
CA GLY C 214 -43.74 -5.06 22.32
C GLY C 214 -45.02 -5.69 21.78
N PHE C 215 -44.95 -6.28 20.59
CA PHE C 215 -46.14 -6.74 19.90
C PHE C 215 -45.83 -7.96 19.04
N TYR C 216 -44.60 -8.05 18.52
CA TYR C 216 -44.20 -9.13 17.63
C TYR C 216 -43.33 -10.13 18.38
N PRO C 217 -43.79 -11.35 18.65
CA PRO C 217 -43.00 -12.28 19.46
C PRO C 217 -41.79 -12.82 18.70
N VAL C 218 -40.68 -12.89 19.41
CA VAL C 218 -39.44 -13.43 18.86
C VAL C 218 -39.61 -14.85 18.37
N GLU C 219 -40.42 -15.66 19.08
CA GLU C 219 -40.51 -17.07 18.70
C GLU C 219 -41.33 -17.29 17.44
N GLU C 220 -41.97 -16.25 16.89
CA GLU C 220 -42.78 -16.36 15.68
C GLU C 220 -42.28 -15.50 14.53
N TRP C 221 -41.45 -14.50 14.78
CA TRP C 221 -41.06 -13.51 13.77
C TRP C 221 -39.55 -13.35 13.75
N SER C 222 -39.00 -13.35 12.54
CA SER C 222 -37.58 -13.15 12.26
C SER C 222 -37.41 -12.00 11.27
N PRO C 223 -36.27 -11.31 11.31
CA PRO C 223 -35.94 -10.39 10.21
C PRO C 223 -36.02 -11.14 8.88
N ASP C 224 -36.63 -10.49 7.89
CA ASP C 224 -36.91 -11.12 6.61
C ASP C 224 -35.72 -10.86 5.69
N PRO C 225 -34.89 -11.87 5.39
CA PRO C 225 -33.72 -11.60 4.52
C PRO C 225 -34.11 -11.35 3.08
N SER C 226 -35.35 -11.68 2.70
CA SER C 226 -35.82 -11.42 1.33
C SER C 226 -36.18 -9.96 1.11
N ARG C 227 -36.24 -9.16 2.18
CA ARG C 227 -36.51 -7.73 2.05
C ARG C 227 -35.41 -6.97 2.79
N ASN C 228 -35.77 -5.92 3.55
CA ASN C 228 -34.82 -5.19 4.38
C ASN C 228 -33.65 -4.64 3.58
N GLU C 229 -33.90 -4.24 2.33
CA GLU C 229 -32.85 -3.61 1.54
C GLU C 229 -32.39 -2.31 2.18
N ASN C 230 -33.25 -1.66 2.97
CA ASN C 230 -32.97 -0.37 3.55
C ASN C 230 -32.81 -0.44 5.07
N SER C 231 -32.47 -1.62 5.59
CA SER C 231 -32.11 -1.79 7.00
C SER C 231 -30.87 -2.68 7.08
N ARG C 232 -30.21 -2.61 8.23
CA ARG C 232 -29.12 -3.50 8.59
C ARG C 232 -29.47 -4.18 9.92
N TYR C 233 -29.33 -5.50 9.97
CA TYR C 233 -29.61 -6.19 11.22
C TYR C 233 -28.52 -7.23 11.49
N TYR C 234 -28.34 -7.54 12.78
CA TYR C 234 -27.24 -8.36 13.26
C TYR C 234 -27.79 -9.18 14.42
N GLY C 235 -27.74 -10.49 14.33
CA GLY C 235 -28.37 -11.34 15.32
C GLY C 235 -27.53 -12.55 15.65
N SER C 236 -27.70 -13.04 16.88
CA SER C 236 -27.07 -14.27 17.31
C SER C 236 -27.99 -14.98 18.29
N PHE C 237 -27.87 -16.31 18.32
CA PHE C 237 -28.68 -17.13 19.20
C PHE C 237 -27.85 -18.29 19.72
N VAL C 238 -27.90 -18.49 21.04
CA VAL C 238 -27.35 -19.68 21.67
C VAL C 238 -28.45 -20.29 22.52
N GLY C 239 -28.81 -21.56 22.24
CA GLY C 239 -29.97 -22.19 22.85
C GLY C 239 -29.67 -22.99 24.10
N GLY C 240 -30.62 -23.88 24.44
CA GLY C 240 -30.55 -24.67 25.65
C GLY C 240 -30.98 -23.92 26.90
N LEU C 241 -31.25 -24.67 27.97
CA LEU C 241 -31.77 -24.08 29.20
C LEU C 241 -30.71 -23.79 30.25
N GLN C 242 -29.52 -24.39 30.16
CA GLN C 242 -28.50 -24.20 31.19
C GLN C 242 -27.22 -23.58 30.65
N THR C 243 -27.24 -23.12 29.42
CA THR C 243 -26.04 -22.59 28.78
C THR C 243 -25.57 -21.31 29.48
N PRO C 244 -24.27 -21.18 29.72
CA PRO C 244 -23.74 -19.94 30.29
C PRO C 244 -23.99 -18.77 29.36
N PRO C 245 -24.56 -17.68 29.84
CA PRO C 245 -24.68 -16.48 29.01
C PRO C 245 -23.31 -15.88 28.77
N ASN C 246 -23.04 -15.50 27.53
CA ASN C 246 -21.76 -14.93 27.16
C ASN C 246 -22.04 -13.58 26.51
N LEU C 247 -21.70 -12.50 27.22
N LEU C 247 -21.72 -12.50 27.23
CA LEU C 247 -22.03 -11.15 26.78
CA LEU C 247 -22.02 -11.15 26.79
C LEU C 247 -20.81 -10.25 26.95
C LEU C 247 -20.79 -10.28 26.92
N GLN C 248 -20.65 -9.31 26.01
CA GLN C 248 -19.57 -8.34 26.07
C GLN C 248 -20.15 -6.94 26.15
N PHE C 249 -19.35 -6.01 26.67
CA PHE C 249 -19.72 -4.60 26.70
C PHE C 249 -18.45 -3.76 26.59
N THR C 250 -18.51 -2.73 25.74
CA THR C 250 -17.39 -1.84 25.51
C THR C 250 -17.92 -0.61 24.77
N ASN C 251 -17.25 0.52 24.96
CA ASN C 251 -17.59 1.69 24.18
C ASN C 251 -16.56 1.98 23.09
N ALA C 252 -15.73 0.99 22.75
CA ALA C 252 -14.64 1.20 21.80
C ALA C 252 -14.92 0.61 20.42
N VAL C 253 -16.15 0.16 20.17
CA VAL C 253 -16.48 -0.59 18.95
C VAL C 253 -17.69 0.07 18.29
N SER C 254 -17.61 0.22 16.97
CA SER C 254 -18.69 0.74 16.16
C SER C 254 -19.07 -0.30 15.11
N THR C 255 -20.30 -0.20 14.61
CA THR C 255 -20.74 -0.96 13.43
C THR C 255 -20.95 -0.01 12.27
N VAL C 256 -20.30 -0.27 11.14
CA VAL C 256 -20.48 0.55 9.95
C VAL C 256 -21.71 0.04 9.21
N LEU C 257 -22.65 0.94 8.94
CA LEU C 257 -23.94 0.57 8.34
C LEU C 257 -23.95 0.71 6.82
N LEU C 258 -22.84 1.13 6.22
CA LEU C 258 -22.77 1.28 4.77
C LEU C 258 -22.73 -0.08 4.09
N ASP C 259 -23.44 -0.20 2.96
CA ASP C 259 -23.45 -1.43 2.17
C ASP C 259 -22.19 -1.50 1.31
N GLU C 260 -22.19 -2.44 0.35
CA GLU C 260 -21.05 -2.63 -0.54
C GLU C 260 -20.83 -1.45 -1.48
N ASN C 261 -21.86 -0.65 -1.74
CA ASN C 261 -21.74 0.53 -2.56
C ASN C 261 -21.49 1.80 -1.76
N GLY C 262 -21.22 1.66 -0.45
CA GLY C 262 -20.97 2.82 0.38
C GLY C 262 -22.20 3.57 0.83
N VAL C 263 -23.38 2.96 0.76
CA VAL C 263 -24.64 3.62 1.07
C VAL C 263 -25.25 2.99 2.33
N GLY C 264 -25.53 3.81 3.33
CA GLY C 264 -26.22 3.37 4.52
C GLY C 264 -27.73 3.47 4.34
N PRO C 265 -28.49 3.03 5.34
CA PRO C 265 -29.95 3.17 5.28
C PRO C 265 -30.34 4.63 5.10
N LEU C 266 -31.35 4.87 4.27
CA LEU C 266 -31.82 6.22 3.98
C LEU C 266 -33.18 6.41 4.62
N CYS C 267 -33.33 7.49 5.37
CA CYS C 267 -34.42 7.61 6.35
C CYS C 267 -35.65 8.23 5.69
N LYS C 268 -36.60 7.37 5.32
CA LYS C 268 -37.83 7.85 4.69
C LYS C 268 -38.67 8.64 5.68
N GLY C 269 -39.22 9.75 5.20
CA GLY C 269 -39.97 10.64 6.07
C GLY C 269 -39.18 11.23 7.21
N ASP C 270 -37.84 11.30 7.07
CA ASP C 270 -36.94 11.81 8.09
C ASP C 270 -37.11 11.04 9.40
N GLY C 271 -37.37 9.74 9.30
CA GLY C 271 -37.43 8.91 10.48
C GLY C 271 -36.35 7.83 10.52
N LEU C 272 -35.69 7.68 11.66
CA LEU C 272 -34.74 6.60 11.89
C LEU C 272 -35.42 5.51 12.71
N PHE C 273 -35.28 4.26 12.28
CA PHE C 273 -35.96 3.12 12.90
C PHE C 273 -34.92 2.20 13.54
N VAL C 274 -35.07 1.94 14.84
CA VAL C 274 -34.16 1.07 15.57
C VAL C 274 -34.98 -0.02 16.22
N SER C 275 -34.44 -1.23 16.24
CA SER C 275 -35.13 -2.42 16.74
C SER C 275 -34.13 -3.31 17.46
N CYS C 276 -34.62 -4.10 18.41
CA CYS C 276 -33.72 -5.05 19.06
C CYS C 276 -34.54 -6.09 19.81
N ALA C 277 -33.82 -7.11 20.29
CA ALA C 277 -34.33 -8.08 21.24
C ALA C 277 -33.11 -8.67 21.94
N ASP C 278 -33.19 -8.79 23.26
CA ASP C 278 -32.05 -9.21 24.05
C ASP C 278 -32.54 -10.10 25.19
N ILE C 279 -32.93 -11.33 24.84
CA ILE C 279 -33.16 -12.35 25.85
C ILE C 279 -31.80 -12.81 26.37
N CYS C 280 -31.57 -12.64 27.66
CA CYS C 280 -30.28 -12.94 28.26
C CYS C 280 -30.26 -14.28 28.99
N GLY C 281 -31.39 -14.99 29.04
CA GLY C 281 -31.45 -16.27 29.70
C GLY C 281 -32.80 -16.43 30.37
N VAL C 282 -32.87 -17.40 31.29
CA VAL C 282 -34.11 -17.65 32.01
C VAL C 282 -33.85 -17.73 33.51
N LEU C 283 -34.91 -17.49 34.26
CA LEU C 283 -34.99 -17.79 35.68
C LEU C 283 -35.80 -19.06 35.83
N VAL C 284 -35.40 -19.92 36.77
CA VAL C 284 -36.15 -21.14 37.07
C VAL C 284 -36.86 -20.95 38.41
N LYS C 285 -38.16 -21.20 38.44
CA LYS C 285 -38.94 -21.04 39.67
C LYS C 285 -38.70 -22.20 40.61
N ALA C 286 -38.59 -21.90 41.91
CA ALA C 286 -38.38 -22.96 42.89
C ALA C 286 -39.61 -23.88 43.03
N ASP C 287 -40.82 -23.32 42.99
CA ASP C 287 -41.97 -24.13 43.41
C ASP C 287 -42.42 -25.12 42.34
N ASN C 288 -42.24 -24.82 41.05
CA ASN C 288 -42.61 -25.78 40.00
C ASN C 288 -41.53 -25.97 38.93
N GLU C 289 -40.39 -25.31 39.06
CA GLU C 289 -39.27 -25.38 38.12
C GLU C 289 -39.62 -24.84 36.75
N ALA C 290 -40.71 -24.10 36.62
CA ALA C 290 -40.99 -23.44 35.34
C ALA C 290 -40.07 -22.22 35.18
N ILE C 291 -40.15 -21.54 34.03
CA ILE C 291 -39.16 -20.53 33.71
C ILE C 291 -39.83 -19.20 33.35
N ARG C 292 -39.06 -18.13 33.54
CA ARG C 292 -39.32 -16.80 32.99
C ARG C 292 -38.08 -16.35 32.22
N TYR C 293 -38.28 -15.74 31.05
CA TYR C 293 -37.18 -15.11 30.34
C TYR C 293 -36.80 -13.80 31.02
N ARG C 294 -35.52 -13.45 30.93
CA ARG C 294 -35.02 -12.15 31.39
C ARG C 294 -34.37 -11.42 30.22
N GLY C 295 -34.75 -10.15 30.03
CA GLY C 295 -34.10 -9.29 29.05
C GLY C 295 -33.45 -8.09 29.72
N LEU C 296 -32.59 -7.40 28.95
CA LEU C 296 -31.89 -6.22 29.43
C LEU C 296 -32.04 -5.08 28.43
N PRO C 297 -31.94 -3.83 28.89
CA PRO C 297 -32.12 -2.69 27.98
C PRO C 297 -30.91 -2.52 27.07
N ARG C 298 -31.16 -1.94 25.89
CA ARG C 298 -30.12 -1.72 24.89
C ARG C 298 -30.03 -0.25 24.51
N TYR C 299 -28.81 0.28 24.46
CA TYR C 299 -28.51 1.63 24.04
C TYR C 299 -28.12 1.69 22.57
N PHE C 300 -28.49 2.80 21.90
CA PHE C 300 -28.12 3.06 20.52
C PHE C 300 -27.57 4.47 20.39
N LYS C 301 -26.46 4.62 19.68
CA LYS C 301 -25.99 5.91 19.22
C LYS C 301 -25.73 5.78 17.73
N VAL C 302 -26.48 6.53 16.92
CA VAL C 302 -26.42 6.42 15.45
C VAL C 302 -25.89 7.74 14.88
N THR C 303 -24.94 7.63 13.95
CA THR C 303 -24.37 8.79 13.28
C THR C 303 -24.89 8.85 11.85
N LEU C 304 -25.36 10.03 11.46
CA LEU C 304 -26.02 10.18 10.17
C LEU C 304 -25.39 11.34 9.41
N ARG C 305 -25.51 11.30 8.09
CA ARG C 305 -25.07 12.38 7.22
C ARG C 305 -26.13 12.63 6.17
N LYS C 306 -26.04 13.77 5.48
CA LYS C 306 -26.99 14.13 4.46
C LYS C 306 -26.58 13.56 3.11
N ARG C 307 -27.54 12.97 2.39
CA ARG C 307 -27.29 12.39 1.08
C ARG C 307 -28.35 12.90 0.11
N ALA C 308 -27.92 13.36 -1.06
CA ALA C 308 -28.86 13.75 -2.10
C ALA C 308 -29.39 12.52 -2.83
N VAL C 309 -30.69 12.57 -3.18
CA VAL C 309 -31.38 11.49 -3.87
C VAL C 309 -32.26 12.10 -4.96
N LYS C 310 -32.59 11.29 -5.96
CA LYS C 310 -33.46 11.74 -7.04
C LYS C 310 -34.90 11.91 -6.59
N GLU D 27 -12.30 21.59 23.37
CA GLU D 27 -11.79 21.74 22.01
C GLU D 27 -10.36 21.21 21.87
N VAL D 28 -10.23 20.03 21.28
CA VAL D 28 -8.95 19.35 21.15
C VAL D 28 -8.15 19.98 20.03
N LEU D 29 -6.88 20.29 20.30
CA LEU D 29 -5.96 20.83 19.30
C LEU D 29 -4.93 19.76 18.93
N ASN D 30 -3.73 20.18 18.54
CA ASN D 30 -2.71 19.25 18.08
C ASN D 30 -1.88 18.70 19.24
N ILE D 31 -1.24 17.56 18.97
CA ILE D 31 -0.26 16.98 19.89
C ILE D 31 0.97 17.89 19.95
N ILE D 32 1.58 17.98 21.13
CA ILE D 32 2.79 18.76 21.35
C ILE D 32 3.97 17.79 21.34
N THR D 33 4.77 17.84 20.28
CA THR D 33 5.96 17.01 20.12
C THR D 33 7.11 17.56 20.98
N GLY D 34 8.08 16.68 21.25
CA GLY D 34 9.22 17.05 22.06
C GLY D 34 9.81 15.89 22.83
N PRO D 35 11.03 16.06 23.36
CA PRO D 35 11.70 14.95 24.03
C PRO D 35 11.05 14.53 25.34
N ASP D 36 10.36 15.43 26.04
CA ASP D 36 9.70 15.11 27.30
C ASP D 36 8.17 15.14 27.15
N ALA D 37 7.68 14.65 26.02
CA ALA D 37 6.26 14.78 25.68
C ALA D 37 5.42 13.58 26.10
N THR D 38 6.03 12.46 26.46
CA THR D 38 5.27 11.29 26.90
C THR D 38 5.66 10.92 28.33
N THR D 39 4.79 10.15 28.97
CA THR D 39 5.05 9.58 30.29
C THR D 39 4.31 8.26 30.41
N GLU D 40 4.72 7.45 31.38
CA GLU D 40 4.12 6.15 31.63
C GLU D 40 3.74 6.03 33.09
N ILE D 41 2.62 5.35 33.35
CA ILE D 41 2.07 5.18 34.68
C ILE D 41 1.81 3.70 34.92
N GLU D 42 2.28 3.17 36.05
CA GLU D 42 2.03 1.79 36.44
C GLU D 42 1.32 1.77 37.78
N LEU D 43 0.44 0.78 37.96
CA LEU D 43 -0.25 0.62 39.24
C LEU D 43 -0.86 -0.77 39.32
N TRP D 44 -1.17 -1.18 40.55
CA TRP D 44 -1.99 -2.34 40.83
C TRP D 44 -3.32 -1.88 41.43
N LEU D 45 -4.38 -2.63 41.14
CA LEU D 45 -5.65 -2.49 41.83
C LEU D 45 -6.01 -3.82 42.47
N GLU D 46 -6.17 -3.83 43.78
CA GLU D 46 -6.57 -5.06 44.43
C GLU D 46 -8.08 -5.26 44.28
N PRO D 47 -8.53 -6.52 44.26
CA PRO D 47 -9.95 -6.78 44.03
C PRO D 47 -10.80 -6.40 45.22
N ARG D 48 -12.03 -5.99 44.93
CA ARG D 48 -13.02 -5.59 45.94
C ARG D 48 -14.25 -6.49 45.79
N MET D 49 -14.09 -7.76 46.16
CA MET D 49 -15.15 -8.75 46.08
C MET D 49 -16.14 -8.65 47.25
N GLY D 50 -15.88 -7.80 48.24
CA GLY D 50 -16.77 -7.68 49.38
C GLY D 50 -16.01 -7.60 50.69
N VAL D 51 -15.22 -8.64 50.97
CA VAL D 51 -14.19 -8.56 52.02
C VAL D 51 -13.02 -7.78 51.41
N ASN D 52 -12.95 -6.49 51.70
CA ASN D 52 -12.10 -5.58 50.96
C ASN D 52 -10.81 -5.21 51.68
N ALA D 53 -10.57 -5.79 52.86
CA ALA D 53 -9.31 -5.57 53.55
C ALA D 53 -8.98 -6.82 54.36
N PRO D 54 -7.68 -7.19 54.47
CA PRO D 54 -7.28 -8.34 55.28
C PRO D 54 -7.17 -8.00 56.77
N THR D 55 -8.19 -7.32 57.30
CA THR D 55 -8.29 -7.03 58.72
C THR D 55 -9.70 -7.34 59.20
N GLY D 56 -9.85 -7.44 60.51
CA GLY D 56 -11.16 -7.67 61.10
C GLY D 56 -11.54 -9.13 61.16
N ASP D 57 -12.82 -9.35 61.47
CA ASP D 57 -13.32 -10.70 61.71
C ASP D 57 -13.38 -11.53 60.44
N ARG D 58 -13.53 -10.89 59.28
CA ARG D 58 -13.61 -11.59 58.00
C ARG D 58 -12.25 -11.66 57.29
N LYS D 59 -11.16 -11.36 57.98
CA LYS D 59 -9.90 -11.08 57.30
C LYS D 59 -9.37 -12.27 56.52
N GLU D 60 -9.65 -13.50 56.97
CA GLU D 60 -9.09 -14.64 56.26
C GLU D 60 -9.71 -14.84 54.88
N TRP D 61 -10.80 -14.14 54.56
CA TRP D 61 -11.44 -14.27 53.25
C TRP D 61 -11.26 -13.03 52.40
N TYR D 62 -10.21 -12.26 52.65
CA TYR D 62 -9.90 -11.09 51.83
C TYR D 62 -9.70 -11.54 50.38
N GLY D 63 -10.22 -10.74 49.45
CA GLY D 63 -10.20 -11.14 48.05
C GLY D 63 -11.32 -12.07 47.66
N TYR D 64 -12.22 -12.40 48.58
CA TYR D 64 -13.44 -13.14 48.34
C TYR D 64 -14.63 -12.30 48.80
N SER D 65 -15.81 -12.70 48.35
CA SER D 65 -17.01 -12.13 48.93
C SER D 65 -17.38 -12.88 50.21
N GLU D 66 -18.28 -12.28 50.97
CA GLU D 66 -18.98 -13.02 52.01
C GLU D 66 -19.89 -14.08 51.38
N VAL D 67 -20.30 -15.06 52.18
CA VAL D 67 -21.14 -16.16 51.69
C VAL D 67 -22.50 -15.65 51.23
N ILE D 68 -23.00 -16.20 50.11
CA ILE D 68 -24.30 -15.80 49.54
C ILE D 68 -25.19 -17.03 49.41
N HIS D 69 -26.45 -16.89 49.83
CA HIS D 69 -27.47 -17.94 49.77
C HIS D 69 -28.67 -17.45 48.98
N HIS D 70 -29.45 -18.41 48.47
CA HIS D 70 -30.55 -18.11 47.56
C HIS D 70 -31.51 -17.05 48.14
N ALA D 71 -31.84 -17.13 49.43
CA ALA D 71 -32.84 -16.22 49.98
C ALA D 71 -32.24 -14.95 50.59
N ASP D 72 -30.93 -14.74 50.50
CA ASP D 72 -30.37 -13.50 51.02
C ASP D 72 -30.93 -12.30 50.25
N GLY D 73 -31.18 -11.21 50.98
CA GLY D 73 -31.90 -10.08 50.41
C GLY D 73 -33.40 -10.26 50.39
N TYR D 74 -33.90 -11.41 50.81
CA TYR D 74 -35.33 -11.66 50.96
C TYR D 74 -35.68 -12.00 52.40
N ASP D 75 -35.08 -13.07 52.95
CA ASP D 75 -35.20 -13.43 54.37
C ASP D 75 -34.29 -12.59 55.25
N ASN D 76 -33.42 -11.77 54.69
CA ASN D 76 -32.50 -10.94 55.44
C ASN D 76 -32.03 -9.80 54.55
N ASN D 77 -31.18 -8.94 55.08
CA ASN D 77 -30.58 -7.86 54.31
C ASN D 77 -29.32 -8.36 53.61
N LEU D 78 -29.21 -8.08 52.31
CA LEU D 78 -27.96 -8.34 51.61
C LEU D 78 -26.93 -7.30 52.01
N LEU D 79 -25.76 -7.75 52.47
CA LEU D 79 -24.71 -6.88 52.95
C LEU D 79 -23.77 -6.47 51.81
N SER D 80 -23.04 -5.38 52.05
CA SER D 80 -22.06 -4.93 51.07
CA SER D 80 -22.05 -4.93 51.08
C SER D 80 -20.95 -5.95 50.88
N VAL D 81 -20.57 -6.67 51.94
CA VAL D 81 -19.55 -7.70 51.82
C VAL D 81 -20.00 -8.87 50.95
N GLN D 82 -21.30 -8.96 50.65
CA GLN D 82 -21.82 -10.02 49.79
C GLN D 82 -21.93 -9.60 48.33
N MET D 83 -21.48 -8.40 47.96
CA MET D 83 -21.72 -7.84 46.64
C MET D 83 -20.41 -7.32 46.06
N PRO D 84 -19.80 -8.05 45.12
CA PRO D 84 -18.53 -7.57 44.54
C PRO D 84 -18.70 -6.19 43.92
N GLN D 85 -17.65 -5.38 44.03
CA GLN D 85 -17.68 -3.97 43.65
C GLN D 85 -16.56 -3.69 42.65
N TYR D 86 -16.71 -2.56 41.95
CA TYR D 86 -15.64 -2.08 41.09
C TYR D 86 -14.46 -1.57 41.92
N SER D 87 -13.25 -1.86 41.45
CA SER D 87 -12.06 -1.20 41.95
C SER D 87 -11.79 0.06 41.13
N CYS D 88 -11.17 1.06 41.75
CA CYS D 88 -10.83 2.27 40.99
C CYS D 88 -9.79 3.08 41.73
N ALA D 89 -9.11 3.94 40.97
CA ALA D 89 -8.12 4.86 41.54
C ALA D 89 -7.94 6.04 40.60
N ARG D 90 -7.57 7.18 41.19
CA ARG D 90 -7.13 8.34 40.44
C ARG D 90 -5.63 8.50 40.63
N VAL D 91 -4.88 8.58 39.54
CA VAL D 91 -3.45 8.81 39.59
C VAL D 91 -3.16 10.27 39.31
N GLN D 92 -2.39 10.91 40.18
CA GLN D 92 -1.95 12.27 39.95
C GLN D 92 -0.83 12.27 38.92
N LEU D 93 -1.02 13.00 37.84
CA LEU D 93 -0.02 13.10 36.78
C LEU D 93 0.85 14.33 37.00
N PRO D 94 1.99 14.42 36.30
CA PRO D 94 2.79 15.64 36.38
C PRO D 94 1.98 16.87 35.97
N MET D 95 2.12 17.93 36.76
CA MET D 95 1.43 19.19 36.48
C MET D 95 1.91 19.77 35.16
N LEU D 96 0.96 20.17 34.30
CA LEU D 96 1.29 20.57 32.94
C LEU D 96 1.28 22.08 32.73
N ASN D 97 0.33 22.79 33.31
CA ASN D 97 0.14 24.22 33.08
C ASN D 97 0.37 24.95 34.39
N THR D 98 1.38 25.80 34.42
CA THR D 98 1.62 26.61 35.60
C THR D 98 0.44 27.55 35.88
N ASP D 99 -0.22 28.01 34.83
CA ASP D 99 -1.32 28.97 34.95
C ASP D 99 -2.53 28.42 34.20
N MET D 100 -3.54 27.92 34.95
CA MET D 100 -4.76 27.37 34.35
C MET D 100 -5.70 28.46 33.83
N THR D 101 -5.21 29.70 33.88
CA THR D 101 -5.91 30.85 33.30
C THR D 101 -5.84 30.83 31.78
N CYS D 102 -4.76 30.32 31.22
CA CYS D 102 -4.42 30.57 29.81
C CYS D 102 -5.47 29.99 28.87
N GLU D 103 -5.63 30.66 27.72
CA GLU D 103 -6.65 30.24 26.77
C GLU D 103 -6.28 28.92 26.10
N THR D 104 -5.00 28.60 26.04
CA THR D 104 -4.51 27.35 25.47
C THR D 104 -3.75 26.59 26.55
N LEU D 105 -4.15 25.36 26.79
CA LEU D 105 -3.55 24.53 27.83
C LEU D 105 -3.10 23.20 27.26
N MET D 106 -2.37 22.46 28.07
CA MET D 106 -1.96 21.11 27.73
C MET D 106 -2.65 20.12 28.66
N MET D 107 -2.99 18.95 28.11
CA MET D 107 -3.54 17.86 28.90
C MET D 107 -2.83 16.56 28.54
N TRP D 108 -2.64 15.71 29.54
CA TRP D 108 -2.15 14.36 29.29
C TRP D 108 -3.22 13.57 28.56
N GLU D 109 -2.81 12.89 27.48
CA GLU D 109 -3.70 12.11 26.63
C GLU D 109 -3.29 10.65 26.74
N ALA D 110 -4.18 9.81 27.23
CA ALA D 110 -3.89 8.38 27.36
C ALA D 110 -3.95 7.73 25.99
N VAL D 111 -2.83 7.13 25.57
CA VAL D 111 -2.69 6.60 24.22
C VAL D 111 -2.87 5.10 24.18
N SER D 112 -2.31 4.38 25.15
CA SER D 112 -2.40 2.93 25.13
C SER D 112 -2.33 2.43 26.57
N CYS D 113 -2.68 1.16 26.75
CA CYS D 113 -2.54 0.55 28.06
CA CYS D 113 -2.69 0.53 28.07
C CYS D 113 -2.30 -0.94 27.92
N LYS D 114 -1.44 -1.44 28.81
CA LYS D 114 -1.23 -2.86 28.99
C LYS D 114 -1.85 -3.21 30.34
N THR D 115 -2.61 -4.29 30.41
CA THR D 115 -3.24 -4.64 31.66
C THR D 115 -3.29 -6.16 31.77
N GLU D 116 -3.19 -6.65 33.00
CA GLU D 116 -3.07 -8.08 33.22
C GLU D 116 -3.69 -8.46 34.55
N VAL D 117 -4.38 -9.59 34.57
CA VAL D 117 -4.88 -10.19 35.81
C VAL D 117 -3.81 -11.16 36.29
N VAL D 118 -3.29 -10.93 37.50
CA VAL D 118 -2.19 -11.73 38.03
C VAL D 118 -2.77 -12.79 38.96
N GLY D 119 -2.02 -13.89 39.13
CA GLY D 119 -2.43 -14.94 40.04
C GLY D 119 -3.31 -16.01 39.43
N ILE D 120 -3.41 -16.06 38.10
CA ILE D 120 -4.36 -16.97 37.45
C ILE D 120 -4.00 -18.41 37.74
N GLY D 121 -2.71 -18.73 37.84
CA GLY D 121 -2.31 -20.08 38.17
C GLY D 121 -2.90 -20.60 39.48
N SER D 122 -3.17 -19.71 40.44
CA SER D 122 -3.73 -20.15 41.71
C SER D 122 -5.12 -20.76 41.55
N LEU D 123 -5.81 -20.46 40.45
CA LEU D 123 -7.11 -21.03 40.18
C LEU D 123 -7.06 -22.52 39.87
N ILE D 124 -5.88 -23.16 39.80
CA ILE D 124 -5.86 -24.61 39.61
C ILE D 124 -6.18 -25.37 40.89
N SER D 125 -6.25 -24.69 42.02
CA SER D 125 -6.23 -25.40 43.30
C SER D 125 -7.48 -26.27 43.45
N VAL D 126 -7.28 -27.52 43.85
CA VAL D 126 -8.41 -28.38 44.20
C VAL D 126 -8.28 -28.82 45.67
N HIS D 127 -7.70 -27.96 46.49
CA HIS D 127 -7.65 -28.13 47.94
C HIS D 127 -8.09 -26.85 48.63
N LEU D 128 -9.21 -26.28 48.17
CA LEU D 128 -9.69 -25.00 48.67
C LEU D 128 -10.31 -25.17 50.05
N LEU D 129 -9.88 -24.32 50.98
CA LEU D 129 -10.36 -24.36 52.35
C LEU D 129 -11.88 -24.22 52.41
N GLU D 130 -12.53 -25.14 53.13
CA GLU D 130 -13.98 -25.20 53.38
C GLU D 130 -14.81 -25.53 52.15
N ALA D 131 -14.17 -25.85 51.03
CA ALA D 131 -14.89 -26.04 49.78
C ALA D 131 -15.46 -27.45 49.64
N LYS D 132 -16.59 -27.52 48.95
CA LYS D 132 -17.26 -28.79 48.64
C LYS D 132 -16.32 -29.75 47.93
N MET D 133 -16.49 -31.05 48.20
CA MET D 133 -15.70 -32.09 47.56
C MET D 133 -16.33 -32.49 46.23
N GLU D 134 -15.53 -32.49 45.16
CA GLU D 134 -16.03 -32.91 43.85
C GLU D 134 -15.73 -34.40 43.67
N ALA D 135 -16.58 -35.22 44.27
CA ALA D 135 -16.50 -36.68 44.21
C ALA D 135 -17.77 -37.25 44.84
N GLY D 136 -17.88 -38.58 44.81
CA GLY D 136 -18.99 -39.28 45.42
C GLY D 136 -19.02 -39.13 46.93
N PRO D 137 -20.18 -39.40 47.55
CA PRO D 137 -20.37 -39.00 48.94
C PRO D 137 -19.41 -39.64 49.94
N ASN D 138 -18.92 -40.85 49.66
CA ASN D 138 -18.00 -41.53 50.57
C ASN D 138 -16.57 -41.56 50.04
N SER D 139 -16.22 -40.64 49.15
CA SER D 139 -14.90 -40.59 48.56
C SER D 139 -13.98 -39.64 49.32
N ASP D 140 -12.76 -39.50 48.80
CA ASP D 140 -11.80 -38.52 49.30
C ASP D 140 -11.17 -37.84 48.08
N GLY D 141 -12.00 -37.16 47.29
CA GLY D 141 -11.56 -36.57 46.05
C GLY D 141 -11.12 -35.14 46.18
N PRO D 142 -10.97 -34.44 45.06
CA PRO D 142 -10.55 -33.04 45.11
C PRO D 142 -11.69 -32.16 45.55
N SER D 143 -11.34 -30.94 45.97
CA SER D 143 -12.35 -29.91 46.11
C SER D 143 -12.79 -29.41 44.73
N ARG D 144 -14.03 -28.92 44.66
CA ARG D 144 -14.42 -28.08 43.54
C ARG D 144 -13.40 -26.95 43.39
N PRO D 145 -12.86 -26.72 42.21
CA PRO D 145 -12.03 -25.54 42.00
C PRO D 145 -12.91 -24.32 41.76
N ILE D 146 -12.28 -23.14 41.82
CA ILE D 146 -12.98 -21.92 41.43
C ILE D 146 -13.51 -22.09 40.01
N GLU D 147 -14.81 -21.85 39.85
CA GLU D 147 -15.41 -21.93 38.52
C GLU D 147 -16.70 -21.12 38.56
N GLY D 148 -17.40 -21.09 37.44
CA GLY D 148 -18.62 -20.33 37.38
C GLY D 148 -18.41 -18.95 36.83
N MET D 149 -19.34 -18.06 37.15
N MET D 149 -19.35 -18.07 37.15
CA MET D 149 -19.48 -16.80 36.45
CA MET D 149 -19.47 -16.81 36.43
C MET D 149 -18.21 -15.95 36.54
C MET D 149 -18.20 -15.98 36.53
N ASN D 150 -17.78 -15.44 35.39
CA ASN D 150 -16.61 -14.58 35.28
C ASN D 150 -17.10 -13.23 34.79
N TYR D 151 -16.68 -12.16 35.46
CA TYR D 151 -17.02 -10.79 35.07
C TYR D 151 -15.71 -10.01 35.05
N HIS D 152 -15.29 -9.58 33.86
CA HIS D 152 -13.99 -8.93 33.69
C HIS D 152 -14.19 -7.62 32.95
N MET D 153 -13.73 -6.53 33.56
CA MET D 153 -13.81 -5.22 32.92
C MET D 153 -12.61 -4.40 33.35
N PHE D 154 -12.08 -3.60 32.43
CA PHE D 154 -11.14 -2.56 32.82
C PHE D 154 -11.49 -1.29 32.08
N ALA D 155 -11.07 -0.15 32.65
CA ALA D 155 -11.35 1.13 32.01
C ALA D 155 -10.24 2.11 32.32
N VAL D 156 -9.96 2.98 31.35
CA VAL D 156 -9.02 4.08 31.50
C VAL D 156 -9.71 5.33 30.97
N GLY D 157 -9.72 6.40 31.78
CA GLY D 157 -10.36 7.62 31.35
C GLY D 157 -9.69 8.85 31.93
N GLY D 158 -10.15 10.01 31.46
CA GLY D 158 -9.68 11.29 31.93
C GLY D 158 -10.54 11.91 33.02
N GLU D 159 -11.49 11.15 33.55
CA GLU D 159 -12.40 11.56 34.61
C GLU D 159 -13.04 10.28 35.11
N PRO D 160 -13.79 10.30 36.22
CA PRO D 160 -14.41 9.07 36.70
C PRO D 160 -15.31 8.41 35.64
N LEU D 161 -15.33 7.09 35.67
CA LEU D 161 -16.21 6.32 34.80
C LEU D 161 -17.66 6.59 35.15
N ASP D 162 -18.48 6.85 34.13
CA ASP D 162 -19.91 7.04 34.31
C ASP D 162 -20.60 5.69 34.44
N LEU D 163 -21.51 5.59 35.41
CA LEU D 163 -22.20 4.34 35.69
C LEU D 163 -23.71 4.50 35.50
N GLN D 164 -24.35 3.43 35.05
CA GLN D 164 -25.79 3.35 34.95
C GLN D 164 -26.27 2.24 35.88
N GLY D 165 -27.34 2.53 36.64
CA GLY D 165 -27.84 1.59 37.63
C GLY D 165 -28.94 0.70 37.11
N ILE D 166 -29.09 -0.45 37.78
CA ILE D 166 -30.12 -1.44 37.45
C ILE D 166 -30.28 -2.35 38.66
N GLU D 167 -31.42 -3.06 38.72
CA GLU D 167 -31.66 -4.09 39.72
C GLU D 167 -32.19 -5.34 39.04
N SER D 168 -31.62 -6.50 39.36
CA SER D 168 -32.23 -7.73 38.89
C SER D 168 -33.56 -7.96 39.60
N ASN D 169 -33.64 -7.61 40.89
CA ASN D 169 -34.89 -7.59 41.66
C ASN D 169 -35.05 -6.22 42.29
N GLY D 170 -36.07 -5.48 41.86
CA GLY D 170 -36.22 -4.11 42.34
C GLY D 170 -36.33 -4.02 43.87
N GLN D 171 -36.97 -5.01 44.50
CA GLN D 171 -37.25 -4.95 45.93
C GLN D 171 -36.23 -5.70 46.78
N THR D 172 -35.06 -6.02 46.24
CA THR D 172 -33.98 -6.59 47.04
C THR D 172 -33.72 -5.75 48.30
N LYS D 173 -33.61 -6.43 49.44
CA LYS D 173 -33.37 -5.76 50.71
C LYS D 173 -31.87 -5.57 50.94
N TYR D 174 -31.46 -4.32 51.16
CA TYR D 174 -30.07 -3.99 51.40
C TYR D 174 -29.89 -3.46 52.81
N ALA D 175 -28.77 -3.84 53.44
CA ALA D 175 -28.44 -3.33 54.76
C ALA D 175 -28.09 -1.86 54.67
N THR D 176 -28.56 -1.10 55.65
CA THR D 176 -28.32 0.35 55.69
C THR D 176 -27.36 0.64 56.85
N ALA D 177 -26.08 0.76 56.52
CA ALA D 177 -25.06 1.10 57.50
C ALA D 177 -24.81 2.61 57.50
N ILE D 178 -24.45 3.13 58.66
CA ILE D 178 -24.06 4.53 58.81
C ILE D 178 -22.63 4.56 59.33
N PRO D 179 -21.65 4.96 58.52
CA PRO D 179 -21.82 5.41 57.13
C PRO D 179 -22.06 4.27 56.14
N ALA D 180 -22.52 4.62 54.95
CA ALA D 180 -22.82 3.60 53.94
C ALA D 180 -21.55 2.86 53.52
N LYS D 181 -21.66 1.54 53.42
CA LYS D 181 -20.59 0.70 52.91
C LYS D 181 -20.66 0.55 51.39
N SER D 182 -21.78 0.93 50.79
CA SER D 182 -21.97 0.86 49.34
C SER D 182 -23.12 1.80 48.99
N ILE D 183 -23.35 1.97 47.70
CA ILE D 183 -24.44 2.82 47.23
C ILE D 183 -25.17 2.09 46.11
N HIS D 184 -26.50 2.22 46.11
CA HIS D 184 -27.40 1.49 45.25
C HIS D 184 -28.12 2.45 44.31
N PRO D 185 -28.57 1.96 43.15
CA PRO D 185 -29.20 2.86 42.17
C PRO D 185 -30.32 3.74 42.74
N ASN D 186 -31.18 3.21 43.60
CA ASN D 186 -32.27 4.02 44.11
C ASN D 186 -31.84 5.01 45.18
N ASP D 187 -30.64 4.87 45.74
CA ASP D 187 -30.10 5.94 46.58
C ASP D 187 -30.00 7.24 45.78
N ILE D 188 -29.78 7.12 44.48
CA ILE D 188 -29.69 8.29 43.59
C ILE D 188 -31.03 8.61 42.95
N ALA D 189 -31.70 7.59 42.39
CA ALA D 189 -32.94 7.83 41.66
C ALA D 189 -34.09 8.21 42.59
N LYS D 190 -34.09 7.72 43.83
CA LYS D 190 -35.08 8.09 44.84
C LYS D 190 -36.51 7.85 44.35
N LEU D 191 -36.72 6.78 43.60
CA LEU D 191 -38.06 6.37 43.26
C LEU D 191 -38.83 6.02 44.53
N PRO D 192 -40.15 6.23 44.54
CA PRO D 192 -40.98 5.65 45.61
C PRO D 192 -40.77 4.15 45.69
N GLU D 193 -40.89 3.60 46.90
CA GLU D 193 -40.60 2.18 47.10
C GLU D 193 -41.47 1.30 46.22
N GLU D 194 -42.73 1.67 46.03
CA GLU D 194 -43.62 0.86 45.18
C GLU D 194 -43.34 1.00 43.69
N ASP D 195 -42.41 1.86 43.27
CA ASP D 195 -42.06 1.99 41.86
C ASP D 195 -40.70 1.41 41.53
N LYS D 196 -40.05 0.76 42.49
CA LYS D 196 -38.68 0.29 42.28
C LYS D 196 -38.58 -0.79 41.21
N ALA D 197 -39.70 -1.42 40.83
CA ALA D 197 -39.65 -2.32 39.68
C ALA D 197 -39.15 -1.64 38.41
N GLN D 198 -39.29 -0.31 38.32
CA GLN D 198 -38.74 0.42 37.17
C GLN D 198 -37.24 0.18 37.02
N LEU D 199 -36.52 -0.06 38.12
CA LEU D 199 -35.09 -0.28 38.06
C LEU D 199 -34.72 -1.62 37.40
N GLN D 200 -35.71 -2.47 37.11
CA GLN D 200 -35.44 -3.69 36.34
C GLN D 200 -35.28 -3.39 34.86
N GLY D 201 -35.69 -2.20 34.42
CA GLY D 201 -35.43 -1.72 33.07
C GLY D 201 -34.39 -0.62 33.12
N LEU D 202 -34.64 0.52 32.46
CA LEU D 202 -33.67 1.60 32.36
C LEU D 202 -34.28 2.85 33.00
N VAL D 203 -33.74 3.24 34.15
CA VAL D 203 -34.17 4.44 34.87
C VAL D 203 -33.13 5.52 34.65
N PRO D 204 -33.42 6.57 33.86
CA PRO D 204 -32.38 7.55 33.53
C PRO D 204 -31.81 8.29 34.75
N LYS D 205 -32.57 8.44 35.83
CA LYS D 205 -32.03 9.12 36.99
C LYS D 205 -31.05 8.27 37.78
N ALA D 206 -30.99 6.96 37.52
CA ALA D 206 -30.11 6.05 38.25
C ALA D 206 -28.71 6.08 37.60
N LYS D 207 -28.02 7.19 37.83
CA LYS D 207 -26.69 7.39 37.27
C LYS D 207 -25.75 7.87 38.35
N ALA D 208 -24.48 7.47 38.26
CA ALA D 208 -23.48 7.85 39.23
C ALA D 208 -22.13 7.88 38.54
N LYS D 209 -21.14 8.43 39.25
CA LYS D 209 -19.75 8.37 38.83
C LYS D 209 -18.99 7.40 39.72
N LEU D 210 -18.12 6.61 39.10
CA LEU D 210 -17.26 5.68 39.85
C LEU D 210 -16.19 6.53 40.53
N ASP D 211 -16.58 7.10 41.67
CA ASP D 211 -15.75 8.03 42.42
C ASP D 211 -15.30 7.49 43.77
N LYS D 212 -15.48 6.18 44.01
CA LYS D 212 -15.09 5.58 45.29
C LYS D 212 -14.79 4.11 45.09
N ASP D 213 -13.60 3.70 45.50
CA ASP D 213 -13.19 2.30 45.41
C ASP D 213 -13.99 1.44 46.38
N GLY D 214 -14.33 0.22 45.95
CA GLY D 214 -15.03 -0.73 46.80
C GLY D 214 -16.36 -0.21 47.32
N PHE D 215 -17.18 0.34 46.42
CA PHE D 215 -18.40 1.04 46.83
C PHE D 215 -19.60 0.82 45.91
N TYR D 216 -19.38 0.63 44.60
CA TYR D 216 -20.45 0.42 43.63
C TYR D 216 -20.50 -1.05 43.25
N PRO D 217 -21.54 -1.79 43.64
CA PRO D 217 -21.59 -3.22 43.31
C PRO D 217 -21.81 -3.47 41.82
N VAL D 218 -21.12 -4.49 41.31
CA VAL D 218 -21.23 -4.77 39.88
C VAL D 218 -22.62 -5.29 39.53
N GLU D 219 -23.33 -5.92 40.49
CA GLU D 219 -24.66 -6.41 40.17
C GLU D 219 -25.70 -5.30 40.06
N GLU D 220 -25.34 -4.06 40.41
CA GLU D 220 -26.24 -2.93 40.31
C GLU D 220 -25.78 -1.83 39.36
N TRP D 221 -24.51 -1.82 38.94
CA TRP D 221 -23.93 -0.72 38.19
C TRP D 221 -23.14 -1.25 37.00
N SER D 222 -23.38 -0.70 35.83
CA SER D 222 -22.61 -0.92 34.61
C SER D 222 -22.02 0.37 34.11
N PRO D 223 -20.92 0.32 33.35
CA PRO D 223 -20.50 1.50 32.60
C PRO D 223 -21.66 2.00 31.73
N ASP D 224 -21.84 3.32 31.74
CA ASP D 224 -22.96 3.95 31.06
C ASP D 224 -22.55 4.24 29.62
N PRO D 225 -23.13 3.56 28.63
CA PRO D 225 -22.75 3.84 27.22
C PRO D 225 -23.28 5.17 26.69
N SER D 226 -24.18 5.82 27.42
CA SER D 226 -24.72 7.11 27.04
C SER D 226 -23.81 8.27 27.43
N ARG D 227 -22.78 8.00 28.22
CA ARG D 227 -21.79 9.00 28.60
C ARG D 227 -20.43 8.40 28.31
N ASN D 228 -19.44 8.60 29.19
CA ASN D 228 -18.10 8.03 29.02
C ASN D 228 -17.45 8.43 27.69
N GLU D 229 -17.76 9.63 27.21
CA GLU D 229 -17.06 10.13 26.03
C GLU D 229 -15.57 10.25 26.26
N ASN D 230 -15.15 10.50 27.50
CA ASN D 230 -13.75 10.71 27.83
C ASN D 230 -13.15 9.52 28.57
N SER D 231 -13.73 8.34 28.39
CA SER D 231 -13.19 7.10 28.94
C SER D 231 -13.27 5.99 27.89
N ARG D 232 -12.48 4.94 28.09
CA ARG D 232 -12.60 3.72 27.30
C ARG D 232 -12.77 2.56 28.25
N TYR D 233 -13.77 1.71 28.02
CA TYR D 233 -13.95 0.54 28.86
C TYR D 233 -14.17 -0.70 28.01
N TYR D 234 -13.78 -1.85 28.57
CA TYR D 234 -13.76 -3.13 27.87
C TYR D 234 -14.18 -4.20 28.85
N GLY D 235 -15.24 -4.94 28.54
CA GLY D 235 -15.83 -5.86 29.51
C GLY D 235 -16.34 -7.13 28.86
N SER D 236 -16.30 -8.22 29.62
CA SER D 236 -16.93 -9.45 29.19
C SER D 236 -17.55 -10.16 30.40
N PHE D 237 -18.56 -10.97 30.12
CA PHE D 237 -19.25 -11.73 31.14
C PHE D 237 -19.55 -13.12 30.61
N VAL D 238 -19.23 -14.15 31.39
CA VAL D 238 -19.68 -15.51 31.13
C VAL D 238 -20.31 -16.00 32.43
N GLY D 239 -21.60 -16.35 32.40
CA GLY D 239 -22.35 -16.65 33.60
C GLY D 239 -22.41 -18.13 33.93
N GLY D 240 -23.41 -18.49 34.74
CA GLY D 240 -23.54 -19.84 35.23
C GLY D 240 -22.67 -20.09 36.46
N LEU D 241 -22.93 -21.20 37.13
CA LEU D 241 -22.23 -21.51 38.37
C LEU D 241 -21.09 -22.52 38.20
N GLN D 242 -21.08 -23.32 37.13
CA GLN D 242 -20.05 -24.33 36.93
C GLN D 242 -19.23 -24.10 35.66
N THR D 243 -19.33 -22.93 35.05
CA THR D 243 -18.63 -22.65 33.80
C THR D 243 -17.13 -22.65 34.02
N PRO D 244 -16.36 -23.28 33.13
CA PRO D 244 -14.89 -23.20 33.22
C PRO D 244 -14.41 -21.76 33.09
N PRO D 245 -13.62 -21.28 34.04
CA PRO D 245 -12.95 -19.99 33.84
C PRO D 245 -11.99 -20.07 32.67
N ASN D 246 -12.03 -19.05 31.83
CA ASN D 246 -11.21 -19.00 30.63
C ASN D 246 -10.49 -17.66 30.65
N LEU D 247 -9.18 -17.68 30.89
CA LEU D 247 -8.42 -16.46 31.15
C LEU D 247 -7.05 -16.54 30.48
N GLN D 248 -6.58 -15.41 29.98
CA GLN D 248 -5.28 -15.33 29.34
C GLN D 248 -4.39 -14.33 30.07
N PHE D 249 -3.09 -14.51 29.90
CA PHE D 249 -2.12 -13.57 30.46
C PHE D 249 -0.88 -13.54 29.58
N THR D 250 -0.40 -12.34 29.31
CA THR D 250 0.74 -12.11 28.43
C THR D 250 1.20 -10.69 28.64
N ASN D 251 2.48 -10.43 28.36
CA ASN D 251 3.01 -9.07 28.41
C ASN D 251 3.30 -8.54 27.01
N ALA D 252 2.76 -9.17 25.98
CA ALA D 252 3.06 -8.79 24.60
C ALA D 252 1.90 -8.09 23.91
N VAL D 253 0.85 -7.71 24.62
CA VAL D 253 -0.35 -7.14 24.01
C VAL D 253 -0.72 -5.83 24.71
N SER D 254 -1.03 -4.81 23.92
CA SER D 254 -1.54 -3.54 24.40
C SER D 254 -2.89 -3.22 23.77
N THR D 255 -3.64 -2.36 24.44
CA THR D 255 -4.88 -1.80 23.93
C THR D 255 -4.66 -0.35 23.57
N VAL D 256 -4.99 0.01 22.32
CA VAL D 256 -4.91 1.40 21.89
C VAL D 256 -6.16 2.12 22.37
N LEU D 257 -5.98 3.30 22.98
CA LEU D 257 -7.09 4.02 23.58
C LEU D 257 -7.61 5.17 22.72
N LEU D 258 -7.00 5.42 21.57
CA LEU D 258 -7.43 6.50 20.69
C LEU D 258 -8.78 6.17 20.06
N ASP D 259 -9.62 7.18 19.89
CA ASP D 259 -10.93 6.99 19.27
C ASP D 259 -10.78 7.08 17.75
N GLU D 260 -11.90 7.25 17.06
CA GLU D 260 -11.89 7.23 15.59
C GLU D 260 -11.16 8.43 15.01
N ASN D 261 -11.12 9.54 15.74
CA ASN D 261 -10.36 10.71 15.32
C ASN D 261 -8.96 10.73 15.90
N GLY D 262 -8.48 9.60 16.44
CA GLY D 262 -7.13 9.53 16.95
C GLY D 262 -6.90 10.24 18.26
N VAL D 263 -7.94 10.45 19.07
CA VAL D 263 -7.83 11.15 20.34
C VAL D 263 -8.10 10.16 21.46
N GLY D 264 -7.21 10.12 22.45
CA GLY D 264 -7.39 9.30 23.63
C GLY D 264 -8.05 10.10 24.73
N PRO D 265 -8.39 9.44 25.84
CA PRO D 265 -8.95 10.17 26.99
C PRO D 265 -8.02 11.30 27.43
N LEU D 266 -8.61 12.43 27.81
CA LEU D 266 -7.86 13.62 28.17
C LEU D 266 -8.05 13.88 29.66
N CYS D 267 -6.94 13.99 30.38
CA CYS D 267 -6.92 13.86 31.83
C CYS D 267 -7.26 15.20 32.49
N LYS D 268 -8.52 15.37 32.87
CA LYS D 268 -8.94 16.60 33.49
C LYS D 268 -8.32 16.75 34.87
N GLY D 269 -7.82 17.95 35.16
CA GLY D 269 -7.12 18.19 36.41
C GLY D 269 -5.85 17.39 36.58
N ASP D 270 -5.27 16.94 35.47
CA ASP D 270 -4.06 16.12 35.48
C ASP D 270 -4.27 14.82 36.29
N GLY D 271 -5.47 14.27 36.24
CA GLY D 271 -5.79 13.00 36.87
C GLY D 271 -6.06 11.90 35.85
N LEU D 272 -5.45 10.75 36.07
CA LEU D 272 -5.72 9.55 35.28
C LEU D 272 -6.61 8.62 36.10
N PHE D 273 -7.71 8.18 35.50
CA PHE D 273 -8.72 7.41 36.21
C PHE D 273 -8.74 5.99 35.67
N VAL D 274 -8.50 5.02 36.55
CA VAL D 274 -8.48 3.61 36.18
C VAL D 274 -9.46 2.85 37.07
N SER D 275 -10.10 1.84 36.50
CA SER D 275 -11.05 1.04 37.26
C SER D 275 -11.16 -0.34 36.62
N CYS D 276 -11.74 -1.27 37.39
CA CYS D 276 -11.82 -2.64 36.91
C CYS D 276 -12.68 -3.47 37.85
N ALA D 277 -12.95 -4.69 37.40
CA ALA D 277 -13.61 -5.69 38.22
C ALA D 277 -13.26 -7.04 37.60
N ASP D 278 -12.84 -7.98 38.43
CA ASP D 278 -12.40 -9.27 37.93
C ASP D 278 -12.92 -10.37 38.84
N ILE D 279 -14.21 -10.70 38.71
CA ILE D 279 -14.76 -11.90 39.32
C ILE D 279 -14.29 -13.10 38.51
N CYS D 280 -13.50 -13.97 39.13
CA CYS D 280 -12.95 -15.12 38.41
C CYS D 280 -13.75 -16.40 38.60
N GLY D 281 -14.76 -16.39 39.44
CA GLY D 281 -15.56 -17.57 39.67
C GLY D 281 -16.04 -17.57 41.10
N VAL D 282 -16.52 -18.74 41.54
CA VAL D 282 -17.03 -18.88 42.90
C VAL D 282 -16.39 -20.08 43.56
N LEU D 283 -16.34 -20.01 44.89
CA LEU D 283 -16.04 -21.14 45.76
C LEU D 283 -17.36 -21.66 46.33
N VAL D 284 -17.51 -22.97 46.41
CA VAL D 284 -18.72 -23.60 46.95
C VAL D 284 -18.38 -24.22 48.30
N LYS D 285 -19.14 -23.83 49.32
CA LYS D 285 -18.90 -24.31 50.69
C LYS D 285 -19.37 -25.75 50.86
N ALA D 286 -18.56 -26.54 51.55
CA ALA D 286 -18.95 -27.93 51.79
C ALA D 286 -20.19 -28.04 52.68
N ASP D 287 -20.36 -27.15 53.66
CA ASP D 287 -21.37 -27.45 54.67
C ASP D 287 -22.77 -26.98 54.31
N ASN D 288 -22.94 -25.93 53.50
CA ASN D 288 -24.27 -25.56 53.03
C ASN D 288 -24.38 -25.42 51.52
N GLU D 289 -23.30 -25.63 50.78
CA GLU D 289 -23.24 -25.49 49.32
C GLU D 289 -23.46 -24.05 48.86
N ALA D 290 -23.39 -23.08 49.78
CA ALA D 290 -23.44 -21.68 49.41
C ALA D 290 -22.10 -21.25 48.80
N ILE D 291 -22.05 -20.02 48.28
CA ILE D 291 -20.89 -19.61 47.48
C ILE D 291 -20.27 -18.32 47.99
N ARG D 292 -19.00 -18.15 47.64
CA ARG D 292 -18.27 -16.90 47.73
C ARG D 292 -17.67 -16.61 46.36
N TYR D 293 -17.73 -15.35 45.93
CA TYR D 293 -16.99 -14.94 44.73
C TYR D 293 -15.51 -14.82 45.03
N ARG D 294 -14.69 -15.06 44.00
CA ARG D 294 -13.24 -14.90 44.10
C ARG D 294 -12.78 -13.93 43.02
N GLY D 295 -11.99 -12.93 43.40
CA GLY D 295 -11.42 -11.99 42.47
C GLY D 295 -9.90 -12.04 42.51
N LEU D 296 -9.23 -11.47 41.51
CA LEU D 296 -7.77 -11.43 41.45
C LEU D 296 -7.31 -10.02 41.16
N PRO D 297 -6.07 -9.66 41.52
CA PRO D 297 -5.59 -8.29 41.31
C PRO D 297 -5.27 -8.01 39.85
N ARG D 298 -5.35 -6.73 39.47
CA ARG D 298 -5.12 -6.30 38.09
C ARG D 298 -4.03 -5.24 38.03
N TYR D 299 -3.11 -5.39 37.08
CA TYR D 299 -2.03 -4.45 36.81
C TYR D 299 -2.39 -3.58 35.62
N PHE D 300 -1.95 -2.32 35.67
CA PHE D 300 -2.11 -1.38 34.55
C PHE D 300 -0.77 -0.72 34.27
N LYS D 301 -0.46 -0.56 32.97
CA LYS D 301 0.59 0.36 32.54
C LYS D 301 -0.02 1.24 31.45
N VAL D 302 -0.09 2.54 31.70
CA VAL D 302 -0.75 3.47 30.79
C VAL D 302 0.30 4.41 30.22
N THR D 303 0.31 4.55 28.90
CA THR D 303 1.23 5.47 28.22
C THR D 303 0.46 6.72 27.79
N LEU D 304 1.00 7.89 28.10
CA LEU D 304 0.32 9.14 27.84
C LEU D 304 1.24 10.08 27.08
N ARG D 305 0.63 11.04 26.38
CA ARG D 305 1.35 12.07 25.66
C ARG D 305 0.68 13.42 25.88
N LYS D 306 1.37 14.49 25.52
CA LYS D 306 0.86 15.85 25.74
C LYS D 306 0.02 16.31 24.56
N ARG D 307 -1.17 16.81 24.86
CA ARG D 307 -2.12 17.29 23.85
C ARG D 307 -2.55 18.70 24.20
N ALA D 308 -2.47 19.61 23.25
CA ALA D 308 -2.98 20.96 23.50
C ALA D 308 -4.49 21.00 23.34
N VAL D 309 -5.15 21.77 24.21
CA VAL D 309 -6.60 21.98 24.15
C VAL D 309 -6.87 23.47 24.31
N LYS D 310 -8.06 23.86 23.85
CA LYS D 310 -8.53 25.23 23.98
C LYS D 310 -9.29 25.40 25.28
N ASN D 311 -9.10 26.54 25.92
CA ASN D 311 -9.73 26.84 27.22
C ASN D 311 -10.36 28.23 27.17
N GLU E 27 20.83 0.96 27.20
CA GLU E 27 20.70 1.69 25.95
C GLU E 27 20.93 0.78 24.75
N VAL E 28 19.89 0.60 23.93
CA VAL E 28 19.91 -0.29 22.78
C VAL E 28 20.25 0.53 21.53
N LEU E 29 21.17 0.03 20.71
CA LEU E 29 21.59 0.67 19.48
C LEU E 29 21.08 -0.15 18.29
N ASN E 30 21.84 -0.15 17.18
CA ASN E 30 21.40 -0.79 15.95
C ASN E 30 21.83 -2.25 15.88
N ILE E 31 21.11 -3.00 15.04
CA ILE E 31 21.49 -4.35 14.67
C ILE E 31 22.86 -4.34 14.00
N ILE E 32 23.59 -5.43 14.14
CA ILE E 32 24.88 -5.63 13.46
C ILE E 32 24.66 -6.67 12.37
N THR E 33 24.54 -6.21 11.13
CA THR E 33 24.39 -7.10 9.99
C THR E 33 25.75 -7.53 9.46
N ALA E 37 26.23 -13.80 12.70
CA ALA E 37 25.30 -12.71 12.91
C ALA E 37 23.94 -13.21 13.42
N THR E 38 23.60 -14.45 13.05
CA THR E 38 22.37 -15.10 13.46
C THR E 38 22.70 -16.45 14.07
N THR E 39 21.74 -17.03 14.79
CA THR E 39 21.89 -18.38 15.30
C THR E 39 20.54 -18.92 15.73
N GLU E 40 20.45 -20.25 15.79
CA GLU E 40 19.24 -20.96 16.20
C GLU E 40 19.57 -21.90 17.36
N ILE E 41 18.70 -21.92 18.36
CA ILE E 41 18.86 -22.75 19.54
C ILE E 41 17.61 -23.60 19.70
N GLU E 42 17.79 -24.90 19.94
CA GLU E 42 16.71 -25.84 20.20
C GLU E 42 16.87 -26.44 21.59
N LEU E 43 15.75 -26.74 22.24
CA LEU E 43 15.79 -27.55 23.45
C LEU E 43 14.39 -27.98 23.84
N TRP E 44 14.34 -29.02 24.67
CA TRP E 44 13.12 -29.54 25.27
C TRP E 44 13.10 -29.19 26.75
N LEU E 45 11.91 -28.91 27.29
CA LEU E 45 11.71 -28.75 28.73
C LEU E 45 10.77 -29.85 29.18
N GLU E 46 11.26 -30.73 30.03
CA GLU E 46 10.40 -31.79 30.50
CA GLU E 46 10.43 -31.81 30.54
C GLU E 46 9.48 -31.27 31.61
N PRO E 47 8.27 -31.83 31.73
CA PRO E 47 7.32 -31.29 32.70
C PRO E 47 7.76 -31.53 34.14
N ARG E 48 7.34 -30.61 35.00
CA ARG E 48 7.64 -30.66 36.43
C ARG E 48 6.32 -30.53 37.19
N MET E 49 5.49 -31.58 37.10
CA MET E 49 4.16 -31.60 37.71
C MET E 49 4.20 -31.93 39.20
N GLY E 50 5.37 -32.23 39.75
CA GLY E 50 5.47 -32.67 41.13
C GLY E 50 6.41 -33.85 41.27
N VAL E 51 6.08 -34.95 40.58
CA VAL E 51 7.03 -36.06 40.43
C VAL E 51 7.93 -35.69 39.25
N ASN E 52 9.11 -35.16 39.58
CA ASN E 52 9.96 -34.45 38.63
C ASN E 52 11.11 -35.30 38.10
N ALA E 53 11.18 -36.59 38.47
CA ALA E 53 12.21 -37.49 37.96
C ALA E 53 11.68 -38.91 37.92
N PRO E 54 12.04 -39.71 36.90
CA PRO E 54 11.67 -41.13 36.86
C PRO E 54 12.56 -41.98 37.76
N THR E 55 12.72 -41.57 39.02
CA THR E 55 13.56 -42.26 39.99
C THR E 55 12.84 -42.27 41.34
N GLY E 56 13.33 -43.13 42.23
CA GLY E 56 12.82 -43.16 43.58
C GLY E 56 11.49 -43.88 43.71
N ASP E 57 10.86 -43.68 44.86
CA ASP E 57 9.64 -44.43 45.17
C ASP E 57 8.47 -44.04 44.27
N ARG E 58 8.44 -42.79 43.81
CA ARG E 58 7.34 -42.30 43.00
C ARG E 58 7.62 -42.37 41.50
N LYS E 59 8.66 -43.10 41.10
CA LYS E 59 9.16 -43.01 39.72
C LYS E 59 8.10 -43.35 38.68
N GLU E 60 7.15 -44.24 39.00
CA GLU E 60 6.20 -44.63 37.97
C GLU E 60 5.20 -43.53 37.63
N TRP E 61 5.13 -42.46 38.42
CA TRP E 61 4.24 -41.36 38.13
C TRP E 61 4.99 -40.12 37.63
N TYR E 62 6.19 -40.30 37.09
CA TYR E 62 6.93 -39.21 36.46
C TYR E 62 6.08 -38.54 35.39
N GLY E 63 6.08 -37.22 35.38
CA GLY E 63 5.22 -36.48 34.48
C GLY E 63 3.84 -36.21 35.01
N TYR E 64 3.54 -36.65 36.22
CA TYR E 64 2.28 -36.38 36.91
C TYR E 64 2.57 -35.73 38.25
N SER E 65 1.54 -35.16 38.85
CA SER E 65 1.60 -34.76 40.24
C SER E 65 1.33 -35.95 41.17
N GLU E 66 1.65 -35.76 42.44
CA GLU E 66 1.18 -36.66 43.47
C GLU E 66 -0.32 -36.42 43.69
N VAL E 67 -0.97 -37.38 44.35
CA VAL E 67 -2.42 -37.33 44.54
C VAL E 67 -2.80 -36.15 45.42
N ILE E 68 -3.87 -35.45 45.06
CA ILE E 68 -4.37 -34.29 45.80
C ILE E 68 -5.81 -34.54 46.22
N HIS E 69 -6.09 -34.32 47.50
CA HIS E 69 -7.42 -34.46 48.10
C HIS E 69 -7.89 -33.11 48.63
N HIS E 70 -9.21 -32.99 48.81
CA HIS E 70 -9.80 -31.69 49.15
C HIS E 70 -9.20 -31.07 50.39
N ALA E 71 -8.92 -31.87 51.43
CA ALA E 71 -8.45 -31.29 52.69
C ALA E 71 -6.92 -31.24 52.80
N ASP E 72 -6.20 -31.59 51.73
CA ASP E 72 -4.75 -31.48 51.76
C ASP E 72 -4.33 -30.03 51.97
N GLY E 73 -3.29 -29.84 52.79
CA GLY E 73 -2.89 -28.52 53.22
C GLY E 73 -3.70 -27.93 54.34
N TYR E 74 -4.75 -28.63 54.81
CA TYR E 74 -5.50 -28.24 55.99
C TYR E 74 -5.33 -29.26 57.11
N ASP E 75 -5.68 -30.52 56.89
CA ASP E 75 -5.43 -31.54 57.91
C ASP E 75 -4.15 -32.31 57.65
N ASN E 76 -3.32 -31.84 56.72
CA ASN E 76 -1.94 -32.32 56.56
C ASN E 76 -1.15 -31.21 55.88
N ASN E 77 0.13 -31.48 55.62
CA ASN E 77 1.01 -30.56 54.91
C ASN E 77 0.96 -30.85 53.41
N LEU E 78 0.70 -29.82 52.61
CA LEU E 78 0.77 -30.00 51.17
C LEU E 78 2.23 -30.13 50.74
N LEU E 79 2.53 -31.19 49.99
CA LEU E 79 3.90 -31.50 49.59
C LEU E 79 4.23 -30.91 48.22
N SER E 80 5.53 -30.63 48.03
CA SER E 80 6.00 -30.15 46.73
C SER E 80 5.59 -31.08 45.60
N VAL E 81 5.60 -32.39 45.84
CA VAL E 81 5.19 -33.32 44.80
C VAL E 81 3.73 -33.16 44.42
N GLN E 82 2.95 -32.45 45.22
CA GLN E 82 1.53 -32.22 44.97
C GLN E 82 1.24 -30.90 44.27
N MET E 83 2.27 -30.14 43.91
CA MET E 83 2.11 -28.79 43.39
C MET E 83 2.88 -28.62 42.08
N PRO E 84 2.19 -28.65 40.93
CA PRO E 84 2.89 -28.43 39.65
C PRO E 84 3.73 -27.17 39.66
N GLN E 85 4.89 -27.24 39.02
CA GLN E 85 5.85 -26.14 39.05
C GLN E 85 6.25 -25.73 37.63
N TYR E 86 6.86 -24.55 37.54
CA TYR E 86 7.37 -24.10 36.25
C TYR E 86 8.64 -24.87 35.90
N SER E 87 8.75 -25.25 34.63
CA SER E 87 10.01 -25.71 34.06
C SER E 87 10.79 -24.50 33.57
N CYS E 88 12.12 -24.57 33.67
CA CYS E 88 12.95 -23.49 33.13
C CYS E 88 14.35 -24.00 32.82
N ALA E 89 15.02 -23.29 31.93
CA ALA E 89 16.41 -23.61 31.60
C ALA E 89 17.12 -22.36 31.10
N ARG E 90 18.44 -22.32 31.34
CA ARG E 90 19.31 -21.30 30.79
C ARG E 90 20.23 -21.95 29.76
N VAL E 91 20.24 -21.41 28.55
CA VAL E 91 21.09 -21.90 27.48
C VAL E 91 22.25 -20.94 27.34
N GLN E 92 23.47 -21.47 27.44
CA GLN E 92 24.65 -20.65 27.24
C GLN E 92 24.87 -20.42 25.75
N LEU E 93 24.97 -19.16 25.37
CA LEU E 93 25.18 -18.77 23.98
C LEU E 93 26.66 -18.47 23.75
N PRO E 94 27.09 -18.43 22.49
CA PRO E 94 28.49 -18.08 22.20
C PRO E 94 28.85 -16.72 22.79
N MET E 95 30.02 -16.67 23.44
CA MET E 95 30.52 -15.41 23.99
C MET E 95 30.78 -14.42 22.86
N LEU E 96 30.41 -13.16 23.08
CA LEU E 96 30.39 -12.17 22.02
C LEU E 96 31.44 -11.07 22.16
N ASN E 97 31.80 -10.71 23.38
CA ASN E 97 32.62 -9.54 23.64
C ASN E 97 33.97 -9.96 24.21
N THR E 98 35.05 -9.56 23.52
CA THR E 98 36.41 -9.80 23.97
C THR E 98 36.73 -9.09 25.28
N ASP E 99 35.91 -8.13 25.70
CA ASP E 99 36.26 -7.24 26.81
C ASP E 99 34.97 -6.58 27.27
N MET E 100 34.45 -7.01 28.43
CA MET E 100 33.18 -6.51 28.93
C MET E 100 33.27 -5.08 29.48
N THR E 101 34.44 -4.45 29.42
CA THR E 101 34.60 -3.07 29.86
C THR E 101 34.32 -2.06 28.76
N CYS E 102 34.20 -2.51 27.51
CA CYS E 102 34.01 -1.60 26.40
C CYS E 102 32.65 -0.92 26.45
N GLU E 103 32.61 0.34 26.01
CA GLU E 103 31.38 1.12 26.10
C GLU E 103 30.30 0.61 25.16
N THR E 104 30.69 -0.02 24.06
CA THR E 104 29.73 -0.61 23.13
C THR E 104 29.97 -2.11 23.08
N LEU E 105 28.93 -2.89 23.35
CA LEU E 105 29.02 -4.34 23.40
C LEU E 105 27.99 -4.95 22.47
N MET E 106 28.16 -6.23 22.20
CA MET E 106 27.22 -7.03 21.44
C MET E 106 26.41 -7.91 22.38
N MET E 107 25.12 -8.07 22.08
CA MET E 107 24.29 -9.02 22.79
C MET E 107 23.48 -9.85 21.80
N TRP E 108 23.23 -11.09 22.16
CA TRP E 108 22.28 -11.90 21.41
C TRP E 108 20.87 -11.39 21.67
N GLU E 109 20.09 -11.23 20.60
CA GLU E 109 18.72 -10.73 20.67
C GLU E 109 17.79 -11.81 20.12
N ALA E 110 16.86 -12.27 20.96
CA ALA E 110 15.89 -13.27 20.52
C ALA E 110 14.83 -12.62 19.65
N VAL E 111 14.67 -13.11 18.43
N VAL E 111 14.67 -13.10 18.43
CA VAL E 111 13.80 -12.47 17.45
CA VAL E 111 13.79 -12.45 17.45
C VAL E 111 12.48 -13.21 17.32
C VAL E 111 12.48 -13.21 17.27
N SER E 112 12.50 -14.54 17.34
CA SER E 112 11.28 -15.33 17.18
C SER E 112 11.48 -16.70 17.79
N CYS E 113 10.38 -17.44 17.93
CA CYS E 113 10.46 -18.76 18.51
CA CYS E 113 10.40 -18.72 18.60
C CYS E 113 9.29 -19.61 18.04
N LYS E 114 9.60 -20.86 17.77
CA LYS E 114 8.60 -21.89 17.52
C LYS E 114 8.57 -22.76 18.76
N THR E 115 7.37 -23.11 19.23
CA THR E 115 7.28 -23.92 20.44
C THR E 115 6.07 -24.83 20.30
N GLU E 116 6.17 -26.01 20.93
CA GLU E 116 5.21 -27.08 20.69
C GLU E 116 5.11 -27.96 21.91
N VAL E 117 3.89 -28.40 22.23
CA VAL E 117 3.65 -29.41 23.26
C VAL E 117 3.53 -30.76 22.56
N VAL E 118 4.42 -31.69 22.91
CA VAL E 118 4.50 -32.98 22.25
C VAL E 118 3.75 -34.01 23.08
N GLY E 119 3.25 -35.04 22.42
CA GLY E 119 2.55 -36.13 23.08
C GLY E 119 1.07 -35.91 23.26
N ILE E 120 0.47 -34.94 22.54
CA ILE E 120 -0.93 -34.61 22.75
C ILE E 120 -1.82 -35.81 22.42
N GLY E 121 -1.40 -36.62 21.44
CA GLY E 121 -2.18 -37.80 21.08
C GLY E 121 -2.34 -38.80 22.22
N SER E 122 -1.37 -38.86 23.14
CA SER E 122 -1.50 -39.77 24.27
C SER E 122 -2.71 -39.44 25.15
N LEU E 123 -3.25 -38.23 25.05
CA LEU E 123 -4.39 -37.83 25.86
C LEU E 123 -5.72 -38.47 25.43
N ILE E 124 -5.75 -39.22 24.32
CA ILE E 124 -6.96 -39.96 23.98
C ILE E 124 -7.18 -41.18 24.86
N SER E 125 -6.16 -41.60 25.62
CA SER E 125 -6.21 -42.88 26.33
C SER E 125 -7.40 -42.97 27.28
N VAL E 126 -8.13 -44.09 27.18
CA VAL E 126 -9.19 -44.39 28.14
C VAL E 126 -8.90 -45.72 28.83
N HIS E 127 -7.62 -46.05 28.96
CA HIS E 127 -7.15 -47.20 29.74
C HIS E 127 -6.06 -46.76 30.71
N LEU E 128 -6.31 -45.65 31.40
CA LEU E 128 -5.31 -45.07 32.27
C LEU E 128 -5.16 -45.88 33.56
N LEU E 129 -3.91 -46.18 33.91
CA LEU E 129 -3.60 -46.94 35.10
C LEU E 129 -4.23 -46.30 36.35
N GLU E 130 -4.98 -47.10 37.11
CA GLU E 130 -5.58 -46.75 38.40
C GLU E 130 -6.74 -45.77 38.29
N ALA E 131 -7.18 -45.42 37.08
CA ALA E 131 -8.15 -44.35 36.90
C ALA E 131 -9.59 -44.84 37.07
N LYS E 132 -10.44 -43.93 37.56
CA LYS E 132 -11.87 -44.16 37.68
C LYS E 132 -12.49 -44.61 36.36
N MET E 133 -13.45 -45.54 36.46
CA MET E 133 -14.18 -46.02 35.30
C MET E 133 -15.35 -45.09 34.99
N GLU E 134 -15.45 -44.69 33.73
CA GLU E 134 -16.53 -43.80 33.29
C GLU E 134 -17.66 -44.66 32.72
N ALA E 135 -18.41 -45.27 33.63
CA ALA E 135 -19.57 -46.10 33.33
C ALA E 135 -20.23 -46.47 34.65
N GLY E 136 -21.41 -47.06 34.57
CA GLY E 136 -22.12 -47.53 35.74
C GLY E 136 -21.36 -48.62 36.49
N PRO E 137 -21.64 -48.77 37.79
CA PRO E 137 -20.80 -49.66 38.62
C PRO E 137 -20.89 -51.13 38.25
N ASN E 138 -21.89 -51.56 37.51
CA ASN E 138 -21.97 -52.94 37.04
C ASN E 138 -21.40 -53.12 35.64
N SER E 139 -20.74 -52.10 35.09
CA SER E 139 -20.29 -52.13 33.71
C SER E 139 -18.79 -52.41 33.64
N ASP E 140 -18.25 -52.37 32.42
CA ASP E 140 -16.83 -52.57 32.18
C ASP E 140 -16.45 -51.61 31.04
N GLY E 141 -16.52 -50.31 31.35
CA GLY E 141 -16.38 -49.29 30.34
C GLY E 141 -14.99 -48.69 30.34
N PRO E 142 -14.84 -47.54 29.68
CA PRO E 142 -13.54 -46.88 29.61
C PRO E 142 -13.18 -46.22 30.93
N SER E 143 -11.89 -45.94 31.09
CA SER E 143 -11.49 -45.03 32.14
C SER E 143 -11.87 -43.61 31.77
N ARG E 144 -12.03 -42.76 32.79
CA ARG E 144 -12.00 -41.33 32.55
C ARG E 144 -10.70 -40.98 31.84
N PRO E 145 -10.74 -40.20 30.76
CA PRO E 145 -9.50 -39.72 30.15
C PRO E 145 -9.00 -38.49 30.91
N ILE E 146 -7.75 -38.12 30.60
CA ILE E 146 -7.24 -36.85 31.11
C ILE E 146 -8.18 -35.73 30.66
N GLU E 147 -8.62 -34.91 31.61
CA GLU E 147 -9.48 -33.79 31.28
C GLU E 147 -9.40 -32.78 32.42
N GLY E 148 -10.16 -31.70 32.28
CA GLY E 148 -10.13 -30.66 33.29
C GLY E 148 -9.10 -29.58 33.05
N MET E 149 -8.64 -28.94 34.13
CA MET E 149 -7.98 -27.65 33.99
C MET E 149 -6.69 -27.74 33.20
N ASN E 150 -6.54 -26.80 32.27
CA ASN E 150 -5.36 -26.66 31.43
C ASN E 150 -4.72 -25.32 31.74
N TYR E 151 -3.43 -25.34 32.03
CA TYR E 151 -2.65 -24.13 32.29
C TYR E 151 -1.42 -24.23 31.40
N HIS E 152 -1.33 -23.34 30.41
CA HIS E 152 -0.23 -23.39 29.45
C HIS E 152 0.43 -22.02 29.36
N MET E 153 1.73 -21.98 29.62
CA MET E 153 2.50 -20.75 29.52
C MET E 153 3.86 -21.10 28.94
N PHE E 154 4.39 -20.21 28.10
CA PHE E 154 5.80 -20.31 27.74
C PHE E 154 6.37 -18.91 27.75
N ALA E 155 7.69 -18.84 27.91
CA ALA E 155 8.36 -17.55 28.04
C ALA E 155 9.76 -17.67 27.46
N VAL E 156 10.22 -16.58 26.86
CA VAL E 156 11.59 -16.47 26.35
C VAL E 156 12.11 -15.10 26.79
N GLY E 157 13.29 -15.08 27.41
CA GLY E 157 13.83 -13.84 27.92
C GLY E 157 15.35 -13.84 27.95
N GLY E 158 15.90 -12.66 28.21
CA GLY E 158 17.34 -12.42 28.35
C GLY E 158 17.84 -12.48 29.77
N GLU E 159 16.95 -12.85 30.69
CA GLU E 159 17.26 -13.04 32.11
C GLU E 159 16.12 -13.87 32.69
N PRO E 160 16.25 -14.34 33.94
CA PRO E 160 15.17 -15.16 34.52
C PRO E 160 13.84 -14.42 34.49
N LEU E 161 12.77 -15.20 34.32
CA LEU E 161 11.42 -14.64 34.36
C LEU E 161 11.09 -14.13 35.75
N ASP E 162 10.53 -12.92 35.82
CA ASP E 162 10.10 -12.36 37.09
C ASP E 162 8.74 -12.92 37.50
N LEU E 163 8.61 -13.27 38.77
CA LEU E 163 7.40 -13.90 39.27
C LEU E 163 6.79 -13.06 40.39
N GLN E 164 5.47 -13.02 40.44
CA GLN E 164 4.73 -12.42 41.55
C GLN E 164 3.96 -13.51 42.27
N GLY E 165 3.98 -13.46 43.60
CA GLY E 165 3.42 -14.50 44.43
C GLY E 165 2.00 -14.21 44.90
N ILE E 166 1.25 -15.28 45.15
CA ILE E 166 -0.13 -15.18 45.61
C ILE E 166 -0.49 -16.50 46.30
N GLU E 167 -1.53 -16.47 47.13
CA GLU E 167 -2.08 -17.67 47.75
C GLU E 167 -3.59 -17.67 47.54
N SER E 168 -4.13 -18.81 47.10
CA SER E 168 -5.58 -18.94 47.07
C SER E 168 -6.13 -19.04 48.49
N ASN E 169 -5.39 -19.68 49.40
CA ASN E 169 -5.71 -19.68 50.84
C ASN E 169 -4.45 -19.31 51.59
N GLY E 170 -4.47 -18.15 52.26
CA GLY E 170 -3.27 -17.66 52.91
C GLY E 170 -2.70 -18.61 53.94
N GLN E 171 -3.55 -19.42 54.58
CA GLN E 171 -3.13 -20.27 55.69
C GLN E 171 -2.86 -21.71 55.28
N THR E 172 -2.79 -21.99 53.98
CA THR E 172 -2.41 -23.33 53.52
C THR E 172 -1.14 -23.80 54.21
N LYS E 173 -1.15 -25.05 54.68
CA LYS E 173 0.01 -25.64 55.35
C LYS E 173 0.92 -26.30 54.32
N TYR E 174 2.18 -25.87 54.29
CA TYR E 174 3.18 -26.42 53.39
C TYR E 174 4.25 -27.16 54.19
N ALA E 175 4.71 -28.29 53.65
CA ALA E 175 5.72 -29.07 54.32
C ALA E 175 7.03 -28.29 54.36
N THR E 176 7.87 -28.64 55.32
CA THR E 176 9.21 -28.06 55.43
C THR E 176 10.24 -29.16 55.25
N ALA E 177 11.08 -29.02 54.23
CA ALA E 177 12.21 -29.90 54.00
C ALA E 177 13.49 -29.09 54.07
N ILE E 178 14.50 -29.65 54.71
CA ILE E 178 15.85 -29.11 54.69
C ILE E 178 16.71 -30.10 53.92
N PRO E 179 17.10 -29.82 52.66
CA PRO E 179 16.85 -28.57 51.94
C PRO E 179 15.44 -28.47 51.36
N ALA E 180 15.00 -27.25 51.06
CA ALA E 180 13.66 -27.05 50.52
C ALA E 180 13.54 -27.68 49.14
N LYS E 181 12.35 -28.21 48.85
CA LYS E 181 12.05 -28.77 47.55
C LYS E 181 11.18 -27.84 46.71
N SER E 182 10.76 -26.71 47.26
CA SER E 182 10.00 -25.68 46.57
C SER E 182 10.02 -24.44 47.45
N ILE E 183 9.63 -23.31 46.86
CA ILE E 183 9.62 -22.04 47.58
C ILE E 183 8.27 -21.38 47.42
N HIS E 184 7.81 -20.75 48.49
CA HIS E 184 6.48 -20.17 48.57
C HIS E 184 6.55 -18.66 48.74
N PRO E 185 5.50 -17.94 48.33
CA PRO E 185 5.53 -16.47 48.46
C PRO E 185 5.92 -15.97 49.84
N ASN E 186 5.35 -16.56 50.91
CA ASN E 186 5.69 -16.04 52.23
C ASN E 186 7.10 -16.40 52.67
N ASP E 187 7.76 -17.36 52.01
CA ASP E 187 9.17 -17.56 52.27
C ASP E 187 9.97 -16.30 51.97
N ILE E 188 9.46 -15.46 51.07
CA ILE E 188 10.09 -14.21 50.69
C ILE E 188 9.48 -13.03 51.42
N ALA E 189 8.15 -12.96 51.45
CA ALA E 189 7.50 -11.83 52.09
C ALA E 189 7.67 -11.85 53.60
N LYS E 190 7.70 -13.05 54.20
CA LYS E 190 7.90 -13.24 55.64
C LYS E 190 6.88 -12.44 56.45
N LEU E 191 5.60 -12.59 56.08
CA LEU E 191 4.55 -11.96 56.86
C LEU E 191 4.30 -12.78 58.13
N PRO E 192 3.95 -12.12 59.23
CA PRO E 192 3.47 -12.85 60.40
C PRO E 192 2.30 -13.77 60.04
N GLU E 193 2.24 -14.92 60.72
CA GLU E 193 1.21 -15.91 60.42
C GLU E 193 -0.17 -15.30 60.41
N GLU E 194 -0.45 -14.38 61.34
CA GLU E 194 -1.76 -13.76 61.42
C GLU E 194 -2.02 -12.77 60.28
N ASP E 195 -1.01 -12.43 59.50
CA ASP E 195 -1.14 -11.48 58.40
C ASP E 195 -1.14 -12.14 57.02
N LYS E 196 -1.11 -13.48 56.94
CA LYS E 196 -0.91 -14.12 55.64
C LYS E 196 -2.11 -13.99 54.72
N ALA E 197 -3.27 -13.56 55.22
CA ALA E 197 -4.39 -13.30 54.34
C ALA E 197 -4.09 -12.21 53.32
N GLN E 198 -3.09 -11.37 53.58
CA GLN E 198 -2.68 -10.38 52.59
C GLN E 198 -2.23 -11.04 51.29
N LEU E 199 -1.74 -12.28 51.37
CA LEU E 199 -1.26 -12.98 50.19
C LEU E 199 -2.38 -13.43 49.26
N GLN E 200 -3.64 -13.34 49.70
CA GLN E 200 -4.78 -13.55 48.82
C GLN E 200 -5.02 -12.37 47.89
N GLY E 201 -4.37 -11.23 48.14
CA GLY E 201 -4.37 -10.11 47.23
C GLY E 201 -3.02 -9.93 46.57
N LEU E 202 -2.52 -8.71 46.54
CA LEU E 202 -1.26 -8.37 45.90
C LEU E 202 -0.31 -7.86 46.96
N VAL E 203 0.71 -8.65 47.29
CA VAL E 203 1.76 -8.28 48.24
C VAL E 203 3.04 -8.02 47.44
N PRO E 204 3.44 -6.75 47.26
CA PRO E 204 4.60 -6.45 46.40
C PRO E 204 5.90 -7.10 46.85
N LYS E 205 6.07 -7.37 48.15
CA LYS E 205 7.29 -8.01 48.62
C LYS E 205 7.38 -9.46 48.16
N ALA E 206 6.25 -10.07 47.79
CA ALA E 206 6.23 -11.48 47.39
C ALA E 206 6.60 -11.60 45.91
N LYS E 207 7.88 -11.36 45.63
CA LYS E 207 8.43 -11.42 44.29
C LYS E 207 9.65 -12.32 44.26
N ALA E 208 9.90 -12.94 43.09
CA ALA E 208 10.98 -13.89 42.93
C ALA E 208 11.38 -13.93 41.46
N LYS E 209 12.55 -14.49 41.21
CA LYS E 209 13.01 -14.80 39.86
C LYS E 209 12.92 -16.30 39.63
N LEU E 210 12.44 -16.70 38.45
CA LEU E 210 12.34 -18.12 38.11
C LEU E 210 13.75 -18.62 37.78
N ASP E 211 14.52 -18.90 38.84
CA ASP E 211 15.94 -19.24 38.74
C ASP E 211 16.22 -20.70 39.03
N LYS E 212 15.19 -21.53 39.15
CA LYS E 212 15.39 -22.93 39.48
C LYS E 212 14.24 -23.74 38.87
N ASP E 213 14.61 -24.79 38.12
CA ASP E 213 13.64 -25.67 37.49
C ASP E 213 12.94 -26.53 38.54
N GLY E 214 11.63 -26.74 38.36
CA GLY E 214 10.85 -27.57 39.25
C GLY E 214 10.95 -27.12 40.71
N PHE E 215 10.56 -25.87 40.99
CA PHE E 215 10.79 -25.29 42.31
C PHE E 215 9.74 -24.24 42.66
N TYR E 216 9.14 -23.61 41.66
CA TYR E 216 8.19 -22.52 41.87
C TYR E 216 6.79 -22.99 41.48
N PRO E 217 5.90 -23.25 42.44
CA PRO E 217 4.59 -23.80 42.09
C PRO E 217 3.75 -22.81 41.30
N VAL E 218 3.06 -23.36 40.29
CA VAL E 218 2.15 -22.59 39.45
C VAL E 218 1.01 -21.99 40.25
N GLU E 219 0.56 -22.69 41.29
CA GLU E 219 -0.57 -22.21 42.07
C GLU E 219 -0.20 -21.07 43.02
N GLU E 220 1.09 -20.76 43.16
CA GLU E 220 1.56 -19.66 43.99
C GLU E 220 2.28 -18.56 43.24
N TRP E 221 2.69 -18.80 41.99
CA TRP E 221 3.57 -17.89 41.27
C TRP E 221 3.04 -17.65 39.86
N SER E 222 2.96 -16.38 39.47
CA SER E 222 2.56 -15.93 38.14
C SER E 222 3.65 -15.06 37.52
N PRO E 223 3.74 -15.00 36.19
CA PRO E 223 4.63 -14.01 35.58
C PRO E 223 4.25 -12.63 36.07
N ASP E 224 5.26 -11.83 36.39
CA ASP E 224 5.01 -10.53 36.99
C ASP E 224 4.87 -9.49 35.88
N PRO E 225 3.66 -8.96 35.63
CA PRO E 225 3.53 -7.94 34.56
C PRO E 225 4.16 -6.61 34.92
N SER E 226 4.46 -6.38 36.20
CA SER E 226 5.11 -5.15 36.64
C SER E 226 6.60 -5.15 36.34
N ARG E 227 7.18 -6.28 35.94
CA ARG E 227 8.59 -6.35 35.57
C ARG E 227 8.71 -6.99 34.19
N ASN E 228 9.67 -7.88 33.99
CA ASN E 228 9.77 -8.66 32.77
C ASN E 228 9.90 -7.79 31.52
N GLU E 229 10.52 -6.62 31.65
CA GLU E 229 10.75 -5.80 30.45
C GLU E 229 11.61 -6.53 29.43
N ASN E 230 12.44 -7.47 29.87
CA ASN E 230 13.39 -8.17 29.01
C ASN E 230 12.99 -9.63 28.77
N SER E 231 11.71 -9.94 28.92
CA SER E 231 11.17 -11.25 28.60
C SER E 231 9.84 -11.08 27.90
N ARG E 232 9.41 -12.13 27.21
CA ARG E 232 8.08 -12.22 26.62
C ARG E 232 7.43 -13.49 27.14
N TYR E 233 6.21 -13.40 27.65
CA TYR E 233 5.50 -14.59 28.07
C TYR E 233 4.06 -14.58 27.56
N TYR E 234 3.54 -15.78 27.39
CA TYR E 234 2.25 -16.03 26.75
C TYR E 234 1.60 -17.15 27.53
N GLY E 235 0.40 -16.92 28.04
CA GLY E 235 -0.25 -17.90 28.91
C GLY E 235 -1.75 -17.96 28.69
N SER E 236 -2.30 -19.13 28.95
CA SER E 236 -3.75 -19.32 28.90
C SER E 236 -4.15 -20.30 29.98
N PHE E 237 -5.37 -20.11 30.49
CA PHE E 237 -5.90 -21.00 31.53
C PHE E 237 -7.35 -21.31 31.22
N VAL E 238 -7.70 -22.59 31.27
CA VAL E 238 -9.10 -23.02 31.29
C VAL E 238 -9.27 -23.94 32.48
N GLY E 239 -10.15 -23.56 33.41
CA GLY E 239 -10.32 -24.26 34.67
C GLY E 239 -11.39 -25.33 34.67
N GLY E 240 -11.78 -25.74 35.87
CA GLY E 240 -12.73 -26.82 36.03
C GLY E 240 -12.06 -28.18 36.07
N LEU E 241 -12.82 -29.18 36.55
CA LEU E 241 -12.28 -30.53 36.66
C LEU E 241 -12.67 -31.46 35.53
N GLN E 242 -13.72 -31.13 34.76
CA GLN E 242 -14.18 -32.03 33.70
C GLN E 242 -14.12 -31.39 32.33
N THR E 243 -13.51 -30.21 32.24
CA THR E 243 -13.47 -29.46 30.99
C THR E 243 -12.70 -30.23 29.91
N PRO E 244 -13.23 -30.34 28.70
CA PRO E 244 -12.46 -30.96 27.61
C PRO E 244 -11.18 -30.20 27.38
N PRO E 245 -10.04 -30.88 27.41
CA PRO E 245 -8.78 -30.20 27.08
C PRO E 245 -8.75 -29.90 25.60
N ASN E 246 -8.30 -28.70 25.27
CA ASN E 246 -8.27 -28.18 23.90
C ASN E 246 -6.83 -27.77 23.60
N LEU E 247 -6.15 -28.52 22.73
N LEU E 247 -6.15 -28.53 22.75
CA LEU E 247 -4.73 -28.30 22.47
CA LEU E 247 -4.74 -28.28 22.46
C LEU E 247 -4.42 -28.42 20.98
C LEU E 247 -4.51 -28.34 20.95
N GLN E 248 -3.54 -27.55 20.49
CA GLN E 248 -3.17 -27.51 19.09
C GLN E 248 -1.69 -27.83 18.94
N PHE E 249 -1.32 -28.31 17.76
CA PHE E 249 0.08 -28.59 17.47
C PHE E 249 0.30 -28.45 15.96
N THR E 250 1.40 -27.79 15.61
CA THR E 250 1.76 -27.50 14.22
C THR E 250 3.22 -27.06 14.20
N ASN E 251 3.85 -27.18 13.03
CA ASN E 251 5.18 -26.61 12.84
C ASN E 251 5.17 -25.44 11.86
N ALA E 252 4.00 -24.84 11.61
CA ALA E 252 3.86 -23.80 10.60
C ALA E 252 3.65 -22.41 11.20
N VAL E 253 3.75 -22.26 12.51
N VAL E 253 3.82 -22.26 12.51
CA VAL E 253 3.52 -20.97 13.14
CA VAL E 253 3.49 -21.03 13.23
C VAL E 253 4.70 -20.66 14.05
C VAL E 253 4.67 -20.66 14.12
N SER E 254 5.06 -19.38 14.10
CA SER E 254 6.09 -18.88 14.99
C SER E 254 5.55 -17.67 15.73
N THR E 255 6.18 -17.36 16.86
CA THR E 255 5.87 -16.17 17.64
C THR E 255 7.00 -15.17 17.49
N VAL E 256 6.65 -13.93 17.14
CA VAL E 256 7.65 -12.87 17.03
C VAL E 256 7.86 -12.25 18.41
N LEU E 257 9.12 -12.16 18.83
CA LEU E 257 9.48 -11.72 20.17
C LEU E 257 9.85 -10.24 20.25
N LEU E 258 9.86 -9.53 19.13
CA LEU E 258 10.19 -8.10 19.13
C LEU E 258 9.08 -7.29 19.78
N ASP E 259 9.48 -6.21 20.47
CA ASP E 259 8.53 -5.33 21.14
C ASP E 259 8.05 -4.25 20.17
N GLU E 260 7.44 -3.19 20.70
CA GLU E 260 6.91 -2.13 19.83
C GLU E 260 8.01 -1.40 19.07
N ASN E 261 9.20 -1.30 19.66
CA ASN E 261 10.34 -0.65 19.03
C ASN E 261 11.16 -1.62 18.18
N GLY E 262 10.69 -2.84 17.97
CA GLY E 262 11.43 -3.81 17.19
C GLY E 262 12.64 -4.38 17.90
N VAL E 263 12.59 -4.48 19.22
CA VAL E 263 13.71 -4.97 20.01
C VAL E 263 13.26 -6.23 20.74
N GLY E 264 13.99 -7.33 20.54
CA GLY E 264 13.68 -8.56 21.23
C GLY E 264 14.40 -8.64 22.56
N PRO E 265 14.15 -9.69 23.33
CA PRO E 265 14.91 -9.88 24.58
C PRO E 265 16.41 -9.93 24.29
N LEU E 266 17.18 -9.24 25.12
CA LEU E 266 18.63 -9.16 24.98
C LEU E 266 19.27 -10.02 26.06
N CYS E 267 20.12 -10.96 25.63
CA CYS E 267 20.59 -12.04 26.49
C CYS E 267 21.75 -11.56 27.35
N LYS E 268 21.46 -11.22 28.60
CA LYS E 268 22.49 -10.77 29.53
C LYS E 268 23.41 -11.93 29.89
N GLY E 269 24.71 -11.65 29.89
CA GLY E 269 25.70 -12.69 30.13
C GLY E 269 25.70 -13.79 29.11
N ASP E 270 25.21 -13.51 27.90
CA ASP E 270 25.13 -14.49 26.81
C ASP E 270 24.32 -15.72 27.20
N GLY E 271 23.29 -15.54 28.02
CA GLY E 271 22.40 -16.61 28.41
C GLY E 271 20.98 -16.38 27.91
N LEU E 272 20.41 -17.41 27.30
CA LEU E 272 19.01 -17.38 26.86
C LEU E 272 18.15 -18.17 27.84
N PHE E 273 17.06 -17.56 28.30
CA PHE E 273 16.22 -18.14 29.34
C PHE E 273 14.86 -18.54 28.77
N VAL E 274 14.52 -19.82 28.89
CA VAL E 274 13.25 -20.35 28.44
C VAL E 274 12.52 -20.96 29.64
N SER E 275 11.19 -20.80 29.66
CA SER E 275 10.36 -21.23 30.78
C SER E 275 9.02 -21.71 30.25
N CYS E 276 8.36 -22.58 31.02
CA CYS E 276 7.02 -23.00 30.63
C CYS E 276 6.35 -23.74 31.79
N ALA E 277 5.05 -23.98 31.59
CA ALA E 277 4.25 -24.89 32.39
C ALA E 277 3.11 -25.36 31.50
N ASP E 278 2.87 -26.68 31.44
CA ASP E 278 1.82 -27.22 30.58
C ASP E 278 1.03 -28.28 31.34
N ILE E 279 0.12 -27.83 32.20
CA ILE E 279 -0.86 -28.73 32.81
C ILE E 279 -1.91 -29.03 31.75
N CYS E 280 -2.07 -30.30 31.41
CA CYS E 280 -3.00 -30.69 30.34
C CYS E 280 -4.30 -31.29 30.88
N GLY E 281 -4.43 -31.42 32.19
CA GLY E 281 -5.64 -31.95 32.79
C GLY E 281 -5.29 -32.80 34.00
N VAL E 282 -6.26 -33.58 34.46
CA VAL E 282 -6.08 -34.42 35.64
C VAL E 282 -6.51 -35.84 35.33
N LEU E 283 -5.94 -36.77 36.09
CA LEU E 283 -6.38 -38.14 36.18
C LEU E 283 -7.17 -38.28 37.47
N VAL E 284 -8.25 -39.06 37.44
CA VAL E 284 -9.09 -39.30 38.62
C VAL E 284 -8.83 -40.72 39.08
N LYS E 285 -8.36 -40.87 40.33
CA LYS E 285 -8.08 -42.19 40.88
C LYS E 285 -9.36 -42.96 41.17
N ALA E 286 -9.37 -44.25 40.82
CA ALA E 286 -10.57 -45.04 41.01
C ALA E 286 -10.89 -45.25 42.50
N ASP E 287 -9.87 -45.40 43.34
CA ASP E 287 -10.19 -45.90 44.68
C ASP E 287 -10.62 -44.80 45.66
N ASN E 288 -10.23 -43.55 45.44
CA ASN E 288 -10.70 -42.45 46.28
C ASN E 288 -11.23 -41.27 45.48
N GLU E 289 -11.18 -41.31 44.15
CA GLU E 289 -11.62 -40.23 43.28
C GLU E 289 -10.78 -38.96 43.44
N ALA E 290 -9.61 -39.07 44.06
CA ALA E 290 -8.69 -37.95 44.15
C ALA E 290 -7.98 -37.80 42.81
N ILE E 291 -7.14 -36.77 42.66
CA ILE E 291 -6.62 -36.44 41.34
C ILE E 291 -5.10 -36.31 41.34
N ARG E 292 -4.53 -36.52 40.16
CA ARG E 292 -3.17 -36.12 39.83
C ARG E 292 -3.21 -35.26 38.58
N TYR E 293 -2.43 -34.18 38.57
CA TYR E 293 -2.23 -33.42 37.34
C TYR E 293 -1.36 -34.21 36.36
N ARG E 294 -1.54 -33.95 35.07
CA ARG E 294 -0.68 -34.51 34.03
C ARG E 294 -0.10 -33.38 33.20
N GLY E 295 1.21 -33.42 32.96
CA GLY E 295 1.87 -32.48 32.08
C GLY E 295 2.53 -33.19 30.91
N LEU E 296 2.91 -32.39 29.90
CA LEU E 296 3.58 -32.87 28.70
C LEU E 296 4.81 -32.03 28.42
N PRO E 297 5.81 -32.58 27.73
CA PRO E 297 7.03 -31.82 27.46
C PRO E 297 6.79 -30.79 26.37
N ARG E 298 7.60 -29.72 26.40
CA ARG E 298 7.48 -28.62 25.46
C ARG E 298 8.82 -28.41 24.76
N TYR E 299 8.75 -28.24 23.45
CA TYR E 299 9.91 -27.98 22.61
C TYR E 299 10.01 -26.49 22.31
N PHE E 300 11.26 -26.01 22.18
CA PHE E 300 11.55 -24.62 21.85
C PHE E 300 12.56 -24.59 20.70
N LYS E 301 12.31 -23.72 19.72
CA LYS E 301 13.34 -23.33 18.75
C LYS E 301 13.36 -21.81 18.72
N VAL E 302 14.47 -21.21 19.15
CA VAL E 302 14.58 -19.77 19.28
C VAL E 302 15.61 -19.26 18.28
N THR E 303 15.23 -18.25 17.50
CA THR E 303 16.12 -17.63 16.53
C THR E 303 16.64 -16.32 17.08
N LEU E 304 17.95 -16.11 16.99
CA LEU E 304 18.58 -14.94 17.57
C LEU E 304 19.44 -14.22 16.54
N ARG E 305 19.66 -12.93 16.77
CA ARG E 305 20.57 -12.11 15.98
C ARG E 305 21.43 -11.28 16.92
N LYS E 306 22.45 -10.62 16.37
CA LYS E 306 23.36 -9.81 17.16
C LYS E 306 22.94 -8.34 17.14
N ARG E 307 22.96 -7.71 18.31
CA ARG E 307 22.57 -6.32 18.45
C ARG E 307 23.61 -5.59 19.27
N ALA E 308 23.94 -4.36 18.87
CA ALA E 308 24.90 -3.54 19.59
C ALA E 308 24.19 -2.66 20.61
N VAL E 309 24.77 -2.57 21.81
CA VAL E 309 24.18 -1.85 22.93
C VAL E 309 25.26 -1.04 23.63
N LYS E 310 24.82 0.01 24.34
CA LYS E 310 25.73 0.93 25.01
C LYS E 310 26.11 0.46 26.42
N THR F 38 -22.80 10.63 -16.70
CA THR F 38 -21.57 10.91 -17.47
C THR F 38 -21.92 11.36 -18.89
N THR F 39 -21.10 12.25 -19.42
CA THR F 39 -21.33 12.80 -20.75
C THR F 39 -20.01 13.37 -21.25
N GLU F 40 -19.76 13.22 -22.55
CA GLU F 40 -18.58 13.76 -23.20
C GLU F 40 -18.98 14.87 -24.16
N ILE F 41 -18.20 15.95 -24.17
CA ILE F 41 -18.42 17.11 -25.03
C ILE F 41 -17.14 17.31 -25.81
N GLU F 42 -17.25 17.41 -27.14
CA GLU F 42 -16.06 17.70 -27.94
C GLU F 42 -16.31 18.90 -28.85
N LEU F 43 -15.24 19.65 -29.14
CA LEU F 43 -15.33 20.80 -30.02
C LEU F 43 -13.93 21.27 -30.38
N TRP F 44 -13.86 22.03 -31.46
CA TRP F 44 -12.64 22.67 -31.94
C TRP F 44 -12.73 24.17 -31.67
N LEU F 45 -11.60 24.76 -31.29
CA LEU F 45 -11.46 26.21 -31.25
C LEU F 45 -10.45 26.61 -32.33
N GLU F 46 -10.92 27.37 -33.34
CA GLU F 46 -10.03 27.83 -34.39
CA GLU F 46 -10.06 27.86 -34.40
C GLU F 46 -9.21 29.02 -33.89
N PRO F 47 -7.97 29.16 -34.39
CA PRO F 47 -7.08 30.20 -33.86
C PRO F 47 -7.57 31.60 -34.19
N ARG F 48 -7.28 32.54 -33.29
CA ARG F 48 -7.66 33.94 -33.45
C ARG F 48 -6.39 34.80 -33.34
N MET F 49 -5.53 34.68 -34.35
CA MET F 49 -4.25 35.37 -34.32
C MET F 49 -4.34 36.83 -34.75
N GLY F 50 -5.50 37.26 -35.22
CA GLY F 50 -5.65 38.64 -35.69
C GLY F 50 -6.50 38.69 -36.95
N VAL F 51 -6.06 37.97 -37.98
CA VAL F 51 -6.91 37.71 -39.13
C VAL F 51 -7.78 36.52 -38.75
N ASN F 52 -9.02 36.81 -38.33
CA ASN F 52 -9.82 35.82 -37.62
C ASN F 52 -10.91 35.19 -38.49
N ALA F 53 -10.95 35.50 -39.77
CA ALA F 53 -11.87 34.82 -40.67
C ALA F 53 -11.24 34.75 -42.05
N PRO F 54 -11.46 33.66 -42.80
CA PRO F 54 -10.99 33.58 -44.19
C PRO F 54 -11.90 34.31 -45.17
N THR F 55 -12.17 35.58 -44.87
CA THR F 55 -13.03 36.43 -45.69
C THR F 55 -12.42 37.83 -45.72
N GLY F 56 -12.79 38.60 -46.74
CA GLY F 56 -12.35 39.98 -46.81
C GLY F 56 -10.95 40.12 -47.40
N ASP F 57 -10.42 41.34 -47.25
CA ASP F 57 -9.17 41.70 -47.91
C ASP F 57 -7.99 40.89 -47.40
N ARG F 58 -8.04 40.45 -46.14
CA ARG F 58 -6.92 39.75 -45.53
C ARG F 58 -7.11 38.24 -45.47
N LYS F 59 -8.07 37.72 -46.23
CA LYS F 59 -8.49 36.32 -46.05
C LYS F 59 -7.36 35.32 -46.29
N GLU F 60 -6.41 35.63 -47.18
CA GLU F 60 -5.37 34.63 -47.43
C GLU F 60 -4.44 34.42 -46.23
N TRP F 61 -4.49 35.28 -45.22
CA TRP F 61 -3.65 35.12 -44.03
C TRP F 61 -4.46 34.70 -42.80
N TYR F 62 -5.62 34.10 -43.02
CA TYR F 62 -6.41 33.53 -41.93
C TYR F 62 -5.57 32.53 -41.13
N GLY F 63 -5.62 32.64 -39.80
CA GLY F 63 -4.81 31.82 -38.94
C GLY F 63 -3.45 32.42 -38.63
N TYR F 64 -3.16 33.60 -39.15
CA TYR F 64 -1.96 34.37 -38.86
C TYR F 64 -2.40 35.73 -38.35
N SER F 65 -1.46 36.45 -37.75
CA SER F 65 -1.67 37.86 -37.46
C SER F 65 -1.33 38.70 -38.68
N GLU F 66 -1.77 39.96 -38.65
CA GLU F 66 -1.26 40.95 -39.60
C GLU F 66 0.22 41.23 -39.29
N VAL F 67 0.90 41.92 -40.21
CA VAL F 67 2.33 42.18 -40.09
C VAL F 67 2.60 43.18 -38.97
N ILE F 68 3.66 42.92 -38.18
CA ILE F 68 4.06 43.76 -37.07
C ILE F 68 5.49 44.25 -37.29
N HIS F 69 5.70 45.56 -37.12
CA HIS F 69 7.00 46.20 -37.22
C HIS F 69 7.36 46.85 -35.89
N HIS F 70 8.65 47.16 -35.72
CA HIS F 70 9.16 47.61 -34.42
C HIS F 70 8.45 48.86 -33.91
N ALA F 71 8.18 49.83 -34.79
CA ALA F 71 7.56 51.08 -34.34
C ALA F 71 6.03 51.06 -34.38
N ASP F 72 5.41 49.92 -34.69
CA ASP F 72 3.96 49.88 -34.71
C ASP F 72 3.42 50.16 -33.30
N GLY F 73 2.39 50.98 -33.22
CA GLY F 73 1.90 51.48 -31.94
C GLY F 73 2.63 52.70 -31.43
N TYR F 74 3.70 53.12 -32.10
CA TYR F 74 4.38 54.36 -31.80
C TYR F 74 4.22 55.39 -32.91
N ASP F 75 4.68 55.09 -34.13
CA ASP F 75 4.44 56.00 -35.25
C ASP F 75 3.18 55.63 -36.05
N ASN F 76 2.35 54.74 -35.51
CA ASN F 76 1.02 54.46 -36.04
C ASN F 76 0.21 53.80 -34.93
N ASN F 77 -1.05 53.48 -35.22
CA ASN F 77 -1.91 52.78 -34.29
C ASN F 77 -1.79 51.28 -34.50
N LEU F 78 -1.65 50.54 -33.40
CA LEU F 78 -1.66 49.09 -33.48
C LEU F 78 -3.09 48.59 -33.67
N LEU F 79 -3.30 47.80 -34.71
CA LEU F 79 -4.63 47.28 -35.07
C LEU F 79 -4.91 45.95 -34.37
N SER F 80 -6.20 45.67 -34.18
N SER F 80 -6.20 45.68 -34.18
CA SER F 80 -6.60 44.40 -33.59
CA SER F 80 -6.62 44.40 -33.61
C SER F 80 -6.07 43.21 -34.39
C SER F 80 -6.04 43.23 -34.40
N VAL F 81 -5.96 43.36 -35.71
CA VAL F 81 -5.45 42.26 -36.54
C VAL F 81 -3.98 41.99 -36.30
N GLN F 82 -3.25 42.91 -35.66
CA GLN F 82 -1.84 42.71 -35.32
C GLN F 82 -1.64 42.09 -33.95
N MET F 83 -2.70 41.71 -33.25
CA MET F 83 -2.61 41.33 -31.83
C MET F 83 -3.31 40.00 -31.63
N PRO F 84 -2.57 38.90 -31.52
CA PRO F 84 -3.22 37.59 -31.30
C PRO F 84 -4.09 37.60 -30.04
N GLN F 85 -5.24 36.93 -30.14
CA GLN F 85 -6.26 36.96 -29.10
C GLN F 85 -6.60 35.56 -28.61
N TYR F 86 -7.29 35.50 -27.46
CA TYR F 86 -7.78 34.24 -26.95
C TYR F 86 -8.97 33.75 -27.76
N SER F 87 -9.01 32.44 -27.99
CA SER F 87 -10.20 31.76 -28.48
C SER F 87 -11.06 31.35 -27.30
N CYS F 88 -12.37 31.31 -27.49
CA CYS F 88 -13.22 30.83 -26.41
C CYS F 88 -14.59 30.46 -26.94
N ALA F 89 -15.30 29.64 -26.17
CA ALA F 89 -16.63 29.18 -26.57
C ALA F 89 -17.36 28.70 -25.32
N ARG F 90 -18.68 28.82 -25.37
CA ARG F 90 -19.56 28.30 -24.33
C ARG F 90 -20.43 27.22 -24.95
N VAL F 91 -20.37 26.00 -24.40
CA VAL F 91 -21.17 24.88 -24.88
C VAL F 91 -22.39 24.77 -23.97
N GLN F 92 -23.58 24.72 -24.58
CA GLN F 92 -24.81 24.53 -23.83
C GLN F 92 -24.98 23.05 -23.51
N LEU F 93 -25.10 22.72 -22.23
CA LEU F 93 -25.24 21.34 -21.80
C LEU F 93 -26.71 21.00 -21.59
N PRO F 94 -27.05 19.72 -21.52
CA PRO F 94 -28.45 19.34 -21.23
C PRO F 94 -28.95 19.98 -19.93
N MET F 95 -30.13 20.60 -20.01
CA MET F 95 -30.70 21.27 -18.85
C MET F 95 -31.06 20.26 -17.77
N LEU F 96 -30.61 20.50 -16.54
CA LEU F 96 -30.69 19.48 -15.50
C LEU F 96 -31.88 19.64 -14.55
N ASN F 97 -32.35 20.87 -14.32
CA ASN F 97 -33.37 21.14 -13.32
C ASN F 97 -34.58 21.82 -13.96
N THR F 98 -35.77 21.30 -13.66
CA THR F 98 -37.01 21.93 -14.10
C THR F 98 -37.40 23.12 -13.23
N ASP F 99 -36.76 23.29 -12.07
CA ASP F 99 -37.13 24.34 -11.13
C ASP F 99 -35.86 24.79 -10.43
N MET F 100 -35.37 25.98 -10.78
CA MET F 100 -34.14 26.49 -10.19
C MET F 100 -34.33 27.04 -8.79
N THR F 101 -35.55 27.01 -8.24
CA THR F 101 -35.79 27.50 -6.89
C THR F 101 -35.50 26.46 -5.81
N CYS F 102 -35.32 25.20 -6.19
CA CYS F 102 -35.14 24.12 -5.24
C CYS F 102 -33.84 24.27 -4.46
N GLU F 103 -33.87 23.83 -3.19
CA GLU F 103 -32.70 23.98 -2.33
C GLU F 103 -31.57 23.05 -2.74
N THR F 104 -31.89 21.92 -3.38
CA THR F 104 -30.89 20.99 -3.89
C THR F 104 -31.03 20.90 -5.40
N LEU F 105 -29.97 21.25 -6.12
CA LEU F 105 -30.00 21.25 -7.57
C LEU F 105 -28.89 20.36 -8.13
N MET F 106 -29.09 19.92 -9.38
CA MET F 106 -28.08 19.17 -10.11
C MET F 106 -27.24 20.13 -10.95
N MET F 107 -25.95 19.86 -11.03
CA MET F 107 -25.05 20.62 -11.91
C MET F 107 -24.12 19.67 -12.64
N TRP F 108 -23.75 20.04 -13.86
CA TRP F 108 -22.70 19.32 -14.57
C TRP F 108 -21.34 19.67 -13.98
N GLU F 109 -20.52 18.65 -13.74
CA GLU F 109 -19.18 18.83 -13.18
C GLU F 109 -18.15 18.31 -14.16
N ALA F 110 -17.25 19.17 -14.61
CA ALA F 110 -16.19 18.74 -15.53
C ALA F 110 -15.12 18.00 -14.72
N VAL F 111 -14.82 16.76 -15.11
N VAL F 111 -14.86 16.75 -15.11
CA VAL F 111 -13.90 15.94 -14.33
CA VAL F 111 -13.94 15.88 -14.39
C VAL F 111 -12.57 15.69 -15.05
C VAL F 111 -12.57 15.84 -15.05
N SER F 112 -12.53 15.71 -16.37
CA SER F 112 -11.27 15.55 -17.06
C SER F 112 -11.41 16.09 -18.47
N CYS F 113 -10.28 16.21 -19.15
CA CYS F 113 -10.33 16.63 -20.53
CA CYS F 113 -10.25 16.76 -20.50
C CYS F 113 -9.06 16.18 -21.25
N LYS F 114 -9.25 15.88 -22.53
CA LYS F 114 -8.16 15.66 -23.46
C LYS F 114 -8.14 16.85 -24.38
N THR F 115 -6.95 17.36 -24.69
CA THR F 115 -6.87 18.51 -25.57
C THR F 115 -5.62 18.37 -26.43
N GLU F 116 -5.71 18.88 -27.65
CA GLU F 116 -4.64 18.65 -28.61
C GLU F 116 -4.59 19.78 -29.62
N VAL F 117 -3.37 20.23 -29.93
CA VAL F 117 -3.12 21.19 -31.01
C VAL F 117 -2.87 20.41 -32.30
N VAL F 118 -3.69 20.65 -33.31
CA VAL F 118 -3.65 19.89 -34.56
C VAL F 118 -2.87 20.68 -35.59
N GLY F 119 -2.26 19.96 -36.54
CA GLY F 119 -1.53 20.60 -37.62
C GLY F 119 -0.07 20.88 -37.32
N ILE F 120 0.49 20.24 -36.29
CA ILE F 120 1.86 20.52 -35.87
C ILE F 120 2.84 20.17 -36.98
N GLY F 121 2.56 19.08 -37.72
CA GLY F 121 3.42 18.72 -38.84
C GLY F 121 3.59 19.80 -39.88
N SER F 122 2.56 20.65 -40.07
CA SER F 122 2.69 21.72 -41.05
C SER F 122 3.80 22.71 -40.71
N LEU F 123 4.29 22.73 -39.47
CA LEU F 123 5.35 23.65 -39.07
C LEU F 123 6.72 23.24 -39.61
N ILE F 124 6.86 22.10 -40.28
CA ILE F 124 8.13 21.76 -40.91
C ILE F 124 8.38 22.58 -42.17
N SER F 125 7.40 23.32 -42.67
CA SER F 125 7.53 23.90 -44.02
C SER F 125 8.68 24.90 -44.08
N VAL F 126 9.49 24.79 -45.15
CA VAL F 126 10.52 25.78 -45.46
C VAL F 126 10.28 26.32 -46.86
N HIS F 127 9.02 26.31 -47.29
CA HIS F 127 8.61 27.00 -48.53
C HIS F 127 7.47 27.94 -48.22
N LEU F 128 7.61 28.74 -47.17
CA LEU F 128 6.52 29.59 -46.71
C LEU F 128 6.36 30.81 -47.60
N LEU F 129 5.13 31.04 -48.04
CA LEU F 129 4.80 32.17 -48.92
C LEU F 129 5.27 33.48 -48.31
N GLU F 130 6.01 34.25 -49.11
CA GLU F 130 6.51 35.60 -48.81
C GLU F 130 7.62 35.63 -47.77
N ALA F 131 8.09 34.49 -47.29
CA ALA F 131 9.03 34.45 -46.18
C ALA F 131 10.48 34.61 -46.63
N LYS F 132 11.27 35.19 -45.71
CA LYS F 132 12.70 35.39 -45.88
C LYS F 132 13.41 34.07 -46.17
N MET F 133 14.40 34.11 -47.08
CA MET F 133 15.23 32.94 -47.35
C MET F 133 16.33 32.84 -46.31
N GLU F 134 16.53 31.63 -45.78
CA GLU F 134 17.57 31.37 -44.80
C GLU F 134 18.80 30.80 -45.54
N ALA F 135 19.55 31.69 -46.18
CA ALA F 135 20.76 31.33 -46.93
C ALA F 135 21.48 32.62 -47.31
N GLY F 136 22.66 32.47 -47.92
CA GLY F 136 23.49 33.59 -48.28
C GLY F 136 23.00 34.33 -49.51
N PRO F 137 23.76 35.38 -49.87
CA PRO F 137 23.28 36.33 -50.90
C PRO F 137 22.95 35.74 -52.26
N ASN F 138 23.76 34.80 -52.76
CA ASN F 138 23.58 34.27 -54.11
C ASN F 138 22.85 32.94 -54.12
N SER F 139 22.24 32.55 -53.01
CA SER F 139 21.72 31.21 -52.84
C SER F 139 20.25 31.12 -53.21
N ASP F 140 19.75 29.89 -53.19
CA ASP F 140 18.37 29.56 -53.43
C ASP F 140 17.99 28.53 -52.37
N GLY F 141 17.97 28.98 -51.11
CA GLY F 141 17.85 28.08 -49.98
C GLY F 141 16.43 27.97 -49.48
N PRO F 142 16.26 27.35 -48.30
CA PRO F 142 14.93 27.23 -47.69
C PRO F 142 14.42 28.59 -47.22
N SER F 143 13.10 28.67 -47.04
CA SER F 143 12.62 29.79 -46.25
C SER F 143 12.91 29.55 -44.78
N ARG F 144 12.98 30.63 -44.00
CA ARG F 144 12.86 30.50 -42.56
C ARG F 144 11.58 29.75 -42.24
N PRO F 145 11.62 28.71 -41.41
CA PRO F 145 10.38 28.07 -40.95
C PRO F 145 9.75 28.89 -39.83
N ILE F 146 8.51 28.51 -39.46
CA ILE F 146 7.88 29.08 -38.28
C ILE F 146 8.74 28.78 -37.06
N GLU F 147 9.10 29.81 -36.31
CA GLU F 147 9.90 29.64 -35.10
C GLU F 147 9.72 30.88 -34.23
N GLY F 148 10.35 30.87 -33.06
CA GLY F 148 10.19 31.98 -32.17
C GLY F 148 9.11 31.74 -31.13
N MET F 149 8.60 32.85 -30.60
CA MET F 149 7.87 32.80 -29.34
C MET F 149 6.62 31.91 -29.46
N ASN F 150 6.45 31.05 -28.48
CA ASN F 150 5.33 30.12 -28.40
C ASN F 150 4.57 30.43 -27.11
N TYR F 151 3.26 30.60 -27.23
CA TYR F 151 2.41 30.87 -26.09
C TYR F 151 1.23 29.92 -26.18
N HIS F 152 1.11 29.02 -25.20
CA HIS F 152 0.11 27.96 -25.25
C HIS F 152 -0.65 27.91 -23.93
N MET F 153 -1.97 28.05 -24.00
CA MET F 153 -2.81 28.00 -22.82
C MET F 153 -4.12 27.33 -23.20
N PHE F 154 -4.62 26.49 -22.31
CA PHE F 154 -6.01 26.06 -22.42
C PHE F 154 -6.64 26.14 -21.04
N ALA F 155 -7.97 26.24 -21.04
CA ALA F 155 -8.73 26.37 -19.80
C ALA F 155 -10.09 25.73 -20.00
N VAL F 156 -10.62 25.15 -18.91
CA VAL F 156 -11.96 24.60 -18.88
C VAL F 156 -12.60 25.10 -17.60
N GLY F 157 -13.81 25.66 -17.70
CA GLY F 157 -14.46 26.19 -16.52
C GLY F 157 -15.97 26.11 -16.63
N GLY F 158 -16.62 26.36 -15.50
CA GLY F 158 -18.07 26.45 -15.43
C GLY F 158 -18.60 27.87 -15.53
N GLU F 159 -17.74 28.82 -15.89
CA GLU F 159 -18.11 30.21 -16.16
C GLU F 159 -16.94 30.82 -16.96
N PRO F 160 -17.11 32.00 -17.52
CA PRO F 160 -16.02 32.58 -18.33
C PRO F 160 -14.73 32.71 -17.52
N LEU F 161 -13.61 32.58 -18.22
CA LEU F 161 -12.30 32.75 -17.61
C LEU F 161 -12.11 34.20 -17.16
N ASP F 162 -11.66 34.38 -15.92
CA ASP F 162 -11.30 35.72 -15.45
C ASP F 162 -9.92 36.12 -15.96
N LEU F 163 -9.82 37.39 -16.38
CA LEU F 163 -8.61 37.94 -16.97
C LEU F 163 -8.11 39.13 -16.18
N GLN F 164 -6.79 39.27 -16.12
CA GLN F 164 -6.13 40.45 -15.55
C GLN F 164 -5.35 41.15 -16.65
N GLY F 165 -5.46 42.48 -16.70
CA GLY F 165 -4.83 43.24 -17.76
C GLY F 165 -3.46 43.79 -17.41
N ILE F 166 -2.67 44.05 -18.46
CA ILE F 166 -1.32 44.59 -18.32
C ILE F 166 -0.93 45.23 -19.65
N GLU F 167 0.07 46.11 -19.60
CA GLU F 167 0.70 46.66 -20.82
C GLU F 167 2.21 46.52 -20.70
N SER F 168 2.86 46.04 -21.76
CA SER F 168 4.31 46.12 -21.79
C SER F 168 4.75 47.57 -21.95
N ASN F 169 4.01 48.37 -22.69
CA ASN F 169 4.25 49.81 -22.83
C ASN F 169 2.94 50.53 -22.56
N GLY F 170 2.87 51.25 -21.44
CA GLY F 170 1.64 51.92 -21.07
C GLY F 170 1.06 52.80 -22.18
N GLN F 171 1.91 53.43 -22.98
CA GLN F 171 1.46 54.44 -23.93
C GLN F 171 1.34 53.92 -25.36
N THR F 172 1.29 52.60 -25.56
CA THR F 172 1.06 52.08 -26.90
C THR F 172 -0.23 52.64 -27.48
N LYS F 173 -0.16 53.05 -28.75
CA LYS F 173 -1.31 53.61 -29.45
C LYS F 173 -2.11 52.49 -30.10
N TYR F 174 -3.39 52.39 -29.75
CA TYR F 174 -4.28 51.40 -30.34
C TYR F 174 -5.30 52.07 -31.22
N ALA F 175 -5.70 51.37 -32.28
CA ALA F 175 -6.75 51.88 -33.16
C ALA F 175 -8.08 51.91 -32.41
N THR F 176 -8.95 52.82 -32.84
CA THR F 176 -10.31 52.90 -32.33
C THR F 176 -11.27 52.67 -33.48
N ALA F 177 -12.11 51.64 -33.37
CA ALA F 177 -13.11 51.33 -34.37
C ALA F 177 -14.46 51.26 -33.70
N ILE F 178 -15.49 51.70 -34.41
CA ILE F 178 -16.88 51.56 -33.99
C ILE F 178 -17.56 50.60 -34.97
N PRO F 179 -17.91 49.38 -34.54
CA PRO F 179 -17.68 48.84 -33.20
C PRO F 179 -16.23 48.39 -32.97
N ALA F 180 -15.83 48.32 -31.70
CA ALA F 180 -14.48 47.88 -31.37
C ALA F 180 -14.25 46.46 -31.88
N LYS F 181 -13.03 46.20 -32.34
CA LYS F 181 -12.64 44.86 -32.74
C LYS F 181 -11.79 44.14 -31.70
N SER F 182 -11.38 44.84 -30.65
CA SER F 182 -10.66 44.26 -29.52
C SER F 182 -10.88 45.18 -28.33
N ILE F 183 -10.57 44.68 -27.13
CA ILE F 183 -10.70 45.48 -25.93
C ILE F 183 -9.39 45.45 -25.16
N HIS F 184 -8.97 46.60 -24.66
CA HIS F 184 -7.68 46.81 -24.05
C HIS F 184 -7.86 47.13 -22.57
N PRO F 185 -6.86 46.83 -21.72
CA PRO F 185 -7.03 47.03 -20.28
C PRO F 185 -7.51 48.43 -19.89
N ASN F 186 -7.04 49.48 -20.56
CA ASN F 186 -7.48 50.80 -20.14
C ASN F 186 -8.88 51.15 -20.63
N ASP F 187 -9.45 50.37 -21.54
CA ASP F 187 -10.86 50.55 -21.84
C ASP F 187 -11.73 50.22 -20.63
N ILE F 188 -11.22 49.40 -19.72
CA ILE F 188 -11.94 49.06 -18.49
C ILE F 188 -11.45 49.88 -17.31
N ALA F 189 -10.14 50.08 -17.20
CA ALA F 189 -9.59 50.80 -16.05
C ALA F 189 -9.80 52.29 -16.17
N LYS F 190 -9.79 52.83 -17.39
CA LYS F 190 -10.06 54.24 -17.66
C LYS F 190 -9.14 55.14 -16.84
N LEU F 191 -7.86 54.77 -16.77
CA LEU F 191 -6.88 55.64 -16.19
C LEU F 191 -6.70 56.86 -17.08
N PRO F 192 -6.36 58.02 -16.50
CA PRO F 192 -5.96 59.15 -17.32
C PRO F 192 -4.75 58.79 -18.16
N GLU F 193 -4.68 59.38 -19.36
CA GLU F 193 -3.66 58.98 -20.32
C GLU F 193 -2.25 59.15 -19.77
N GLU F 194 -2.02 60.19 -18.96
CA GLU F 194 -0.70 60.38 -18.37
C GLU F 194 -0.42 59.42 -17.22
N ASP F 195 -1.39 58.62 -16.80
CA ASP F 195 -1.22 57.64 -15.73
C ASP F 195 -1.07 56.21 -16.24
N LYS F 196 -1.02 56.00 -17.56
CA LYS F 196 -1.11 54.64 -18.06
C LYS F 196 0.14 53.81 -17.78
N ALA F 197 1.25 54.44 -17.40
CA ALA F 197 2.42 53.67 -16.95
C ALA F 197 2.09 52.74 -15.79
N GLN F 198 1.03 53.04 -15.01
CA GLN F 198 0.60 52.10 -13.98
C GLN F 198 0.26 50.73 -14.55
N LEU F 199 -0.18 50.67 -15.81
CA LEU F 199 -0.54 49.40 -16.42
C LEU F 199 0.67 48.50 -16.69
N GLN F 200 1.88 49.02 -16.53
CA GLN F 200 3.06 48.19 -16.62
C GLN F 200 3.29 47.36 -15.37
N GLY F 201 2.53 47.64 -14.31
CA GLY F 201 2.49 46.79 -13.13
C GLY F 201 1.16 46.10 -12.97
N LEU F 202 0.59 46.10 -11.76
CA LEU F 202 -0.68 45.44 -11.47
C LEU F 202 -1.72 46.51 -11.17
N VAL F 203 -2.69 46.68 -12.07
CA VAL F 203 -3.77 47.64 -11.90
C VAL F 203 -5.05 46.85 -11.59
N PRO F 204 -5.57 46.90 -10.37
CA PRO F 204 -6.73 46.04 -10.02
C PRO F 204 -7.98 46.36 -10.81
N LYS F 205 -8.14 47.59 -11.30
CA LYS F 205 -9.32 47.91 -12.09
C LYS F 205 -9.27 47.27 -13.48
N ALA F 206 -8.10 46.85 -13.95
CA ALA F 206 -7.97 46.26 -15.28
C ALA F 206 -8.28 44.77 -15.23
N LYS F 207 -9.56 44.46 -15.05
CA LYS F 207 -10.04 43.08 -14.99
C LYS F 207 -11.21 42.92 -15.96
N ALA F 208 -11.34 41.72 -16.50
CA ALA F 208 -12.40 41.43 -17.44
C ALA F 208 -12.69 39.94 -17.41
N LYS F 209 -13.81 39.57 -18.00
CA LYS F 209 -14.14 38.18 -18.27
C LYS F 209 -13.88 37.88 -19.74
N LEU F 210 -13.35 36.68 -20.01
CA LEU F 210 -13.15 36.22 -21.39
C LEU F 210 -14.51 35.80 -21.93
N ASP F 211 -15.26 36.79 -22.41
CA ASP F 211 -16.66 36.59 -22.79
C ASP F 211 -16.91 36.81 -24.28
N LYS F 212 -15.86 36.90 -25.09
CA LYS F 212 -16.02 37.11 -26.52
C LYS F 212 -14.80 36.54 -27.24
N ASP F 213 -15.05 35.69 -28.22
CA ASP F 213 -13.98 35.06 -28.99
C ASP F 213 -13.31 36.07 -29.91
N GLY F 214 -11.98 35.93 -30.08
CA GLY F 214 -11.25 36.83 -30.95
C GLY F 214 -11.40 38.29 -30.58
N PHE F 215 -11.15 38.62 -29.30
CA PHE F 215 -11.45 39.96 -28.81
C PHE F 215 -10.47 40.45 -27.74
N TYR F 216 -9.90 39.54 -26.94
CA TYR F 216 -8.98 39.92 -25.88
C TYR F 216 -7.53 39.58 -26.28
N PRO F 217 -6.66 40.56 -26.49
CA PRO F 217 -5.30 40.24 -26.93
C PRO F 217 -4.47 39.57 -25.85
N VAL F 218 -3.73 38.53 -26.27
CA VAL F 218 -2.81 37.80 -25.41
C VAL F 218 -1.77 38.74 -24.78
N GLU F 219 -1.32 39.73 -25.53
CA GLU F 219 -0.24 40.58 -25.03
C GLU F 219 -0.72 41.59 -23.99
N GLU F 220 -2.03 41.67 -23.75
CA GLU F 220 -2.57 42.58 -22.75
C GLU F 220 -3.34 41.88 -21.63
N TRP F 221 -3.71 40.61 -21.79
CA TRP F 221 -4.57 39.92 -20.84
C TRP F 221 -3.99 38.56 -20.50
N SER F 222 -4.01 38.23 -19.21
CA SER F 222 -3.61 36.94 -18.68
C SER F 222 -4.75 36.35 -17.86
N PRO F 223 -4.81 35.02 -17.74
CA PRO F 223 -5.71 34.42 -16.74
C PRO F 223 -5.42 35.05 -15.38
N ASP F 224 -6.49 35.42 -14.65
CA ASP F 224 -6.35 36.11 -13.38
C ASP F 224 -6.22 35.08 -12.27
N PRO F 225 -5.06 34.94 -11.61
CA PRO F 225 -4.94 33.93 -10.55
C PRO F 225 -5.66 34.32 -9.27
N SER F 226 -6.12 35.56 -9.14
CA SER F 226 -6.85 35.96 -7.94
C SER F 226 -8.32 35.61 -8.02
N ARG F 227 -8.78 35.11 -9.17
CA ARG F 227 -10.14 34.63 -9.31
C ARG F 227 -10.08 33.22 -9.88
N ASN F 228 -10.95 32.90 -10.87
CA ASN F 228 -10.93 31.61 -11.53
C ASN F 228 -11.03 30.44 -10.55
N GLU F 229 -11.79 30.62 -9.46
CA GLU F 229 -12.01 29.50 -8.55
C GLU F 229 -12.74 28.34 -9.23
N ASN F 230 -13.58 28.65 -10.21
CA ASN F 230 -14.42 27.65 -10.87
C ASN F 230 -13.93 27.36 -12.29
N SER F 231 -12.64 27.57 -12.54
CA SER F 231 -11.98 27.21 -13.81
C SER F 231 -10.62 26.59 -13.50
N ARG F 232 -10.11 25.81 -14.45
CA ARG F 232 -8.74 25.32 -14.45
C ARG F 232 -8.04 25.81 -15.70
N TYR F 233 -6.84 26.37 -15.56
CA TYR F 233 -6.10 26.79 -16.74
C TYR F 233 -4.63 26.38 -16.62
N TYR F 234 -4.02 26.21 -17.80
CA TYR F 234 -2.70 25.59 -17.96
C TYR F 234 -1.98 26.30 -19.10
N GLY F 235 -0.88 26.97 -18.80
CA GLY F 235 -0.20 27.77 -19.81
C GLY F 235 1.31 27.67 -19.73
N SER F 236 1.93 27.86 -20.90
CA SER F 236 3.38 27.89 -21.00
C SER F 236 3.78 28.93 -22.03
N PHE F 237 4.97 29.49 -21.85
CA PHE F 237 5.47 30.49 -22.77
C PHE F 237 6.96 30.25 -22.96
N VAL F 238 7.42 30.28 -24.21
CA VAL F 238 8.85 30.35 -24.49
C VAL F 238 9.04 31.46 -25.50
N GLY F 239 9.82 32.48 -25.14
CA GLY F 239 9.96 33.70 -25.91
C GLY F 239 11.09 33.66 -26.93
N GLY F 240 11.46 34.85 -27.39
CA GLY F 240 12.48 35.02 -28.41
C GLY F 240 11.92 34.86 -29.82
N LEU F 241 12.69 35.35 -30.81
CA LEU F 241 12.24 35.34 -32.19
C LEU F 241 12.73 34.15 -33.00
N GLN F 242 13.79 33.47 -32.57
CA GLN F 242 14.35 32.37 -33.36
C GLN F 242 14.31 31.05 -32.61
N THR F 243 13.62 31.00 -31.49
CA THR F 243 13.58 29.80 -30.68
C THR F 243 12.88 28.64 -31.40
N PRO F 244 13.44 27.44 -31.38
CA PRO F 244 12.78 26.30 -31.99
C PRO F 244 11.47 26.00 -31.26
N PRO F 245 10.34 25.97 -31.98
CA PRO F 245 9.09 25.56 -31.35
C PRO F 245 9.19 24.12 -30.90
N ASN F 246 8.63 23.84 -29.74
CA ASN F 246 8.69 22.51 -29.15
C ASN F 246 7.26 22.13 -28.76
N LEU F 247 6.62 21.25 -29.54
N LEU F 247 6.63 21.25 -29.54
CA LEU F 247 5.21 20.90 -29.34
CA LEU F 247 5.25 20.86 -29.32
C LEU F 247 5.04 19.39 -29.41
C LEU F 247 5.13 19.35 -29.30
N GLN F 248 4.11 18.86 -28.60
CA GLN F 248 3.82 17.44 -28.52
C GLN F 248 2.37 17.18 -28.86
N PHE F 249 2.08 15.94 -29.24
CA PHE F 249 0.69 15.58 -29.55
C PHE F 249 0.51 14.08 -29.31
N THR F 250 -0.62 13.74 -28.69
CA THR F 250 -0.90 12.35 -28.34
C THR F 250 -2.38 12.26 -27.97
N ASN F 251 -2.97 11.08 -28.15
CA ASN F 251 -4.34 10.88 -27.66
C ASN F 251 -4.38 10.01 -26.41
N ALA F 252 -3.24 9.86 -25.72
CA ALA F 252 -3.18 8.91 -24.61
C ALA F 252 -3.04 9.60 -23.25
N VAL F 253 -3.16 10.93 -23.22
N VAL F 253 -3.14 10.92 -23.18
CA VAL F 253 -2.93 11.74 -22.03
CA VAL F 253 -3.03 11.57 -21.89
C VAL F 253 -4.20 12.54 -21.74
C VAL F 253 -4.26 12.43 -21.65
N SER F 254 -4.60 12.57 -20.47
N SER F 254 -4.62 12.57 -20.39
CA SER F 254 -5.69 13.41 -20.04
CA SER F 254 -5.78 13.34 -19.97
C SER F 254 -5.22 14.35 -18.94
C SER F 254 -5.38 14.22 -18.79
N THR F 255 -6.01 15.39 -18.70
CA THR F 255 -5.83 16.30 -17.58
C THR F 255 -7.01 16.15 -16.63
N VAL F 256 -6.73 15.81 -15.38
CA VAL F 256 -7.77 15.73 -14.36
C VAL F 256 -8.09 17.14 -13.88
N LEU F 257 -9.38 17.50 -13.88
CA LEU F 257 -9.83 18.84 -13.52
C LEU F 257 -10.33 18.96 -12.09
N LEU F 258 -10.35 17.86 -11.34
CA LEU F 258 -10.75 17.91 -9.93
C LEU F 258 -9.73 18.71 -9.12
N ASP F 259 -10.22 19.49 -8.15
CA ASP F 259 -9.34 20.21 -7.25
C ASP F 259 -8.89 19.27 -6.12
N GLU F 260 -8.26 19.85 -5.09
CA GLU F 260 -7.77 19.06 -3.97
C GLU F 260 -8.91 18.37 -3.21
N ASN F 261 -10.12 18.92 -3.27
CA ASN F 261 -11.27 18.32 -2.60
C ASN F 261 -12.02 17.35 -3.50
N GLY F 262 -11.49 17.07 -4.69
CA GLY F 262 -12.17 16.19 -5.61
C GLY F 262 -13.33 16.81 -6.36
N VAL F 263 -13.36 18.12 -6.51
CA VAL F 263 -14.46 18.84 -7.15
C VAL F 263 -13.94 19.51 -8.40
N GLY F 264 -14.58 19.24 -9.54
CA GLY F 264 -14.22 19.89 -10.78
C GLY F 264 -15.02 21.17 -10.97
N PRO F 265 -14.73 21.92 -12.02
CA PRO F 265 -15.57 23.07 -12.37
C PRO F 265 -17.04 22.68 -12.46
N LEU F 266 -17.91 23.55 -11.95
CA LEU F 266 -19.36 23.33 -11.94
C LEU F 266 -20.04 24.32 -12.86
N CYS F 267 -20.82 23.81 -13.80
CA CYS F 267 -21.23 24.59 -14.97
C CYS F 267 -22.46 25.42 -14.62
N LYS F 268 -22.24 26.71 -14.40
CA LYS F 268 -23.36 27.59 -14.09
C LYS F 268 -24.21 27.82 -15.34
N GLY F 269 -25.52 27.81 -15.16
CA GLY F 269 -26.40 27.90 -16.31
C GLY F 269 -26.29 26.73 -17.26
N ASP F 270 -25.80 25.58 -16.79
CA ASP F 270 -25.56 24.41 -17.62
C ASP F 270 -24.71 24.75 -18.85
N GLY F 271 -23.76 25.67 -18.70
CA GLY F 271 -22.86 26.06 -19.77
C GLY F 271 -21.42 25.67 -19.44
N LEU F 272 -20.73 25.07 -20.41
CA LEU F 272 -19.33 24.69 -20.27
C LEU F 272 -18.49 25.66 -21.08
N PHE F 273 -17.44 26.20 -20.46
CA PHE F 273 -16.65 27.26 -21.06
C PHE F 273 -15.24 26.74 -21.33
N VAL F 274 -14.82 26.81 -22.58
CA VAL F 274 -13.47 26.43 -22.97
C VAL F 274 -12.78 27.62 -23.61
N SER F 275 -11.47 27.75 -23.37
N SER F 275 -11.47 27.72 -23.41
CA SER F 275 -10.69 28.87 -23.87
CA SER F 275 -10.71 28.84 -23.93
C SER F 275 -9.28 28.37 -24.20
C SER F 275 -9.27 28.40 -24.18
N CYS F 276 -8.60 29.10 -25.09
CA CYS F 276 -7.23 28.75 -25.41
C CYS F 276 -6.55 29.88 -26.19
N ALA F 277 -5.24 29.78 -26.27
CA ALA F 277 -4.42 30.54 -27.21
C ALA F 277 -3.25 29.66 -27.58
N ASP F 278 -2.89 29.63 -28.89
CA ASP F 278 -1.79 28.76 -29.31
C ASP F 278 -0.97 29.47 -30.37
N ILE F 279 -0.16 30.42 -29.93
CA ILE F 279 0.84 31.02 -30.80
C ILE F 279 1.97 30.01 -30.97
N CYS F 280 2.23 29.60 -32.20
CA CYS F 280 3.23 28.57 -32.46
C CYS F 280 4.54 29.13 -33.01
N GLY F 281 4.64 30.43 -33.20
CA GLY F 281 5.85 31.03 -33.69
C GLY F 281 5.50 32.15 -34.66
N VAL F 282 6.51 32.60 -35.41
CA VAL F 282 6.34 33.73 -36.32
C VAL F 282 6.85 33.36 -37.71
N LEU F 283 6.29 34.04 -38.70
CA LEU F 283 6.81 34.08 -40.07
C LEU F 283 7.55 35.40 -40.24
N VAL F 284 8.67 35.36 -40.96
CA VAL F 284 9.45 36.56 -41.24
C VAL F 284 9.33 36.87 -42.73
N LYS F 285 8.86 38.07 -43.06
CA LYS F 285 8.67 38.44 -44.46
C LYS F 285 10.00 38.74 -45.13
N ALA F 286 10.09 38.36 -46.41
CA ALA F 286 11.33 38.60 -47.14
C ALA F 286 11.53 40.09 -47.45
N ASP F 287 10.46 40.84 -47.72
CA ASP F 287 10.69 42.17 -48.28
C ASP F 287 11.01 43.23 -47.22
N ASN F 288 10.54 43.07 -45.98
CA ASN F 288 10.89 44.03 -44.94
C ASN F 288 11.38 43.39 -43.65
N GLU F 289 11.41 42.05 -43.59
CA GLU F 289 11.80 41.28 -42.41
C GLU F 289 10.88 41.50 -41.22
N ALA F 290 9.67 42.02 -41.44
CA ALA F 290 8.70 42.09 -40.37
C ALA F 290 8.03 40.73 -40.17
N ILE F 291 7.18 40.60 -39.14
CA ILE F 291 6.71 39.27 -38.77
C ILE F 291 5.19 39.18 -38.73
N ARG F 292 4.70 37.96 -38.90
CA ARG F 292 3.33 37.55 -38.58
C ARG F 292 3.37 36.39 -37.59
N TYR F 293 2.51 36.44 -36.56
CA TYR F 293 2.33 35.26 -35.72
C TYR F 293 1.54 34.19 -36.46
N ARG F 294 1.79 32.92 -36.10
CA ARG F 294 1.03 31.79 -36.63
C ARG F 294 0.41 31.01 -35.48
N GLY F 295 -0.89 30.72 -35.59
CA GLY F 295 -1.56 29.88 -34.61
C GLY F 295 -2.14 28.62 -35.22
N LEU F 296 -2.49 27.64 -34.39
CA LEU F 296 -3.05 26.39 -34.87
C LEU F 296 -4.33 26.06 -34.11
N PRO F 297 -5.23 25.28 -34.71
CA PRO F 297 -6.49 24.93 -34.03
C PRO F 297 -6.25 23.96 -32.88
N ARG F 298 -7.15 24.01 -31.90
CA ARG F 298 -7.06 23.16 -30.72
C ARG F 298 -8.38 22.43 -30.50
N TYR F 299 -8.26 21.14 -30.23
CA TYR F 299 -9.39 20.25 -29.97
C TYR F 299 -9.56 20.06 -28.47
N PHE F 300 -10.82 19.93 -28.04
CA PHE F 300 -11.18 19.65 -26.65
C PHE F 300 -12.14 18.46 -26.61
N LYS F 301 -11.89 17.51 -25.71
CA LYS F 301 -12.91 16.56 -25.27
C LYS F 301 -13.01 16.64 -23.77
N VAL F 302 -14.17 17.07 -23.25
CA VAL F 302 -14.37 17.24 -21.82
C VAL F 302 -15.33 16.17 -21.33
N THR F 303 -14.97 15.50 -20.24
CA THR F 303 -15.83 14.49 -19.64
C THR F 303 -16.48 15.09 -18.39
N LEU F 304 -17.79 14.93 -18.28
CA LEU F 304 -18.55 15.53 -17.19
C LEU F 304 -19.40 14.49 -16.49
N ARG F 305 -19.74 14.78 -15.24
CA ARG F 305 -20.68 13.99 -14.46
C ARG F 305 -21.66 14.94 -13.78
N LYS F 306 -22.75 14.38 -13.29
CA LYS F 306 -23.76 15.14 -12.59
C LYS F 306 -23.47 15.15 -11.08
N ARG F 307 -23.65 16.30 -10.45
CA ARG F 307 -23.37 16.45 -9.04
C ARG F 307 -24.50 17.25 -8.39
N ALA F 308 -25.03 16.75 -7.27
CA ALA F 308 -26.04 17.51 -6.55
C ALA F 308 -25.35 18.53 -5.65
N VAL F 309 -25.86 19.77 -5.67
CA VAL F 309 -25.28 20.87 -4.91
C VAL F 309 -26.37 21.56 -4.10
N LYS F 310 -25.95 22.16 -2.98
CA LYS F 310 -26.85 22.99 -2.18
C LYS F 310 -27.04 24.35 -2.84
N ASN F 311 -28.25 24.89 -2.72
CA ASN F 311 -28.60 26.13 -3.39
C ASN F 311 -29.18 27.13 -2.40
N VAL G 26 -17.76 -2.13 -30.90
CA VAL G 26 -17.71 -3.40 -30.20
C VAL G 26 -17.99 -3.22 -28.72
N GLU G 27 -18.93 -3.99 -28.19
CA GLU G 27 -19.08 -4.13 -26.74
C GLU G 27 -17.97 -5.04 -26.26
N VAL G 28 -17.05 -4.49 -25.47
CA VAL G 28 -15.89 -5.23 -25.01
C VAL G 28 -16.27 -6.10 -23.82
N LEU G 29 -15.92 -7.39 -23.88
CA LEU G 29 -16.16 -8.34 -22.81
C LEU G 29 -14.83 -8.63 -22.10
N ASN G 30 -14.68 -9.83 -21.54
CA ASN G 30 -13.50 -10.17 -20.77
C ASN G 30 -12.39 -10.74 -21.66
N ILE G 31 -11.14 -10.55 -21.21
CA ILE G 31 -10.00 -11.24 -21.76
C ILE G 31 -10.21 -12.76 -21.69
N ILE G 32 -9.69 -13.48 -22.67
CA ILE G 32 -9.75 -14.94 -22.71
C ILE G 32 -8.33 -15.47 -22.42
N THR G 33 -8.16 -16.12 -21.27
CA THR G 33 -6.85 -16.60 -20.85
C THR G 33 -6.62 -18.04 -21.31
N GLY G 34 -5.37 -18.48 -21.21
CA GLY G 34 -4.99 -19.85 -21.53
C GLY G 34 -4.46 -20.06 -22.95
N ASP G 36 -1.98 -20.18 -25.50
CA ASP G 36 -2.07 -19.65 -26.86
C ASP G 36 -2.91 -18.37 -26.95
N ALA G 37 -3.03 -17.66 -25.82
CA ALA G 37 -3.87 -16.46 -25.75
C ALA G 37 -3.12 -15.18 -26.05
N THR G 38 -1.81 -15.22 -26.22
CA THR G 38 -1.04 -14.03 -26.55
C THR G 38 -0.18 -14.28 -27.77
N THR G 39 0.31 -13.20 -28.36
CA THR G 39 1.23 -13.29 -29.48
C THR G 39 2.02 -11.99 -29.55
N GLU G 40 3.19 -12.05 -30.17
CA GLU G 40 4.04 -10.89 -30.37
C GLU G 40 4.34 -10.75 -31.85
N ILE G 41 4.27 -9.52 -32.36
CA ILE G 41 4.57 -9.21 -33.76
C ILE G 41 5.70 -8.19 -33.81
N GLU G 42 6.61 -8.36 -34.79
CA GLU G 42 7.71 -7.43 -35.04
C GLU G 42 7.67 -6.96 -36.49
N LEU G 43 8.11 -5.72 -36.72
CA LEU G 43 8.33 -5.28 -38.09
C LEU G 43 9.10 -3.97 -38.12
N TRP G 44 9.64 -3.66 -39.29
CA TRP G 44 10.34 -2.42 -39.55
C TRP G 44 9.50 -1.56 -40.49
N LEU G 45 9.46 -0.25 -40.24
CA LEU G 45 8.91 0.70 -41.19
C LEU G 45 10.06 1.56 -41.73
N GLU G 46 10.28 1.47 -43.03
CA GLU G 46 11.33 2.29 -43.63
CA GLU G 46 11.32 2.28 -43.67
C GLU G 46 10.82 3.71 -43.86
N PRO G 47 11.70 4.70 -43.80
CA PRO G 47 11.25 6.10 -43.92
C PRO G 47 10.73 6.40 -45.33
N ARG G 48 9.76 7.31 -45.38
CA ARG G 48 9.15 7.80 -46.62
C ARG G 48 9.27 9.32 -46.63
N MET G 49 10.49 9.79 -46.85
CA MET G 49 10.77 11.22 -46.82
C MET G 49 10.45 11.89 -48.16
N GLY G 50 10.11 11.12 -49.17
CA GLY G 50 9.83 11.70 -50.48
C GLY G 50 10.43 10.80 -51.54
N VAL G 51 11.75 10.61 -51.47
CA VAL G 51 12.40 9.60 -52.30
C VAL G 51 12.21 8.27 -51.58
N ASN G 52 11.20 7.50 -52.01
CA ASN G 52 10.66 6.40 -51.20
C ASN G 52 11.11 5.02 -51.68
N ALA G 53 12.01 4.94 -52.65
CA ALA G 53 12.54 3.67 -53.06
C ALA G 53 13.97 3.88 -53.58
N PRO G 54 14.85 2.96 -53.33
CA PRO G 54 16.21 3.05 -53.87
C PRO G 54 16.27 2.55 -55.30
N THR G 55 15.39 3.10 -56.15
CA THR G 55 15.28 2.74 -57.55
C THR G 55 15.08 4.02 -58.36
N GLY G 56 15.44 3.97 -59.63
CA GLY G 56 15.14 5.11 -60.49
C GLY G 56 16.17 6.22 -60.43
N ASP G 57 15.80 7.35 -61.03
CA ASP G 57 16.76 8.44 -61.21
C ASP G 57 17.24 9.01 -59.89
N ARG G 58 16.39 9.00 -58.86
CA ARG G 58 16.69 9.61 -57.58
C ARG G 58 17.21 8.61 -56.55
N LYS G 59 17.60 7.41 -56.98
CA LYS G 59 17.79 6.30 -56.05
C LYS G 59 18.85 6.61 -54.99
N GLU G 60 19.87 7.42 -55.33
CA GLU G 60 20.94 7.63 -54.35
C GLU G 60 20.50 8.48 -53.17
N TRP G 61 19.33 9.10 -53.23
CA TRP G 61 18.81 9.89 -52.12
C TRP G 61 17.64 9.19 -51.42
N TYR G 62 17.53 7.88 -51.56
CA TYR G 62 16.54 7.11 -50.80
C TYR G 62 16.70 7.39 -49.31
N GLY G 63 15.57 7.59 -48.62
CA GLY G 63 15.63 7.94 -47.21
C GLY G 63 15.77 9.42 -46.93
N TYR G 64 15.88 10.23 -47.98
CA TYR G 64 15.84 11.69 -47.93
C TYR G 64 14.68 12.21 -48.76
N SER G 65 14.35 13.47 -48.57
CA SER G 65 13.44 14.14 -49.49
C SER G 65 14.22 14.65 -50.69
N GLU G 66 13.47 15.04 -51.73
CA GLU G 66 14.03 15.87 -52.79
C GLU G 66 14.34 17.26 -52.23
N VAL G 67 15.14 18.03 -52.98
CA VAL G 67 15.57 19.35 -52.55
C VAL G 67 14.40 20.31 -52.47
N ILE G 68 14.36 21.15 -51.43
CA ILE G 68 13.32 22.16 -51.25
C ILE G 68 13.95 23.54 -51.17
N HIS G 69 13.38 24.48 -51.92
CA HIS G 69 13.76 25.89 -51.98
C HIS G 69 12.60 26.77 -51.53
N HIS G 70 12.95 28.00 -51.14
CA HIS G 70 11.98 28.89 -50.49
C HIS G 70 10.72 29.10 -51.32
N ALA G 71 10.87 29.26 -52.65
CA ALA G 71 9.71 29.58 -53.49
C ALA G 71 9.07 28.35 -54.12
N ASP G 72 9.50 27.14 -53.75
CA ASP G 72 8.86 25.96 -54.29
C ASP G 72 7.39 25.91 -53.85
N GLY G 73 6.51 25.53 -54.79
CA GLY G 73 5.08 25.65 -54.58
C GLY G 73 4.53 27.02 -54.86
N TYR G 74 5.37 28.00 -55.15
CA TYR G 74 4.92 29.31 -55.58
C TYR G 74 5.31 29.59 -57.03
N ASP G 75 6.60 29.55 -57.36
CA ASP G 75 6.99 29.68 -58.75
C ASP G 75 7.14 28.34 -59.47
N ASN G 76 6.77 27.24 -58.82
CA ASN G 76 6.69 25.91 -59.44
C ASN G 76 5.71 25.06 -58.63
N ASN G 77 5.53 23.81 -59.04
CA ASN G 77 4.69 22.88 -58.30
C ASN G 77 5.52 22.12 -57.27
N LEU G 78 5.03 22.04 -56.04
CA LEU G 78 5.69 21.23 -55.02
C LEU G 78 5.37 19.76 -55.27
N LEU G 79 6.42 18.95 -55.44
CA LEU G 79 6.29 17.55 -55.80
C LEU G 79 6.15 16.67 -54.56
N SER G 80 5.53 15.50 -54.77
N SER G 80 5.54 15.49 -54.76
CA SER G 80 5.43 14.53 -53.68
CA SER G 80 5.43 14.53 -53.66
C SER G 80 6.80 14.18 -53.10
C SER G 80 6.80 14.17 -53.10
N VAL G 81 7.83 14.09 -53.96
CA VAL G 81 9.16 13.74 -53.48
C VAL G 81 9.75 14.82 -52.57
N GLN G 82 9.21 16.03 -52.60
CA GLN G 82 9.66 17.10 -51.72
C GLN G 82 8.90 17.16 -50.40
N MET G 83 8.01 16.22 -50.13
CA MET G 83 7.10 16.29 -48.97
C MET G 83 7.16 15.00 -48.15
N PRO G 84 7.85 15.01 -47.00
CA PRO G 84 7.91 13.79 -46.18
C PRO G 84 6.51 13.31 -45.83
N GLN G 85 6.34 11.99 -45.82
CA GLN G 85 5.05 11.35 -45.61
C GLN G 85 5.07 10.40 -44.44
N TYR G 86 3.88 9.99 -43.99
CA TYR G 86 3.80 8.94 -42.97
C TYR G 86 4.10 7.59 -43.56
N SER G 87 4.82 6.78 -42.80
CA SER G 87 4.97 5.36 -43.06
C SER G 87 3.83 4.60 -42.40
N CYS G 88 3.45 3.46 -43.00
CA CYS G 88 2.36 2.66 -42.48
CA CYS G 88 2.46 2.62 -42.36
C CYS G 88 2.48 1.21 -42.95
N ALA G 89 2.01 0.28 -42.13
CA ALA G 89 1.89 -1.12 -42.52
C ALA G 89 0.71 -1.75 -41.79
N ARG G 90 0.06 -2.69 -42.45
CA ARG G 90 -0.93 -3.57 -41.81
C ARG G 90 -0.29 -4.93 -41.64
N VAL G 91 -0.42 -5.51 -40.44
CA VAL G 91 0.09 -6.84 -40.17
C VAL G 91 -1.09 -7.78 -40.01
N GLN G 92 -1.08 -8.88 -40.76
CA GLN G 92 -2.13 -9.89 -40.62
C GLN G 92 -1.85 -10.73 -39.39
N LEU G 93 -2.81 -10.81 -38.48
CA LEU G 93 -2.69 -11.60 -37.27
C LEU G 93 -3.35 -12.96 -37.46
N PRO G 94 -3.07 -13.93 -36.57
CA PRO G 94 -3.77 -15.22 -36.68
C PRO G 94 -5.27 -15.04 -36.64
N MET G 95 -5.97 -15.70 -37.57
CA MET G 95 -7.43 -15.62 -37.61
C MET G 95 -8.03 -16.32 -36.38
N LEU G 96 -9.04 -15.69 -35.79
CA LEU G 96 -9.53 -16.10 -34.47
C LEU G 96 -10.89 -16.78 -34.49
N ASN G 97 -11.79 -16.38 -35.39
CA ASN G 97 -13.16 -16.88 -35.42
C ASN G 97 -13.42 -17.55 -36.75
N THR G 98 -13.85 -18.81 -36.70
CA THR G 98 -14.18 -19.51 -37.94
C THR G 98 -15.55 -19.08 -38.46
N ASP G 99 -16.52 -18.90 -37.57
CA ASP G 99 -17.86 -18.43 -37.95
C ASP G 99 -17.93 -16.96 -37.58
N MET G 100 -17.77 -16.09 -38.58
CA MET G 100 -17.84 -14.65 -38.35
C MET G 100 -19.24 -14.17 -37.98
N THR G 101 -20.23 -15.06 -37.88
CA THR G 101 -21.60 -14.67 -37.58
C THR G 101 -21.98 -14.89 -36.12
N CYS G 102 -21.15 -15.57 -35.34
CA CYS G 102 -21.47 -15.82 -33.95
C CYS G 102 -21.61 -14.51 -33.17
N GLU G 103 -22.51 -14.51 -32.19
CA GLU G 103 -22.80 -13.29 -31.45
C GLU G 103 -21.64 -12.87 -30.56
N THR G 104 -20.82 -13.83 -30.13
CA THR G 104 -19.64 -13.54 -29.33
C THR G 104 -18.42 -13.98 -30.10
N LEU G 105 -17.46 -13.07 -30.24
CA LEU G 105 -16.26 -13.28 -31.05
C LEU G 105 -15.04 -12.87 -30.23
N MET G 106 -13.87 -13.25 -30.72
CA MET G 106 -12.61 -12.84 -30.12
C MET G 106 -11.88 -11.91 -31.08
N MET G 107 -11.21 -10.92 -30.51
CA MET G 107 -10.35 -10.01 -31.26
C MET G 107 -8.99 -9.94 -30.59
N TRP G 108 -7.96 -9.75 -31.40
CA TRP G 108 -6.64 -9.43 -30.87
C TRP G 108 -6.66 -8.02 -30.29
N GLU G 109 -6.12 -7.87 -29.08
CA GLU G 109 -6.05 -6.60 -28.38
C GLU G 109 -4.59 -6.25 -28.16
N ALA G 110 -4.15 -5.11 -28.67
CA ALA G 110 -2.76 -4.70 -28.48
C ALA G 110 -2.59 -4.14 -27.08
N VAL G 111 -1.66 -4.69 -26.29
N VAL G 111 -1.67 -4.73 -26.31
CA VAL G 111 -1.51 -4.29 -24.90
CA VAL G 111 -1.47 -4.38 -24.92
C VAL G 111 -0.26 -3.46 -24.65
C VAL G 111 -0.31 -3.40 -24.74
N SER G 112 0.80 -3.64 -25.43
CA SER G 112 2.01 -2.86 -25.22
C SER G 112 2.85 -2.90 -26.48
N CYS G 113 3.81 -1.98 -26.57
CA CYS G 113 4.72 -2.03 -27.69
CA CYS G 113 4.67 -1.90 -27.74
C CYS G 113 6.05 -1.41 -27.31
N LYS G 114 7.10 -1.96 -27.93
CA LYS G 114 8.43 -1.38 -27.89
C LYS G 114 8.69 -0.82 -29.27
N THR G 115 9.23 0.38 -29.35
CA THR G 115 9.52 0.96 -30.66
C THR G 115 10.82 1.76 -30.56
N GLU G 116 11.53 1.83 -31.69
CA GLU G 116 12.88 2.38 -31.65
C GLU G 116 13.25 2.90 -33.03
N VAL G 117 13.92 4.05 -33.04
CA VAL G 117 14.49 4.60 -34.26
C VAL G 117 15.94 4.11 -34.37
N VAL G 118 16.26 3.42 -35.49
CA VAL G 118 17.57 2.81 -35.68
C VAL G 118 18.45 3.72 -36.52
N GLY G 119 19.76 3.62 -36.34
CA GLY G 119 20.69 4.39 -37.14
C GLY G 119 20.99 5.77 -36.62
N ILE G 120 20.66 6.05 -35.36
CA ILE G 120 20.86 7.38 -34.80
C ILE G 120 22.33 7.78 -34.82
N GLY G 121 23.23 6.81 -34.63
CA GLY G 121 24.65 7.09 -34.69
C GLY G 121 25.12 7.66 -36.03
N SER G 122 24.45 7.29 -37.13
CA SER G 122 24.81 7.86 -38.43
C SER G 122 24.64 9.37 -38.48
N LEU G 123 23.82 9.95 -37.59
CA LEU G 123 23.65 11.40 -37.61
C LEU G 123 24.89 12.16 -37.11
N ILE G 124 25.96 11.47 -36.70
CA ILE G 124 27.18 12.20 -36.35
C ILE G 124 27.96 12.65 -37.58
N SER G 125 27.58 12.20 -38.77
CA SER G 125 28.45 12.41 -39.93
C SER G 125 28.66 13.89 -40.21
N VAL G 126 29.92 14.28 -40.44
CA VAL G 126 30.23 15.61 -40.94
C VAL G 126 31.03 15.49 -42.24
N HIS G 127 30.75 14.42 -43.00
CA HIS G 127 31.26 14.28 -44.36
C HIS G 127 30.12 13.94 -45.30
N LEU G 128 29.01 14.68 -45.15
CA LEU G 128 27.80 14.38 -45.91
C LEU G 128 27.95 14.79 -47.37
N LEU G 129 27.69 13.85 -48.26
CA LEU G 129 27.80 14.11 -49.70
C LEU G 129 26.97 15.34 -50.10
N GLU G 130 27.62 16.26 -50.83
CA GLU G 130 27.04 17.48 -51.40
C GLU G 130 26.69 18.54 -50.35
N ALA G 131 26.99 18.31 -49.07
CA ALA G 131 26.56 19.23 -48.02
C ALA G 131 27.49 20.44 -47.87
N LYS G 132 26.87 21.56 -47.49
CA LYS G 132 27.57 22.80 -47.16
C LYS G 132 28.65 22.58 -46.11
N MET G 133 29.77 23.28 -46.27
CA MET G 133 30.85 23.23 -45.30
C MET G 133 30.55 24.18 -44.14
N GLU G 134 30.74 23.68 -42.91
CA GLU G 134 30.55 24.51 -41.72
C GLU G 134 31.91 25.06 -41.29
N ALA G 135 32.35 26.08 -42.02
CA ALA G 135 33.64 26.73 -41.78
C ALA G 135 33.70 27.98 -42.64
N GLY G 136 34.75 28.79 -42.42
CA GLY G 136 34.98 29.99 -43.21
C GLY G 136 35.32 29.67 -44.65
N PRO G 137 35.24 30.68 -45.53
CA PRO G 137 35.26 30.41 -46.98
C PRO G 137 36.58 29.86 -47.50
N ASN G 138 37.71 30.13 -46.84
CA ASN G 138 38.99 29.58 -47.26
C ASN G 138 39.40 28.34 -46.48
N SER G 139 38.49 27.78 -45.71
CA SER G 139 38.81 26.68 -44.83
C SER G 139 38.49 25.35 -45.52
N ASP G 140 38.81 24.27 -44.82
CA ASP G 140 38.51 22.91 -45.27
C ASP G 140 37.95 22.14 -44.08
N GLY G 141 36.77 22.58 -43.61
CA GLY G 141 36.21 22.08 -42.38
C GLY G 141 35.20 20.96 -42.60
N PRO G 142 34.47 20.63 -41.54
CA PRO G 142 33.45 19.59 -41.64
C PRO G 142 32.28 20.05 -42.48
N SER G 143 31.46 19.09 -42.91
CA SER G 143 30.17 19.50 -43.43
C SER G 143 29.23 19.85 -42.27
N ARG G 144 28.21 20.65 -42.57
CA ARG G 144 27.07 20.71 -41.68
C ARG G 144 26.55 19.29 -41.46
N PRO G 145 26.32 18.88 -40.21
CA PRO G 145 25.67 17.59 -39.96
C PRO G 145 24.16 17.74 -40.10
N ILE G 146 23.47 16.60 -40.09
CA ILE G 146 22.01 16.64 -40.06
C ILE G 146 21.55 17.36 -38.80
N GLU G 147 20.74 18.39 -38.98
CA GLU G 147 20.20 19.12 -37.84
C GLU G 147 18.93 19.84 -38.29
N GLY G 148 18.30 20.55 -37.35
CA GLY G 148 17.07 21.23 -37.67
C GLY G 148 15.85 20.42 -37.29
N MET G 149 14.74 20.72 -37.96
CA MET G 149 13.43 20.27 -37.50
C MET G 149 13.33 18.75 -37.39
N ASN G 150 12.81 18.30 -36.26
CA ASN G 150 12.62 16.90 -35.96
C ASN G 150 11.14 16.70 -35.73
N TYR G 151 10.56 15.72 -36.42
CA TYR G 151 9.15 15.35 -36.27
C TYR G 151 9.11 13.85 -36.06
N HIS G 152 8.65 13.41 -34.89
CA HIS G 152 8.67 12.01 -34.53
C HIS G 152 7.31 11.60 -34.00
N MET G 153 6.70 10.62 -34.64
N MET G 153 6.69 10.62 -34.66
CA MET G 153 5.44 10.10 -34.16
CA MET G 153 5.39 10.10 -34.26
C MET G 153 5.36 8.61 -34.47
C MET G 153 5.36 8.59 -34.48
N PHE G 154 4.67 7.87 -33.60
CA PHE G 154 4.35 6.48 -33.88
C PHE G 154 2.93 6.23 -33.42
N ALA G 155 2.29 5.22 -34.00
CA ALA G 155 0.91 4.89 -33.67
C ALA G 155 0.71 3.40 -33.83
N VAL G 156 -0.16 2.84 -32.99
CA VAL G 156 -0.57 1.45 -33.07
C VAL G 156 -2.09 1.43 -32.95
N GLY G 157 -2.76 0.75 -33.87
CA GLY G 157 -4.21 0.73 -33.83
C GLY G 157 -4.78 -0.55 -34.42
N GLY G 158 -6.10 -0.71 -34.20
CA GLY G 158 -6.85 -1.84 -34.71
C GLY G 158 -7.50 -1.56 -36.04
N GLU G 159 -7.22 -0.38 -36.60
CA GLU G 159 -7.72 0.07 -37.89
C GLU G 159 -6.85 1.23 -38.33
N PRO G 160 -7.00 1.71 -39.57
CA PRO G 160 -6.15 2.82 -40.01
C PRO G 160 -6.29 4.04 -39.12
N LEU G 161 -5.16 4.75 -38.97
CA LEU G 161 -5.13 6.00 -38.21
C LEU G 161 -5.98 7.07 -38.88
N ASP G 162 -6.82 7.76 -38.11
CA ASP G 162 -7.60 8.87 -38.64
C ASP G 162 -6.74 10.13 -38.75
N LEU G 163 -6.85 10.85 -39.86
CA LEU G 163 -6.04 12.03 -40.14
C LEU G 163 -6.92 13.26 -40.34
N GLN G 164 -6.44 14.40 -39.87
CA GLN G 164 -7.07 15.69 -40.12
C GLN G 164 -6.10 16.53 -40.93
N GLY G 165 -6.63 17.24 -41.95
CA GLY G 165 -5.81 17.99 -42.88
C GLY G 165 -5.71 19.47 -42.54
N ILE G 166 -4.63 20.09 -43.03
CA ILE G 166 -4.40 21.52 -42.84
C ILE G 166 -3.43 21.96 -43.94
N GLU G 167 -3.32 23.27 -44.14
CA GLU G 167 -2.30 23.86 -45.00
C GLU G 167 -1.64 25.03 -44.29
N SER G 168 -0.30 25.07 -44.29
CA SER G 168 0.37 26.28 -43.84
C SER G 168 0.12 27.44 -44.80
N ASN G 169 0.11 27.18 -46.10
CA ASN G 169 -0.29 28.15 -47.11
C ASN G 169 -1.41 27.54 -47.95
N GLY G 170 -2.60 28.14 -47.86
CA GLY G 170 -3.74 27.55 -48.52
C GLY G 170 -3.57 27.40 -50.02
N GLN G 171 -2.83 28.30 -50.66
CA GLN G 171 -2.70 28.32 -52.11
C GLN G 171 -1.43 27.67 -52.63
N THR G 172 -0.77 26.83 -51.83
CA THR G 172 0.42 26.12 -52.31
C THR G 172 0.09 25.34 -53.57
N LYS G 173 0.94 25.46 -54.59
CA LYS G 173 0.77 24.74 -55.84
C LYS G 173 1.36 23.33 -55.72
N TYR G 174 0.53 22.32 -55.95
CA TYR G 174 0.96 20.92 -55.88
C TYR G 174 0.97 20.28 -57.27
N ALA G 175 1.74 19.21 -57.38
CA ALA G 175 1.90 18.48 -58.64
C ALA G 175 0.57 17.98 -59.16
N THR G 176 0.41 18.00 -60.49
CA THR G 176 -0.83 17.64 -61.16
C THR G 176 -0.76 16.30 -61.89
N ALA G 177 0.38 15.62 -61.85
CA ALA G 177 0.54 14.38 -62.59
C ALA G 177 -0.48 13.33 -62.16
N ILE G 178 -0.85 12.47 -63.11
CA ILE G 178 -1.76 11.36 -62.88
C ILE G 178 -1.01 10.08 -63.24
N PRO G 179 -0.91 9.08 -62.35
CA PRO G 179 -1.53 9.07 -61.02
C PRO G 179 -0.78 9.93 -60.00
N ALA G 180 -1.51 10.55 -59.08
CA ALA G 180 -0.90 11.33 -58.02
C ALA G 180 -0.09 10.42 -57.10
N LYS G 181 1.06 10.90 -56.66
CA LYS G 181 1.91 10.16 -55.74
C LYS G 181 1.73 10.62 -54.30
N SER G 182 0.80 11.54 -54.05
CA SER G 182 0.40 11.92 -52.70
C SER G 182 -1.01 12.48 -52.76
N ILE G 183 -1.62 12.67 -51.60
CA ILE G 183 -2.96 13.26 -51.55
C ILE G 183 -2.95 14.44 -50.58
N HIS G 184 -3.62 15.50 -50.95
CA HIS G 184 -3.64 16.73 -50.19
C HIS G 184 -5.03 17.00 -49.63
N PRO G 185 -5.12 17.68 -48.49
CA PRO G 185 -6.44 17.95 -47.89
C PRO G 185 -7.50 18.42 -48.87
N ASN G 186 -7.17 19.33 -49.81
CA ASN G 186 -8.22 19.79 -50.71
C ASN G 186 -8.59 18.79 -51.79
N ASP G 187 -7.82 17.73 -51.99
CA ASP G 187 -8.28 16.65 -52.84
C ASP G 187 -9.53 15.99 -52.29
N ILE G 188 -9.73 16.08 -50.97
CA ILE G 188 -10.90 15.53 -50.32
C ILE G 188 -11.93 16.60 -50.01
N ALA G 189 -11.48 17.77 -49.54
CA ALA G 189 -12.41 18.84 -49.19
C ALA G 189 -13.04 19.49 -50.42
N LYS G 190 -12.30 19.56 -51.52
CA LYS G 190 -12.79 20.11 -52.78
C LYS G 190 -13.33 21.53 -52.62
N LEU G 191 -12.59 22.36 -51.88
CA LEU G 191 -12.93 23.77 -51.81
C LEU G 191 -12.57 24.45 -53.12
N PRO G 192 -13.36 25.43 -53.55
CA PRO G 192 -12.94 26.27 -54.68
C PRO G 192 -11.71 27.08 -54.29
N GLU G 193 -10.97 27.53 -55.32
CA GLU G 193 -9.73 28.27 -55.08
C GLU G 193 -9.97 29.49 -54.19
N GLU G 194 -11.09 30.18 -54.40
CA GLU G 194 -11.41 31.35 -53.60
C GLU G 194 -11.51 31.05 -52.11
N ASP G 195 -11.69 29.79 -51.72
CA ASP G 195 -11.96 29.43 -50.34
C ASP G 195 -10.86 28.60 -49.69
N LYS G 196 -9.73 28.38 -50.37
CA LYS G 196 -8.72 27.48 -49.81
C LYS G 196 -8.03 28.06 -48.57
N ALA G 197 -8.12 29.37 -48.32
CA ALA G 197 -7.58 29.90 -47.08
C ALA G 197 -8.22 29.29 -45.84
N GLN G 198 -9.43 28.71 -45.99
CA GLN G 198 -10.03 27.96 -44.90
C GLN G 198 -9.14 26.82 -44.41
N LEU G 199 -8.33 26.25 -45.30
CA LEU G 199 -7.46 25.14 -44.88
C LEU G 199 -6.34 25.58 -43.94
N GLN G 200 -6.11 26.89 -43.78
CA GLN G 200 -5.14 27.33 -42.79
C GLN G 200 -5.70 27.25 -41.37
N GLY G 201 -6.99 26.98 -41.24
CA GLY G 201 -7.61 26.67 -39.95
C GLY G 201 -8.04 25.21 -39.87
N LEU G 202 -9.26 24.96 -39.43
CA LEU G 202 -9.80 23.62 -39.26
C LEU G 202 -10.95 23.44 -40.25
N VAL G 203 -10.74 22.61 -41.26
CA VAL G 203 -11.78 22.30 -42.24
C VAL G 203 -12.29 20.89 -41.97
N PRO G 204 -13.49 20.75 -41.41
CA PRO G 204 -13.98 19.42 -41.01
C PRO G 204 -14.04 18.41 -42.16
N LYS G 205 -14.33 18.84 -43.39
CA LYS G 205 -14.37 17.90 -44.51
C LYS G 205 -12.99 17.33 -44.84
N ALA G 206 -11.91 17.99 -44.41
CA ALA G 206 -10.56 17.57 -44.76
C ALA G 206 -10.09 16.47 -43.80
N LYS G 207 -10.67 15.29 -43.97
CA LYS G 207 -10.33 14.13 -43.15
C LYS G 207 -10.04 12.93 -44.05
N ALA G 208 -9.16 12.06 -43.56
CA ALA G 208 -8.76 10.89 -44.33
C ALA G 208 -8.32 9.79 -43.37
N LYS G 209 -8.15 8.59 -43.92
CA LYS G 209 -7.56 7.47 -43.23
C LYS G 209 -6.13 7.26 -43.72
N LEU G 210 -5.21 7.02 -42.80
CA LEU G 210 -3.84 6.63 -43.15
C LEU G 210 -3.88 5.18 -43.65
N ASP G 211 -4.29 5.03 -44.91
CA ASP G 211 -4.51 3.71 -45.50
C ASP G 211 -3.49 3.36 -46.57
N LYS G 212 -2.46 4.18 -46.74
CA LYS G 212 -1.45 3.98 -47.77
C LYS G 212 -0.09 4.42 -47.24
N ASP G 213 0.93 3.60 -47.45
CA ASP G 213 2.29 3.95 -47.07
C ASP G 213 2.87 4.97 -48.05
N GLY G 214 3.62 5.95 -47.53
CA GLY G 214 4.27 6.93 -48.40
C GLY G 214 3.33 7.68 -49.32
N PHE G 215 2.33 8.34 -48.75
CA PHE G 215 1.27 8.95 -49.55
C PHE G 215 0.68 10.19 -48.89
N TYR G 216 0.65 10.24 -47.55
CA TYR G 216 0.06 11.36 -46.81
C TYR G 216 1.14 12.26 -46.26
N PRO G 217 1.32 13.48 -46.76
CA PRO G 217 2.43 14.32 -46.29
C PRO G 217 2.22 14.79 -44.86
N VAL G 218 3.32 14.75 -44.10
CA VAL G 218 3.33 15.21 -42.71
C VAL G 218 2.95 16.69 -42.61
N GLU G 219 3.33 17.50 -43.60
CA GLU G 219 3.07 18.94 -43.51
C GLU G 219 1.63 19.32 -43.78
N GLU G 220 0.79 18.35 -44.17
CA GLU G 220 -0.62 18.58 -44.43
C GLU G 220 -1.55 17.73 -43.58
N TRP G 221 -1.06 16.67 -42.95
CA TRP G 221 -1.92 15.70 -42.27
C TRP G 221 -1.39 15.44 -40.86
N SER G 222 -2.31 15.46 -39.89
CA SER G 222 -2.05 15.18 -38.48
C SER G 222 -2.99 14.10 -38.00
N PRO G 223 -2.58 13.29 -37.00
CA PRO G 223 -3.56 12.43 -36.31
C PRO G 223 -4.75 13.25 -35.86
N ASP G 224 -5.95 12.73 -36.10
CA ASP G 224 -7.18 13.46 -35.80
C ASP G 224 -7.55 13.16 -34.36
N PRO G 225 -7.45 14.13 -33.44
CA PRO G 225 -7.82 13.83 -32.04
C PRO G 225 -9.31 13.67 -31.83
N SER G 226 -10.13 14.11 -32.79
CA SER G 226 -11.57 13.94 -32.69
C SER G 226 -12.00 12.53 -33.06
N ARG G 227 -11.08 11.69 -33.56
CA ARG G 227 -11.43 10.31 -33.83
C ARG G 227 -10.42 9.40 -33.15
N ASN G 228 -9.93 8.36 -33.84
CA ASN G 228 -8.88 7.49 -33.33
C ASN G 228 -9.20 6.87 -31.96
N GLU G 229 -10.48 6.52 -31.73
CA GLU G 229 -10.81 5.84 -30.48
C GLU G 229 -10.13 4.47 -30.40
N ASN G 230 -9.83 3.87 -31.54
CA ASN G 230 -9.27 2.53 -31.61
C ASN G 230 -7.79 2.53 -32.02
N SER G 231 -7.09 3.65 -31.82
CA SER G 231 -5.65 3.76 -32.01
C SER G 231 -5.04 4.55 -30.86
N ARG G 232 -3.73 4.35 -30.65
CA ARG G 232 -2.95 5.19 -29.75
C ARG G 232 -1.81 5.82 -30.56
N TYR G 233 -1.61 7.12 -30.39
CA TYR G 233 -0.51 7.77 -31.09
C TYR G 233 0.21 8.72 -30.15
N TYR G 234 1.48 8.99 -30.50
CA TYR G 234 2.45 9.65 -29.64
C TYR G 234 3.40 10.43 -30.55
N GLY G 235 3.48 11.74 -30.38
CA GLY G 235 4.24 12.56 -31.32
C GLY G 235 4.90 13.73 -30.64
N SER G 236 6.03 14.15 -31.21
CA SER G 236 6.75 15.34 -30.76
C SER G 236 7.33 16.06 -31.96
N PHE G 237 7.51 17.37 -31.80
CA PHE G 237 8.02 18.20 -32.86
C PHE G 237 8.94 19.25 -32.24
N VAL G 238 10.13 19.41 -32.81
CA VAL G 238 11.02 20.51 -32.46
C VAL G 238 11.45 21.15 -33.77
N GLY G 239 11.09 22.42 -33.98
CA GLY G 239 11.27 23.08 -35.25
C GLY G 239 12.60 23.81 -35.39
N GLY G 240 12.67 24.68 -36.40
CA GLY G 240 13.88 25.40 -36.75
C GLY G 240 14.80 24.64 -37.70
N LEU G 241 15.74 25.37 -38.30
CA LEU G 241 16.65 24.80 -39.30
C LEU G 241 17.99 24.35 -38.74
N GLN G 242 18.43 24.89 -37.61
CA GLN G 242 19.76 24.56 -37.08
C GLN G 242 19.70 23.88 -35.71
N THR G 243 18.52 23.50 -35.27
CA THR G 243 18.33 22.95 -33.93
C THR G 243 19.05 21.62 -33.76
N PRO G 244 19.79 21.42 -32.68
CA PRO G 244 20.42 20.11 -32.46
C PRO G 244 19.36 19.02 -32.36
N PRO G 245 19.48 17.96 -33.16
CA PRO G 245 18.55 16.83 -33.00
C PRO G 245 18.82 16.13 -31.68
N ASN G 246 17.74 15.75 -31.00
CA ASN G 246 17.80 15.16 -29.67
C ASN G 246 17.02 13.85 -29.76
N LEU G 247 17.73 12.71 -29.72
N LEU G 247 17.73 12.73 -29.75
CA LEU G 247 17.10 11.41 -29.94
CA LEU G 247 17.07 11.42 -29.90
C LEU G 247 17.63 10.39 -28.95
C LEU G 247 17.59 10.48 -28.82
N GLN G 248 16.74 9.53 -28.45
CA GLN G 248 17.12 8.47 -27.52
C GLN G 248 16.85 7.10 -28.14
N PHE G 249 17.49 6.07 -27.59
CA PHE G 249 17.29 4.70 -28.05
C PHE G 249 17.63 3.74 -26.91
N THR G 250 16.75 2.76 -26.69
CA THR G 250 16.94 1.82 -25.59
C THR G 250 15.99 0.65 -25.83
N ASN G 251 16.37 -0.52 -25.34
CA ASN G 251 15.44 -1.64 -25.42
C ASN G 251 14.79 -1.96 -24.07
N ALA G 252 14.88 -1.04 -23.10
CA ALA G 252 14.39 -1.32 -21.76
C ALA G 252 13.07 -0.62 -21.42
N VAL G 253 12.43 0.00 -22.40
N VAL G 253 12.44 0.06 -22.36
CA VAL G 253 11.22 0.81 -22.20
CA VAL G 253 11.19 0.75 -22.06
C VAL G 253 10.11 0.28 -23.10
C VAL G 253 10.11 0.33 -23.05
N SER G 254 8.88 0.22 -22.56
CA SER G 254 7.70 -0.14 -23.33
C SER G 254 6.63 0.92 -23.16
N THR G 255 5.74 1.01 -24.14
CA THR G 255 4.57 1.87 -24.07
C THR G 255 3.35 1.00 -23.85
N VAL G 256 2.58 1.30 -22.81
CA VAL G 256 1.35 0.57 -22.51
C VAL G 256 0.22 1.18 -23.34
N LEU G 257 -0.46 0.34 -24.12
CA LEU G 257 -1.48 0.81 -25.05
C LEU G 257 -2.89 0.72 -24.48
N LEU G 258 -3.07 0.23 -23.26
CA LEU G 258 -4.38 0.15 -22.66
C LEU G 258 -4.91 1.55 -22.34
N ASP G 259 -6.20 1.76 -22.56
CA ASP G 259 -6.83 3.02 -22.23
C ASP G 259 -7.19 3.05 -20.74
N GLU G 260 -7.96 4.07 -20.35
CA GLU G 260 -8.30 4.24 -18.94
C GLU G 260 -9.12 3.08 -18.39
N ASN G 261 -9.82 2.35 -19.27
CA ASN G 261 -10.62 1.19 -18.87
C ASN G 261 -9.88 -0.12 -19.02
N GLY G 262 -8.57 -0.07 -19.29
CA GLY G 262 -7.80 -1.28 -19.44
C GLY G 262 -7.96 -1.97 -20.76
N VAL G 263 -8.40 -1.27 -21.79
CA VAL G 263 -8.67 -1.85 -23.11
C VAL G 263 -7.70 -1.23 -24.12
N GLY G 264 -6.93 -2.07 -24.80
CA GLY G 264 -6.07 -1.63 -25.87
C GLY G 264 -6.79 -1.61 -27.21
N PRO G 265 -6.09 -1.19 -28.27
CA PRO G 265 -6.71 -1.23 -29.60
C PRO G 265 -7.15 -2.65 -29.96
N LEU G 266 -8.30 -2.75 -30.61
CA LEU G 266 -8.89 -4.04 -30.96
C LEU G 266 -8.82 -4.21 -32.47
N CYS G 267 -8.21 -5.30 -32.91
CA CYS G 267 -7.79 -5.42 -34.30
C CYS G 267 -8.96 -5.93 -35.14
N LYS G 268 -9.60 -5.00 -35.83
CA LYS G 268 -10.70 -5.35 -36.72
C LYS G 268 -10.15 -6.08 -37.94
N GLY G 269 -10.84 -7.16 -38.31
CA GLY G 269 -10.39 -7.99 -39.40
C GLY G 269 -9.08 -8.69 -39.13
N ASP G 270 -8.69 -8.81 -37.86
CA ASP G 270 -7.44 -9.46 -37.48
C ASP G 270 -6.24 -8.78 -38.14
N GLY G 271 -6.33 -7.47 -38.32
CA GLY G 271 -5.20 -6.67 -38.80
C GLY G 271 -4.72 -5.67 -37.77
N LEU G 272 -3.40 -5.59 -37.61
CA LEU G 272 -2.75 -4.61 -36.77
C LEU G 272 -2.16 -3.51 -37.64
N PHE G 273 -2.42 -2.26 -37.29
CA PHE G 273 -1.97 -1.12 -38.07
C PHE G 273 -0.91 -0.34 -37.30
N VAL G 274 0.29 -0.20 -37.88
CA VAL G 274 1.37 0.56 -37.28
C VAL G 274 1.75 1.67 -38.24
N SER G 275 1.94 2.87 -37.69
CA SER G 275 2.23 4.07 -38.48
C SER G 275 3.32 4.86 -37.79
N CYS G 276 4.07 5.63 -38.59
CA CYS G 276 5.07 6.49 -37.95
C CYS G 276 5.54 7.56 -38.94
N ALA G 277 6.31 8.50 -38.41
CA ALA G 277 7.10 9.44 -39.20
C ALA G 277 8.26 9.91 -38.33
N ASP G 278 9.46 9.98 -38.92
CA ASP G 278 10.66 10.29 -38.18
C ASP G 278 11.59 11.14 -39.03
N ILE G 279 11.22 12.41 -39.17
CA ILE G 279 12.14 13.41 -39.74
C ILE G 279 13.18 13.74 -38.68
N CYS G 280 14.46 13.55 -39.01
CA CYS G 280 15.54 13.71 -38.04
C CYS G 280 16.34 14.99 -38.25
N GLY G 281 16.03 15.76 -39.26
CA GLY G 281 16.71 17.00 -39.54
C GLY G 281 16.82 17.18 -41.04
N VAL G 282 17.68 18.10 -41.44
CA VAL G 282 17.86 18.43 -42.84
C VAL G 282 19.33 18.42 -43.19
N LEU G 283 19.59 18.14 -44.46
CA LEU G 283 20.88 18.32 -45.10
C LEU G 283 20.83 19.63 -45.85
N VAL G 284 21.92 20.40 -45.81
CA VAL G 284 22.01 21.68 -46.49
C VAL G 284 23.00 21.54 -47.65
N LYS G 285 22.54 21.84 -48.87
CA LYS G 285 23.37 21.64 -50.06
C LYS G 285 24.44 22.71 -50.16
N ALA G 286 25.64 22.32 -50.56
CA ALA G 286 26.72 23.30 -50.69
C ALA G 286 26.44 24.31 -51.80
N ASP G 287 25.81 23.88 -52.90
CA ASP G 287 25.81 24.82 -54.04
C ASP G 287 24.76 25.90 -53.90
N ASN G 288 23.50 25.55 -53.62
CA ASN G 288 22.44 26.57 -53.49
C ASN G 288 21.97 26.77 -52.06
N GLU G 289 22.48 26.00 -51.10
CA GLU G 289 22.08 26.02 -49.70
C GLU G 289 20.63 25.60 -49.48
N ALA G 290 19.99 24.97 -50.47
CA ALA G 290 18.66 24.41 -50.25
C ALA G 290 18.78 23.12 -49.43
N ILE G 291 17.63 22.52 -49.05
CA ILE G 291 17.67 21.46 -48.06
C ILE G 291 16.99 20.19 -48.55
N ARG G 292 17.42 19.05 -47.98
CA ARG G 292 16.68 17.80 -48.00
C ARG G 292 16.41 17.35 -46.57
N TYR G 293 15.19 16.85 -46.32
CA TYR G 293 14.90 16.15 -45.08
C TYR G 293 15.56 14.78 -45.06
N ARG G 294 15.90 14.31 -43.86
CA ARG G 294 16.47 12.98 -43.65
C ARG G 294 15.60 12.25 -42.63
N GLY G 295 15.23 11.01 -42.95
CA GLY G 295 14.49 10.16 -42.02
C GLY G 295 15.24 8.87 -41.70
N LEU G 296 14.87 8.19 -40.63
CA LEU G 296 15.48 6.92 -40.26
C LEU G 296 14.40 5.85 -40.09
N PRO G 297 14.76 4.57 -40.21
CA PRO G 297 13.76 3.50 -40.05
C PRO G 297 13.34 3.33 -38.60
N ARG G 298 12.13 2.80 -38.41
CA ARG G 298 11.59 2.61 -37.06
C ARG G 298 11.13 1.15 -36.89
N TYR G 299 11.49 0.57 -35.75
CA TYR G 299 11.18 -0.80 -35.40
C TYR G 299 9.99 -0.81 -34.44
N PHE G 300 9.15 -1.84 -34.57
CA PHE G 300 8.01 -2.06 -33.68
C PHE G 300 8.02 -3.51 -33.22
N LYS G 301 7.79 -3.72 -31.92
CA LYS G 301 7.38 -5.01 -31.38
C LYS G 301 6.12 -4.78 -30.57
N VAL G 302 5.02 -5.42 -30.96
CA VAL G 302 3.73 -5.22 -30.31
C VAL G 302 3.29 -6.53 -29.68
N THR G 303 2.82 -6.46 -28.44
CA THR G 303 2.31 -7.62 -27.72
C THR G 303 0.80 -7.55 -27.69
N LEU G 304 0.13 -8.66 -28.00
CA LEU G 304 -1.31 -8.70 -28.09
C LEU G 304 -1.87 -9.85 -27.28
N ARG G 305 -3.12 -9.72 -26.89
CA ARG G 305 -3.85 -10.79 -26.20
C ARG G 305 -5.23 -10.95 -26.80
N LYS G 306 -5.88 -12.08 -26.51
CA LYS G 306 -7.21 -12.35 -27.02
C LYS G 306 -8.26 -11.73 -26.10
N ARG G 307 -9.18 -10.98 -26.68
CA ARG G 307 -10.27 -10.31 -25.96
C ARG G 307 -11.61 -10.73 -26.54
N ALA G 308 -12.55 -11.13 -25.69
CA ALA G 308 -13.89 -11.43 -26.16
C ALA G 308 -14.68 -10.15 -26.35
N VAL G 309 -15.50 -10.12 -27.40
CA VAL G 309 -16.32 -8.96 -27.74
C VAL G 309 -17.68 -9.42 -28.23
N LYS G 310 -18.66 -8.54 -28.11
CA LYS G 310 -20.00 -8.81 -28.62
C LYS G 310 -20.12 -8.16 -30.00
N ASN G 311 -20.64 -8.92 -30.96
CA ASN G 311 -20.66 -8.53 -32.37
C ASN G 311 -21.25 -7.15 -32.61
N ALA H 37 26.79 -16.72 -4.03
CA ALA H 37 25.65 -16.67 -4.96
C ALA H 37 25.41 -15.24 -5.50
N THR H 38 26.24 -14.30 -5.06
CA THR H 38 26.19 -12.91 -5.51
C THR H 38 27.62 -12.40 -5.71
N THR H 39 27.83 -11.61 -6.76
CA THR H 39 29.17 -11.11 -7.07
C THR H 39 29.08 -9.76 -7.78
N GLU H 40 30.17 -8.99 -7.67
CA GLU H 40 30.29 -7.69 -8.31
C GLU H 40 31.49 -7.71 -9.26
N ILE H 41 31.30 -7.16 -10.46
CA ILE H 41 32.35 -7.03 -11.47
C ILE H 41 32.57 -5.55 -11.73
N GLU H 42 33.84 -5.13 -11.80
CA GLU H 42 34.21 -3.76 -12.15
C GLU H 42 35.12 -3.77 -13.37
N LEU H 43 34.98 -2.77 -14.25
CA LEU H 43 35.99 -2.60 -15.29
C LEU H 43 35.81 -1.26 -15.98
N TRP H 44 36.87 -0.84 -16.68
CA TRP H 44 36.88 0.38 -17.46
C TRP H 44 36.87 0.02 -18.95
N LEU H 45 36.22 0.85 -19.75
CA LEU H 45 36.33 0.77 -21.20
C LEU H 45 36.95 2.07 -21.68
N GLU H 46 38.12 1.98 -22.29
CA GLU H 46 38.74 3.18 -22.82
C GLU H 46 38.08 3.53 -24.15
N PRO H 47 38.02 4.82 -24.49
CA PRO H 47 37.30 5.24 -25.69
C PRO H 47 38.02 4.77 -26.95
N ARG H 48 37.23 4.51 -27.99
CA ARG H 48 37.77 4.09 -29.28
C ARG H 48 37.26 5.06 -30.34
N MET H 49 37.78 6.28 -30.29
CA MET H 49 37.34 7.33 -31.19
C MET H 49 37.99 7.25 -32.57
N GLY H 50 38.90 6.31 -32.79
CA GLY H 50 39.59 6.24 -34.06
C GLY H 50 41.08 6.06 -33.86
N VAL H 51 41.72 7.02 -33.19
CA VAL H 51 43.07 6.80 -32.68
C VAL H 51 42.91 5.98 -31.38
N ASN H 52 43.09 4.67 -31.51
CA ASN H 52 42.67 3.74 -30.47
C ASN H 52 43.81 3.25 -29.58
N ALA H 53 45.03 3.77 -29.75
CA ALA H 53 46.10 3.41 -28.84
C ALA H 53 47.08 4.57 -28.76
N PRO H 54 47.70 4.80 -27.59
CA PRO H 54 48.70 5.87 -27.47
C PRO H 54 50.07 5.40 -27.92
N THR H 55 50.10 4.72 -29.06
CA THR H 55 51.33 4.21 -29.64
C THR H 55 51.33 4.57 -31.12
N GLY H 56 52.52 4.59 -31.70
CA GLY H 56 52.64 4.86 -33.11
C GLY H 56 52.58 6.33 -33.46
N ASP H 57 52.39 6.57 -34.76
CA ASP H 57 52.57 7.90 -35.34
C ASP H 57 51.49 8.88 -34.89
N ARG H 58 50.29 8.40 -34.61
CA ARG H 58 49.18 9.25 -34.18
C ARG H 58 49.01 9.26 -32.66
N LYS H 59 50.03 8.83 -31.91
CA LYS H 59 49.84 8.56 -30.49
C LYS H 59 49.36 9.78 -29.70
N GLU H 60 49.78 11.00 -30.10
CA GLU H 60 49.39 12.15 -29.29
C GLU H 60 47.90 12.46 -29.35
N TRP H 61 47.16 11.87 -30.29
CA TRP H 61 45.72 12.10 -30.37
C TRP H 61 44.91 10.90 -29.88
N TYR H 62 45.52 10.04 -29.05
CA TYR H 62 44.78 8.94 -28.45
C TYR H 62 43.55 9.45 -27.71
N GLY H 63 42.42 8.78 -27.90
CA GLY H 63 41.16 9.23 -27.33
C GLY H 63 40.44 10.28 -28.16
N TYR H 64 40.98 10.65 -29.31
CA TYR H 64 40.33 11.49 -30.29
C TYR H 64 40.23 10.70 -31.59
N SER H 65 39.42 11.20 -32.50
CA SER H 65 39.46 10.71 -33.87
C SER H 65 40.55 11.45 -34.65
N GLU H 66 40.88 10.90 -35.81
CA GLU H 66 41.64 11.64 -36.80
C GLU H 66 40.77 12.76 -37.37
N VAL H 67 41.42 13.71 -38.02
CA VAL H 67 40.75 14.90 -38.55
C VAL H 67 39.77 14.52 -39.66
N ILE H 68 38.59 15.15 -39.66
CA ILE H 68 37.54 14.91 -40.65
C ILE H 68 37.23 16.23 -41.37
N HIS H 69 37.21 16.17 -42.71
CA HIS H 69 36.86 17.27 -43.60
C HIS H 69 35.63 16.90 -44.43
N HIS H 70 34.93 17.92 -44.92
CA HIS H 70 33.60 17.72 -45.53
C HIS H 70 33.61 16.70 -46.67
N ALA H 71 34.66 16.70 -47.52
CA ALA H 71 34.69 15.83 -48.69
C ALA H 71 35.39 14.50 -48.42
N ASP H 72 35.77 14.22 -47.19
CA ASP H 72 36.38 12.93 -46.91
C ASP H 72 35.38 11.82 -47.20
N GLY H 73 35.86 10.74 -47.81
CA GLY H 73 34.97 9.71 -48.31
C GLY H 73 34.39 9.99 -49.68
N TYR H 74 34.55 11.22 -50.20
CA TYR H 74 34.23 11.54 -51.59
C TYR H 74 35.48 11.78 -52.43
N ASP H 75 36.37 12.67 -52.05
N ASP H 75 36.34 12.70 -51.98
CA ASP H 75 37.58 12.82 -52.83
CA ASP H 75 37.63 13.04 -52.57
C ASP H 75 38.76 12.06 -52.23
C ASP H 75 38.69 11.98 -52.30
N ASN H 76 38.50 11.17 -51.28
CA ASN H 76 39.49 10.24 -50.74
C ASN H 76 38.74 9.13 -50.02
N ASN H 77 39.49 8.19 -49.45
CA ASN H 77 38.90 7.10 -48.68
C ASN H 77 38.81 7.50 -47.22
N LEU H 78 37.64 7.30 -46.63
CA LEU H 78 37.50 7.55 -45.19
C LEU H 78 38.17 6.42 -44.43
N LEU H 79 39.03 6.77 -43.47
CA LEU H 79 39.82 5.84 -42.70
C LEU H 79 39.11 5.43 -41.41
N SER H 80 39.47 4.25 -40.91
N SER H 80 39.47 4.26 -40.90
CA SER H 80 38.93 3.80 -39.62
CA SER H 80 38.90 3.82 -39.62
C SER H 80 39.25 4.79 -38.52
C SER H 80 39.27 4.76 -38.49
N VAL H 81 40.43 5.42 -38.57
CA VAL H 81 40.81 6.39 -37.55
C VAL H 81 39.95 7.64 -37.57
N GLN H 82 39.19 7.86 -38.65
CA GLN H 82 38.28 9.00 -38.73
C GLN H 82 36.87 8.66 -38.27
N MET H 83 36.64 7.45 -37.77
CA MET H 83 35.28 6.95 -37.51
C MET H 83 35.19 6.39 -36.09
N PRO H 84 34.61 7.13 -35.15
CA PRO H 84 34.45 6.62 -33.78
C PRO H 84 33.74 5.27 -33.77
N GLN H 85 34.19 4.38 -32.89
CA GLN H 85 33.72 3.01 -32.82
C GLN H 85 33.20 2.69 -31.42
N TYR H 86 32.44 1.59 -31.32
CA TYR H 86 32.03 1.10 -30.02
C TYR H 86 33.21 0.47 -29.28
N SER H 87 33.25 0.68 -27.96
CA SER H 87 34.10 -0.08 -27.07
C SER H 87 33.32 -1.29 -26.55
N CYS H 88 34.03 -2.38 -26.26
CA CYS H 88 33.36 -3.55 -25.70
C CYS H 88 34.39 -4.45 -25.03
N ALA H 89 33.90 -5.23 -24.07
CA ALA H 89 34.75 -6.22 -23.43
C ALA H 89 33.87 -7.36 -22.94
N ARG H 90 34.48 -8.54 -22.87
CA ARG H 90 33.86 -9.69 -22.22
C ARG H 90 34.63 -10.00 -20.94
N VAL H 91 33.90 -10.21 -19.85
CA VAL H 91 34.50 -10.49 -18.56
C VAL H 91 34.24 -11.95 -18.24
N GLN H 92 35.29 -12.71 -17.96
CA GLN H 92 35.14 -14.11 -17.57
C GLN H 92 34.65 -14.18 -16.14
N LEU H 93 33.50 -14.82 -15.94
CA LEU H 93 32.96 -15.01 -14.61
C LEU H 93 33.32 -16.39 -14.08
N PRO H 94 33.18 -16.65 -12.78
CA PRO H 94 33.46 -17.99 -12.26
C PRO H 94 32.59 -19.05 -12.94
N MET H 95 33.21 -20.16 -13.32
CA MET H 95 32.48 -21.22 -14.00
C MET H 95 31.52 -21.91 -13.04
N LEU H 96 30.38 -22.36 -13.57
CA LEU H 96 29.27 -22.76 -12.71
C LEU H 96 28.87 -24.22 -12.83
N ASN H 97 28.83 -24.78 -14.04
CA ASN H 97 28.30 -26.12 -14.27
C ASN H 97 29.36 -27.02 -14.88
N THR H 98 29.45 -28.25 -14.36
CA THR H 98 30.39 -29.25 -14.84
C THR H 98 29.98 -29.87 -16.16
N ASP H 99 28.73 -29.70 -16.59
CA ASP H 99 28.20 -30.47 -17.72
C ASP H 99 27.06 -29.67 -18.35
N MET H 100 27.36 -29.01 -19.47
CA MET H 100 26.36 -28.24 -20.20
C MET H 100 25.27 -29.12 -20.82
N THR H 101 25.37 -30.45 -20.71
CA THR H 101 24.30 -31.31 -21.19
C THR H 101 23.17 -31.46 -20.16
N CYS H 102 23.44 -31.18 -18.89
CA CYS H 102 22.41 -31.30 -17.86
C CYS H 102 21.21 -30.44 -18.21
N GLU H 103 20.00 -31.00 -18.02
CA GLU H 103 18.78 -30.29 -18.37
C GLU H 103 18.53 -29.06 -17.49
N THR H 104 19.23 -28.93 -16.38
CA THR H 104 19.11 -27.78 -15.49
C THR H 104 20.51 -27.25 -15.19
N LEU H 105 20.74 -25.97 -15.46
CA LEU H 105 22.05 -25.36 -15.30
C LEU H 105 21.94 -24.06 -14.51
N MET H 106 23.07 -23.67 -13.94
CA MET H 106 23.21 -22.37 -13.30
C MET H 106 23.79 -21.37 -14.28
N MET H 107 23.30 -20.14 -14.24
CA MET H 107 23.90 -19.05 -15.00
C MET H 107 24.00 -17.80 -14.13
N TRP H 108 25.02 -16.98 -14.39
CA TRP H 108 25.09 -15.68 -13.74
C TRP H 108 24.04 -14.76 -14.38
N GLU H 109 23.34 -14.01 -13.53
CA GLU H 109 22.29 -13.10 -13.97
C GLU H 109 22.67 -11.68 -13.56
N ALA H 110 22.76 -10.78 -14.53
CA ALA H 110 23.10 -9.39 -14.24
C ALA H 110 21.84 -8.67 -13.75
N VAL H 111 21.87 -8.13 -12.53
N VAL H 111 21.90 -8.15 -12.53
CA VAL H 111 20.68 -7.54 -11.94
CA VAL H 111 20.75 -7.55 -11.85
C VAL H 111 20.71 -6.01 -11.92
C VAL H 111 20.73 -6.04 -12.01
N SER H 112 21.88 -5.40 -11.82
CA SER H 112 21.93 -3.94 -11.81
C SER H 112 23.35 -3.53 -12.17
N CYS H 113 23.50 -2.25 -12.49
CA CYS H 113 24.82 -1.77 -12.83
CA CYS H 113 24.78 -1.74 -12.95
C CYS H 113 24.91 -0.28 -12.51
N LYS H 114 26.11 0.11 -12.11
CA LYS H 114 26.47 1.51 -11.97
C LYS H 114 27.46 1.80 -13.09
N THR H 115 27.26 2.90 -13.80
CA THR H 115 28.22 3.24 -14.85
C THR H 115 28.43 4.74 -14.88
N GLU H 116 29.63 5.15 -15.29
CA GLU H 116 30.00 6.56 -15.15
C GLU H 116 31.03 6.92 -16.21
N VAL H 117 30.84 8.07 -16.83
CA VAL H 117 31.84 8.66 -17.71
C VAL H 117 32.78 9.51 -16.88
N VAL H 118 34.07 9.18 -16.92
CA VAL H 118 35.10 9.84 -16.11
C VAL H 118 35.84 10.87 -16.95
N GLY H 119 36.32 11.92 -16.29
CA GLY H 119 37.08 12.96 -16.95
C GLY H 119 36.25 14.13 -17.45
N ILE H 120 34.99 14.23 -17.01
CA ILE H 120 34.11 15.27 -17.54
C ILE H 120 34.65 16.68 -17.25
N GLY H 121 35.30 16.86 -16.10
CA GLY H 121 35.90 18.16 -15.80
C GLY H 121 36.90 18.63 -16.83
N SER H 122 37.63 17.71 -17.46
CA SER H 122 38.61 18.09 -18.48
C SER H 122 37.96 18.81 -19.66
N LEU H 123 36.64 18.69 -19.79
CA LEU H 123 35.93 19.35 -20.90
C LEU H 123 35.76 20.85 -20.67
N ILE H 124 36.22 21.41 -19.54
CA ILE H 124 36.19 22.87 -19.41
C ILE H 124 37.34 23.54 -20.16
N SER H 125 38.32 22.79 -20.65
CA SER H 125 39.54 23.42 -21.18
C SER H 125 39.25 24.36 -22.36
N VAL H 126 39.79 25.57 -22.28
CA VAL H 126 39.79 26.48 -23.41
C VAL H 126 41.23 26.80 -23.81
N HIS H 127 42.15 25.86 -23.58
CA HIS H 127 43.51 25.97 -24.10
C HIS H 127 43.86 24.69 -24.88
N LEU H 128 42.94 24.26 -25.74
CA LEU H 128 43.09 22.98 -26.42
C LEU H 128 44.14 23.09 -27.51
N LEU H 129 45.05 22.12 -27.56
N LEU H 129 45.06 22.12 -27.56
CA LEU H 129 46.13 22.13 -28.53
CA LEU H 129 46.14 22.14 -28.54
C LEU H 129 45.59 22.16 -29.95
C LEU H 129 45.56 22.18 -29.95
N GLU H 130 46.12 23.08 -30.77
CA GLU H 130 45.80 23.25 -32.19
C GLU H 130 44.39 23.77 -32.45
N ALA H 131 43.61 24.08 -31.42
CA ALA H 131 42.20 24.41 -31.62
C ALA H 131 42.00 25.86 -32.01
N LYS H 132 40.98 26.08 -32.83
CA LYS H 132 40.54 27.40 -33.25
C LYS H 132 40.27 28.32 -32.06
N MET H 133 40.62 29.59 -32.22
CA MET H 133 40.43 30.60 -31.19
C MET H 133 39.03 31.18 -31.29
N GLU H 134 38.35 31.25 -30.14
CA GLU H 134 36.99 31.77 -30.06
C GLU H 134 37.07 33.25 -29.69
N ALA H 135 37.40 34.07 -30.68
CA ALA H 135 37.57 35.51 -30.51
C ALA H 135 37.78 36.12 -31.90
N GLY H 136 37.78 37.46 -31.95
CA GLY H 136 38.09 38.19 -33.16
C GLY H 136 39.51 37.95 -33.63
N PRO H 137 39.77 38.18 -34.92
CA PRO H 137 41.04 37.74 -35.52
C PRO H 137 42.27 38.43 -34.96
N ASN H 138 42.15 39.64 -34.45
CA ASN H 138 43.27 40.35 -33.84
C ASN H 138 43.32 40.16 -32.32
N SER H 139 42.59 39.19 -31.79
CA SER H 139 42.52 39.02 -30.35
C SER H 139 43.42 37.88 -29.90
N ASP H 140 43.41 37.65 -28.58
CA ASP H 140 44.15 36.57 -27.94
C ASP H 140 43.19 35.90 -26.97
N GLY H 141 42.14 35.29 -27.51
CA GLY H 141 41.06 34.76 -26.70
C GLY H 141 41.23 33.29 -26.37
N PRO H 142 40.19 32.70 -25.81
CA PRO H 142 40.25 31.28 -25.48
C PRO H 142 40.13 30.45 -26.76
N SER H 143 40.51 29.18 -26.65
CA SER H 143 40.16 28.24 -27.71
C SER H 143 38.70 27.86 -27.57
N ARG H 144 38.08 27.47 -28.68
CA ARG H 144 36.80 26.79 -28.61
C ARG H 144 36.95 25.57 -27.73
N PRO H 145 36.04 25.32 -26.80
CA PRO H 145 36.09 24.09 -26.00
C PRO H 145 35.48 22.94 -26.78
N ILE H 146 35.63 21.73 -26.22
CA ILE H 146 34.91 20.60 -26.78
C ILE H 146 33.42 20.89 -26.71
N GLU H 147 32.74 20.72 -27.85
CA GLU H 147 31.30 20.93 -27.90
C GLU H 147 30.81 20.25 -29.17
N GLY H 148 29.51 20.32 -29.39
CA GLY H 148 28.95 19.64 -30.54
C GLY H 148 28.37 18.28 -30.17
N MET H 149 28.27 17.43 -31.19
CA MET H 149 27.45 16.23 -31.04
CA MET H 149 27.46 16.23 -31.06
C MET H 149 27.96 15.32 -29.93
N ASN H 150 27.03 14.86 -29.11
CA ASN H 150 27.28 13.92 -28.02
C ASN H 150 26.50 12.65 -28.32
N TYR H 151 27.19 11.52 -28.32
CA TYR H 151 26.58 10.23 -28.55
C TYR H 151 27.00 9.33 -27.39
N HIS H 152 26.04 8.92 -26.57
CA HIS H 152 26.34 8.17 -25.35
C HIS H 152 25.45 6.94 -25.30
N MET H 153 26.07 5.78 -25.20
CA MET H 153 25.35 4.52 -25.09
C MET H 153 26.15 3.61 -24.17
N PHE H 154 25.47 2.86 -23.31
CA PHE H 154 26.10 1.74 -22.65
C PHE H 154 25.17 0.55 -22.73
N ALA H 155 25.75 -0.65 -22.68
CA ALA H 155 24.98 -1.87 -22.71
C ALA H 155 25.61 -2.90 -21.78
N VAL H 156 24.76 -3.74 -21.19
CA VAL H 156 25.18 -4.88 -20.40
C VAL H 156 24.41 -6.10 -20.90
N GLY H 157 25.12 -7.20 -21.18
CA GLY H 157 24.42 -8.36 -21.68
C GLY H 157 25.13 -9.66 -21.38
N GLY H 158 24.44 -10.76 -21.66
CA GLY H 158 24.95 -12.11 -21.48
C GLY H 158 25.52 -12.73 -22.74
N GLU H 159 25.71 -11.93 -23.81
CA GLU H 159 26.31 -12.32 -25.08
C GLU H 159 26.62 -11.02 -25.83
N PRO H 160 27.35 -11.06 -26.96
CA PRO H 160 27.66 -9.81 -27.67
C PRO H 160 26.40 -9.05 -28.04
N LEU H 161 26.52 -7.73 -28.05
CA LEU H 161 25.41 -6.88 -28.46
C LEU H 161 25.14 -7.06 -29.94
N ASP H 162 23.86 -7.19 -30.30
CA ASP H 162 23.48 -7.30 -31.70
C ASP H 162 23.44 -5.92 -32.35
N LEU H 163 24.00 -5.81 -33.56
CA LEU H 163 24.10 -4.53 -34.26
C LEU H 163 23.36 -4.59 -35.59
N GLN H 164 22.71 -3.49 -35.96
CA GLN H 164 22.10 -3.31 -37.26
C GLN H 164 22.83 -2.20 -38.00
N GLY H 165 23.17 -2.44 -39.30
CA GLY H 165 23.95 -1.48 -40.05
C GLY H 165 23.10 -0.52 -40.86
N ILE H 166 23.73 0.61 -41.21
CA ILE H 166 23.09 1.67 -41.99
C ILE H 166 24.20 2.52 -42.59
N GLU H 167 23.89 3.30 -43.62
CA GLU H 167 24.79 4.32 -44.15
C GLU H 167 24.05 5.62 -44.31
N SER H 168 24.67 6.73 -43.87
CA SER H 168 24.14 8.04 -44.21
C SER H 168 24.30 8.32 -45.70
N ASN H 169 25.42 7.90 -46.29
CA ASN H 169 25.61 7.99 -47.73
C ASN H 169 26.00 6.60 -48.22
N GLY H 170 25.15 5.98 -49.04
CA GLY H 170 25.42 4.60 -49.43
C GLY H 170 26.73 4.40 -50.16
N GLN H 171 27.20 5.42 -50.89
CA GLN H 171 28.40 5.30 -51.73
C GLN H 171 29.67 5.86 -51.09
N THR H 172 29.67 6.14 -49.78
CA THR H 172 30.88 6.59 -49.11
C THR H 172 32.04 5.64 -49.38
N LYS H 173 33.20 6.20 -49.72
CA LYS H 173 34.39 5.39 -49.97
C LYS H 173 35.13 5.14 -48.67
N TYR H 174 35.44 3.87 -48.38
CA TYR H 174 36.17 3.47 -47.19
C TYR H 174 37.51 2.85 -47.57
N ALA H 175 38.53 3.13 -46.77
CA ALA H 175 39.85 2.57 -47.00
C ALA H 175 39.87 1.10 -46.60
N THR H 176 40.64 0.31 -47.33
CA THR H 176 40.75 -1.13 -47.12
C THR H 176 42.14 -1.44 -46.59
N ALA H 177 42.23 -1.93 -45.36
CA ALA H 177 43.50 -2.35 -44.80
C ALA H 177 43.50 -3.86 -44.59
N ILE H 178 44.70 -4.44 -44.61
CA ILE H 178 44.88 -5.87 -44.37
C ILE H 178 45.94 -6.02 -43.28
N PRO H 179 45.58 -6.46 -42.06
CA PRO H 179 44.22 -6.88 -41.67
C PRO H 179 43.25 -5.70 -41.56
N ALA H 180 41.95 -5.98 -41.70
CA ALA H 180 40.96 -4.92 -41.63
C ALA H 180 41.02 -4.21 -40.28
N LYS H 181 40.81 -2.89 -40.31
CA LYS H 181 40.81 -2.11 -39.08
C LYS H 181 39.41 -1.73 -38.61
N SER H 182 38.39 -2.02 -39.41
CA SER H 182 36.98 -1.84 -39.04
C SER H 182 36.16 -2.70 -39.98
N ILE H 183 34.85 -2.79 -39.73
CA ILE H 183 33.96 -3.51 -40.63
C ILE H 183 32.71 -2.67 -40.88
N HIS H 184 32.24 -2.69 -42.14
CA HIS H 184 31.16 -1.84 -42.62
C HIS H 184 29.94 -2.68 -42.97
N PRO H 185 28.74 -2.12 -42.88
CA PRO H 185 27.52 -2.89 -43.19
C PRO H 185 27.58 -3.69 -44.50
N ASN H 186 28.08 -3.10 -45.58
CA ASN H 186 28.08 -3.86 -46.84
C ASN H 186 29.16 -4.94 -46.89
N ASP H 187 30.14 -4.93 -45.98
CA ASP H 187 31.01 -6.09 -45.87
C ASP H 187 30.22 -7.34 -45.54
N ILE H 188 29.07 -7.18 -44.88
CA ILE H 188 28.19 -8.28 -44.54
C ILE H 188 27.08 -8.43 -45.57
N ALA H 189 26.43 -7.33 -45.94
CA ALA H 189 25.29 -7.43 -46.85
C ALA H 189 25.72 -7.77 -48.27
N LYS H 190 26.89 -7.30 -48.69
CA LYS H 190 27.48 -7.62 -49.98
C LYS H 190 26.53 -7.25 -51.13
N LEU H 191 25.91 -6.08 -51.00
CA LEU H 191 25.10 -5.56 -52.08
C LEU H 191 26.00 -5.16 -53.24
N PRO H 192 25.56 -5.37 -54.48
CA PRO H 192 26.27 -4.79 -55.62
C PRO H 192 26.36 -3.27 -55.44
N GLU H 193 27.43 -2.70 -56.01
CA GLU H 193 27.70 -1.28 -55.82
C GLU H 193 26.49 -0.42 -56.19
N GLU H 194 25.82 -0.74 -57.29
CA GLU H 194 24.68 0.05 -57.73
C GLU H 194 23.47 -0.03 -56.82
N ASP H 195 23.46 -0.96 -55.86
CA ASP H 195 22.33 -1.13 -54.95
C ASP H 195 22.62 -0.59 -53.56
N LYS H 196 23.78 0.00 -53.32
CA LYS H 196 24.15 0.37 -51.96
C LYS H 196 23.27 1.49 -51.39
N ALA H 197 22.52 2.22 -52.23
CA ALA H 197 21.56 3.17 -51.69
C ALA H 197 20.56 2.50 -50.75
N GLN H 198 20.35 1.18 -50.87
CA GLN H 198 19.46 0.50 -49.94
C GLN H 198 19.93 0.67 -48.50
N LEU H 199 21.23 0.82 -48.28
CA LEU H 199 21.76 0.94 -46.92
C LEU H 199 21.38 2.25 -46.24
N GLN H 200 20.83 3.21 -46.97
CA GLN H 200 20.30 4.42 -46.37
C GLN H 200 18.97 4.18 -45.67
N GLY H 201 18.33 3.03 -45.92
CA GLY H 201 17.18 2.57 -45.18
C GLY H 201 17.54 1.41 -44.28
N LEU H 202 16.74 0.35 -44.30
CA LEU H 202 16.89 -0.82 -43.43
C LEU H 202 17.19 -2.02 -44.31
N VAL H 203 18.43 -2.51 -44.28
CA VAL H 203 18.83 -3.70 -45.02
C VAL H 203 18.94 -4.85 -44.01
N PRO H 204 18.03 -5.83 -44.02
CA PRO H 204 18.04 -6.87 -42.98
C PRO H 204 19.32 -7.70 -42.94
N LYS H 205 20.00 -7.88 -44.07
CA LYS H 205 21.23 -8.66 -44.08
C LYS H 205 22.40 -7.93 -43.40
N ALA H 206 22.28 -6.62 -43.17
CA ALA H 206 23.39 -5.86 -42.60
C ALA H 206 23.31 -5.95 -41.07
N LYS H 207 23.71 -7.12 -40.56
CA LYS H 207 23.67 -7.36 -39.12
C LYS H 207 25.01 -7.94 -38.65
N ALA H 208 25.36 -7.64 -37.41
CA ALA H 208 26.63 -8.11 -36.87
C ALA H 208 26.52 -8.18 -35.35
N LYS H 209 27.48 -8.87 -34.75
CA LYS H 209 27.63 -8.90 -33.29
C LYS H 209 28.81 -8.02 -32.90
N LEU H 210 28.62 -7.22 -31.84
CA LEU H 210 29.68 -6.38 -31.31
C LEU H 210 30.66 -7.29 -30.60
N ASP H 211 31.51 -7.94 -31.40
CA ASP H 211 32.42 -8.97 -30.92
C ASP H 211 33.87 -8.54 -30.95
N LYS H 212 34.17 -7.29 -31.34
CA LYS H 212 35.55 -6.80 -31.32
C LYS H 212 35.56 -5.33 -30.96
N ASP H 213 36.42 -4.99 -30.01
CA ASP H 213 36.58 -3.63 -29.53
C ASP H 213 37.24 -2.78 -30.62
N GLY H 214 36.82 -1.52 -30.71
CA GLY H 214 37.40 -0.57 -31.66
C GLY H 214 37.36 -1.08 -33.09
N PHE H 215 36.17 -1.40 -33.58
CA PHE H 215 36.03 -2.09 -34.87
C PHE H 215 34.73 -1.77 -35.59
N TYR H 216 33.66 -1.50 -34.86
CA TYR H 216 32.36 -1.21 -35.45
C TYR H 216 32.06 0.29 -35.35
N PRO H 217 32.08 1.04 -36.45
CA PRO H 217 31.84 2.49 -36.35
C PRO H 217 30.43 2.82 -35.90
N VAL H 218 30.37 3.80 -34.99
CA VAL H 218 29.09 4.36 -34.50
C VAL H 218 28.26 4.89 -35.67
N GLU H 219 28.91 5.52 -36.65
CA GLU H 219 28.13 6.13 -37.72
C GLU H 219 27.53 5.11 -38.68
N GLU H 220 27.90 3.83 -38.59
CA GLU H 220 27.33 2.81 -39.46
C GLU H 220 26.56 1.73 -38.70
N TRP H 221 26.70 1.62 -37.39
CA TRP H 221 26.12 0.50 -36.64
C TRP H 221 25.35 1.00 -35.42
N SER H 222 24.17 0.44 -35.20
CA SER H 222 23.32 0.73 -34.06
C SER H 222 22.99 -0.57 -33.32
N PRO H 223 22.68 -0.48 -32.02
CA PRO H 223 22.06 -1.64 -31.37
C PRO H 223 20.80 -2.03 -32.12
N ASP H 224 20.65 -3.35 -32.33
CA ASP H 224 19.54 -3.88 -33.11
C ASP H 224 18.35 -4.15 -32.19
N PRO H 225 17.27 -3.36 -32.26
CA PRO H 225 16.12 -3.61 -31.38
C PRO H 225 15.32 -4.86 -31.74
N SER H 226 15.55 -5.45 -32.93
CA SER H 226 14.89 -6.69 -33.30
C SER H 226 15.55 -7.91 -32.69
N ARG H 227 16.71 -7.74 -32.06
CA ARG H 227 17.38 -8.83 -31.35
C ARG H 227 17.66 -8.37 -29.91
N ASN H 228 18.86 -8.65 -29.39
CA ASN H 228 19.25 -8.21 -28.04
C ASN H 228 18.25 -8.58 -26.95
N GLU H 229 17.63 -9.75 -27.08
CA GLU H 229 16.73 -10.19 -26.01
C GLU H 229 17.47 -10.42 -24.70
N ASN H 230 18.77 -10.71 -24.76
CA ASN H 230 19.59 -11.03 -23.59
C ASN H 230 20.59 -9.92 -23.28
N SER H 231 20.30 -8.69 -23.69
CA SER H 231 21.09 -7.52 -23.36
C SER H 231 20.14 -6.38 -23.04
N ARG H 232 20.67 -5.37 -22.34
CA ARG H 232 19.97 -4.11 -22.10
C ARG H 232 20.89 -2.99 -22.56
N TYR H 233 20.35 -2.04 -23.34
CA TYR H 233 21.17 -0.92 -23.79
C TYR H 233 20.38 0.37 -23.65
N TYR H 234 21.13 1.45 -23.46
CA TYR H 234 20.59 2.77 -23.11
C TYR H 234 21.43 3.79 -23.87
N GLY H 235 20.80 4.61 -24.70
CA GLY H 235 21.54 5.51 -25.57
C GLY H 235 20.86 6.86 -25.72
N SER H 236 21.68 7.88 -25.92
CA SER H 236 21.13 9.21 -26.18
C SER H 236 22.05 9.91 -27.15
N PHE H 237 21.47 10.84 -27.91
CA PHE H 237 22.18 11.54 -28.97
C PHE H 237 21.68 12.96 -29.04
N VAL H 238 22.61 13.92 -29.06
CA VAL H 238 22.31 15.32 -29.31
C VAL H 238 23.30 15.77 -30.37
N GLY H 239 22.79 16.18 -31.54
CA GLY H 239 23.64 16.49 -32.68
C GLY H 239 24.06 17.93 -32.80
N GLY H 240 24.52 18.30 -34.00
CA GLY H 240 25.05 19.62 -34.26
C GLY H 240 26.52 19.76 -33.87
N LEU H 241 27.12 20.85 -34.34
CA LEU H 241 28.55 21.07 -34.15
C LEU H 241 28.90 22.01 -32.99
N GLN H 242 27.98 22.86 -32.57
CA GLN H 242 28.28 23.82 -31.51
C GLN H 242 27.43 23.60 -30.27
N THR H 243 26.75 22.48 -30.16
CA THR H 243 25.83 22.25 -29.05
C THR H 243 26.60 22.10 -27.74
N PRO H 244 26.17 22.76 -26.66
CA PRO H 244 26.79 22.54 -25.34
C PRO H 244 26.68 21.09 -24.91
N PRO H 245 27.81 20.44 -24.60
CA PRO H 245 27.72 19.09 -24.02
C PRO H 245 27.06 19.14 -22.65
N ASN H 246 26.21 18.15 -22.38
CA ASN H 246 25.43 18.10 -21.15
C ASN H 246 25.63 16.72 -20.56
N LEU H 247 26.41 16.62 -19.48
CA LEU H 247 26.77 15.33 -18.92
C LEU H 247 26.65 15.38 -17.40
N GLN H 248 26.30 14.24 -16.82
CA GLN H 248 26.15 14.10 -15.38
C GLN H 248 27.11 13.04 -14.87
N PHE H 249 27.39 13.08 -13.55
CA PHE H 249 28.23 12.07 -12.93
C PHE H 249 27.88 11.99 -11.45
N THR H 250 27.75 10.76 -10.95
CA THR H 250 27.35 10.51 -9.56
C THR H 250 27.57 9.03 -9.27
N ASN H 251 27.82 8.70 -8.00
CA ASN H 251 27.92 7.30 -7.64
C ASN H 251 26.69 6.84 -6.85
N ALA H 252 25.61 7.62 -6.87
CA ALA H 252 24.44 7.30 -6.05
C ALA H 252 23.28 6.73 -6.86
N VAL H 253 23.44 6.47 -8.16
N VAL H 253 23.48 6.43 -8.14
CA VAL H 253 22.36 5.95 -8.97
CA VAL H 253 22.40 5.98 -9.03
C VAL H 253 22.79 4.65 -9.63
C VAL H 253 22.78 4.66 -9.68
N SER H 254 21.83 3.72 -9.74
CA SER H 254 22.02 2.43 -10.39
C SER H 254 20.96 2.25 -11.46
N THR H 255 21.25 1.39 -12.42
CA THR H 255 20.30 0.99 -13.45
C THR H 255 19.90 -0.46 -13.17
N VAL H 256 18.60 -0.71 -13.01
CA VAL H 256 18.12 -2.07 -12.84
C VAL H 256 18.02 -2.74 -14.20
N LEU H 257 18.64 -3.91 -14.34
CA LEU H 257 18.71 -4.61 -15.62
C LEU H 257 17.65 -5.69 -15.76
N LEU H 258 16.83 -5.91 -14.73
CA LEU H 258 15.75 -6.89 -14.82
C LEU H 258 14.71 -6.45 -15.84
N ASP H 259 14.17 -7.41 -16.59
CA ASP H 259 13.12 -7.12 -17.55
C ASP H 259 11.77 -7.12 -16.84
N GLU H 260 10.68 -7.14 -17.63
CA GLU H 260 9.34 -7.08 -17.07
C GLU H 260 8.96 -8.33 -16.28
N ASN H 261 9.67 -9.44 -16.49
CA ASN H 261 9.45 -10.65 -15.73
C ASN H 261 10.42 -10.82 -14.57
N GLY H 262 11.20 -9.77 -14.25
CA GLY H 262 12.17 -9.87 -13.20
C GLY H 262 13.44 -10.59 -13.58
N VAL H 263 13.76 -10.69 -14.87
CA VAL H 263 14.88 -11.50 -15.34
C VAL H 263 15.92 -10.58 -15.98
N GLY H 264 17.14 -10.64 -15.46
CA GLY H 264 18.24 -9.88 -16.05
C GLY H 264 18.94 -10.67 -17.14
N PRO H 265 19.91 -10.03 -17.82
CA PRO H 265 20.71 -10.76 -18.80
C PRO H 265 21.38 -11.98 -18.17
N LEU H 266 21.36 -13.08 -18.92
CA LEU H 266 21.91 -14.34 -18.45
C LEU H 266 23.18 -14.62 -19.24
N CYS H 267 24.27 -14.87 -18.52
CA CYS H 267 25.63 -14.86 -19.07
C CYS H 267 25.98 -16.21 -19.67
N LYS H 268 25.85 -16.32 -20.99
CA LYS H 268 26.15 -17.57 -21.66
C LYS H 268 27.66 -17.82 -21.67
N GLY H 269 28.06 -19.07 -21.45
CA GLY H 269 29.47 -19.37 -21.29
C GLY H 269 30.12 -18.67 -20.12
N ASP H 270 29.34 -18.21 -19.14
CA ASP H 270 29.85 -17.51 -17.97
C ASP H 270 30.64 -16.25 -18.36
N GLY H 271 30.22 -15.59 -19.43
CA GLY H 271 30.82 -14.34 -19.87
C GLY H 271 29.83 -13.20 -19.73
N LEU H 272 30.31 -12.10 -19.17
CA LEU H 272 29.56 -10.85 -19.06
C LEU H 272 30.08 -9.87 -20.10
N PHE H 273 29.16 -9.29 -20.89
CA PHE H 273 29.52 -8.46 -22.04
C PHE H 273 29.10 -7.02 -21.75
N VAL H 274 30.05 -6.09 -21.83
CA VAL H 274 29.77 -4.67 -21.61
C VAL H 274 30.24 -3.93 -22.85
N SER H 275 29.49 -2.88 -23.20
N SER H 275 29.52 -2.86 -23.19
CA SER H 275 29.70 -2.12 -24.44
CA SER H 275 29.88 -2.10 -24.38
C SER H 275 29.36 -0.66 -24.18
C SER H 275 29.34 -0.68 -24.24
N CYS H 276 29.99 0.24 -24.95
CA CYS H 276 29.63 1.64 -24.83
C CYS H 276 30.21 2.42 -25.99
N ALA H 277 29.74 3.67 -26.09
CA ALA H 277 30.33 4.70 -26.94
C ALA H 277 30.03 6.03 -26.27
N ASP H 278 31.03 6.89 -26.18
CA ASP H 278 30.86 8.16 -25.49
C ASP H 278 31.61 9.26 -26.25
N ILE H 279 31.02 9.67 -27.38
CA ILE H 279 31.47 10.88 -28.06
C ILE H 279 30.97 12.07 -27.26
N CYS H 280 31.91 12.90 -26.79
CA CYS H 280 31.58 14.03 -25.94
C CYS H 280 31.61 15.36 -26.70
N GLY H 281 31.91 15.34 -27.99
CA GLY H 281 31.93 16.53 -28.80
C GLY H 281 33.11 16.49 -29.75
N VAL H 282 33.43 17.67 -30.27
CA VAL H 282 34.47 17.82 -31.27
C VAL H 282 35.43 18.94 -30.87
N LEU H 283 36.66 18.79 -31.34
CA LEU H 283 37.67 19.83 -31.37
C LEU H 283 37.72 20.38 -32.79
N VAL H 284 37.85 21.70 -32.92
CA VAL H 284 37.94 22.37 -34.22
C VAL H 284 39.38 22.86 -34.37
N LYS H 285 40.03 22.47 -35.47
CA LYS H 285 41.42 22.88 -35.69
C LYS H 285 41.49 24.31 -36.20
N ALA H 286 42.47 25.06 -35.68
CA ALA H 286 42.60 26.47 -36.08
C ALA H 286 42.92 26.62 -37.56
N ASP H 287 43.75 25.74 -38.11
CA ASP H 287 44.31 26.10 -39.42
C ASP H 287 43.38 25.77 -40.58
N ASN H 288 42.56 24.72 -40.48
CA ASN H 288 41.60 24.44 -41.54
C ASN H 288 40.15 24.35 -41.05
N GLU H 289 39.93 24.49 -39.75
CA GLU H 289 38.60 24.40 -39.11
C GLU H 289 37.98 23.01 -39.25
N ALA H 290 38.77 22.01 -39.63
CA ALA H 290 38.31 20.63 -39.61
C ALA H 290 38.23 20.14 -38.15
N ILE H 291 37.61 18.97 -37.95
CA ILE H 291 37.29 18.56 -36.59
C ILE H 291 37.91 17.20 -36.26
N ARG H 292 38.02 16.95 -34.94
CA ARG H 292 38.27 15.64 -34.36
C ARG H 292 37.21 15.39 -33.31
N TYR H 293 36.67 14.17 -33.26
CA TYR H 293 35.83 13.77 -32.15
C TYR H 293 36.67 13.53 -30.90
N ARG H 294 36.07 13.75 -29.74
CA ARG H 294 36.70 13.45 -28.45
C ARG H 294 35.81 12.52 -27.67
N GLY H 295 36.38 11.43 -27.14
CA GLY H 295 35.67 10.51 -26.27
C GLY H 295 36.30 10.47 -24.89
N LEU H 296 35.57 9.89 -23.95
CA LEU H 296 36.01 9.75 -22.56
C LEU H 296 35.79 8.32 -22.06
N PRO H 297 36.61 7.87 -21.10
CA PRO H 297 36.50 6.50 -20.61
C PRO H 297 35.23 6.31 -19.80
N ARG H 298 34.73 5.09 -19.79
CA ARG H 298 33.52 4.75 -19.02
C ARG H 298 33.80 3.60 -18.05
N TYR H 299 33.31 3.76 -16.84
CA TYR H 299 33.41 2.75 -15.80
C TYR H 299 32.09 1.98 -15.68
N PHE H 300 32.18 0.68 -15.40
CA PHE H 300 31.05 -0.19 -15.10
C PHE H 300 31.29 -0.91 -13.79
N LYS H 301 30.23 -1.01 -12.97
CA LYS H 301 30.17 -1.95 -11.86
C LYS H 301 28.86 -2.72 -11.99
N VAL H 302 28.94 -4.02 -12.20
CA VAL H 302 27.77 -4.85 -12.47
C VAL H 302 27.60 -5.85 -11.34
N THR H 303 26.38 -5.93 -10.82
CA THR H 303 26.05 -6.86 -9.75
C THR H 303 25.32 -8.06 -10.34
N LEU H 304 25.73 -9.26 -9.95
CA LEU H 304 25.19 -10.47 -10.52
C LEU H 304 24.73 -11.41 -9.40
N ARG H 305 23.75 -12.25 -9.73
CA ARG H 305 23.30 -13.32 -8.85
C ARG H 305 23.25 -14.61 -9.66
N LYS H 306 23.09 -15.74 -8.97
CA LYS H 306 23.00 -17.03 -9.64
C LYS H 306 21.55 -17.41 -9.89
N ARG H 307 21.29 -17.94 -11.08
CA ARG H 307 19.94 -18.25 -11.53
C ARG H 307 19.94 -19.61 -12.20
N ALA H 308 19.01 -20.48 -11.80
CA ALA H 308 18.88 -21.78 -12.46
C ALA H 308 18.00 -21.65 -13.71
N VAL H 309 18.39 -22.36 -14.77
CA VAL H 309 17.72 -22.29 -16.06
C VAL H 309 17.57 -23.69 -16.63
N LYS H 310 16.53 -23.87 -17.45
CA LYS H 310 16.24 -25.17 -18.06
C LYS H 310 17.27 -25.54 -19.13
N ALA I 37 21.83 11.18 20.06
CA ALA I 37 22.43 10.24 19.12
C ALA I 37 22.38 10.75 17.67
N THR I 38 22.03 12.02 17.49
CA THR I 38 22.09 12.70 16.19
C THR I 38 22.77 14.05 16.37
N THR I 39 23.15 14.66 15.24
CA THR I 39 23.77 15.98 15.26
C THR I 39 23.76 16.54 13.84
N GLU I 40 23.80 17.87 13.74
CA GLU I 40 23.86 18.57 12.46
C GLU I 40 25.13 19.40 12.39
N ILE I 41 25.77 19.41 11.21
CA ILE I 41 26.97 20.18 10.94
C ILE I 41 26.68 21.14 9.80
N GLU I 42 27.10 22.40 9.94
CA GLU I 42 26.96 23.41 8.89
C GLU I 42 28.34 23.94 8.53
N LEU I 43 28.55 24.29 7.26
CA LEU I 43 29.74 25.06 6.91
C LEU I 43 29.61 25.59 5.49
N TRP I 44 30.52 26.50 5.16
CA TRP I 44 30.64 27.10 3.84
C TRP I 44 31.96 26.67 3.21
N LEU I 45 31.96 26.43 1.91
CA LEU I 45 33.20 26.24 1.16
C LEU I 45 33.32 27.39 0.18
N GLU I 46 34.35 28.21 0.37
CA GLU I 46 34.61 29.31 -0.56
CA GLU I 46 34.55 29.29 -0.58
C GLU I 46 35.18 28.76 -1.86
N PRO I 47 34.94 29.43 -2.99
CA PRO I 47 35.41 28.87 -4.27
C PRO I 47 36.92 29.00 -4.40
N ARG I 48 37.48 28.04 -5.14
CA ARG I 48 38.92 27.97 -5.41
C ARG I 48 39.10 27.93 -6.92
N MET I 49 38.84 29.05 -7.57
CA MET I 49 38.90 29.14 -9.02
C MET I 49 40.31 29.38 -9.55
N GLY I 50 41.30 29.53 -8.67
CA GLY I 50 42.66 29.82 -9.09
C GLY I 50 43.23 30.96 -8.26
N VAL I 51 42.60 32.12 -8.32
CA VAL I 51 42.87 33.18 -7.35
C VAL I 51 42.11 32.81 -6.07
N ASN I 52 42.82 32.20 -5.13
CA ASN I 52 42.21 31.48 -4.02
C ASN I 52 42.20 32.26 -2.71
N ALA I 53 42.67 33.50 -2.71
CA ALA I 53 42.60 34.32 -1.51
C ALA I 53 42.52 35.79 -1.94
N PRO I 54 41.80 36.63 -1.20
CA PRO I 54 41.78 38.07 -1.48
C PRO I 54 42.99 38.78 -0.89
N THR I 55 44.19 38.28 -1.21
CA THR I 55 45.46 38.86 -0.79
C THR I 55 46.45 38.81 -1.95
N GLY I 56 47.52 39.60 -1.85
CA GLY I 56 48.54 39.59 -2.87
C GLY I 56 48.19 40.43 -4.09
N ASP I 57 49.01 40.26 -5.13
CA ASP I 57 48.87 41.07 -6.35
C ASP I 57 47.55 40.82 -7.06
N ARG I 58 47.03 39.60 -6.96
CA ARG I 58 45.83 39.20 -7.69
C ARG I 58 44.55 39.37 -6.88
N LYS I 59 44.62 40.03 -5.71
CA LYS I 59 43.52 39.94 -4.76
C LYS I 59 42.19 40.45 -5.33
N GLU I 60 42.20 41.38 -6.28
CA GLU I 60 40.92 41.90 -6.74
C GLU I 60 40.15 40.89 -7.59
N TRP I 61 40.76 39.76 -7.95
CA TRP I 61 40.08 38.73 -8.72
C TRP I 61 39.81 37.48 -7.88
N TYR I 62 39.81 37.61 -6.56
CA TYR I 62 39.47 36.50 -5.69
C TYR I 62 38.10 35.95 -6.07
N GLY I 63 38.01 34.63 -6.18
CA GLY I 63 36.79 33.99 -6.62
C GLY I 63 36.68 33.83 -8.12
N TYR I 64 37.70 34.26 -8.86
CA TYR I 64 37.83 34.03 -10.29
C TYR I 64 39.14 33.29 -10.54
N SER I 65 39.30 32.78 -11.76
CA SER I 65 40.60 32.29 -12.18
C SER I 65 41.42 33.46 -12.75
N GLU I 66 42.72 33.20 -12.93
CA GLU I 66 43.55 34.04 -13.77
C GLU I 66 43.11 33.89 -15.23
N VAL I 67 43.58 34.81 -16.08
CA VAL I 67 43.19 34.86 -17.49
C VAL I 67 43.74 33.64 -18.22
N ILE I 68 42.93 33.07 -19.12
CA ILE I 68 43.32 31.92 -19.94
C ILE I 68 43.16 32.28 -21.41
N HIS I 69 44.20 31.97 -22.21
CA HIS I 69 44.27 32.20 -23.64
C HIS I 69 44.47 30.87 -24.35
N HIS I 70 44.12 30.84 -25.65
CA HIS I 70 44.08 29.59 -26.42
C HIS I 70 45.40 28.83 -26.37
N ALA I 71 46.54 29.51 -26.48
CA ALA I 71 47.83 28.84 -26.56
C ALA I 71 48.50 28.67 -25.20
N ASP I 72 47.86 29.08 -24.10
CA ASP I 72 48.45 28.86 -22.78
C ASP I 72 48.68 27.36 -22.55
N GLY I 73 49.83 27.02 -21.97
CA GLY I 73 50.21 25.62 -21.86
C GLY I 73 50.87 25.07 -23.11
N TYR I 74 50.87 25.82 -24.20
CA TYR I 74 51.63 25.46 -25.39
C TYR I 74 52.79 26.41 -25.61
N ASP I 75 52.53 27.71 -25.75
CA ASP I 75 53.62 28.68 -25.91
C ASP I 75 54.03 29.32 -24.59
N ASN I 76 53.48 28.83 -23.46
CA ASN I 76 53.94 29.21 -22.13
C ASN I 76 53.52 28.07 -21.19
N ASN I 77 53.83 28.22 -19.91
CA ASN I 77 53.43 27.25 -18.89
C ASN I 77 52.13 27.67 -18.23
N LEU I 78 51.22 26.72 -18.06
CA LEU I 78 49.97 27.00 -17.35
C LEU I 78 50.21 27.05 -15.86
N LEU I 79 49.68 28.10 -15.22
CA LEU I 79 49.83 28.31 -13.78
C LEU I 79 48.64 27.74 -13.02
N SER I 80 48.87 27.43 -11.74
CA SER I 80 47.77 26.95 -10.89
CA SER I 80 47.78 26.95 -10.89
C SER I 80 46.63 27.96 -10.80
N VAL I 81 46.95 29.26 -10.84
CA VAL I 81 45.92 30.28 -10.77
C VAL I 81 45.03 30.27 -12.01
N GLN I 82 45.46 29.63 -13.09
CA GLN I 82 44.66 29.53 -14.31
C GLN I 82 43.79 28.28 -14.34
N MET I 83 43.74 27.50 -13.27
CA MET I 83 43.12 26.17 -13.30
C MET I 83 42.20 25.97 -12.10
N PRO I 84 40.89 26.12 -12.29
CA PRO I 84 39.95 25.96 -11.16
C PRO I 84 40.12 24.61 -10.51
N GLN I 85 39.95 24.59 -9.18
CA GLN I 85 40.25 23.44 -8.36
C GLN I 85 39.03 23.11 -7.49
N TYR I 86 39.05 21.90 -6.94
CA TYR I 86 38.02 21.49 -6.00
C TYR I 86 38.24 22.16 -4.65
N SER I 87 37.14 22.53 -4.00
CA SER I 87 37.14 22.93 -2.61
C SER I 87 36.90 21.71 -1.73
N CYS I 88 37.50 21.70 -0.54
CA CYS I 88 37.19 20.61 0.38
C CYS I 88 37.54 21.03 1.81
N ALA I 89 36.92 20.34 2.75
CA ALA I 89 37.24 20.55 4.15
C ALA I 89 36.94 19.28 4.91
N ARG I 90 37.60 19.13 6.05
CA ARG I 90 37.30 18.07 7.00
C ARG I 90 36.78 18.71 8.27
N VAL I 91 35.63 18.24 8.74
CA VAL I 91 35.01 18.76 9.94
C VAL I 91 35.23 17.74 11.06
N GLN I 92 35.85 18.18 12.15
CA GLN I 92 36.03 17.31 13.30
C GLN I 92 34.70 17.14 14.02
N LEU I 93 34.28 15.89 14.19
CA LEU I 93 33.04 15.57 14.89
C LEU I 93 33.33 15.22 16.36
N PRO I 94 32.31 15.23 17.21
CA PRO I 94 32.51 14.76 18.59
C PRO I 94 33.09 13.35 18.61
N MET I 95 34.08 13.13 19.48
CA MET I 95 34.71 11.83 19.54
C MET I 95 33.80 10.85 20.29
N LEU I 96 33.73 9.63 19.78
CA LEU I 96 32.69 8.70 20.17
C LEU I 96 33.17 7.55 21.04
N ASN I 97 34.41 7.10 20.87
CA ASN I 97 34.91 5.93 21.56
C ASN I 97 36.14 6.30 22.37
N THR I 98 36.06 6.08 23.69
CA THR I 98 37.22 6.31 24.54
C THR I 98 38.36 5.35 24.22
N ASP I 99 38.03 4.12 23.82
CA ASP I 99 39.01 3.06 23.62
C ASP I 99 38.90 2.57 22.18
N MET I 100 39.77 3.09 21.29
CA MET I 100 39.75 2.71 19.88
C MET I 100 40.23 1.28 19.65
N THR I 101 40.44 0.50 20.71
CA THR I 101 40.82 -0.91 20.59
C THR I 101 39.61 -1.84 20.53
N CYS I 102 38.46 -1.40 21.03
CA CYS I 102 37.32 -2.30 21.21
C CYS I 102 36.85 -2.86 19.87
N GLU I 103 36.29 -4.07 19.93
CA GLU I 103 35.84 -4.75 18.72
C GLU I 103 34.62 -4.09 18.12
N THR I 104 33.75 -3.53 18.95
CA THR I 104 32.57 -2.79 18.50
C THR I 104 32.77 -1.33 18.84
N LEU I 105 32.67 -0.47 17.84
CA LEU I 105 32.89 0.97 18.00
C LEU I 105 31.66 1.73 17.53
N MET I 106 31.55 2.98 17.99
CA MET I 106 30.59 3.94 17.47
C MET I 106 31.24 4.76 16.36
N MET I 107 30.48 5.01 15.28
CA MET I 107 30.87 5.96 14.24
C MET I 107 29.71 6.88 13.90
N TRP I 108 30.05 8.10 13.49
CA TRP I 108 29.05 9.02 12.95
C TRP I 108 28.72 8.61 11.52
N GLU I 109 27.43 8.59 11.20
CA GLU I 109 26.92 8.19 9.89
C GLU I 109 26.20 9.39 9.28
N ALA I 110 26.62 9.80 8.08
CA ALA I 110 25.96 10.92 7.41
C ALA I 110 24.68 10.40 6.73
N VAL I 111 23.52 10.96 7.09
N VAL I 111 23.54 10.96 7.12
CA VAL I 111 22.26 10.43 6.58
CA VAL I 111 22.24 10.50 6.66
C VAL I 111 21.62 11.34 5.53
C VAL I 111 21.70 11.33 5.51
N SER I 112 21.80 12.65 5.62
CA SER I 112 21.18 13.55 4.65
C SER I 112 21.94 14.86 4.65
N CYS I 113 21.71 15.66 3.61
CA CYS I 113 22.35 16.97 3.61
C CYS I 113 21.55 17.92 2.74
N LYS I 114 21.59 19.20 3.12
CA LYS I 114 21.12 20.29 2.30
C LYS I 114 22.34 21.04 1.82
N THR I 115 22.36 21.39 0.54
CA THR I 115 23.48 22.16 0.04
C THR I 115 22.96 23.18 -0.96
N GLU I 116 23.64 24.32 -1.04
CA GLU I 116 23.14 25.45 -1.82
C GLU I 116 24.29 26.30 -2.33
N VAL I 117 24.19 26.76 -3.57
CA VAL I 117 25.13 27.74 -4.12
C VAL I 117 24.55 29.13 -3.87
N VAL I 118 25.32 29.98 -3.19
CA VAL I 118 24.87 31.30 -2.78
C VAL I 118 25.39 32.36 -3.73
N GLY I 119 24.69 33.48 -3.83
CA GLY I 119 25.11 34.57 -4.70
C GLY I 119 24.69 34.42 -6.15
N ILE I 120 23.73 33.55 -6.44
CA ILE I 120 23.34 33.31 -7.84
C ILE I 120 22.80 34.59 -8.47
N GLY I 121 22.13 35.43 -7.69
CA GLY I 121 21.62 36.69 -8.23
C GLY I 121 22.70 37.61 -8.78
N SER I 122 23.92 37.54 -8.22
CA SER I 122 25.01 38.37 -8.74
C SER I 122 25.34 38.06 -10.20
N LEU I 123 24.92 36.91 -10.71
CA LEU I 123 25.21 36.55 -12.09
C LEU I 123 24.35 37.31 -13.09
N ILE I 124 23.43 38.16 -12.64
CA ILE I 124 22.70 39.01 -13.58
C ILE I 124 23.52 40.20 -14.06
N SER I 125 24.66 40.48 -13.45
CA SER I 125 25.37 41.72 -13.74
C SER I 125 25.78 41.81 -15.22
N VAL I 126 25.49 42.96 -15.83
CA VAL I 126 26.03 43.29 -17.14
C VAL I 126 26.86 44.57 -17.08
N HIS I 127 27.49 44.81 -15.93
CA HIS I 127 28.48 45.88 -15.77
C HIS I 127 29.74 45.31 -15.15
N LEU I 128 30.22 44.19 -15.69
CA LEU I 128 31.35 43.48 -15.12
C LEU I 128 32.64 44.23 -15.43
N LEU I 129 33.44 44.46 -14.39
CA LEU I 129 34.72 45.15 -14.52
C LEU I 129 35.59 44.45 -15.56
N GLU I 130 36.08 45.24 -16.53
CA GLU I 130 37.02 44.85 -17.58
C GLU I 130 36.40 43.96 -18.66
N ALA I 131 35.10 43.68 -18.61
CA ALA I 131 34.50 42.70 -19.51
C ALA I 131 34.15 43.30 -20.86
N LYS I 132 34.20 42.45 -21.88
CA LYS I 132 33.79 42.79 -23.24
C LYS I 132 32.34 43.28 -23.30
N MET I 133 32.10 44.26 -24.16
CA MET I 133 30.76 44.81 -24.35
C MET I 133 29.94 43.90 -25.27
N GLU I 134 28.68 43.63 -24.90
CA GLU I 134 27.80 42.78 -25.71
C GLU I 134 26.89 43.70 -26.52
N ALA I 135 27.46 44.25 -27.60
CA ALA I 135 26.78 45.13 -28.52
C ALA I 135 27.72 45.38 -29.69
N GLY I 136 27.24 46.12 -30.70
CA GLY I 136 28.05 46.48 -31.83
C GLY I 136 29.22 47.35 -31.41
N PRO I 137 30.26 47.40 -32.24
CA PRO I 137 31.53 48.01 -31.79
C PRO I 137 31.43 49.50 -31.49
N ASN I 138 30.41 50.19 -31.99
CA ASN I 138 30.27 51.63 -31.81
C ASN I 138 29.17 51.98 -30.82
N SER I 139 28.75 51.00 -30.01
CA SER I 139 27.62 51.20 -29.13
C SER I 139 28.13 51.46 -27.70
N ASP I 140 27.18 51.59 -26.78
CA ASP I 140 27.46 51.68 -25.35
C ASP I 140 26.50 50.72 -24.65
N GLY I 141 26.68 49.43 -24.91
CA GLY I 141 25.73 48.44 -24.45
C GLY I 141 26.16 47.81 -23.14
N PRO I 142 25.50 46.71 -22.77
CA PRO I 142 25.87 46.00 -21.55
C PRO I 142 27.17 45.24 -21.75
N SER I 143 27.80 44.86 -20.64
CA SER I 143 28.87 43.87 -20.73
C SER I 143 28.27 42.50 -20.99
N ARG I 144 29.04 41.61 -21.61
CA ARG I 144 28.70 40.19 -21.54
C ARG I 144 28.55 39.79 -20.08
N PRO I 145 27.47 39.10 -19.71
CA PRO I 145 27.37 38.55 -18.34
C PRO I 145 28.16 37.26 -18.24
N ILE I 146 28.30 36.77 -16.99
CA ILE I 146 28.88 35.45 -16.78
C ILE I 146 28.04 34.41 -17.52
N GLU I 147 28.69 33.58 -18.33
CA GLU I 147 27.97 32.55 -19.08
C GLU I 147 29.00 31.52 -19.52
N GLY I 148 28.54 30.51 -20.22
CA GLY I 148 29.44 29.45 -20.64
C GLY I 148 29.48 28.31 -19.65
N MET I 149 30.59 27.59 -19.67
CA MET I 149 30.64 26.26 -19.08
C MET I 149 30.36 26.30 -17.58
N ASN I 150 29.45 25.43 -17.15
CA ASN I 150 29.08 25.27 -15.75
C ASN I 150 29.47 23.87 -15.32
N TYR I 151 30.22 23.77 -14.23
CA TYR I 151 30.64 22.49 -13.66
C TYR I 151 30.29 22.56 -12.18
N HIS I 152 29.34 21.71 -11.75
CA HIS I 152 28.86 21.74 -10.38
C HIS I 152 28.90 20.34 -9.79
N MET I 153 29.61 20.20 -8.67
N MET I 153 29.60 20.19 -8.67
CA MET I 153 29.68 18.93 -7.97
CA MET I 153 29.56 18.92 -7.97
C MET I 153 29.70 19.20 -6.47
C MET I 153 29.69 19.18 -6.49
N PHE I 154 29.07 18.31 -5.70
CA PHE I 154 29.25 18.31 -4.25
C PHE I 154 29.39 16.87 -3.78
N ALA I 155 30.07 16.70 -2.65
CA ALA I 155 30.32 15.37 -2.13
C ALA I 155 30.31 15.42 -0.60
N VAL I 156 29.83 14.34 0.00
CA VAL I 156 29.86 14.13 1.44
C VAL I 156 30.38 12.72 1.68
N GLY I 157 31.40 12.59 2.55
CA GLY I 157 31.93 11.26 2.80
C GLY I 157 32.56 11.15 4.17
N GLY I 158 32.92 9.92 4.52
CA GLY I 158 33.57 9.58 5.77
C GLY I 158 35.07 9.53 5.68
N GLU I 159 35.59 9.89 4.50
CA GLU I 159 37.03 9.97 4.24
C GLU I 159 37.21 10.84 3.01
N PRO I 160 38.46 11.20 2.66
CA PRO I 160 38.64 12.04 1.47
C PRO I 160 38.04 11.42 0.22
N LEU I 161 37.55 12.27 -0.67
CA LEU I 161 37.02 11.82 -1.95
C LEU I 161 38.15 11.26 -2.82
N ASP I 162 37.94 10.07 -3.38
CA ASP I 162 38.91 9.50 -4.30
C ASP I 162 38.80 10.14 -5.68
N LEU I 163 39.95 10.44 -6.29
CA LEU I 163 40.01 11.11 -7.57
C LEU I 163 40.73 10.26 -8.61
N GLN I 164 40.27 10.38 -9.86
CA GLN I 164 40.91 9.75 -11.01
C GLN I 164 41.40 10.84 -11.95
N GLY I 165 42.65 10.71 -12.41
CA GLY I 165 43.26 11.76 -13.22
C GLY I 165 43.07 11.53 -14.71
N ILE I 166 43.15 12.64 -15.45
CA ILE I 166 43.06 12.62 -16.90
C ILE I 166 43.71 13.90 -17.43
N GLU I 167 44.09 13.90 -18.70
CA GLU I 167 44.55 15.11 -19.39
C GLU I 167 43.78 15.25 -20.69
N SER I 168 43.29 16.46 -20.98
CA SER I 168 42.71 16.70 -22.29
C SER I 168 43.80 16.73 -23.36
N ASN I 169 44.97 17.30 -23.03
CA ASN I 169 46.15 17.22 -23.90
C ASN I 169 47.29 16.68 -23.06
N GLY I 170 47.79 15.51 -23.44
CA GLY I 170 48.80 14.85 -22.60
C GLY I 170 50.05 15.69 -22.41
N GLN I 171 50.40 16.52 -23.39
CA GLN I 171 51.65 17.28 -23.36
C GLN I 171 51.47 18.72 -22.88
N THR I 172 50.33 19.06 -22.25
CA THR I 172 50.16 20.40 -21.71
C THR I 172 51.32 20.76 -20.78
N LYS I 173 51.85 21.97 -20.94
CA LYS I 173 52.98 22.45 -20.14
C LYS I 173 52.47 23.11 -18.86
N TYR I 174 52.89 22.58 -17.72
CA TYR I 174 52.50 23.11 -16.42
C TYR I 174 53.71 23.74 -15.74
N ALA I 175 53.50 24.89 -15.10
CA ALA I 175 54.60 25.59 -14.45
C ALA I 175 55.18 24.74 -13.32
N THR I 176 56.49 24.81 -13.16
CA THR I 176 57.15 24.19 -12.02
C THR I 176 56.99 25.10 -10.80
N ALA I 177 56.59 24.52 -9.67
CA ALA I 177 56.42 25.28 -8.44
C ALA I 177 56.93 24.43 -7.28
N ILE I 178 57.86 24.98 -6.52
CA ILE I 178 58.34 24.34 -5.30
C ILE I 178 58.32 25.43 -4.22
N PRO I 179 57.46 25.31 -3.19
CA PRO I 179 56.52 24.19 -3.02
C PRO I 179 55.39 24.20 -4.05
N ALA I 180 54.80 23.02 -4.29
CA ALA I 180 53.77 22.90 -5.31
C ALA I 180 52.53 23.73 -4.95
N LYS I 181 51.87 24.23 -5.98
CA LYS I 181 50.62 24.96 -5.80
C LYS I 181 49.42 24.17 -6.29
N SER I 182 49.66 22.96 -6.79
CA SER I 182 48.66 22.07 -7.34
C SER I 182 49.37 20.76 -7.67
N ILE I 183 48.60 19.73 -7.95
CA ILE I 183 49.15 18.43 -8.31
C ILE I 183 48.43 17.90 -9.53
N HIS I 184 49.20 17.31 -10.43
CA HIS I 184 48.75 16.84 -11.73
C HIS I 184 48.77 15.32 -11.78
N PRO I 185 47.92 14.71 -12.61
CA PRO I 185 47.92 13.24 -12.71
C PRO I 185 49.30 12.63 -12.91
N ASN I 186 50.17 13.24 -13.72
CA ASN I 186 51.45 12.58 -13.96
C ASN I 186 52.42 12.74 -12.81
N ASP I 187 52.17 13.68 -11.90
CA ASP I 187 52.95 13.72 -10.65
C ASP I 187 52.81 12.40 -9.90
N ILE I 188 51.69 11.72 -10.07
CA ILE I 188 51.46 10.42 -9.45
C ILE I 188 51.84 9.29 -10.40
N ALA I 189 51.40 9.36 -11.66
CA ALA I 189 51.64 8.25 -12.56
C ALA I 189 53.11 8.14 -12.96
N LYS I 190 53.79 9.28 -13.07
CA LYS I 190 55.22 9.36 -13.41
C LYS I 190 55.53 8.66 -14.73
N LEU I 191 54.65 8.84 -15.71
CA LEU I 191 54.91 8.34 -17.05
C LEU I 191 56.06 9.13 -17.68
N PRO I 192 56.95 8.46 -18.43
CA PRO I 192 57.91 9.19 -19.26
C PRO I 192 57.18 10.19 -20.14
N GLU I 193 57.84 11.33 -20.40
CA GLU I 193 57.22 12.41 -21.14
C GLU I 193 56.67 11.93 -22.48
N GLU I 194 57.35 10.98 -23.12
CA GLU I 194 56.92 10.49 -24.42
C GLU I 194 55.70 9.57 -24.32
N ASP I 195 55.28 9.19 -23.13
CA ASP I 195 54.11 8.33 -22.95
C ASP I 195 52.91 9.05 -22.37
N LYS I 196 52.98 10.37 -22.23
CA LYS I 196 51.88 11.07 -21.54
C LYS I 196 50.58 11.08 -22.32
N ALA I 197 50.59 10.77 -23.62
CA ALA I 197 49.33 10.61 -24.32
C ALA I 197 48.43 9.57 -23.67
N GLN I 198 49.00 8.62 -22.92
CA GLN I 198 48.20 7.66 -22.17
C GLN I 198 47.18 8.34 -21.26
N LEU I 199 47.52 9.51 -20.72
CA LEU I 199 46.64 10.25 -19.82
C LEU I 199 45.40 10.80 -20.52
N GLN I 200 45.36 10.76 -21.86
CA GLN I 200 44.13 11.16 -22.55
C GLN I 200 43.07 10.07 -22.46
N GLY I 201 43.45 8.85 -22.07
CA GLY I 201 42.51 7.80 -21.72
C GLY I 201 42.43 7.58 -20.22
N LEU I 202 42.50 6.33 -19.79
CA LEU I 202 42.41 5.95 -18.39
C LEU I 202 43.73 5.33 -17.95
N VAL I 203 44.49 6.05 -17.13
CA VAL I 203 45.73 5.53 -16.55
C VAL I 203 45.43 5.12 -15.10
N PRO I 204 45.40 3.83 -14.77
CA PRO I 204 45.00 3.43 -13.40
C PRO I 204 45.92 3.94 -12.30
N LYS I 205 47.20 4.21 -12.61
CA LYS I 205 48.08 4.72 -11.58
C LYS I 205 47.83 6.19 -11.26
N ALA I 206 47.04 6.89 -12.08
CA ALA I 206 46.79 8.32 -11.87
C ALA I 206 45.58 8.50 -10.94
N LYS I 207 45.79 8.15 -9.67
CA LYS I 207 44.75 8.26 -8.65
C LYS I 207 45.31 9.05 -7.47
N ALA I 208 44.42 9.84 -6.84
CA ALA I 208 44.76 10.64 -5.67
C ALA I 208 43.53 10.76 -4.76
N LYS I 209 43.76 11.29 -3.57
CA LYS I 209 42.68 11.68 -2.66
C LYS I 209 42.53 13.19 -2.67
N LEU I 210 41.28 13.66 -2.63
CA LEU I 210 41.00 15.09 -2.49
C LEU I 210 41.27 15.46 -1.04
N ASP I 211 42.56 15.70 -0.74
CA ASP I 211 43.02 15.88 0.63
C ASP I 211 43.62 17.25 0.87
N LYS I 212 43.47 18.16 -0.07
CA LYS I 212 43.97 19.52 0.09
C LYS I 212 43.05 20.45 -0.68
N ASP I 213 42.57 21.49 0.01
CA ASP I 213 41.70 22.49 -0.58
C ASP I 213 42.48 23.34 -1.59
N GLY I 214 41.81 23.70 -2.68
CA GLY I 214 42.42 24.50 -3.74
C GLY I 214 43.74 23.97 -4.23
N PHE I 215 43.75 22.73 -4.73
CA PHE I 215 45.00 22.07 -5.08
C PHE I 215 44.85 21.10 -6.26
N TYR I 216 43.66 20.51 -6.43
CA TYR I 216 43.44 19.53 -7.49
C TYR I 216 42.60 20.15 -8.59
N PRO I 217 43.14 20.42 -9.78
CA PRO I 217 42.35 21.08 -10.81
C PRO I 217 41.20 20.24 -11.33
N VAL I 218 40.07 20.89 -11.54
CA VAL I 218 38.88 20.25 -12.11
C VAL I 218 39.18 19.64 -13.46
N GLU I 219 39.95 20.35 -14.30
CA GLU I 219 40.21 19.90 -15.66
C GLU I 219 41.14 18.69 -15.73
N GLU I 220 41.72 18.26 -14.60
CA GLU I 220 42.58 17.09 -14.56
C GLU I 220 42.10 15.98 -13.64
N TRP I 221 41.13 16.23 -12.77
CA TRP I 221 40.72 15.27 -11.75
C TRP I 221 39.21 15.15 -11.69
N SER I 222 38.72 13.92 -11.63
CA SER I 222 37.32 13.59 -11.47
C SER I 222 37.12 12.67 -10.28
N PRO I 223 35.95 12.69 -9.66
CA PRO I 223 35.61 11.65 -8.69
C PRO I 223 35.80 10.28 -9.29
N ASP I 224 36.45 9.39 -8.54
CA ASP I 224 36.80 8.07 -9.02
C ASP I 224 35.63 7.13 -8.76
N PRO I 225 34.88 6.69 -9.78
CA PRO I 225 33.76 5.77 -9.53
C PRO I 225 34.20 4.36 -9.17
N SER I 226 35.48 4.03 -9.36
CA SER I 226 35.98 2.72 -8.97
C SER I 226 36.30 2.63 -7.49
N ARG I 227 36.29 3.75 -6.78
CA ARG I 227 36.46 3.74 -5.33
C ARG I 227 35.28 4.46 -4.70
N ASN I 228 35.52 5.36 -3.74
CA ASN I 228 34.47 6.18 -3.12
C ASN I 228 33.32 5.33 -2.58
N GLU I 229 33.62 4.13 -2.07
CA GLU I 229 32.58 3.36 -1.41
C GLU I 229 31.98 4.10 -0.22
N ASN I 230 32.78 4.96 0.43
CA ASN I 230 32.39 5.63 1.67
C ASN I 230 32.11 7.12 1.48
N SER I 231 31.82 7.55 0.25
CA SER I 231 31.35 8.90 -0.03
C SER I 231 30.19 8.85 -1.00
N ARG I 232 29.45 9.96 -1.08
CA ARG I 232 28.43 10.15 -2.09
C ARG I 232 28.76 11.43 -2.84
N TYR I 233 28.80 11.38 -4.18
CA TYR I 233 29.03 12.60 -4.93
C TYR I 233 28.00 12.75 -6.06
N TYR I 234 27.76 14.02 -6.41
CA TYR I 234 26.71 14.40 -7.35
C TYR I 234 27.25 15.52 -8.23
N GLY I 235 27.31 15.32 -9.54
CA GLY I 235 27.92 16.29 -10.43
C GLY I 235 27.14 16.47 -11.71
N SER I 236 27.26 17.67 -12.28
CA SER I 236 26.70 17.98 -13.59
C SER I 236 27.62 18.94 -14.33
N PHE I 237 27.61 18.84 -15.66
CA PHE I 237 28.43 19.71 -16.48
C PHE I 237 27.65 20.11 -17.72
N VAL I 238 27.69 21.39 -18.05
CA VAL I 238 27.18 21.91 -19.32
C VAL I 238 28.27 22.79 -19.91
N GLY I 239 28.75 22.42 -21.10
CA GLY I 239 29.93 23.03 -21.68
C GLY I 239 29.62 24.22 -22.56
N GLY I 240 30.61 24.57 -23.38
CA GLY I 240 30.50 25.71 -24.27
C GLY I 240 30.86 27.03 -23.58
N LEU I 241 31.10 28.05 -24.40
CA LEU I 241 31.54 29.35 -23.90
C LEU I 241 30.42 30.37 -23.75
N GLN I 242 29.30 30.24 -24.48
CA GLN I 242 28.22 31.21 -24.39
C GLN I 242 26.93 30.62 -23.84
N THR I 243 26.97 29.41 -23.32
CA THR I 243 25.77 28.73 -22.84
C THR I 243 25.15 29.50 -21.68
N PRO I 244 23.82 29.68 -21.65
CA PRO I 244 23.18 30.28 -20.48
C PRO I 244 23.39 29.44 -19.25
N PRO I 245 23.91 30.02 -18.16
CA PRO I 245 23.99 29.28 -16.90
C PRO I 245 22.59 29.02 -16.37
N ASN I 246 22.38 27.80 -15.89
CA ASN I 246 21.08 27.39 -15.37
C ASN I 246 21.28 26.87 -13.96
N LEU I 247 20.84 27.64 -12.97
N LEU I 247 20.81 27.62 -12.96
CA LEU I 247 21.05 27.30 -11.57
CA LEU I 247 21.09 27.28 -11.56
C LEU I 247 19.71 27.32 -10.84
C LEU I 247 19.85 27.48 -10.70
N GLN I 248 19.65 26.58 -9.74
CA GLN I 248 18.50 26.60 -8.85
C GLN I 248 18.97 26.84 -7.42
N PHE I 249 18.08 27.40 -6.60
CA PHE I 249 18.37 27.57 -5.18
C PHE I 249 17.07 27.47 -4.37
N THR I 250 17.11 26.69 -3.30
CA THR I 250 15.93 26.48 -2.48
C THR I 250 16.38 25.89 -1.15
N ASN I 251 15.59 26.08 -0.10
CA ASN I 251 15.88 25.43 1.16
C ASN I 251 14.93 24.29 1.47
N ALA I 252 14.11 23.86 0.51
CA ALA I 252 13.09 22.87 0.79
C ALA I 252 13.45 21.47 0.29
N VAL I 253 14.69 21.25 -0.13
N VAL I 253 14.66 21.26 -0.19
CA VAL I 253 15.14 20.02 -0.75
CA VAL I 253 15.05 19.95 -0.70
C VAL I 253 16.38 19.52 -0.03
C VAL I 253 16.34 19.51 -0.01
N SER I 254 16.43 18.22 0.25
CA SER I 254 17.62 17.61 0.85
C SER I 254 17.98 16.36 0.07
N THR I 255 19.23 15.94 0.22
CA THR I 255 19.76 14.77 -0.45
C THR I 255 19.93 13.66 0.58
N VAL I 256 19.28 12.52 0.36
CA VAL I 256 19.47 11.36 1.23
C VAL I 256 20.78 10.69 0.85
N LEU I 257 21.65 10.47 1.85
CA LEU I 257 22.98 9.91 1.59
C LEU I 257 23.06 8.42 1.87
N LEU I 258 21.97 7.78 2.31
CA LEU I 258 22.01 6.35 2.56
C LEU I 258 22.15 5.58 1.25
N ASP I 259 22.88 4.46 1.29
CA ASP I 259 23.02 3.63 0.12
C ASP I 259 21.83 2.67 0.03
N GLU I 260 21.95 1.65 -0.83
CA GLU I 260 20.84 0.74 -1.07
C GLU I 260 20.50 -0.09 0.16
N ASN I 261 21.46 -0.29 1.06
CA ASN I 261 21.27 -1.05 2.28
C ASN I 261 20.90 -0.18 3.47
N GLY I 262 20.62 1.10 3.25
CA GLY I 262 20.28 1.99 4.33
C GLY I 262 21.45 2.54 5.10
N VAL I 263 22.66 2.53 4.53
CA VAL I 263 23.86 2.94 5.24
C VAL I 263 24.44 4.18 4.58
N GLY I 264 24.72 5.20 5.38
CA GLY I 264 25.37 6.40 4.87
C GLY I 264 26.87 6.34 5.06
N PRO I 265 27.58 7.34 4.54
CA PRO I 265 29.03 7.45 4.82
C PRO I 265 29.30 7.38 6.32
N LEU I 266 30.34 6.62 6.67
CA LEU I 266 30.74 6.40 8.06
C LEU I 266 32.05 7.13 8.30
N CYS I 267 32.08 8.00 9.30
CA CYS I 267 33.12 9.03 9.44
C CYS I 267 34.33 8.46 10.19
N LYS I 268 35.34 8.06 9.42
CA LYS I 268 36.56 7.52 9.99
C LYS I 268 37.32 8.60 10.76
N GLY I 269 37.82 8.23 11.94
CA GLY I 269 38.50 9.21 12.77
C GLY I 269 37.61 10.33 13.23
N ASP I 270 36.29 10.13 13.19
CA ASP I 270 35.31 11.15 13.57
C ASP I 270 35.49 12.41 12.75
N GLY I 271 35.87 12.23 11.49
CA GLY I 271 36.00 13.33 10.53
C GLY I 271 34.95 13.21 9.44
N LEU I 272 34.27 14.32 9.18
CA LEU I 272 33.33 14.43 8.07
C LEU I 272 33.98 15.24 6.94
N PHE I 273 33.92 14.71 5.72
CA PHE I 273 34.62 15.29 4.59
C PHE I 273 33.61 15.83 3.58
N VAL I 274 33.71 17.12 3.26
CA VAL I 274 32.84 17.74 2.26
C VAL I 274 33.70 18.31 1.15
N SER I 275 33.17 18.25 -0.09
CA SER I 275 33.92 18.61 -1.28
C SER I 275 32.97 19.28 -2.27
N CYS I 276 33.50 20.17 -3.12
CA CYS I 276 32.66 20.73 -4.17
C CYS I 276 33.52 21.45 -5.21
N ALA I 277 32.88 21.78 -6.32
CA ALA I 277 33.40 22.70 -7.31
C ALA I 277 32.18 23.32 -7.99
N ASP I 278 32.16 24.64 -8.14
CA ASP I 278 31.02 25.33 -8.73
C ASP I 278 31.51 26.41 -9.68
N ILE I 279 31.99 25.97 -10.85
CA ILE I 279 32.24 26.91 -11.96
C ILE I 279 30.90 27.35 -12.52
N CYS I 280 30.64 28.65 -12.50
CA CYS I 280 29.35 29.18 -12.91
C CYS I 280 29.39 29.82 -14.28
N GLY I 281 30.55 29.87 -14.93
CA GLY I 281 30.69 30.43 -16.25
C GLY I 281 32.01 31.15 -16.34
N VAL I 282 32.13 32.00 -17.36
CA VAL I 282 33.35 32.74 -17.60
C VAL I 282 33.02 34.22 -17.77
N LEU I 283 34.04 35.04 -17.51
CA LEU I 283 34.08 36.44 -17.89
C LEU I 283 34.99 36.58 -19.11
N VAL I 284 34.57 37.42 -20.06
CA VAL I 284 35.36 37.66 -21.27
C VAL I 284 35.99 39.04 -21.16
N LYS I 285 37.31 39.11 -21.27
CA LYS I 285 38.03 40.38 -21.16
C LYS I 285 37.86 41.23 -22.41
N ALA I 286 37.65 42.53 -22.21
CA ALA I 286 37.43 43.41 -23.35
C ALA I 286 38.70 43.61 -24.18
N ASP I 287 39.88 43.64 -23.54
CA ASP I 287 41.05 44.07 -24.31
C ASP I 287 41.69 42.97 -25.15
N ASN I 288 41.50 41.69 -24.80
CA ASN I 288 42.03 40.61 -25.64
C ASN I 288 41.05 39.47 -25.87
N GLU I 289 39.84 39.54 -25.33
CA GLU I 289 38.78 38.52 -25.44
C GLU I 289 39.15 37.21 -24.76
N ALA I 290 40.19 37.20 -23.92
CA ALA I 290 40.48 36.01 -23.13
C ALA I 290 39.52 35.93 -21.95
N ILE I 291 39.57 34.83 -21.20
CA ILE I 291 38.52 34.55 -20.23
C ILE I 291 39.11 34.30 -18.84
N ARG I 292 38.24 34.50 -17.83
CA ARG I 292 38.42 34.06 -16.46
C ARG I 292 37.19 33.24 -16.04
N TYR I 293 37.41 32.13 -15.34
CA TYR I 293 36.31 31.41 -14.74
C TYR I 293 35.80 32.15 -13.50
N ARG I 294 34.52 31.96 -13.20
CA ARG I 294 33.89 32.56 -12.01
C ARG I 294 33.25 31.45 -11.19
N GLY I 295 33.54 31.43 -9.89
CA GLY I 295 32.94 30.45 -9.00
C GLY I 295 32.12 31.10 -7.91
N LEU I 296 31.26 30.33 -7.23
CA LEU I 296 30.47 30.88 -6.13
C LEU I 296 30.59 29.98 -4.91
N PRO I 297 30.37 30.52 -3.71
CA PRO I 297 30.48 29.70 -2.50
C PRO I 297 29.34 28.70 -2.38
N ARG I 298 29.61 27.57 -1.71
CA ARG I 298 28.60 26.55 -1.47
C ARG I 298 28.42 26.31 0.03
N TYR I 299 27.17 26.19 0.44
CA TYR I 299 26.81 25.90 1.83
C TYR I 299 26.48 24.41 1.99
N PHE I 300 26.85 23.83 3.13
CA PHE I 300 26.45 22.47 3.49
C PHE I 300 25.78 22.47 4.87
N LYS I 301 24.71 21.70 4.99
CA LYS I 301 24.18 21.28 6.28
C LYS I 301 24.03 19.77 6.24
N VAL I 302 24.82 19.05 7.04
CA VAL I 302 24.80 17.59 7.06
C VAL I 302 24.23 17.12 8.39
N THR I 303 23.29 16.17 8.33
CA THR I 303 22.67 15.54 9.48
C THR I 303 23.27 14.15 9.68
N LEU I 304 23.67 13.84 10.90
CA LEU I 304 24.35 12.58 11.19
C LEU I 304 23.69 11.88 12.37
N ARG I 305 23.93 10.57 12.46
CA ARG I 305 23.45 9.73 13.55
C ARG I 305 24.54 8.74 13.93
N LYS I 306 24.43 8.16 15.11
CA LYS I 306 25.45 7.22 15.60
C LYS I 306 25.14 5.79 15.15
N ARG I 307 26.15 5.11 14.62
CA ARG I 307 26.02 3.74 14.12
C ARG I 307 27.13 2.90 14.72
N ALA I 308 26.80 1.70 15.20
CA ALA I 308 27.79 0.78 15.74
C ALA I 308 28.36 -0.09 14.62
N VAL I 309 29.67 -0.38 14.70
CA VAL I 309 30.39 -1.12 13.69
C VAL I 309 31.36 -2.10 14.36
N LYS I 310 31.75 -3.12 13.61
CA LYS I 310 32.81 -4.04 14.02
C LYS I 310 34.16 -3.51 13.55
N ASN I 311 35.13 -3.45 14.46
CA ASN I 311 36.42 -2.83 14.18
C ASN I 311 37.30 -3.73 13.31
N THR J 38 -9.08 25.96 7.83
CA THR J 38 -7.97 26.76 7.34
C THR J 38 -8.43 28.16 6.94
N THR J 39 -7.47 29.02 6.63
CA THR J 39 -7.70 30.41 6.24
C THR J 39 -6.78 30.72 5.05
N GLU J 40 -7.29 31.51 4.11
CA GLU J 40 -6.53 31.87 2.92
C GLU J 40 -6.20 33.35 2.94
N ILE J 41 -4.94 33.68 2.63
CA ILE J 41 -4.48 35.05 2.48
C ILE J 41 -4.03 35.22 1.02
N GLU J 42 -4.50 36.28 0.37
CA GLU J 42 -4.11 36.61 -1.00
C GLU J 42 -3.42 37.97 -1.04
N LEU J 43 -2.42 38.11 -1.91
CA LEU J 43 -1.87 39.43 -2.17
C LEU J 43 -1.05 39.41 -3.45
N TRP J 44 -0.75 40.61 -3.94
CA TRP J 44 0.11 40.82 -5.09
C TRP J 44 1.36 41.56 -4.64
N LEU J 45 2.50 41.17 -5.20
CA LEU J 45 3.73 41.93 -5.03
C LEU J 45 4.10 42.52 -6.39
N GLU J 46 4.14 43.85 -6.46
CA GLU J 46 4.52 44.52 -7.69
C GLU J 46 6.03 44.43 -7.88
N PRO J 47 6.51 44.37 -9.12
CA PRO J 47 7.95 44.24 -9.35
C PRO J 47 8.68 45.50 -8.90
N ARG J 48 9.90 45.30 -8.41
CA ARG J 48 10.79 46.37 -7.98
C ARG J 48 12.09 46.24 -8.78
N MET J 49 12.00 46.54 -10.07
CA MET J 49 13.15 46.40 -10.96
C MET J 49 14.09 47.59 -10.92
N GLY J 50 13.77 48.63 -10.16
CA GLY J 50 14.59 49.82 -10.14
C GLY J 50 13.74 51.08 -10.20
N VAL J 51 12.94 51.20 -11.26
CA VAL J 51 11.92 52.23 -11.33
C VAL J 51 10.70 51.64 -10.63
N ASN J 52 10.52 52.03 -9.37
CA ASN J 52 9.65 51.30 -8.46
C ASN J 52 8.31 51.98 -8.21
N ALA J 53 8.02 53.09 -8.90
CA ALA J 53 6.73 53.73 -8.81
C ALA J 53 6.44 54.35 -10.17
N PRO J 54 5.16 54.34 -10.62
CA PRO J 54 4.78 55.07 -11.84
C PRO J 54 4.59 56.56 -11.59
N THR J 55 5.61 57.20 -11.02
CA THR J 55 5.58 58.62 -10.69
C THR J 55 6.97 59.21 -10.92
N GLY J 56 7.02 60.53 -11.04
CA GLY J 56 8.30 61.20 -11.17
C GLY J 56 8.86 61.15 -12.57
N ASP J 57 10.15 61.52 -12.66
CA ASP J 57 10.78 61.69 -13.96
C ASP J 57 10.84 60.39 -14.76
N ARG J 58 11.01 59.26 -14.09
CA ARG J 58 11.20 57.97 -14.76
C ARG J 58 9.92 57.17 -14.86
N LYS J 59 8.76 57.81 -14.67
CA LYS J 59 7.52 57.06 -14.46
C LYS J 59 7.17 56.15 -15.64
N GLU J 60 7.51 56.55 -16.87
CA GLU J 60 7.11 55.74 -18.02
C GLU J 60 7.79 54.38 -18.06
N TRP J 61 8.86 54.18 -17.29
CA TRP J 61 9.54 52.89 -17.23
C TRP J 61 9.28 52.15 -15.92
N TYR J 62 8.17 52.45 -15.24
CA TYR J 62 7.78 51.67 -14.07
C TYR J 62 7.67 50.19 -14.44
N GLY J 63 8.22 49.33 -13.58
CA GLY J 63 8.27 47.91 -13.88
C GLY J 63 9.48 47.48 -14.68
N TYR J 64 10.36 48.42 -15.03
CA TYR J 64 11.67 48.16 -15.64
C TYR J 64 12.76 48.76 -14.75
N SER J 65 14.00 48.39 -15.05
CA SER J 65 15.13 49.08 -14.47
C SER J 65 15.47 50.31 -15.30
N GLU J 66 16.31 51.16 -14.71
CA GLU J 66 17.02 52.17 -15.48
C GLU J 66 18.05 51.50 -16.40
N VAL J 67 18.52 52.26 -17.39
CA VAL J 67 19.45 51.73 -18.40
C VAL J 67 20.78 51.36 -17.75
N ILE J 68 21.34 50.22 -18.16
CA ILE J 68 22.65 49.76 -17.68
C ILE J 68 23.61 49.62 -18.84
N HIS J 69 24.80 50.18 -18.69
CA HIS J 69 25.87 50.12 -19.66
C HIS J 69 27.07 49.42 -19.04
N HIS J 70 27.98 48.94 -19.90
CA HIS J 70 29.04 48.04 -19.45
C HIS J 70 29.92 48.66 -18.37
N ALA J 71 30.22 49.97 -18.47
CA ALA J 71 31.15 50.63 -17.55
C ALA J 71 30.44 51.32 -16.39
N ASP J 72 29.12 51.15 -16.27
CA ASP J 72 28.42 51.72 -15.14
C ASP J 72 28.94 51.09 -13.85
N GLY J 73 29.08 51.91 -12.81
CA GLY J 73 29.73 51.46 -11.60
C GLY J 73 31.24 51.54 -11.64
N TYR J 74 31.82 51.82 -12.80
CA TYR J 74 33.26 52.07 -12.93
C TYR J 74 33.57 53.49 -13.38
N ASP J 75 33.00 53.93 -14.51
CA ASP J 75 33.05 55.31 -14.96
C ASP J 75 32.11 56.24 -14.21
N ASN J 76 31.23 55.69 -13.39
CA ASN J 76 30.20 56.47 -12.70
C ASN J 76 29.71 55.64 -11.53
N ASN J 77 28.76 56.19 -10.78
CA ASN J 77 28.13 55.47 -9.67
C ASN J 77 26.93 54.69 -10.19
N LEU J 78 26.85 53.41 -9.85
CA LEU J 78 25.66 52.63 -10.15
C LEU J 78 24.52 53.05 -9.21
N LEU J 79 23.35 53.35 -9.80
CA LEU J 79 22.20 53.84 -9.06
C LEU J 79 21.29 52.71 -8.64
N SER J 80 20.54 52.93 -7.54
CA SER J 80 19.54 51.97 -7.11
C SER J 80 18.54 51.66 -8.22
N VAL J 81 18.16 52.67 -9.01
CA VAL J 81 17.21 52.43 -10.11
C VAL J 81 17.77 51.51 -11.18
N GLN J 82 19.09 51.30 -11.19
CA GLN J 82 19.72 50.38 -12.13
C GLN J 82 19.85 48.97 -11.58
N MET J 83 19.31 48.70 -10.40
CA MET J 83 19.58 47.43 -9.71
C MET J 83 18.28 46.78 -9.25
N PRO J 84 17.79 45.78 -9.98
CA PRO J 84 16.57 45.10 -9.56
C PRO J 84 16.67 44.57 -8.13
N GLN J 85 15.57 44.72 -7.39
CA GLN J 85 15.52 44.47 -5.96
C GLN J 85 14.47 43.42 -5.63
N TYR J 86 14.54 42.87 -4.42
CA TYR J 86 13.46 41.98 -3.99
C TYR J 86 12.21 42.79 -3.65
N SER J 87 11.07 42.20 -3.94
CA SER J 87 9.80 42.65 -3.39
C SER J 87 9.50 41.89 -2.10
N CYS J 88 8.82 42.55 -1.16
CA CYS J 88 8.43 41.84 0.04
C CYS J 88 7.30 42.58 0.74
N ALA J 89 6.52 41.84 1.52
CA ALA J 89 5.39 42.39 2.26
C ALA J 89 5.22 41.57 3.53
N ARG J 90 4.67 42.20 4.55
CA ARG J 90 4.24 41.54 5.77
C ARG J 90 2.74 41.70 5.88
N VAL J 91 2.02 40.58 6.02
CA VAL J 91 0.57 40.60 6.17
C VAL J 91 0.26 40.40 7.65
N GLN J 92 -0.52 41.32 8.23
CA GLN J 92 -0.96 41.19 9.61
C GLN J 92 -2.12 40.20 9.67
N LEU J 93 -1.92 39.08 10.36
CA LEU J 93 -2.95 38.08 10.53
C LEU J 93 -3.71 38.32 11.82
N PRO J 94 -4.90 37.73 11.96
CA PRO J 94 -5.70 37.93 13.19
C PRO J 94 -4.91 37.56 14.44
N MET J 95 -5.12 38.33 15.50
CA MET J 95 -4.42 38.12 16.76
C MET J 95 -4.97 36.89 17.47
N LEU J 96 -4.07 35.98 17.88
CA LEU J 96 -4.49 34.70 18.42
C LEU J 96 -4.39 34.58 19.93
N ASN J 97 -3.52 35.35 20.58
CA ASN J 97 -3.26 35.18 22.01
C ASN J 97 -3.45 36.49 22.75
N THR J 98 -4.00 36.38 23.96
CA THR J 98 -4.16 37.52 24.85
C THR J 98 -3.00 37.67 25.83
N ASP J 99 -2.21 36.61 26.03
CA ASP J 99 -1.17 36.61 27.05
C ASP J 99 0.01 35.80 26.52
N MET J 100 1.10 36.48 26.18
CA MET J 100 2.25 35.83 25.57
C MET J 100 3.24 35.26 26.58
N THR J 101 2.92 35.32 27.88
CA THR J 101 3.72 34.63 28.88
C THR J 101 3.27 33.19 29.06
N CYS J 102 2.13 32.82 28.47
CA CYS J 102 1.58 31.48 28.62
C CYS J 102 2.51 30.44 28.02
N GLU J 103 2.56 29.27 28.67
CA GLU J 103 3.44 28.19 28.26
C GLU J 103 3.09 27.66 26.87
N THR J 104 1.82 27.73 26.49
CA THR J 104 1.35 27.25 25.20
C THR J 104 0.63 28.38 24.50
N LEU J 105 0.98 28.61 23.24
CA LEU J 105 0.39 29.69 22.47
C LEU J 105 -0.12 29.15 21.14
N MET J 106 -1.07 29.86 20.55
CA MET J 106 -1.53 29.57 19.20
C MET J 106 -0.71 30.38 18.20
N MET J 107 -0.35 29.73 17.09
CA MET J 107 0.31 30.45 16.02
C MET J 107 -0.33 30.07 14.69
N TRP J 108 -0.31 31.03 13.77
CA TRP J 108 -0.65 30.75 12.39
C TRP J 108 0.46 29.96 11.72
N GLU J 109 0.09 28.88 11.01
CA GLU J 109 1.03 27.99 10.33
C GLU J 109 0.74 27.98 8.84
N ALA J 110 1.73 28.36 8.03
CA ALA J 110 1.55 28.34 6.58
C ALA J 110 1.77 26.93 6.07
N VAL J 111 0.75 26.35 5.42
CA VAL J 111 0.82 24.96 5.01
C VAL J 111 1.00 24.78 3.51
N SER J 112 0.53 25.73 2.70
CA SER J 112 0.58 25.58 1.26
C SER J 112 0.42 26.96 0.62
N CYS J 113 0.90 27.08 -0.62
CA CYS J 113 0.69 28.32 -1.34
CA CYS J 113 0.87 28.34 -1.36
C CYS J 113 0.59 28.06 -2.84
N LYS J 114 -0.23 28.90 -3.46
CA LYS J 114 -0.30 29.01 -4.90
C LYS J 114 0.31 30.35 -5.26
N THR J 115 1.16 30.37 -6.28
CA THR J 115 1.77 31.63 -6.66
C THR J 115 1.97 31.64 -8.17
N GLU J 116 1.89 32.82 -8.76
CA GLU J 116 1.82 32.92 -10.21
C GLU J 116 2.37 34.27 -10.67
N VAL J 117 3.14 34.25 -11.75
CA VAL J 117 3.59 35.47 -12.41
C VAL J 117 2.55 35.83 -13.47
N VAL J 118 1.98 37.02 -13.36
CA VAL J 118 0.91 37.47 -14.25
C VAL J 118 1.52 38.34 -15.35
N GLY J 119 0.85 38.36 -16.50
CA GLY J 119 1.28 39.21 -17.60
C GLY J 119 2.25 38.55 -18.56
N ILE J 120 2.39 37.23 -18.48
CA ILE J 120 3.40 36.54 -19.28
C ILE J 120 3.16 36.73 -20.76
N GLY J 121 1.88 36.78 -21.17
CA GLY J 121 1.55 36.98 -22.57
C GLY J 121 2.07 38.29 -23.14
N SER J 122 2.22 39.31 -22.30
CA SER J 122 2.79 40.57 -22.76
C SER J 122 4.22 40.41 -23.27
N LEU J 123 4.93 39.36 -22.85
CA LEU J 123 6.30 39.17 -23.34
C LEU J 123 6.38 38.77 -24.81
N ILE J 124 5.25 38.55 -25.50
CA ILE J 124 5.34 38.29 -26.94
C ILE J 124 5.62 39.54 -27.76
N SER J 125 5.58 40.73 -27.17
CA SER J 125 5.56 41.93 -27.99
C SER J 125 6.87 42.15 -28.73
N VAL J 126 6.76 42.48 -30.02
CA VAL J 126 7.91 42.84 -30.84
C VAL J 126 7.69 44.25 -31.42
N HIS J 127 6.96 45.09 -30.68
CA HIS J 127 6.85 46.52 -30.96
C HIS J 127 7.18 47.32 -29.71
N LEU J 128 8.27 46.95 -29.05
CA LEU J 128 8.66 47.54 -27.77
C LEU J 128 9.25 48.93 -27.96
N LEU J 129 8.75 49.88 -27.17
N LEU J 129 8.76 49.89 -27.16
CA LEU J 129 9.18 51.28 -27.27
CA LEU J 129 9.19 51.27 -27.27
C LEU J 129 10.69 51.39 -27.07
C LEU J 129 10.70 51.38 -27.08
N GLU J 130 11.35 52.12 -27.98
CA GLU J 130 12.78 52.44 -27.97
C GLU J 130 13.68 51.23 -28.24
N ALA J 131 13.12 50.05 -28.51
CA ALA J 131 13.91 48.83 -28.56
C ALA J 131 14.59 48.64 -29.92
N LYS J 132 15.74 47.96 -29.87
CA LYS J 132 16.51 47.65 -31.07
C LYS J 132 15.70 46.82 -32.06
N MET J 133 15.91 47.06 -33.35
CA MET J 133 15.21 46.32 -34.38
C MET J 133 15.93 44.99 -34.65
N GLU J 134 15.17 43.91 -34.66
CA GLU J 134 15.73 42.58 -34.91
C GLU J 134 15.55 42.23 -36.39
N ALA J 135 16.36 42.89 -37.21
CA ALA J 135 16.34 42.72 -38.66
C ALA J 135 17.58 43.39 -39.23
N GLY J 136 17.80 43.20 -40.54
CA GLY J 136 18.94 43.77 -41.21
C GLY J 136 18.88 45.29 -41.35
N PRO J 137 20.01 45.88 -41.75
CA PRO J 137 20.16 47.35 -41.60
C PRO J 137 19.19 48.20 -42.42
N ASN J 138 18.63 47.69 -43.51
CA ASN J 138 17.70 48.50 -44.30
C ASN J 138 16.26 48.00 -44.17
N SER J 139 15.96 47.25 -43.13
CA SER J 139 14.68 46.59 -43.00
C SER J 139 13.71 47.40 -42.16
N ASP J 140 12.48 46.89 -42.05
CA ASP J 140 11.47 47.41 -41.14
C ASP J 140 10.87 46.25 -40.37
N GLY J 141 11.72 45.56 -39.60
CA GLY J 141 11.34 44.33 -38.95
C GLY J 141 10.82 44.53 -37.55
N PRO J 142 10.71 43.44 -36.79
CA PRO J 142 10.21 43.53 -35.42
C PRO J 142 11.26 44.10 -34.49
N SER J 143 10.83 44.52 -33.31
CA SER J 143 11.82 44.80 -32.28
C SER J 143 12.30 43.49 -31.68
N ARG J 144 13.50 43.51 -31.11
CA ARG J 144 13.89 42.48 -30.17
C ARG J 144 12.81 42.36 -29.10
N PRO J 145 12.35 41.16 -28.77
CA PRO J 145 11.44 41.00 -27.64
C PRO J 145 12.23 40.89 -26.34
N ILE J 146 11.51 40.97 -25.23
CA ILE J 146 12.11 40.68 -23.93
C ILE J 146 12.68 39.27 -23.95
N GLU J 147 13.96 39.17 -23.60
CA GLU J 147 14.66 37.88 -23.58
C GLU J 147 15.90 38.05 -22.73
N GLY J 148 16.64 36.96 -22.54
CA GLY J 148 17.82 37.02 -21.71
C GLY J 148 17.52 36.63 -20.28
N MET J 149 18.40 37.08 -19.37
CA MET J 149 18.47 36.42 -18.07
C MET J 149 17.16 36.54 -17.29
N ASN J 150 16.76 35.41 -16.72
CA ASN J 150 15.54 35.27 -15.95
C ASN J 150 15.94 34.86 -14.54
N TYR J 151 15.46 35.59 -13.55
CA TYR J 151 15.73 35.30 -12.14
C TYR J 151 14.38 35.29 -11.45
N HIS J 152 13.98 34.12 -10.94
CA HIS J 152 12.65 33.96 -10.35
C HIS J 152 12.79 33.32 -8.98
N MET J 153 12.26 33.98 -7.96
CA MET J 153 12.29 33.43 -6.61
C MET J 153 11.02 33.84 -5.90
N PHE J 154 10.48 32.94 -5.09
CA PHE J 154 9.43 33.33 -4.16
C PHE J 154 9.71 32.66 -2.82
N ALA J 155 9.20 33.28 -1.76
CA ALA J 155 9.41 32.77 -0.42
C ALA J 155 8.20 33.10 0.44
N VAL J 156 7.87 32.19 1.35
CA VAL J 156 6.84 32.39 2.36
C VAL J 156 7.45 32.04 3.72
N GLY J 157 7.29 32.92 4.70
CA GLY J 157 7.85 32.65 6.02
C GLY J 157 7.06 33.30 7.14
N GLY J 158 7.41 32.91 8.37
CA GLY J 158 6.83 33.47 9.58
C GLY J 158 7.66 34.60 10.17
N GLU J 159 8.68 35.05 9.44
CA GLU J 159 9.53 36.17 9.82
C GLU J 159 10.29 36.61 8.57
N PRO J 160 10.94 37.77 8.59
CA PRO J 160 11.61 38.25 7.36
C PRO J 160 12.61 37.23 6.82
N LEU J 161 12.72 37.21 5.50
CA LEU J 161 13.68 36.33 4.84
C LEU J 161 15.11 36.78 5.18
N ASP J 162 15.95 35.82 5.57
CA ASP J 162 17.36 36.10 5.83
C ASP J 162 18.14 36.14 4.53
N LEU J 163 19.02 37.13 4.43
CA LEU J 163 19.79 37.38 3.21
C LEU J 163 21.29 37.29 3.50
N GLN J 164 22.04 36.79 2.52
CA GLN J 164 23.50 36.75 2.55
C GLN J 164 24.00 37.62 1.40
N GLY J 165 24.99 38.48 1.68
CA GLY J 165 25.47 39.42 0.68
C GLY J 165 26.69 38.92 -0.09
N ILE J 166 26.87 39.49 -1.29
CA ILE J 166 28.00 39.16 -2.16
C ILE J 166 28.15 40.32 -3.15
N GLU J 167 29.34 40.40 -3.77
CA GLU J 167 29.59 41.32 -4.86
C GLU J 167 30.26 40.56 -5.99
N SER J 168 29.76 40.74 -7.23
CA SER J 168 30.49 40.20 -8.37
C SER J 168 31.80 40.96 -8.58
N ASN J 169 31.80 42.29 -8.37
CA ASN J 169 33.02 43.09 -8.36
C ASN J 169 33.09 43.82 -7.03
N GLY J 170 34.12 43.51 -6.23
CA GLY J 170 34.20 44.09 -4.89
C GLY J 170 34.20 45.61 -4.89
N GLN J 171 34.77 46.22 -5.93
CA GLN J 171 34.98 47.67 -5.95
C GLN J 171 33.96 48.43 -6.79
N THR J 172 32.83 47.81 -7.16
CA THR J 172 31.75 48.54 -7.81
C THR J 172 31.44 49.83 -7.04
N LYS J 173 31.29 50.93 -7.77
CA LYS J 173 30.95 52.22 -7.17
C LYS J 173 29.43 52.38 -7.14
N TYR J 174 28.88 52.62 -5.95
CA TYR J 174 27.45 52.83 -5.78
C TYR J 174 27.17 54.26 -5.35
N ALA J 175 26.04 54.80 -5.83
CA ALA J 175 25.62 56.13 -5.40
C ALA J 175 25.25 56.12 -3.93
N THR J 176 25.51 57.24 -3.26
CA THR J 176 25.16 57.43 -1.87
C THR J 176 24.06 58.48 -1.78
N ALA J 177 22.90 58.08 -1.29
CA ALA J 177 21.77 58.98 -1.16
C ALA J 177 21.40 59.15 0.31
N ILE J 178 20.90 60.32 0.64
CA ILE J 178 20.37 60.62 1.96
C ILE J 178 18.90 61.01 1.81
N PRO J 179 17.97 60.10 2.16
CA PRO J 179 18.21 58.78 2.71
C PRO J 179 18.61 57.73 1.66
N ALA J 180 19.07 56.57 2.13
CA ALA J 180 19.51 55.52 1.22
C ALA J 180 18.33 55.00 0.40
N LYS J 181 18.58 54.74 -0.87
CA LYS J 181 17.55 54.13 -1.71
C LYS J 181 17.73 52.63 -1.87
N SER J 182 18.89 52.11 -1.51
CA SER J 182 19.14 50.67 -1.42
C SER J 182 20.21 50.46 -0.37
N ILE J 183 20.43 49.21 -0.01
CA ILE J 183 21.50 48.87 0.94
C ILE J 183 22.35 47.77 0.33
N HIS J 184 23.66 47.89 0.51
CA HIS J 184 24.65 47.01 -0.08
C HIS J 184 25.36 46.22 0.99
N PRO J 185 25.92 45.06 0.64
CA PRO J 185 26.57 44.21 1.66
C PRO J 185 27.59 44.92 2.52
N ASN J 186 28.43 45.78 1.95
CA ASN J 186 29.47 46.39 2.77
C ASN J 186 28.96 47.51 3.66
N ASP J 187 27.72 47.98 3.44
CA ASP J 187 27.08 48.84 4.42
C ASP J 187 26.91 48.13 5.75
N ILE J 188 26.82 46.79 5.71
CA ILE J 188 26.75 45.99 6.91
C ILE J 188 28.13 45.55 7.36
N ALA J 189 28.90 44.97 6.43
CA ALA J 189 30.18 44.36 6.79
C ALA J 189 31.23 45.40 7.14
N LYS J 190 31.17 46.58 6.50
CA LYS J 190 32.06 47.70 6.78
C LYS J 190 33.53 47.33 6.61
N LEU J 191 33.81 46.52 5.60
CA LEU J 191 35.20 46.22 5.27
C LEU J 191 35.90 47.49 4.80
N PRO J 192 37.17 47.68 5.15
CA PRO J 192 37.95 48.76 4.52
C PRO J 192 37.95 48.59 3.01
N GLU J 193 38.05 49.71 2.31
CA GLU J 193 37.98 49.72 0.85
C GLU J 193 38.97 48.76 0.21
N GLU J 194 40.16 48.61 0.80
CA GLU J 194 41.16 47.72 0.23
C GLU J 194 40.89 46.25 0.52
N ASP J 195 39.89 45.93 1.35
CA ASP J 195 39.56 44.56 1.66
C ASP J 195 38.29 44.08 0.99
N LYS J 196 37.68 44.91 0.13
CA LYS J 196 36.34 44.59 -0.38
C LYS J 196 36.34 43.43 -1.38
N ALA J 197 37.50 43.02 -1.91
CA ALA J 197 37.54 41.81 -2.71
C ALA J 197 37.08 40.59 -1.93
N GLN J 198 37.09 40.66 -0.60
CA GLN J 198 36.54 39.58 0.21
C GLN J 198 35.08 39.31 -0.13
N LEU J 199 34.33 40.35 -0.51
CA LEU J 199 32.91 40.23 -0.81
C LEU J 199 32.63 39.43 -2.08
N GLN J 200 33.66 39.16 -2.89
CA GLN J 200 33.51 38.27 -4.04
C GLN J 200 33.40 36.81 -3.63
N GLY J 201 33.73 36.48 -2.38
CA GLY J 201 33.47 35.18 -1.79
C GLY J 201 32.34 35.23 -0.76
N LEU J 202 32.55 34.61 0.41
CA LEU J 202 31.55 34.54 1.47
C LEU J 202 32.04 35.32 2.68
N VAL J 203 31.42 36.46 2.96
CA VAL J 203 31.75 37.30 4.10
C VAL J 203 30.64 37.12 5.14
N PRO J 204 30.88 36.40 6.23
CA PRO J 204 29.78 36.08 7.17
C PRO J 204 29.13 37.31 7.80
N LYS J 205 29.83 38.44 7.88
CA LYS J 205 29.24 39.65 8.46
C LYS J 205 28.24 40.31 7.51
N ALA J 206 28.23 39.92 6.23
CA ALA J 206 27.35 40.56 5.23
C ALA J 206 26.02 39.82 5.19
N LYS J 207 25.25 40.00 6.26
CA LYS J 207 23.94 39.39 6.42
C LYS J 207 22.92 40.47 6.73
N ALA J 208 21.68 40.26 6.28
CA ALA J 208 20.62 41.21 6.51
C ALA J 208 19.30 40.46 6.52
N LYS J 209 18.24 41.14 6.96
CA LYS J 209 16.88 40.63 6.86
C LYS J 209 16.15 41.38 5.75
N LEU J 210 15.38 40.64 4.95
CA LEU J 210 14.58 41.29 3.91
C LEU J 210 13.41 42.01 4.58
N ASP J 211 13.67 43.23 5.04
CA ASP J 211 12.72 43.96 5.87
C ASP J 211 12.20 45.23 5.19
N LYS J 212 12.52 45.44 3.92
CA LYS J 212 12.09 46.65 3.24
C LYS J 212 11.89 46.35 1.76
N ASP J 213 10.71 46.66 1.25
CA ASP J 213 10.39 46.44 -0.15
C ASP J 213 11.21 47.36 -1.05
N GLY J 214 11.69 46.83 -2.18
CA GLY J 214 12.45 47.62 -3.12
C GLY J 214 13.68 48.29 -2.55
N PHE J 215 14.57 47.51 -1.94
CA PHE J 215 15.68 48.07 -1.19
C PHE J 215 16.94 47.20 -1.27
N TYR J 216 16.74 45.89 -1.42
CA TYR J 216 17.83 44.91 -1.41
C TYR J 216 18.07 44.43 -2.84
N PRO J 217 19.17 44.80 -3.48
CA PRO J 217 19.37 44.37 -4.88
C PRO J 217 19.60 42.88 -5.01
N VAL J 218 18.94 42.30 -6.01
CA VAL J 218 19.12 40.89 -6.35
C VAL J 218 20.59 40.58 -6.63
N GLU J 219 21.31 41.51 -7.25
CA GLU J 219 22.68 41.21 -7.65
C GLU J 219 23.67 41.22 -6.49
N GLU J 220 23.23 41.65 -5.29
CA GLU J 220 24.09 41.65 -4.12
C GLU J 220 23.60 40.77 -2.98
N TRP J 221 22.35 40.30 -3.02
CA TRP J 221 21.75 39.59 -1.90
C TRP J 221 21.05 38.34 -2.39
N SER J 222 21.28 37.22 -1.70
CA SER J 222 20.65 35.93 -1.91
C SER J 222 19.98 35.47 -0.63
N PRO J 223 18.96 34.61 -0.72
CA PRO J 223 18.48 33.94 0.50
C PRO J 223 19.63 33.21 1.19
N ASP J 224 19.69 33.35 2.51
CA ASP J 224 20.77 32.77 3.30
C ASP J 224 20.43 31.34 3.66
N PRO J 225 21.07 30.33 3.07
CA PRO J 225 20.73 28.94 3.42
C PRO J 225 21.16 28.54 4.82
N SER J 226 22.05 29.31 5.45
CA SER J 226 22.48 29.02 6.82
C SER J 226 21.48 29.51 7.85
N ARG J 227 20.44 30.23 7.44
CA ARG J 227 19.37 30.59 8.37
C ARG J 227 18.03 30.17 7.77
N ASN J 228 17.04 31.06 7.79
CA ASN J 228 15.73 30.81 7.15
C ASN J 228 15.09 29.49 7.61
N GLU J 229 15.30 29.10 8.86
CA GLU J 229 14.64 27.89 9.35
C GLU J 229 13.13 28.03 9.37
N ASN J 230 12.61 29.26 9.44
CA ASN J 230 11.18 29.51 9.53
C ASN J 230 10.62 30.14 8.27
N SER J 231 11.31 29.98 7.13
CA SER J 231 10.77 30.32 5.83
C SER J 231 11.04 29.19 4.84
N ARG J 232 10.32 29.22 3.72
CA ARG J 232 10.63 28.38 2.56
C ARG J 232 10.87 29.29 1.38
N TYR J 233 11.90 29.00 0.59
CA TYR J 233 12.13 29.78 -0.61
C TYR J 233 12.50 28.85 -1.77
N TYR J 234 12.19 29.31 -2.98
CA TYR J 234 12.32 28.52 -4.20
C TYR J 234 12.78 29.47 -5.30
N GLY J 235 13.91 29.15 -5.93
CA GLY J 235 14.53 30.08 -6.86
C GLY J 235 15.09 29.38 -8.08
N SER J 236 15.06 30.10 -9.20
CA SER J 236 15.69 29.59 -10.42
C SER J 236 16.33 30.76 -11.15
N PHE J 237 17.39 30.46 -11.90
CA PHE J 237 18.09 31.48 -12.65
C PHE J 237 18.57 30.88 -13.97
N VAL J 238 18.29 31.57 -15.07
CA VAL J 238 18.87 31.25 -16.37
C VAL J 238 19.45 32.54 -16.91
N GLY J 239 20.78 32.55 -17.11
CA GLY J 239 21.50 33.77 -17.44
C GLY J 239 21.64 34.00 -18.93
N GLY J 240 22.60 34.87 -19.28
CA GLY J 240 22.81 35.28 -20.65
C GLY J 240 21.86 36.39 -21.07
N LEU J 241 22.16 37.00 -22.23
CA LEU J 241 21.42 38.17 -22.69
C LEU J 241 20.40 37.87 -23.78
N GLN J 242 20.53 36.74 -24.48
CA GLN J 242 19.61 36.40 -25.56
C GLN J 242 18.79 35.15 -25.29
N THR J 243 18.90 34.56 -24.12
CA THR J 243 18.20 33.32 -23.80
C THR J 243 16.68 33.49 -23.90
N PRO J 244 15.98 32.55 -24.53
CA PRO J 244 14.50 32.61 -24.55
C PRO J 244 13.95 32.48 -23.15
N PRO J 245 13.09 33.41 -22.72
CA PRO J 245 12.42 33.25 -21.43
C PRO J 245 11.47 32.07 -21.48
N ASN J 246 11.47 31.28 -20.41
CA ASN J 246 10.66 30.07 -20.33
C ASN J 246 9.83 30.15 -19.06
N LEU J 247 8.53 30.40 -19.18
N LEU J 247 8.54 30.45 -19.18
CA LEU J 247 7.68 30.69 -18.03
CA LEU J 247 7.67 30.65 -18.04
C LEU J 247 6.35 29.95 -18.15
C LEU J 247 6.45 29.74 -18.18
N GLN J 248 5.85 29.43 -17.03
CA GLN J 248 4.59 28.69 -17.00
C GLN J 248 3.61 29.44 -16.10
N PHE J 249 2.32 29.15 -16.30
CA PHE J 249 1.26 29.73 -15.49
C PHE J 249 0.08 28.77 -15.44
N THR J 250 -0.43 28.52 -14.24
CA THR J 250 -1.52 27.59 -14.07
C THR J 250 -2.13 27.88 -12.70
N ASN J 251 -3.40 27.56 -12.54
CA ASN J 251 -3.99 27.66 -11.21
C ASN J 251 -4.23 26.29 -10.58
N ALA J 252 -3.62 25.24 -11.12
CA ALA J 252 -3.89 23.88 -10.66
C ALA J 252 -2.76 23.26 -9.86
N VAL J 253 -1.74 24.04 -9.49
N VAL J 253 -1.72 24.01 -9.54
CA VAL J 253 -0.54 23.52 -8.84
CA VAL J 253 -0.59 23.48 -8.79
C VAL J 253 -0.29 24.31 -7.55
C VAL J 253 -0.43 24.27 -7.51
N SER J 254 0.04 23.60 -6.47
CA SER J 254 0.34 24.20 -5.18
C SER J 254 1.71 23.77 -4.71
N THR J 255 2.33 24.61 -3.87
CA THR J 255 3.58 24.27 -3.18
C THR J 255 3.25 23.96 -1.73
N VAL J 256 3.61 22.75 -1.29
CA VAL J 256 3.42 22.38 0.12
C VAL J 256 4.57 22.96 0.93
N LEU J 257 4.24 23.72 1.98
CA LEU J 257 5.24 24.43 2.77
C LEU J 257 5.64 23.70 4.05
N LEU J 258 5.02 22.55 4.34
CA LEU J 258 5.42 21.74 5.48
C LEU J 258 6.84 21.21 5.30
N ASP J 259 7.58 21.13 6.40
CA ASP J 259 8.92 20.54 6.34
C ASP J 259 8.81 19.02 6.51
N GLU J 260 9.96 18.36 6.63
CA GLU J 260 9.99 16.90 6.72
C GLU J 260 9.29 16.39 7.98
N ASN J 261 9.10 17.25 8.97
CA ASN J 261 8.40 16.92 10.21
C ASN J 261 6.93 17.30 10.17
N GLY J 262 6.44 17.79 9.03
CA GLY J 262 5.05 18.18 8.93
C GLY J 262 4.73 19.55 9.46
N VAL J 263 5.71 20.42 9.62
CA VAL J 263 5.53 21.75 10.19
C VAL J 263 5.86 22.80 9.15
N GLY J 264 4.96 23.78 8.97
CA GLY J 264 5.18 24.87 8.07
C GLY J 264 5.73 26.08 8.81
N PRO J 265 6.02 27.15 8.08
CA PRO J 265 6.44 28.40 8.73
C PRO J 265 5.43 28.84 9.76
N LEU J 266 5.93 29.31 10.90
CA LEU J 266 5.07 29.75 11.99
C LEU J 266 5.21 31.25 12.14
N CYS J 267 4.07 31.93 12.10
CA CYS J 267 4.01 33.39 11.92
C CYS J 267 4.24 34.09 13.25
N LYS J 268 5.47 34.54 13.47
CA LYS J 268 5.83 35.28 14.68
C LYS J 268 5.15 36.64 14.68
N GLY J 269 4.58 37.00 15.82
CA GLY J 269 3.81 38.24 15.89
C GLY J 269 2.57 38.24 15.04
N ASP J 270 2.05 37.06 14.67
CA ASP J 270 0.90 36.94 13.78
C ASP J 270 1.12 37.68 12.47
N GLY J 271 2.36 37.68 11.97
CA GLY J 271 2.70 38.28 10.70
C GLY J 271 3.13 37.22 9.69
N LEU J 272 2.57 37.31 8.49
CA LEU J 272 2.93 36.45 7.38
C LEU J 272 3.83 37.24 6.43
N PHE J 273 4.95 36.64 6.03
CA PHE J 273 5.96 37.33 5.25
C PHE J 273 6.08 36.66 3.89
N VAL J 274 5.87 37.42 2.82
CA VAL J 274 6.01 36.92 1.46
C VAL J 274 7.03 37.78 0.74
N SER J 275 7.83 37.15 -0.12
N SER J 275 7.82 37.16 -0.13
CA SER J 275 8.89 37.84 -0.83
CA SER J 275 8.82 37.91 -0.86
C SER J 275 9.04 37.24 -2.22
C SER J 275 9.04 37.24 -2.22
N CYS J 276 9.58 38.02 -3.16
CA CYS J 276 9.85 37.48 -4.48
C CYS J 276 10.75 38.39 -5.28
N ALA J 277 11.21 37.87 -6.42
CA ALA J 277 11.85 38.65 -7.46
C ALA J 277 11.59 37.93 -8.77
N ASP J 278 11.20 38.67 -9.81
CA ASP J 278 10.87 38.03 -11.09
C ASP J 278 11.42 38.90 -12.23
N ILE J 279 12.73 38.79 -12.46
CA ILE J 279 13.32 39.36 -13.66
C ILE J 279 12.99 38.44 -14.82
N CYS J 280 12.29 38.99 -15.84
CA CYS J 280 11.79 38.18 -16.94
C CYS J 280 12.63 38.32 -18.20
N GLY J 281 13.62 39.19 -18.19
CA GLY J 281 14.53 39.38 -19.29
C GLY J 281 14.90 40.85 -19.38
N VAL J 282 15.44 41.24 -20.53
CA VAL J 282 15.93 42.60 -20.74
C VAL J 282 15.33 43.17 -22.02
N LEU J 283 15.19 44.48 -22.04
CA LEU J 283 14.95 45.24 -23.27
C LEU J 283 16.28 45.80 -23.76
N VAL J 284 16.49 45.82 -25.08
CA VAL J 284 17.71 46.39 -25.66
C VAL J 284 17.35 47.70 -26.37
N LYS J 285 18.02 48.79 -26.02
CA LYS J 285 17.73 50.09 -26.61
C LYS J 285 18.30 50.19 -28.02
N ALA J 286 17.56 50.81 -28.92
CA ALA J 286 18.02 50.95 -30.29
C ALA J 286 19.22 51.91 -30.37
N ASP J 287 19.25 52.97 -29.56
CA ASP J 287 20.25 54.00 -29.86
C ASP J 287 21.64 53.66 -29.34
N ASN J 288 21.76 53.03 -28.16
CA ASN J 288 23.08 52.64 -27.65
C ASN J 288 23.24 51.15 -27.37
N GLU J 289 22.18 50.36 -27.58
CA GLU J 289 22.15 48.91 -27.36
C GLU J 289 22.32 48.55 -25.89
N ALA J 290 22.11 49.51 -24.99
CA ALA J 290 22.14 49.24 -23.57
C ALA J 290 20.81 48.59 -23.15
N ILE J 291 20.74 48.13 -21.90
CA ILE J 291 19.61 47.29 -21.54
C ILE J 291 18.86 47.84 -20.34
N ARG J 292 17.57 47.51 -20.28
CA ARG J 292 16.76 47.62 -19.07
C ARG J 292 16.22 46.24 -18.71
N TYR J 293 16.28 45.88 -17.43
CA TYR J 293 15.57 44.69 -16.96
C TYR J 293 14.07 44.95 -16.94
N ARG J 294 13.30 43.88 -17.12
CA ARG J 294 11.85 43.89 -17.08
C ARG J 294 11.37 42.83 -16.08
N GLY J 295 10.47 43.24 -15.19
CA GLY J 295 9.85 42.32 -14.26
C GLY J 295 8.33 42.34 -14.41
N LEU J 296 7.69 41.37 -13.78
CA LEU J 296 6.24 41.22 -13.80
C LEU J 296 5.73 41.01 -12.39
N PRO J 297 4.45 41.36 -12.13
CA PRO J 297 3.90 41.17 -10.78
C PRO J 297 3.66 39.71 -10.46
N ARG J 298 3.67 39.39 -9.16
CA ARG J 298 3.48 38.02 -8.69
C ARG J 298 2.32 37.97 -7.71
N TYR J 299 1.44 37.00 -7.89
CA TYR J 299 0.31 36.75 -7.01
C TYR J 299 0.66 35.66 -6.00
N PHE J 300 0.11 35.79 -4.78
CA PHE J 300 0.28 34.79 -3.73
C PHE J 300 -1.10 34.43 -3.16
N LYS J 301 -1.38 33.13 -3.01
CA LYS J 301 -2.49 32.68 -2.17
C LYS J 301 -1.93 31.69 -1.17
N VAL J 302 -1.88 32.08 0.11
CA VAL J 302 -1.28 31.26 1.15
C VAL J 302 -2.40 30.70 2.04
N THR J 303 -2.34 29.40 2.29
CA THR J 303 -3.30 28.70 3.15
C THR J 303 -2.66 28.47 4.50
N LEU J 304 -3.37 28.84 5.57
CA LEU J 304 -2.83 28.71 6.91
C LEU J 304 -3.81 27.95 7.78
N ARG J 305 -3.27 27.31 8.81
CA ARG J 305 -4.05 26.70 9.89
C ARG J 305 -3.48 27.19 11.22
N LYS J 306 -4.24 26.97 12.29
CA LYS J 306 -3.77 27.33 13.62
C LYS J 306 -3.10 26.14 14.28
N ARG J 307 -1.99 26.39 14.96
CA ARG J 307 -1.25 25.34 15.63
C ARG J 307 -0.90 25.80 17.04
N ALA J 308 -1.06 24.90 18.01
CA ALA J 308 -0.58 25.16 19.35
C ALA J 308 0.92 24.85 19.43
N VAL J 309 1.69 25.80 19.97
CA VAL J 309 3.13 25.65 20.03
C VAL J 309 3.59 25.91 21.46
N LYS J 310 4.73 25.32 21.81
CA LYS J 310 5.35 25.57 23.11
C LYS J 310 6.03 26.93 23.09
N ASN J 311 5.80 27.71 24.13
CA ASN J 311 6.29 29.08 24.22
C ASN J 311 7.43 29.14 25.23
#